data_5E7S
#
_entry.id   5E7S
#
_cell.length_a   116.309
_cell.length_b   212.787
_cell.length_c   178.921
_cell.angle_alpha   90.00
_cell.angle_beta   100.80
_cell.angle_gamma   90.00
#
_symmetry.space_group_name_H-M   'C 1 2 1'
#
_entity_poly.entity_id   1
_entity_poly.type   'polypeptide(L)'
_entity_poly.pdbx_seq_one_letter_code
;MPGYTNMEKQAIARQYLWPKQVRESGMEGRIEVTDAAILRVISEYTREAGVRGLERELGKIARKGAKFWLEGAWEGLRTI
DASDIPTYLGIPRYRPDKAETEPQVGTAQGLAWTPVGGTLLTIEVAAVPGSGKLSLTGQLGEVMKESAQAALTYLRAHTQ
DYGLPEDFYNKVDLHVHVPDGATPKDGPSAGITMATAIASALSRRPARMDIAMTGEVSLRGKVMPIGGVKEKLLAAHQAG
IHKIVLPKDNEAQLEELPKEVLEGLEIKLVEDVGEVLEYLLLPEPTMPPVVQHHHHHH
;
_entity_poly.pdbx_strand_id   A,B,C,D,E,F,G,H,I,J,K,L
#
# COMPACT_ATOMS: atom_id res chain seq x y z
N GLY A 3 3.72 33.21 35.67
CA GLY A 3 5.03 33.14 36.39
C GLY A 3 5.61 34.53 36.64
N TYR A 4 6.77 34.80 36.06
CA TYR A 4 7.39 36.12 36.07
C TYR A 4 7.52 36.65 34.65
N THR A 5 7.19 37.92 34.45
CA THR A 5 7.48 38.58 33.18
C THR A 5 8.98 38.72 33.01
N ASN A 6 9.46 38.74 31.78
CA ASN A 6 10.89 38.87 31.51
C ASN A 6 11.45 40.20 32.00
N MET A 7 10.60 41.25 32.03
CA MET A 7 10.97 42.52 32.67
C MET A 7 11.16 42.34 34.17
N GLU A 8 10.23 41.61 34.80
CA GLU A 8 10.36 41.28 36.21
C GLU A 8 11.66 40.52 36.47
N LYS A 9 11.92 39.49 35.66
CA LYS A 9 13.13 38.66 35.81
C LYS A 9 14.43 39.45 35.67
N GLN A 10 14.50 40.32 34.65
CA GLN A 10 15.68 41.16 34.42
C GLN A 10 15.99 42.02 35.65
N ALA A 11 14.94 42.56 36.26
CA ALA A 11 15.08 43.34 37.48
C ALA A 11 15.66 42.50 38.62
N ILE A 12 15.03 41.35 38.89
CA ILE A 12 15.49 40.47 39.97
C ILE A 12 16.96 40.10 39.79
N ALA A 13 17.34 39.81 38.56
CA ALA A 13 18.73 39.51 38.22
C ALA A 13 19.66 40.70 38.52
N ARG A 14 19.24 41.88 38.10
CA ARG A 14 20.07 43.09 38.21
C ARG A 14 20.32 43.54 39.66
N GLN A 15 19.32 43.43 40.52
CA GLN A 15 19.42 43.95 41.89
C GLN A 15 19.60 42.88 42.98
N TYR A 16 19.54 41.59 42.61
CA TYR A 16 19.65 40.52 43.60
C TYR A 16 20.51 39.33 43.16
N LEU A 17 20.10 38.65 42.09
CA LEU A 17 20.75 37.39 41.69
C LEU A 17 22.19 37.59 41.23
N TRP A 18 22.41 38.51 40.30
CA TRP A 18 23.76 38.79 39.81
C TRP A 18 24.69 39.25 40.93
N PRO A 19 24.33 40.32 41.67
CA PRO A 19 25.23 40.76 42.74
C PRO A 19 25.52 39.73 43.83
N LYS A 20 24.58 38.82 44.10
CA LYS A 20 24.80 37.77 45.10
C LYS A 20 25.77 36.70 44.58
N GLN A 21 25.63 36.32 43.32
CA GLN A 21 26.46 35.28 42.72
C GLN A 21 27.91 35.74 42.48
N VAL A 22 28.08 37.01 42.10
CA VAL A 22 29.41 37.57 41.88
C VAL A 22 30.15 37.72 43.21
N ARG A 23 29.44 38.19 44.22
CA ARG A 23 30.00 38.41 45.54
C ARG A 23 30.47 37.11 46.19
N GLU A 24 29.66 36.06 46.05
CA GLU A 24 29.97 34.75 46.62
C GLU A 24 31.02 33.96 45.81
N SER A 25 31.28 34.40 44.57
CA SER A 25 32.36 33.84 43.76
C SER A 25 33.70 34.55 43.98
N GLY A 26 33.71 35.56 44.86
CA GLY A 26 34.93 36.31 45.16
C GLY A 26 35.36 37.26 44.06
N MET A 27 34.40 37.70 43.24
CA MET A 27 34.71 38.49 42.03
C MET A 27 33.99 39.84 41.96
N GLU A 28 33.44 40.31 43.08
CA GLU A 28 32.70 41.59 43.08
C GLU A 28 33.62 42.75 42.71
N GLY A 29 33.18 43.56 41.75
CA GLY A 29 33.93 44.72 41.28
C GLY A 29 34.78 44.48 40.04
N ARG A 30 34.90 43.22 39.63
CA ARG A 30 35.77 42.84 38.51
C ARG A 30 35.01 42.52 37.21
N ILE A 31 33.75 42.09 37.34
CA ILE A 31 32.93 41.73 36.18
C ILE A 31 31.51 42.27 36.28
N GLU A 32 30.94 42.65 35.13
CA GLU A 32 29.55 43.05 35.03
C GLU A 32 28.88 42.37 33.85
N VAL A 33 27.55 42.31 33.90
CA VAL A 33 26.75 41.79 32.80
C VAL A 33 25.79 42.89 32.34
N THR A 34 25.64 43.04 31.03
CA THR A 34 24.71 44.02 30.48
C THR A 34 23.28 43.52 30.65
N ASP A 35 22.31 44.41 30.51
CA ASP A 35 20.90 44.01 30.52
C ASP A 35 20.57 43.14 29.32
N ALA A 36 21.28 43.36 28.21
CA ALA A 36 21.19 42.50 27.03
C ALA A 36 21.67 41.09 27.35
N ALA A 37 22.80 41.00 28.04
CA ALA A 37 23.36 39.72 28.47
C ALA A 37 22.40 38.96 29.39
N ILE A 38 21.81 39.67 30.35
CA ILE A 38 20.83 39.08 31.27
C ILE A 38 19.56 38.63 30.54
N LEU A 39 19.13 39.42 29.56
CA LEU A 39 17.95 39.07 28.74
C LEU A 39 18.20 37.80 27.94
N ARG A 40 19.41 37.65 27.40
CA ARG A 40 19.78 36.46 26.64
C ARG A 40 19.79 35.21 27.51
N VAL A 41 20.24 35.36 28.77
CA VAL A 41 20.24 34.25 29.72
C VAL A 41 18.81 33.77 30.01
N ILE A 42 17.89 34.72 30.17
CA ILE A 42 16.49 34.40 30.44
C ILE A 42 15.84 33.70 29.25
N SER A 43 16.02 34.27 28.07
CA SER A 43 15.41 33.73 26.85
C SER A 43 16.03 32.41 26.43
N GLU A 44 17.35 32.39 26.24
CA GLU A 44 18.04 31.27 25.63
C GLU A 44 18.64 30.24 26.60
N TYR A 45 18.57 30.49 27.91
CA TYR A 45 19.15 29.55 28.89
C TYR A 45 18.24 29.17 30.07
N THR A 46 16.99 29.65 30.09
CA THR A 46 16.03 29.27 31.13
C THR A 46 14.67 28.91 30.56
N ARG A 47 13.99 27.98 31.22
CA ARG A 47 12.65 27.55 30.85
C ARG A 47 11.88 27.28 32.14
N GLU A 48 11.36 28.35 32.73
CA GLU A 48 10.78 28.29 34.07
C GLU A 48 9.90 29.49 34.39
N ALA A 49 8.99 29.30 35.34
CA ALA A 49 8.17 30.40 35.88
C ALA A 49 8.92 31.12 37.00
N GLY A 50 9.81 30.41 37.68
CA GLY A 50 10.64 30.99 38.74
C GLY A 50 11.92 31.61 38.23
N VAL A 51 12.93 31.69 39.10
CA VAL A 51 14.22 32.31 38.78
C VAL A 51 15.43 31.50 39.28
N ARG A 52 15.22 30.22 39.58
CA ARG A 52 16.25 29.40 40.23
C ARG A 52 17.26 28.88 39.21
N GLY A 53 16.79 28.60 38.00
CA GLY A 53 17.66 28.30 36.87
C GLY A 53 18.50 29.51 36.49
N LEU A 54 17.84 30.66 36.42
CA LEU A 54 18.53 31.93 36.17
C LEU A 54 19.64 32.17 37.20
N GLU A 55 19.38 31.83 38.47
CA GLU A 55 20.38 31.95 39.52
C GLU A 55 21.50 30.94 39.35
N ARG A 56 21.16 29.74 38.88
CA ARG A 56 22.17 28.74 38.51
C ARG A 56 23.09 29.23 37.40
N GLU A 57 22.51 29.85 36.38
CA GLU A 57 23.27 30.29 35.21
C GLU A 57 24.20 31.47 35.53
N LEU A 58 23.70 32.45 36.27
CA LEU A 58 24.51 33.59 36.69
C LEU A 58 25.67 33.17 37.59
N GLY A 59 25.46 32.12 38.38
CA GLY A 59 26.53 31.50 39.17
C GLY A 59 27.65 30.99 38.29
N LYS A 60 27.29 30.33 37.20
CA LYS A 60 28.26 29.80 36.24
C LYS A 60 29.06 30.91 35.53
N ILE A 61 28.42 32.04 35.27
CA ILE A 61 29.10 33.17 34.63
C ILE A 61 30.18 33.72 35.58
N ALA A 62 29.79 33.92 36.83
CA ALA A 62 30.69 34.46 37.85
C ALA A 62 31.87 33.53 38.15
N ARG A 63 31.58 32.23 38.23
CA ARG A 63 32.62 31.22 38.47
C ARG A 63 33.55 31.04 37.26
N LYS A 64 33.00 31.21 36.06
CA LYS A 64 33.80 31.22 34.83
C LYS A 64 34.59 32.52 34.71
N GLY A 65 34.05 33.60 35.27
CA GLY A 65 34.80 34.85 35.41
C GLY A 65 36.01 34.70 36.32
N ALA A 66 35.85 33.90 37.39
CA ALA A 66 36.95 33.59 38.30
C ALA A 66 38.03 32.74 37.63
N LYS A 67 37.64 31.92 36.65
CA LYS A 67 38.59 31.16 35.84
C LYS A 67 39.45 32.08 34.96
N PHE A 68 38.83 33.11 34.38
CA PHE A 68 39.56 34.11 33.60
C PHE A 68 40.53 34.90 34.48
N TRP A 69 40.10 35.18 35.71
CA TRP A 69 40.93 35.87 36.70
C TRP A 69 42.18 35.05 37.04
N LEU A 70 42.04 33.73 37.05
CA LEU A 70 43.18 32.82 37.26
C LEU A 70 44.08 32.77 36.04
N GLU A 71 43.47 32.72 34.85
CA GLU A 71 44.23 32.84 33.59
C GLU A 71 45.08 34.10 33.58
N GLY A 72 44.44 35.22 33.90
CA GLY A 72 45.12 36.51 33.96
C GLY A 72 44.19 37.60 34.46
N ALA A 73 44.64 38.33 35.48
CA ALA A 73 43.85 39.41 36.06
C ALA A 73 43.85 40.64 35.17
N TRP A 74 42.91 41.55 35.47
CA TRP A 74 42.78 42.82 34.77
C TRP A 74 42.53 43.91 35.79
N GLU A 75 42.95 45.13 35.47
CA GLU A 75 42.66 46.26 36.34
C GLU A 75 41.27 46.81 36.02
N GLY A 76 40.49 47.10 37.06
CA GLY A 76 39.17 47.70 36.91
C GLY A 76 38.05 46.71 36.63
N LEU A 77 37.22 47.04 35.65
CA LEU A 77 35.96 46.33 35.38
C LEU A 77 36.01 45.61 34.04
N ARG A 78 35.20 44.54 33.91
CA ARG A 78 35.10 43.78 32.66
C ARG A 78 33.63 43.50 32.36
N THR A 79 33.13 44.03 31.24
CA THR A 79 31.70 43.99 30.93
C THR A 79 31.35 42.86 29.96
N ILE A 80 30.62 41.87 30.47
CA ILE A 80 30.09 40.76 29.67
C ILE A 80 28.83 41.20 28.94
N ASP A 81 28.91 41.29 27.60
CA ASP A 81 27.77 41.68 26.78
C ASP A 81 27.05 40.42 26.26
N ALA A 82 25.99 40.60 25.49
CA ALA A 82 25.19 39.49 24.97
C ALA A 82 25.95 38.58 24.01
N SER A 83 26.92 39.14 23.29
CA SER A 83 27.75 38.36 22.36
C SER A 83 28.68 37.38 23.10
N ASP A 84 29.06 37.73 24.33
CA ASP A 84 30.05 36.97 25.10
C ASP A 84 29.45 35.82 25.91
N ILE A 85 28.12 35.78 26.07
CA ILE A 85 27.47 34.83 26.97
C ILE A 85 27.84 33.35 26.71
N PRO A 86 27.86 32.91 25.43
CA PRO A 86 28.26 31.53 25.15
C PRO A 86 29.72 31.19 25.50
N THR A 87 30.59 32.19 25.51
CA THR A 87 31.96 32.01 26.01
C THR A 87 31.93 31.60 27.48
N TYR A 88 30.97 32.14 28.23
CA TYR A 88 30.80 31.84 29.65
C TYR A 88 29.86 30.66 29.93
N LEU A 89 28.76 30.55 29.17
CA LEU A 89 27.73 29.54 29.42
C LEU A 89 27.64 28.39 28.40
N GLY A 90 28.38 28.49 27.30
CA GLY A 90 28.29 27.51 26.22
C GLY A 90 27.11 27.74 25.30
N ILE A 91 26.87 26.78 24.41
CA ILE A 91 25.82 26.88 23.38
C ILE A 91 24.44 27.06 24.00
N PRO A 92 23.58 27.91 23.39
CA PRO A 92 22.23 28.15 23.89
C PRO A 92 21.42 26.87 24.10
N ARG A 93 20.79 26.77 25.27
CA ARG A 93 19.96 25.62 25.61
C ARG A 93 18.60 25.69 24.94
N TYR A 94 18.06 26.90 24.82
CA TYR A 94 16.74 27.11 24.22
C TYR A 94 16.74 28.18 23.14
N ARG A 95 15.64 28.21 22.41
CA ARG A 95 15.31 29.31 21.52
C ARG A 95 13.77 29.38 21.48
N PRO A 96 13.17 30.45 22.05
CA PRO A 96 11.71 30.51 22.07
C PRO A 96 11.10 30.76 20.69
N ASP A 97 11.73 31.65 19.93
CA ASP A 97 11.28 31.99 18.57
C ASP A 97 10.95 30.79 17.66
N LYS A 98 11.82 29.77 17.63
CA LYS A 98 11.56 28.55 16.85
C LYS A 98 11.90 27.28 17.64
N ALA A 99 10.89 26.70 18.28
CA ALA A 99 11.07 25.58 19.21
C ALA A 99 11.48 24.24 18.58
N GLU A 100 11.47 24.15 17.25
CA GLU A 100 11.75 22.87 16.57
C GLU A 100 13.22 22.48 16.56
N THR A 101 14.09 23.48 16.39
CA THR A 101 15.52 23.24 16.11
C THR A 101 16.45 23.50 17.30
N GLU A 102 15.89 23.62 18.51
CA GLU A 102 16.69 23.76 19.73
C GLU A 102 17.12 22.39 20.25
N PRO A 103 18.16 22.36 21.10
CA PRO A 103 18.58 21.13 21.77
C PRO A 103 17.44 20.38 22.46
N GLN A 104 17.46 19.05 22.34
CA GLN A 104 16.39 18.21 22.89
C GLN A 104 16.96 16.91 23.49
N VAL A 105 16.33 16.44 24.55
CA VAL A 105 16.74 15.20 25.20
C VAL A 105 16.32 14.00 24.36
N GLY A 106 17.30 13.13 24.04
CA GLY A 106 17.03 11.87 23.35
C GLY A 106 16.61 11.98 21.90
N THR A 107 17.03 13.04 21.21
CA THR A 107 16.73 13.19 19.78
C THR A 107 17.93 13.77 19.04
N ALA A 108 18.04 13.46 17.75
CA ALA A 108 19.17 13.91 16.93
C ALA A 108 18.84 13.89 15.45
N GLN A 109 19.64 14.61 14.68
CA GLN A 109 19.46 14.69 13.22
C GLN A 109 20.50 13.81 12.54
N GLY A 110 20.03 12.91 11.67
CA GLY A 110 20.90 12.00 10.95
C GLY A 110 20.68 12.08 9.45
N LEU A 111 21.66 11.60 8.70
CA LEU A 111 21.55 11.53 7.24
C LEU A 111 21.79 10.08 6.79
N ALA A 112 20.72 9.43 6.36
CA ALA A 112 20.75 8.00 6.00
C ALA A 112 19.69 7.68 4.94
N TRP A 113 19.64 6.41 4.53
CA TRP A 113 18.80 5.98 3.41
C TRP A 113 17.31 5.85 3.75
N THR A 114 16.48 6.42 2.89
CA THR A 114 15.07 6.04 2.75
C THR A 114 14.89 5.73 1.26
N PRO A 115 13.69 5.27 0.83
CA PRO A 115 13.50 4.98 -0.59
C PRO A 115 13.91 6.08 -1.59
N VAL A 116 13.67 7.35 -1.25
CA VAL A 116 14.19 8.45 -2.08
C VAL A 116 15.71 8.56 -2.02
N GLY A 117 16.30 8.15 -0.90
CA GLY A 117 17.75 7.93 -0.80
C GLY A 117 18.53 9.20 -0.51
N GLY A 118 19.24 9.20 0.61
CA GLY A 118 19.95 10.39 1.08
C GLY A 118 18.93 11.34 1.68
N THR A 119 18.55 11.07 2.92
CA THR A 119 17.43 11.74 3.56
C THR A 119 17.78 12.21 4.97
N LEU A 120 17.28 13.38 5.34
CA LEU A 120 17.43 13.90 6.70
C LEU A 120 16.41 13.20 7.60
N LEU A 121 16.92 12.45 8.57
CA LEU A 121 16.07 11.74 9.54
C LEU A 121 16.28 12.25 10.94
N THR A 122 15.23 12.18 11.75
CA THR A 122 15.32 12.50 13.17
C THR A 122 15.26 11.19 13.97
N ILE A 123 16.31 10.92 14.74
CA ILE A 123 16.37 9.69 15.55
C ILE A 123 15.85 9.97 16.96
N GLU A 124 14.63 9.55 17.23
CA GLU A 124 14.04 9.70 18.57
C GLU A 124 14.41 8.52 19.46
N VAL A 125 14.75 8.82 20.72
CA VAL A 125 15.05 7.79 21.71
C VAL A 125 14.39 8.15 23.04
N ALA A 126 13.77 7.15 23.66
CA ALA A 126 13.15 7.30 24.97
C ALA A 126 13.72 6.27 25.94
N ALA A 127 14.26 6.75 27.06
CA ALA A 127 14.70 5.89 28.14
C ALA A 127 13.67 5.96 29.27
N VAL A 128 13.00 4.85 29.53
CA VAL A 128 11.98 4.77 30.57
C VAL A 128 12.33 3.64 31.55
N PRO A 129 11.71 3.62 32.74
CA PRO A 129 11.99 2.53 33.68
C PRO A 129 11.71 1.16 33.07
N GLY A 130 12.62 0.21 33.30
CA GLY A 130 12.52 -1.10 32.65
C GLY A 130 13.45 -2.17 33.16
N SER A 131 13.77 -3.13 32.29
CA SER A 131 14.57 -4.30 32.66
C SER A 131 15.62 -4.65 31.59
N GLY A 132 16.06 -3.65 30.83
CA GLY A 132 17.11 -3.83 29.81
C GLY A 132 16.61 -4.24 28.44
N LYS A 133 15.36 -3.89 28.12
CA LYS A 133 14.77 -4.23 26.83
C LYS A 133 15.05 -3.12 25.81
N LEU A 134 15.16 -3.48 24.53
CA LEU A 134 15.40 -2.52 23.46
C LEU A 134 14.45 -2.72 22.29
N SER A 135 13.57 -1.74 22.07
CA SER A 135 12.73 -1.70 20.88
C SER A 135 13.41 -0.87 19.79
N LEU A 136 13.27 -1.31 18.54
CA LEU A 136 13.82 -0.61 17.39
C LEU A 136 12.73 -0.43 16.33
N THR A 137 11.93 0.62 16.48
CA THR A 137 10.77 0.84 15.62
C THR A 137 11.01 1.94 14.59
N GLY A 138 10.06 2.10 13.67
CA GLY A 138 10.15 3.06 12.58
C GLY A 138 10.48 2.45 11.22
N GLN A 139 10.21 1.15 11.06
CA GLN A 139 10.50 0.42 9.83
C GLN A 139 11.98 0.46 9.45
N LEU A 140 12.82 -0.07 10.35
CA LEU A 140 14.26 -0.09 10.17
C LEU A 140 14.70 -1.42 9.58
N GLY A 141 15.58 -1.36 8.58
CA GLY A 141 16.21 -2.56 8.04
C GLY A 141 17.25 -3.08 9.01
N GLU A 142 17.73 -4.30 8.78
CA GLU A 142 18.63 -4.96 9.72
C GLU A 142 19.95 -4.22 9.93
N VAL A 143 20.50 -3.65 8.86
CA VAL A 143 21.77 -2.91 8.96
C VAL A 143 21.62 -1.75 9.94
N MET A 144 20.49 -1.04 9.86
CA MET A 144 20.20 0.09 10.74
C MET A 144 19.90 -0.36 12.16
N LYS A 145 19.11 -1.42 12.30
CA LYS A 145 18.88 -2.05 13.61
C LYS A 145 20.20 -2.43 14.25
N GLU A 146 21.10 -3.02 13.46
CA GLU A 146 22.41 -3.43 13.93
C GLU A 146 23.32 -2.25 14.30
N SER A 147 23.20 -1.14 13.57
CA SER A 147 23.98 0.06 13.87
C SER A 147 23.59 0.67 15.22
N ALA A 148 22.31 0.54 15.58
CA ALA A 148 21.81 0.99 16.89
C ALA A 148 22.37 0.14 18.02
N GLN A 149 22.52 -1.17 17.77
CA GLN A 149 23.08 -2.09 18.76
C GLN A 149 24.57 -1.83 18.99
N ALA A 150 25.30 -1.52 17.93
CA ALA A 150 26.70 -1.14 18.04
C ALA A 150 26.87 0.16 18.82
N ALA A 151 25.98 1.12 18.53
CA ALA A 151 25.97 2.40 19.23
C ALA A 151 25.67 2.22 20.72
N LEU A 152 24.69 1.39 21.03
CA LEU A 152 24.27 1.13 22.41
C LEU A 152 25.35 0.41 23.22
N THR A 153 25.98 -0.59 22.61
CA THR A 153 27.04 -1.36 23.27
C THR A 153 28.24 -0.48 23.62
N TYR A 154 28.61 0.41 22.70
CA TYR A 154 29.68 1.38 22.96
C TYR A 154 29.40 2.15 24.26
N LEU A 155 28.20 2.69 24.36
CA LEU A 155 27.79 3.47 25.54
C LEU A 155 27.75 2.64 26.82
N ARG A 156 27.38 1.36 26.70
CA ARG A 156 27.42 0.44 27.84
C ARG A 156 28.84 0.21 28.35
N ALA A 157 29.82 0.30 27.45
CA ALA A 157 31.24 0.13 27.80
C ALA A 157 31.94 1.45 28.17
N HIS A 158 31.20 2.57 28.19
CA HIS A 158 31.77 3.88 28.50
C HIS A 158 30.81 4.73 29.34
N THR A 159 30.26 4.14 30.41
CA THR A 159 29.34 4.86 31.29
C THR A 159 30.05 5.96 32.07
N GLN A 160 31.26 5.67 32.55
CA GLN A 160 32.10 6.67 33.24
C GLN A 160 32.47 7.83 32.32
N ASP A 161 32.78 7.52 31.07
CA ASP A 161 33.29 8.51 30.12
C ASP A 161 32.29 9.63 29.84
N TYR A 162 31.01 9.30 29.76
CA TYR A 162 29.96 10.26 29.42
C TYR A 162 28.91 10.46 30.52
N GLY A 163 29.21 9.96 31.73
CA GLY A 163 28.35 10.16 32.89
C GLY A 163 26.94 9.62 32.74
N LEU A 164 26.85 8.32 32.44
CA LEU A 164 25.56 7.64 32.33
C LEU A 164 25.31 6.82 33.60
N PRO A 165 24.04 6.48 33.88
CA PRO A 165 23.78 5.58 35.01
C PRO A 165 24.45 4.23 34.77
N GLU A 166 25.25 3.76 35.72
CA GLU A 166 26.10 2.59 35.50
C GLU A 166 25.37 1.25 35.63
N ASP A 167 24.08 1.28 35.96
CA ASP A 167 23.23 0.08 36.00
C ASP A 167 21.99 0.25 35.13
N PHE A 168 22.11 1.05 34.06
CA PHE A 168 20.99 1.32 33.16
C PHE A 168 20.66 0.12 32.28
N TYR A 169 21.68 -0.68 31.97
CA TYR A 169 21.55 -1.84 31.09
C TYR A 169 20.48 -2.85 31.55
N ASN A 170 20.08 -2.81 32.82
CA ASN A 170 19.00 -3.67 33.32
C ASN A 170 17.95 -3.00 34.22
N LYS A 171 18.00 -1.67 34.36
CA LYS A 171 16.91 -0.92 35.01
C LYS A 171 16.20 0.05 34.05
N VAL A 172 16.65 0.09 32.80
CA VAL A 172 16.07 0.99 31.80
C VAL A 172 15.73 0.24 30.52
N ASP A 173 14.53 0.50 30.00
CA ASP A 173 14.16 0.05 28.66
C ASP A 173 14.43 1.18 27.68
N LEU A 174 15.05 0.85 26.55
CA LEU A 174 15.29 1.82 25.49
C LEU A 174 14.37 1.58 24.31
N HIS A 175 13.98 2.66 23.64
CA HIS A 175 13.14 2.60 22.45
C HIS A 175 13.70 3.58 21.43
N VAL A 176 14.21 3.06 20.31
CA VAL A 176 14.71 3.89 19.22
C VAL A 176 13.64 3.96 18.13
N HIS A 177 13.10 5.16 17.92
CA HIS A 177 12.06 5.38 16.89
C HIS A 177 12.54 6.40 15.87
N VAL A 178 12.26 6.13 14.60
CA VAL A 178 12.67 6.99 13.49
C VAL A 178 11.46 7.32 12.61
N PRO A 179 10.82 8.47 12.87
CA PRO A 179 9.71 8.92 12.01
C PRO A 179 10.22 9.37 10.63
N ASP A 180 9.37 9.37 9.60
CA ASP A 180 7.94 9.03 9.71
C ASP A 180 7.70 7.51 9.65
N GLY A 181 6.66 7.05 10.35
CA GLY A 181 6.43 5.64 10.63
C GLY A 181 6.33 4.67 9.45
N ALA A 182 5.71 5.10 8.37
CA ALA A 182 5.46 4.23 7.22
C ALA A 182 6.70 4.00 6.35
N THR A 183 7.51 5.05 6.18
CA THR A 183 8.67 5.01 5.29
C THR A 183 9.78 4.09 5.82
N PRO A 184 10.28 3.18 4.95
CA PRO A 184 11.45 2.37 5.29
C PRO A 184 12.72 3.18 5.55
N LYS A 185 13.57 2.69 6.46
CA LYS A 185 14.91 3.24 6.65
C LYS A 185 15.93 2.11 6.75
N ASP A 186 17.15 2.38 6.29
CA ASP A 186 18.24 1.42 6.38
C ASP A 186 19.59 2.11 6.20
N GLY A 187 20.67 1.36 6.42
CA GLY A 187 22.02 1.85 6.17
C GLY A 187 22.81 2.02 7.46
N PRO A 188 24.15 1.98 7.36
CA PRO A 188 25.02 2.19 8.51
C PRO A 188 25.26 3.67 8.83
N SER A 189 24.87 4.56 7.92
CA SER A 189 25.25 5.97 7.97
C SER A 189 24.70 6.80 9.14
N ALA A 190 23.71 6.28 9.87
CA ALA A 190 23.16 7.00 11.02
C ALA A 190 23.66 6.45 12.37
N GLY A 191 24.81 5.77 12.35
CA GLY A 191 25.34 5.14 13.56
C GLY A 191 25.71 6.11 14.66
N ILE A 192 26.42 7.18 14.30
CA ILE A 192 26.82 8.20 15.26
C ILE A 192 25.65 9.03 15.76
N THR A 193 24.59 9.14 14.95
CA THR A 193 23.37 9.80 15.37
C THR A 193 22.70 8.96 16.45
N MET A 194 22.74 7.65 16.27
CA MET A 194 22.19 6.71 17.25
C MET A 194 22.91 6.89 18.57
N ALA A 195 24.24 6.86 18.51
CA ALA A 195 25.06 7.06 19.69
C ALA A 195 24.66 8.33 20.42
N THR A 196 24.54 9.41 19.64
CA THR A 196 24.20 10.71 20.20
C THR A 196 22.85 10.68 20.91
N ALA A 197 21.83 10.28 20.18
CA ALA A 197 20.45 10.29 20.69
C ALA A 197 20.28 9.37 21.90
N ILE A 198 20.95 8.22 21.88
CA ILE A 198 20.87 7.27 23.00
C ILE A 198 21.59 7.84 24.23
N ALA A 199 22.80 8.36 24.03
CA ALA A 199 23.57 8.97 25.10
C ALA A 199 22.83 10.15 25.72
N SER A 200 22.22 10.96 24.86
CA SER A 200 21.41 12.10 25.28
C SER A 200 20.23 11.66 26.17
N ALA A 201 19.54 10.60 25.77
CA ALA A 201 18.39 10.10 26.51
C ALA A 201 18.77 9.53 27.87
N LEU A 202 19.87 8.78 27.91
CA LEU A 202 20.34 8.18 29.17
C LEU A 202 20.93 9.21 30.14
N SER A 203 21.61 10.21 29.61
CA SER A 203 22.27 11.24 30.43
C SER A 203 21.37 12.41 30.79
N ARG A 204 20.25 12.54 30.08
CA ARG A 204 19.34 13.70 30.20
C ARG A 204 19.98 14.99 29.66
N ARG A 205 21.07 14.85 28.91
CA ARG A 205 21.78 15.99 28.35
C ARG A 205 21.27 16.22 26.92
N PRO A 206 20.69 17.40 26.66
CA PRO A 206 20.05 17.63 25.37
C PRO A 206 21.04 17.70 24.21
N ALA A 207 20.70 17.03 23.11
CA ALA A 207 21.55 17.01 21.91
C ALA A 207 21.12 18.12 20.96
N ARG A 208 22.10 18.83 20.41
CA ARG A 208 21.84 19.92 19.46
C ARG A 208 21.13 19.39 18.22
N MET A 209 20.13 20.14 17.76
CA MET A 209 19.31 19.76 16.60
C MET A 209 19.52 20.67 15.39
N ASP A 210 20.48 21.60 15.49
CA ASP A 210 20.87 22.44 14.36
C ASP A 210 22.05 21.82 13.60
N ILE A 211 22.55 20.68 14.08
CA ILE A 211 23.59 19.92 13.38
C ILE A 211 23.05 18.58 12.93
N ALA A 212 23.27 18.25 11.67
CA ALA A 212 22.98 16.92 11.13
C ALA A 212 24.29 16.15 11.01
N MET A 213 24.26 14.87 11.36
CA MET A 213 25.47 14.04 11.30
C MET A 213 25.26 12.75 10.52
N THR A 214 26.36 12.22 10.01
CA THR A 214 26.36 11.00 9.24
C THR A 214 27.71 10.32 9.45
N GLY A 215 27.70 8.99 9.51
CA GLY A 215 28.91 8.25 9.78
C GLY A 215 28.62 6.90 10.44
N GLU A 216 29.27 5.86 9.94
CA GLU A 216 29.14 4.53 10.51
C GLU A 216 29.91 4.44 11.81
N VAL A 217 29.23 4.08 12.89
CA VAL A 217 29.87 3.91 14.18
C VAL A 217 30.42 2.48 14.29
N SER A 218 31.52 2.35 15.02
CA SER A 218 32.11 1.03 15.30
C SER A 218 32.04 0.77 16.80
N LEU A 219 32.27 -0.48 17.18
CA LEU A 219 32.12 -0.92 18.57
C LEU A 219 33.11 -0.25 19.52
N ARG A 220 34.34 -0.07 19.06
CA ARG A 220 35.37 0.64 19.84
C ARG A 220 35.22 2.16 19.72
N GLY A 221 34.44 2.62 18.74
CA GLY A 221 34.05 4.03 18.64
C GLY A 221 34.60 4.80 17.45
N LYS A 222 35.08 4.09 16.42
CA LYS A 222 35.60 4.74 15.22
C LYS A 222 34.46 5.22 14.32
N VAL A 223 34.50 6.50 13.96
CA VAL A 223 33.56 7.06 13.00
C VAL A 223 34.09 6.75 11.60
N MET A 224 33.49 5.76 10.97
CA MET A 224 33.98 5.24 9.69
C MET A 224 33.25 5.91 8.52
N PRO A 225 33.90 5.94 7.34
CA PRO A 225 33.31 6.64 6.19
C PRO A 225 31.97 6.10 5.70
N ILE A 226 31.28 6.93 4.92
CA ILE A 226 29.96 6.61 4.38
C ILE A 226 29.87 7.03 2.92
N GLY A 227 29.07 6.31 2.14
CA GLY A 227 28.83 6.63 0.75
C GLY A 227 27.69 7.62 0.59
N GLY A 228 27.57 8.20 -0.60
CA GLY A 228 26.49 9.13 -0.91
C GLY A 228 26.67 10.49 -0.28
N VAL A 229 27.91 10.85 0.02
CA VAL A 229 28.23 12.11 0.70
C VAL A 229 27.58 13.33 0.01
N LYS A 230 27.58 13.33 -1.31
CA LYS A 230 26.95 14.39 -2.09
C LYS A 230 25.45 14.45 -1.80
N GLU A 231 24.72 13.38 -2.11
CA GLU A 231 23.27 13.31 -1.89
C GLU A 231 22.86 13.65 -0.45
N LYS A 232 23.67 13.24 0.53
CA LYS A 232 23.36 13.48 1.95
C LYS A 232 23.43 14.96 2.28
N LEU A 233 24.56 15.58 1.94
CA LEU A 233 24.78 17.00 2.20
C LEU A 233 23.86 17.91 1.37
N LEU A 234 23.43 17.46 0.21
CA LEU A 234 22.38 18.15 -0.56
C LEU A 234 21.06 18.15 0.22
N ALA A 235 20.73 17.01 0.81
CA ALA A 235 19.49 16.87 1.58
C ALA A 235 19.47 17.77 2.83
N ALA A 236 20.62 17.90 3.48
CA ALA A 236 20.75 18.80 4.63
C ALA A 236 20.68 20.26 4.18
N HIS A 237 21.23 20.55 3.01
CA HIS A 237 21.15 21.87 2.39
C HIS A 237 19.71 22.22 2.02
N GLN A 238 18.99 21.27 1.45
CA GLN A 238 17.58 21.45 1.10
C GLN A 238 16.68 21.62 2.33
N ALA A 239 17.01 20.92 3.40
CA ALA A 239 16.23 20.98 4.64
C ALA A 239 16.46 22.26 5.45
N GLY A 240 17.50 23.02 5.09
CA GLY A 240 17.84 24.25 5.79
C GLY A 240 18.65 23.99 7.05
N ILE A 241 19.56 23.03 6.97
CA ILE A 241 20.47 22.68 8.06
C ILE A 241 21.88 22.98 7.60
N HIS A 242 22.58 23.83 8.35
CA HIS A 242 23.85 24.42 7.91
C HIS A 242 25.09 23.98 8.71
N LYS A 243 24.92 23.02 9.62
CA LYS A 243 26.06 22.44 10.35
C LYS A 243 26.09 20.94 10.10
N ILE A 244 27.24 20.43 9.70
CA ILE A 244 27.40 19.02 9.35
C ILE A 244 28.53 18.40 10.17
N VAL A 245 28.31 17.16 10.62
CA VAL A 245 29.37 16.32 11.16
C VAL A 245 29.58 15.16 10.18
N LEU A 246 30.83 14.97 9.77
CA LEU A 246 31.17 14.01 8.72
C LEU A 246 32.40 13.20 9.17
N PRO A 247 32.52 11.95 8.69
CA PRO A 247 33.75 11.21 9.00
C PRO A 247 34.97 11.84 8.34
N LYS A 248 36.13 11.75 9.01
CA LYS A 248 37.36 12.37 8.53
C LYS A 248 37.78 11.81 7.17
N ASP A 249 37.57 10.52 6.97
CA ASP A 249 37.93 9.84 5.72
C ASP A 249 37.07 10.26 4.52
N ASN A 250 35.99 11.01 4.76
CA ASN A 250 35.15 11.53 3.68
C ASN A 250 35.48 12.98 3.28
N GLU A 251 36.66 13.46 3.65
CA GLU A 251 37.05 14.84 3.33
C GLU A 251 37.19 15.07 1.84
N ALA A 252 37.72 14.06 1.14
CA ALA A 252 37.88 14.11 -0.32
C ALA A 252 36.56 14.27 -1.08
N GLN A 253 35.47 13.74 -0.52
CA GLN A 253 34.16 13.74 -1.18
C GLN A 253 33.49 15.11 -1.22
N LEU A 254 33.96 16.05 -0.39
CA LEU A 254 33.38 17.40 -0.35
C LEU A 254 33.46 18.13 -1.69
N GLU A 255 34.48 17.81 -2.50
CA GLU A 255 34.66 18.43 -3.81
C GLU A 255 33.53 18.12 -4.81
N GLU A 256 32.77 17.06 -4.55
CA GLU A 256 31.60 16.73 -5.37
C GLU A 256 30.51 17.81 -5.31
N LEU A 257 30.39 18.46 -4.15
CA LEU A 257 29.41 19.54 -3.96
C LEU A 257 29.74 20.77 -4.80
N PRO A 258 28.71 21.52 -5.21
CA PRO A 258 28.91 22.89 -5.67
C PRO A 258 29.39 23.80 -4.54
N LYS A 259 30.20 24.79 -4.88
CA LYS A 259 30.77 25.72 -3.88
C LYS A 259 29.70 26.50 -3.11
N GLU A 260 28.65 26.92 -3.81
CA GLU A 260 27.60 27.75 -3.18
C GLU A 260 26.91 27.00 -2.04
N VAL A 261 26.79 25.68 -2.19
CA VAL A 261 26.24 24.82 -1.16
C VAL A 261 27.27 24.53 -0.07
N LEU A 262 28.50 24.27 -0.48
CA LEU A 262 29.59 23.94 0.44
C LEU A 262 29.92 25.09 1.40
N GLU A 263 29.75 26.32 0.93
CA GLU A 263 29.99 27.52 1.73
C GLU A 263 28.84 27.86 2.66
N GLY A 264 27.73 27.11 2.54
CA GLY A 264 26.62 27.20 3.48
C GLY A 264 26.72 26.20 4.61
N LEU A 265 27.61 25.22 4.47
CA LEU A 265 27.76 24.14 5.45
C LEU A 265 29.03 24.29 6.28
N GLU A 266 28.85 24.49 7.59
CA GLU A 266 29.95 24.41 8.54
C GLU A 266 30.22 22.94 8.83
N ILE A 267 31.32 22.42 8.27
CA ILE A 267 31.61 20.99 8.33
C ILE A 267 32.64 20.68 9.41
N LYS A 268 32.30 19.72 10.27
CA LYS A 268 33.22 19.20 11.29
C LYS A 268 33.59 17.76 10.96
N LEU A 269 34.86 17.53 10.66
CA LEU A 269 35.36 16.18 10.42
C LEU A 269 35.65 15.50 11.75
N VAL A 270 35.32 14.21 11.85
CA VAL A 270 35.52 13.45 13.08
C VAL A 270 36.09 12.05 12.83
N GLU A 271 36.76 11.53 13.86
CA GLU A 271 37.41 10.22 13.82
C GLU A 271 36.81 9.28 14.87
N ASP A 272 36.73 9.75 16.11
CA ASP A 272 36.15 8.99 17.21
C ASP A 272 34.75 9.52 17.52
N VAL A 273 33.88 8.63 18.00
CA VAL A 273 32.53 9.04 18.43
C VAL A 273 32.58 9.88 19.71
N GLY A 274 33.68 9.78 20.46
CA GLY A 274 33.91 10.63 21.63
C GLY A 274 33.86 12.12 21.33
N GLU A 275 34.43 12.53 20.20
CA GLU A 275 34.39 13.94 19.79
C GLU A 275 33.03 14.35 19.22
N VAL A 276 32.30 13.39 18.64
CA VAL A 276 30.93 13.62 18.19
C VAL A 276 30.03 13.99 19.37
N LEU A 277 30.14 13.22 20.45
CA LEU A 277 29.30 13.44 21.64
C LEU A 277 29.64 14.74 22.38
N GLU A 278 30.92 15.08 22.44
CA GLU A 278 31.36 16.33 23.08
C GLU A 278 30.76 17.55 22.37
N TYR A 279 30.72 17.49 21.05
CA TYR A 279 30.25 18.59 20.20
C TYR A 279 28.73 18.69 20.16
N LEU A 280 28.03 17.58 20.36
CA LEU A 280 26.56 17.53 20.28
C LEU A 280 25.85 17.75 21.61
N LEU A 281 26.39 17.16 22.69
CA LEU A 281 25.72 17.16 23.99
C LEU A 281 26.11 18.36 24.85
N LEU A 282 25.13 19.16 25.23
CA LEU A 282 25.32 20.24 26.20
C LEU A 282 25.77 19.64 27.53
N PRO A 283 26.83 20.22 28.15
CA PRO A 283 27.43 19.61 29.35
C PRO A 283 26.47 19.26 30.50
N GLU A 284 25.50 20.12 30.77
CA GLU A 284 24.57 19.90 31.89
C GLU A 284 23.26 19.24 31.47
N PRO A 285 22.74 18.31 32.28
CA PRO A 285 21.47 17.65 32.01
C PRO A 285 20.28 18.56 32.33
N THR A 286 19.23 18.45 31.54
CA THR A 286 18.08 19.37 31.62
C THR A 286 16.79 18.72 32.09
N MET A 287 16.88 17.46 32.52
CA MET A 287 15.72 16.73 33.05
C MET A 287 16.17 15.88 34.23
N PRO A 288 15.20 15.42 35.06
CA PRO A 288 15.54 14.51 36.15
C PRO A 288 16.10 13.17 35.64
N PRO A 289 17.00 12.53 36.40
CA PRO A 289 17.53 11.21 36.04
C PRO A 289 16.48 10.11 35.91
N VAL A 290 16.94 8.89 35.61
CA VAL A 290 16.07 7.73 35.42
C VAL A 290 16.67 6.50 36.09
N GLY B 3 -33.38 -0.16 42.77
CA GLY B 3 -32.94 1.14 43.39
C GLY B 3 -34.02 2.19 43.40
N TYR B 4 -33.63 3.44 43.64
CA TYR B 4 -34.56 4.56 43.64
C TYR B 4 -34.99 4.93 42.22
N THR B 5 -36.24 5.36 42.09
CA THR B 5 -36.72 5.93 40.82
C THR B 5 -36.17 7.34 40.66
N ASN B 6 -36.29 7.89 39.46
CA ASN B 6 -35.82 9.25 39.18
C ASN B 6 -36.57 10.29 40.01
N MET B 7 -37.89 10.11 40.13
CA MET B 7 -38.73 10.91 41.04
C MET B 7 -38.15 10.94 42.46
N GLU B 8 -37.78 9.76 42.97
CA GLU B 8 -37.23 9.62 44.31
C GLU B 8 -35.87 10.31 44.48
N LYS B 9 -34.97 10.08 43.53
CA LYS B 9 -33.62 10.68 43.56
C LYS B 9 -33.67 12.21 43.64
N GLN B 10 -34.62 12.80 42.91
CA GLN B 10 -34.76 14.26 42.87
C GLN B 10 -35.20 14.84 44.21
N ALA B 11 -36.19 14.20 44.83
CA ALA B 11 -36.64 14.60 46.16
C ALA B 11 -35.52 14.42 47.19
N ILE B 12 -34.74 13.35 47.04
CA ILE B 12 -33.60 13.07 47.90
C ILE B 12 -32.53 14.16 47.76
N ALA B 13 -32.23 14.53 46.52
CA ALA B 13 -31.22 15.55 46.24
C ALA B 13 -31.63 16.93 46.73
N ARG B 14 -32.90 17.27 46.56
CA ARG B 14 -33.43 18.58 46.93
C ARG B 14 -33.44 18.77 48.46
N GLN B 15 -33.99 17.79 49.16
CA GLN B 15 -34.18 17.88 50.61
C GLN B 15 -32.90 17.67 51.42
N TYR B 16 -31.98 16.83 50.93
CA TYR B 16 -30.85 16.39 51.74
C TYR B 16 -29.47 16.61 51.10
N LEU B 17 -29.23 15.97 49.96
CA LEU B 17 -27.87 15.89 49.39
C LEU B 17 -27.31 17.25 48.98
N TRP B 18 -28.09 18.03 48.24
CA TRP B 18 -27.63 19.36 47.82
C TRP B 18 -27.41 20.26 49.06
N PRO B 19 -28.46 20.49 49.87
CA PRO B 19 -28.27 21.21 51.14
C PRO B 19 -27.02 20.82 51.93
N LYS B 20 -26.75 19.53 52.03
CA LYS B 20 -25.56 19.03 52.72
C LYS B 20 -24.27 19.46 52.00
N GLN B 21 -24.23 19.23 50.69
CA GLN B 21 -23.03 19.52 49.90
C GLN B 21 -22.72 21.01 49.76
N VAL B 22 -23.74 21.86 49.86
CA VAL B 22 -23.53 23.31 49.83
C VAL B 22 -22.95 23.74 51.18
N ARG B 23 -23.52 23.21 52.27
CA ARG B 23 -23.02 23.44 53.63
C ARG B 23 -21.54 23.11 53.78
N GLU B 24 -21.17 21.90 53.37
CA GLU B 24 -19.78 21.44 53.46
C GLU B 24 -18.82 22.23 52.57
N SER B 25 -19.32 22.70 51.43
CA SER B 25 -18.52 23.52 50.51
C SER B 25 -18.36 24.96 51.04
N GLY B 26 -19.23 25.36 51.96
CA GLY B 26 -19.18 26.68 52.57
C GLY B 26 -19.86 27.75 51.72
N MET B 27 -20.85 27.33 50.93
CA MET B 27 -21.49 28.20 49.96
C MET B 27 -22.99 28.39 50.21
N GLU B 28 -23.47 28.00 51.39
CA GLU B 28 -24.92 28.05 51.68
C GLU B 28 -25.43 29.49 51.68
N GLY B 29 -26.52 29.71 50.96
CA GLY B 29 -27.08 31.05 50.78
C GLY B 29 -26.65 31.71 49.48
N ARG B 30 -25.61 31.18 48.85
CA ARG B 30 -25.00 31.80 47.66
C ARG B 30 -25.33 31.07 46.36
N ILE B 31 -25.57 29.75 46.42
CA ILE B 31 -25.86 28.96 45.22
C ILE B 31 -27.07 28.04 45.41
N GLU B 32 -27.87 27.93 44.35
CA GLU B 32 -28.94 26.94 44.27
C GLU B 32 -28.97 26.29 42.89
N VAL B 33 -29.61 25.13 42.82
CA VAL B 33 -29.75 24.38 41.57
C VAL B 33 -31.22 24.22 41.24
N THR B 34 -31.57 24.38 39.97
CA THR B 34 -32.96 24.23 39.53
C THR B 34 -33.34 22.76 39.54
N ASP B 35 -34.64 22.49 39.60
CA ASP B 35 -35.15 21.11 39.58
C ASP B 35 -34.74 20.37 38.31
N ALA B 36 -34.67 21.09 37.19
CA ALA B 36 -34.23 20.52 35.91
C ALA B 36 -32.73 20.19 35.92
N ALA B 37 -31.94 21.01 36.61
CA ALA B 37 -30.50 20.78 36.73
C ALA B 37 -30.19 19.50 37.50
N ILE B 38 -30.94 19.26 38.58
CA ILE B 38 -30.77 18.04 39.38
C ILE B 38 -31.08 16.81 38.52
N LEU B 39 -32.15 16.87 37.74
CA LEU B 39 -32.52 15.76 36.86
C LEU B 39 -31.48 15.55 35.76
N ARG B 40 -30.86 16.64 35.28
CA ARG B 40 -29.77 16.54 34.32
C ARG B 40 -28.52 15.90 34.95
N VAL B 41 -28.27 16.19 36.22
CA VAL B 41 -27.17 15.56 36.96
C VAL B 41 -27.39 14.06 37.12
N ILE B 42 -28.64 13.66 37.37
CA ILE B 42 -28.97 12.24 37.52
C ILE B 42 -28.83 11.50 36.19
N SER B 43 -29.42 12.06 35.14
CA SER B 43 -29.49 11.40 33.85
C SER B 43 -28.14 11.24 33.16
N GLU B 44 -27.33 12.29 33.17
CA GLU B 44 -26.12 12.35 32.34
C GLU B 44 -24.78 12.23 33.08
N TYR B 45 -24.79 12.33 34.41
CA TYR B 45 -23.56 12.23 35.19
C TYR B 45 -23.55 11.10 36.23
N THR B 46 -24.62 10.29 36.26
CA THR B 46 -24.69 9.14 37.16
C THR B 46 -25.40 7.95 36.49
N ARG B 47 -24.97 6.75 36.84
CA ARG B 47 -25.71 5.52 36.51
C ARG B 47 -25.59 4.59 37.71
N GLU B 48 -26.73 4.30 38.34
CA GLU B 48 -26.73 3.94 39.76
C GLU B 48 -28.01 3.27 40.25
N ALA B 49 -27.88 2.63 41.41
CA ALA B 49 -29.02 2.13 42.19
C ALA B 49 -29.34 3.12 43.31
N GLY B 50 -28.32 3.42 44.12
CA GLY B 50 -28.44 4.39 45.22
C GLY B 50 -28.18 5.81 44.76
N VAL B 51 -27.82 6.68 45.70
CA VAL B 51 -27.52 8.10 45.40
C VAL B 51 -26.09 8.52 45.80
N ARG B 52 -25.24 7.54 46.09
CA ARG B 52 -23.85 7.80 46.51
C ARG B 52 -22.95 8.39 45.41
N GLY B 53 -23.49 8.59 44.21
CA GLY B 53 -22.78 9.21 43.09
C GLY B 53 -23.34 10.58 42.76
N LEU B 54 -24.67 10.69 42.77
CA LEU B 54 -25.37 11.97 42.69
C LEU B 54 -24.83 12.97 43.72
N GLU B 55 -24.66 12.51 44.95
CA GLU B 55 -24.06 13.31 46.03
C GLU B 55 -22.67 13.79 45.67
N ARG B 56 -21.88 12.92 45.02
CA ARG B 56 -20.53 13.25 44.57
C ARG B 56 -20.56 14.42 43.59
N GLU B 57 -21.50 14.37 42.64
CA GLU B 57 -21.62 15.40 41.61
C GLU B 57 -22.15 16.72 42.19
N LEU B 58 -23.10 16.63 43.11
CA LEU B 58 -23.58 17.81 43.84
C LEU B 58 -22.47 18.42 44.68
N GLY B 59 -21.60 17.57 45.21
CA GLY B 59 -20.38 18.02 45.87
C GLY B 59 -19.45 18.75 44.93
N LYS B 60 -19.30 18.22 43.71
CA LYS B 60 -18.52 18.90 42.67
C LYS B 60 -19.09 20.26 42.28
N ILE B 61 -20.40 20.32 42.05
CA ILE B 61 -21.07 21.59 41.70
C ILE B 61 -20.80 22.64 42.76
N ALA B 62 -21.01 22.28 44.02
CA ALA B 62 -20.80 23.18 45.14
C ALA B 62 -19.35 23.64 45.27
N ARG B 63 -18.40 22.74 44.99
CA ARG B 63 -16.97 23.08 45.05
C ARG B 63 -16.54 23.97 43.89
N LYS B 64 -17.04 23.71 42.69
CA LYS B 64 -16.79 24.58 41.54
C LYS B 64 -17.43 25.95 41.75
N GLY B 65 -18.55 25.99 42.48
CA GLY B 65 -19.17 27.24 42.88
C GLY B 65 -18.28 28.06 43.80
N ALA B 66 -17.60 27.39 44.72
CA ALA B 66 -16.61 28.03 45.60
C ALA B 66 -15.40 28.54 44.81
N LYS B 67 -15.06 27.84 43.72
CA LYS B 67 -14.01 28.30 42.81
C LYS B 67 -14.43 29.55 42.04
N PHE B 68 -15.70 29.62 41.66
CA PHE B 68 -16.27 30.82 41.03
C PHE B 68 -16.35 31.99 42.03
N TRP B 69 -16.66 31.67 43.28
CA TRP B 69 -16.67 32.66 44.37
C TRP B 69 -15.29 33.30 44.55
N LEU B 70 -14.24 32.50 44.33
CA LEU B 70 -12.86 32.99 44.41
C LEU B 70 -12.56 33.98 43.28
N GLU B 71 -13.02 33.66 42.07
CA GLU B 71 -12.84 34.55 40.91
C GLU B 71 -13.60 35.87 41.09
N GLY B 72 -14.79 35.79 41.67
CA GLY B 72 -15.59 36.98 41.95
C GLY B 72 -16.83 36.66 42.76
N ALA B 73 -17.04 37.40 43.84
CA ALA B 73 -18.17 37.17 44.75
C ALA B 73 -19.39 38.00 44.37
N TRP B 74 -20.52 37.65 44.99
CA TRP B 74 -21.81 38.29 44.70
C TRP B 74 -22.68 38.31 45.96
N GLU B 75 -23.69 39.20 45.94
CA GLU B 75 -24.70 39.24 46.99
C GLU B 75 -25.93 38.46 46.55
N GLY B 76 -26.60 37.83 47.51
CA GLY B 76 -27.80 37.04 47.22
C GLY B 76 -27.49 35.69 46.62
N LEU B 77 -28.48 35.11 45.95
CA LEU B 77 -28.40 33.75 45.44
C LEU B 77 -27.96 33.73 43.98
N ARG B 78 -27.32 32.63 43.58
CA ARG B 78 -26.90 32.41 42.20
C ARG B 78 -27.41 31.05 41.73
N THR B 79 -28.31 31.05 40.74
CA THR B 79 -29.01 29.83 40.33
C THR B 79 -28.29 29.11 39.18
N ILE B 80 -28.11 27.80 39.34
CA ILE B 80 -27.50 26.95 38.31
C ILE B 80 -28.61 26.13 37.62
N ASP B 81 -28.86 26.44 36.34
CA ASP B 81 -29.88 25.74 35.56
C ASP B 81 -29.27 24.55 34.81
N ALA B 82 -30.12 23.75 34.16
CA ALA B 82 -29.68 22.57 33.42
C ALA B 82 -28.73 22.89 32.28
N SER B 83 -28.93 24.03 31.63
CA SER B 83 -28.04 24.51 30.58
C SER B 83 -26.68 24.95 31.14
N ASP B 84 -26.68 25.41 32.41
CA ASP B 84 -25.46 25.84 33.09
C ASP B 84 -24.63 24.69 33.67
N ILE B 85 -25.17 23.48 33.69
CA ILE B 85 -24.54 22.34 34.38
C ILE B 85 -23.16 21.94 33.84
N PRO B 86 -22.99 21.85 32.50
CA PRO B 86 -21.69 21.44 31.95
C PRO B 86 -20.51 22.33 32.36
N THR B 87 -20.78 23.59 32.69
CA THR B 87 -19.78 24.50 33.22
C THR B 87 -19.20 24.01 34.55
N TYR B 88 -20.04 23.39 35.37
CA TYR B 88 -19.65 22.94 36.71
C TYR B 88 -19.11 21.50 36.74
N LEU B 89 -19.76 20.60 36.00
CA LEU B 89 -19.40 19.17 36.02
C LEU B 89 -18.64 18.69 34.78
N GLY B 90 -18.50 19.56 33.77
CA GLY B 90 -17.76 19.20 32.55
C GLY B 90 -18.64 18.53 31.51
N ILE B 91 -18.05 17.63 30.72
CA ILE B 91 -18.75 16.96 29.63
C ILE B 91 -19.66 15.86 30.21
N PRO B 92 -20.90 15.76 29.70
CA PRO B 92 -21.80 14.66 30.08
C PRO B 92 -21.15 13.28 29.94
N ARG B 93 -21.10 12.55 31.05
CA ARG B 93 -20.48 11.23 31.09
C ARG B 93 -21.37 10.15 30.46
N TYR B 94 -22.68 10.28 30.66
CA TYR B 94 -23.63 9.26 30.22
C TYR B 94 -24.66 9.81 29.24
N ARG B 95 -25.08 8.97 28.30
CA ARG B 95 -26.16 9.28 27.36
C ARG B 95 -27.14 8.12 27.30
N PRO B 96 -28.33 8.28 27.89
CA PRO B 96 -29.39 7.27 27.72
C PRO B 96 -29.97 7.29 26.31
N ASP B 97 -30.25 8.48 25.81
CA ASP B 97 -30.79 8.69 24.45
C ASP B 97 -29.96 8.03 23.34
N LYS B 98 -28.63 8.14 23.44
CA LYS B 98 -27.72 7.52 22.48
C LYS B 98 -26.55 6.86 23.22
N ALA B 99 -26.70 5.57 23.52
CA ALA B 99 -25.74 4.82 24.33
C ALA B 99 -24.35 4.71 23.68
N GLU B 100 -24.32 4.64 22.35
CA GLU B 100 -23.05 4.48 21.61
C GLU B 100 -22.15 5.72 21.65
N THR B 101 -22.76 6.90 21.72
CA THR B 101 -22.02 8.17 21.68
C THR B 101 -21.23 8.47 22.96
N GLU B 102 -21.67 7.92 24.08
CA GLU B 102 -21.15 8.32 25.39
C GLU B 102 -19.69 7.92 25.63
N PRO B 103 -18.97 8.68 26.49
CA PRO B 103 -17.62 8.35 26.96
C PRO B 103 -17.45 6.92 27.44
N GLN B 104 -16.23 6.41 27.35
CA GLN B 104 -15.95 5.00 27.64
C GLN B 104 -14.47 4.77 27.88
N VAL B 105 -14.15 3.94 28.89
CA VAL B 105 -12.76 3.66 29.25
C VAL B 105 -12.14 2.65 28.29
N GLY B 106 -10.89 2.88 27.92
CA GLY B 106 -10.13 1.96 27.09
C GLY B 106 -10.64 1.83 25.67
N THR B 107 -11.27 2.87 25.14
CA THR B 107 -11.70 2.91 23.74
C THR B 107 -11.48 4.29 23.15
N ALA B 108 -11.46 4.34 21.82
CA ALA B 108 -11.27 5.60 21.10
C ALA B 108 -11.72 5.48 19.65
N GLN B 109 -12.30 6.55 19.11
CA GLN B 109 -12.76 6.58 17.73
C GLN B 109 -11.63 6.99 16.79
N GLY B 110 -11.39 6.17 15.77
CA GLY B 110 -10.37 6.43 14.76
C GLY B 110 -10.95 6.44 13.36
N LEU B 111 -10.17 6.94 12.40
CA LEU B 111 -10.60 7.01 11.00
C LEU B 111 -9.67 6.19 10.11
N ALA B 112 -10.25 5.57 9.09
CA ALA B 112 -9.52 4.64 8.23
C ALA B 112 -9.74 4.92 6.75
N TRP B 113 -8.64 4.91 5.99
CA TRP B 113 -8.69 4.95 4.54
C TRP B 113 -8.80 3.53 4.00
N THR B 114 -9.52 3.37 2.89
CA THR B 114 -9.66 2.09 2.22
C THR B 114 -10.22 2.32 0.81
N PRO B 115 -9.86 1.44 -0.16
CA PRO B 115 -10.32 1.63 -1.55
C PRO B 115 -11.84 1.79 -1.78
N VAL B 116 -12.68 1.32 -0.85
CA VAL B 116 -14.14 1.51 -1.00
C VAL B 116 -14.56 2.94 -0.65
N GLY B 117 -13.85 3.55 0.28
CA GLY B 117 -14.17 4.89 0.77
C GLY B 117 -13.58 5.09 2.16
N GLY B 118 -14.38 5.68 3.05
CA GLY B 118 -13.97 5.87 4.43
C GLY B 118 -14.55 4.78 5.33
N THR B 119 -13.88 4.54 6.46
CA THR B 119 -14.34 3.57 7.45
C THR B 119 -13.95 4.02 8.86
N LEU B 120 -14.79 3.68 9.84
CA LEU B 120 -14.51 3.96 11.23
C LEU B 120 -13.71 2.81 11.87
N LEU B 121 -12.74 3.19 12.71
CA LEU B 121 -11.86 2.24 13.39
C LEU B 121 -11.98 2.45 14.90
N THR B 122 -12.50 1.45 15.60
CA THR B 122 -12.56 1.48 17.06
C THR B 122 -11.33 0.80 17.63
N ILE B 123 -10.59 1.54 18.45
CA ILE B 123 -9.40 1.03 19.12
C ILE B 123 -9.78 0.67 20.56
N GLU B 124 -9.66 -0.61 20.91
CA GLU B 124 -9.93 -1.07 22.28
C GLU B 124 -8.62 -1.34 22.99
N VAL B 125 -8.57 -1.01 24.28
CA VAL B 125 -7.40 -1.26 25.10
C VAL B 125 -7.82 -1.75 26.49
N ALA B 126 -7.31 -2.91 26.88
CA ALA B 126 -7.57 -3.48 28.20
C ALA B 126 -6.30 -3.45 29.02
N ALA B 127 -6.39 -2.87 30.22
CA ALA B 127 -5.28 -2.88 31.17
C ALA B 127 -5.63 -3.82 32.32
N VAL B 128 -4.83 -4.88 32.48
CA VAL B 128 -5.12 -5.94 33.43
C VAL B 128 -3.87 -6.34 34.23
N PRO B 129 -4.07 -6.89 35.45
CA PRO B 129 -2.93 -7.33 36.27
C PRO B 129 -1.97 -8.24 35.49
N GLY B 130 -0.68 -7.94 35.53
CA GLY B 130 0.30 -8.69 34.76
C GLY B 130 1.76 -8.39 35.04
N SER B 131 2.59 -8.59 34.03
CA SER B 131 4.05 -8.49 34.16
C SER B 131 4.71 -7.59 33.10
N GLY B 132 3.93 -6.71 32.48
CA GLY B 132 4.46 -5.75 31.50
C GLY B 132 4.44 -6.23 30.06
N LYS B 133 3.56 -7.17 29.74
CA LYS B 133 3.45 -7.69 28.37
C LYS B 133 2.49 -6.83 27.55
N LEU B 134 2.73 -6.78 26.24
CA LEU B 134 1.84 -6.09 25.31
C LEU B 134 1.27 -7.09 24.30
N SER B 135 -0.02 -6.94 24.01
CA SER B 135 -0.70 -7.76 23.00
C SER B 135 -1.35 -6.86 21.96
N LEU B 136 -1.13 -7.19 20.69
CA LEU B 136 -1.59 -6.36 19.58
C LEU B 136 -2.34 -7.23 18.58
N THR B 137 -3.67 -7.12 18.58
CA THR B 137 -4.53 -8.01 17.79
C THR B 137 -5.50 -7.22 16.91
N GLY B 138 -6.17 -7.94 16.00
CA GLY B 138 -7.04 -7.34 14.98
C GLY B 138 -6.40 -7.31 13.61
N GLN B 139 -5.51 -8.27 13.34
CA GLN B 139 -4.76 -8.34 12.08
C GLN B 139 -4.06 -7.01 11.76
N LEU B 140 -3.27 -6.55 12.73
CA LEU B 140 -2.55 -5.29 12.59
C LEU B 140 -1.22 -5.54 11.89
N GLY B 141 -0.89 -4.68 10.92
CA GLY B 141 0.39 -4.74 10.24
C GLY B 141 1.52 -4.24 11.13
N GLU B 142 2.75 -4.35 10.65
CA GLU B 142 3.93 -4.00 11.44
C GLU B 142 4.01 -2.50 11.74
N VAL B 143 3.62 -1.66 10.78
CA VAL B 143 3.62 -0.21 10.98
C VAL B 143 2.60 0.20 12.03
N MET B 144 1.44 -0.44 12.04
CA MET B 144 0.38 -0.14 13.01
C MET B 144 0.77 -0.61 14.41
N LYS B 145 1.44 -1.76 14.49
CA LYS B 145 1.98 -2.27 15.75
C LYS B 145 3.08 -1.35 16.29
N GLU B 146 3.94 -0.87 15.42
CA GLU B 146 5.05 0.01 15.81
C GLU B 146 4.58 1.39 16.29
N SER B 147 3.48 1.87 15.72
CA SER B 147 2.86 3.12 16.16
C SER B 147 2.23 2.97 17.54
N ALA B 148 1.72 1.77 17.82
CA ALA B 148 1.23 1.40 19.15
C ALA B 148 2.32 1.48 20.19
N GLN B 149 3.42 0.82 19.88
CA GLN B 149 4.57 0.77 20.77
C GLN B 149 5.09 2.17 21.07
N ALA B 150 5.16 3.00 20.03
CA ALA B 150 5.60 4.39 20.18
C ALA B 150 4.66 5.18 21.06
N ALA B 151 3.35 5.01 20.84
CA ALA B 151 2.33 5.64 21.66
C ALA B 151 2.44 5.23 23.12
N LEU B 152 2.62 3.92 23.34
CA LEU B 152 2.80 3.36 24.68
C LEU B 152 4.04 3.90 25.38
N THR B 153 5.15 3.98 24.64
CA THR B 153 6.42 4.46 25.19
C THR B 153 6.35 5.93 25.59
N TYR B 154 5.61 6.73 24.83
CA TYR B 154 5.36 8.12 25.19
C TYR B 154 4.67 8.20 26.55
N LEU B 155 3.63 7.38 26.73
CA LEU B 155 2.89 7.34 27.99
C LEU B 155 3.75 6.83 29.15
N ARG B 156 4.63 5.87 28.88
CA ARG B 156 5.59 5.38 29.87
C ARG B 156 6.59 6.45 30.29
N ALA B 157 6.91 7.36 29.38
CA ALA B 157 7.82 8.48 29.67
C ALA B 157 7.11 9.71 30.24
N HIS B 158 5.79 9.61 30.46
CA HIS B 158 4.99 10.74 30.92
C HIS B 158 3.86 10.30 31.86
N THR B 159 4.21 9.47 32.85
CA THR B 159 3.22 8.95 33.80
C THR B 159 2.61 10.05 34.68
N GLN B 160 3.46 10.94 35.19
CA GLN B 160 3.01 12.03 36.07
C GLN B 160 2.12 13.05 35.34
N ASP B 161 2.43 13.31 34.07
CA ASP B 161 1.69 14.29 33.28
C ASP B 161 0.21 13.94 33.12
N TYR B 162 -0.09 12.65 33.01
CA TYR B 162 -1.45 12.18 32.71
C TYR B 162 -2.10 11.36 33.83
N GLY B 163 -1.45 11.29 35.00
CA GLY B 163 -2.01 10.60 36.15
C GLY B 163 -2.09 9.09 35.97
N LEU B 164 -1.00 8.51 35.48
CA LEU B 164 -0.91 7.06 35.26
C LEU B 164 -0.06 6.47 36.39
N PRO B 165 -0.29 5.19 36.74
CA PRO B 165 0.51 4.56 37.79
C PRO B 165 2.02 4.72 37.55
N GLU B 166 2.78 4.85 38.64
CA GLU B 166 4.23 5.01 38.55
C GLU B 166 4.95 3.69 38.21
N ASP B 167 4.18 2.60 38.14
CA ASP B 167 4.74 1.27 37.92
C ASP B 167 3.90 0.38 37.01
N PHE B 168 3.12 0.97 36.10
CA PHE B 168 2.28 0.16 35.20
C PHE B 168 3.12 -0.62 34.19
N TYR B 169 4.34 -0.14 33.92
CA TYR B 169 5.24 -0.77 32.97
C TYR B 169 5.57 -2.24 33.30
N ASN B 170 5.57 -2.61 34.58
CA ASN B 170 5.89 -3.98 35.00
C ASN B 170 4.83 -4.71 35.85
N LYS B 171 3.73 -4.06 36.17
CA LYS B 171 2.65 -4.68 36.96
C LYS B 171 1.33 -4.80 36.19
N VAL B 172 1.34 -4.45 34.90
CA VAL B 172 0.14 -4.48 34.07
C VAL B 172 0.45 -5.08 32.69
N ASP B 173 -0.45 -5.93 32.20
CA ASP B 173 -0.40 -6.40 30.82
C ASP B 173 -1.41 -5.61 29.99
N LEU B 174 -0.95 -5.10 28.84
CA LEU B 174 -1.82 -4.34 27.94
C LEU B 174 -2.21 -5.15 26.71
N HIS B 175 -3.47 -5.02 26.31
CA HIS B 175 -3.99 -5.66 25.11
C HIS B 175 -4.68 -4.60 24.26
N VAL B 176 -4.07 -4.26 23.12
CA VAL B 176 -4.68 -3.36 22.15
C VAL B 176 -5.34 -4.20 21.06
N HIS B 177 -6.67 -4.10 20.97
CA HIS B 177 -7.44 -4.85 19.99
C HIS B 177 -8.21 -3.89 19.08
N VAL B 178 -8.30 -4.25 17.80
CA VAL B 178 -8.92 -3.40 16.79
C VAL B 178 -9.84 -4.24 15.89
N PRO B 179 -11.15 -4.29 16.19
CA PRO B 179 -12.11 -4.98 15.32
C PRO B 179 -12.33 -4.21 14.00
N ASP B 180 -12.80 -4.87 12.94
CA ASP B 180 -13.23 -6.28 12.97
C ASP B 180 -12.04 -7.24 12.88
N GLY B 181 -12.11 -8.34 13.62
CA GLY B 181 -11.00 -9.29 13.73
C GLY B 181 -10.50 -9.86 12.41
N ALA B 182 -11.41 -10.09 11.47
CA ALA B 182 -11.07 -10.65 10.16
C ALA B 182 -10.35 -9.65 9.27
N THR B 183 -10.81 -8.39 9.28
CA THR B 183 -10.28 -7.35 8.40
C THR B 183 -8.84 -6.95 8.76
N PRO B 184 -7.90 -7.05 7.80
CA PRO B 184 -6.53 -6.57 8.04
C PRO B 184 -6.43 -5.05 8.13
N LYS B 185 -5.44 -4.57 8.88
CA LYS B 185 -5.27 -3.14 9.17
C LYS B 185 -3.80 -2.77 9.20
N ASP B 186 -3.47 -1.58 8.71
CA ASP B 186 -2.09 -1.10 8.70
C ASP B 186 -2.02 0.41 8.56
N GLY B 187 -0.82 0.97 8.72
CA GLY B 187 -0.59 2.40 8.57
C GLY B 187 -0.26 3.04 9.91
N PRO B 188 0.35 4.24 9.88
CA PRO B 188 0.76 4.93 11.10
C PRO B 188 -0.30 5.89 11.64
N SER B 189 -1.47 5.90 11.01
CA SER B 189 -2.44 6.99 11.18
C SER B 189 -3.25 6.96 12.49
N ALA B 190 -3.24 5.84 13.20
CA ALA B 190 -4.01 5.70 14.43
C ALA B 190 -3.15 5.89 15.69
N GLY B 191 -2.03 6.60 15.57
CA GLY B 191 -1.09 6.77 16.68
C GLY B 191 -1.70 7.48 17.87
N ILE B 192 -2.21 8.69 17.64
CA ILE B 192 -2.90 9.45 18.69
C ILE B 192 -4.19 8.78 19.18
N THR B 193 -4.88 8.09 18.26
CA THR B 193 -6.10 7.37 18.59
C THR B 193 -5.81 6.27 19.60
N MET B 194 -4.58 5.76 19.53
CA MET B 194 -4.17 4.63 20.33
C MET B 194 -3.54 5.09 21.64
N ALA B 195 -2.94 6.26 21.63
CA ALA B 195 -2.45 6.88 22.84
C ALA B 195 -3.65 7.26 23.69
N THR B 196 -4.67 7.81 23.04
CA THR B 196 -5.92 8.16 23.70
C THR B 196 -6.53 6.95 24.42
N ALA B 197 -6.54 5.80 23.74
CA ALA B 197 -7.14 4.59 24.29
C ALA B 197 -6.26 3.90 25.34
N ILE B 198 -4.95 3.92 25.15
CA ILE B 198 -4.02 3.34 26.12
C ILE B 198 -4.00 4.15 27.41
N ALA B 199 -3.92 5.47 27.27
CA ALA B 199 -3.97 6.37 28.43
C ALA B 199 -5.29 6.20 29.20
N SER B 200 -6.39 6.13 28.44
CA SER B 200 -7.72 5.93 29.02
C SER B 200 -7.80 4.67 29.88
N ALA B 201 -7.31 3.56 29.32
CA ALA B 201 -7.31 2.28 30.03
C ALA B 201 -6.45 2.32 31.29
N LEU B 202 -5.25 2.88 31.18
CA LEU B 202 -4.32 2.96 32.30
C LEU B 202 -4.79 3.93 33.39
N SER B 203 -5.45 5.01 32.98
CA SER B 203 -5.89 6.05 33.92
C SER B 203 -7.29 5.80 34.49
N ARG B 204 -8.02 4.86 33.91
CA ARG B 204 -9.43 4.62 34.28
C ARG B 204 -10.36 5.80 33.92
N ARG B 205 -9.87 6.70 33.07
CA ARG B 205 -10.62 7.89 32.68
C ARG B 205 -11.24 7.66 31.31
N PRO B 206 -12.58 7.80 31.21
CA PRO B 206 -13.28 7.48 29.96
C PRO B 206 -13.02 8.50 28.84
N ALA B 207 -12.70 8.00 27.66
CA ALA B 207 -12.44 8.85 26.50
C ALA B 207 -13.72 9.10 25.72
N ARG B 208 -13.86 10.31 25.19
CA ARG B 208 -15.06 10.71 24.44
C ARG B 208 -15.15 10.02 23.09
N MET B 209 -16.38 9.64 22.71
CA MET B 209 -16.62 8.93 21.45
C MET B 209 -17.39 9.77 20.43
N ASP B 210 -17.73 11.01 20.78
CA ASP B 210 -18.32 11.95 19.82
C ASP B 210 -17.23 12.67 19.00
N ILE B 211 -15.98 12.46 19.38
CA ILE B 211 -14.82 12.98 18.65
C ILE B 211 -14.11 11.82 17.94
N ALA B 212 -13.86 12.00 16.64
CA ALA B 212 -13.08 11.03 15.86
C ALA B 212 -11.75 11.65 15.47
N MET B 213 -10.67 10.88 15.59
CA MET B 213 -9.33 11.41 15.42
C MET B 213 -8.46 10.59 14.48
N THR B 214 -7.43 11.25 13.94
CA THR B 214 -6.43 10.61 13.10
C THR B 214 -5.14 11.41 13.19
N GLY B 215 -4.00 10.71 13.14
CA GLY B 215 -2.71 11.36 13.26
C GLY B 215 -1.61 10.40 13.67
N GLU B 216 -0.43 10.59 13.09
CA GLU B 216 0.74 9.78 13.43
C GLU B 216 1.41 10.38 14.67
N VAL B 217 1.66 9.53 15.66
CA VAL B 217 2.36 9.94 16.88
C VAL B 217 3.84 9.56 16.77
N SER B 218 4.69 10.35 17.42
CA SER B 218 6.11 10.07 17.51
C SER B 218 6.49 9.91 18.97
N LEU B 219 7.73 9.46 19.21
CA LEU B 219 8.17 9.11 20.57
C LEU B 219 8.16 10.29 21.55
N ARG B 220 8.42 11.50 21.05
CA ARG B 220 8.37 12.71 21.88
C ARG B 220 7.02 13.43 21.84
N GLY B 221 6.06 12.86 21.11
CA GLY B 221 4.66 13.29 21.18
C GLY B 221 4.18 14.23 20.10
N LYS B 222 4.93 14.33 19.00
CA LYS B 222 4.53 15.18 17.87
C LYS B 222 3.46 14.47 17.04
N VAL B 223 2.38 15.18 16.74
CA VAL B 223 1.31 14.66 15.89
C VAL B 223 1.60 15.05 14.45
N MET B 224 1.95 14.06 13.63
CA MET B 224 2.41 14.27 12.27
C MET B 224 1.28 14.02 11.25
N PRO B 225 1.45 14.48 10.01
CA PRO B 225 0.39 14.33 8.99
C PRO B 225 0.05 12.89 8.62
N ILE B 226 -1.11 12.73 7.99
CA ILE B 226 -1.63 11.41 7.59
C ILE B 226 -2.27 11.46 6.19
N GLY B 227 -2.58 10.28 5.66
CA GLY B 227 -3.14 10.16 4.31
C GLY B 227 -4.66 10.15 4.27
N GLY B 228 -5.19 10.31 3.05
CA GLY B 228 -6.63 10.18 2.78
C GLY B 228 -7.52 10.97 3.72
N VAL B 229 -7.35 12.29 3.72
CA VAL B 229 -8.08 13.16 4.65
C VAL B 229 -9.51 13.40 4.15
N LYS B 230 -9.66 13.48 2.84
CA LYS B 230 -10.98 13.60 2.19
C LYS B 230 -11.87 12.42 2.56
N GLU B 231 -11.37 11.21 2.33
CA GLU B 231 -12.16 9.99 2.49
C GLU B 231 -12.45 9.68 3.96
N LYS B 232 -11.55 10.05 4.86
CA LYS B 232 -11.72 9.82 6.30
C LYS B 232 -12.81 10.70 6.89
N LEU B 233 -12.74 12.00 6.62
CA LEU B 233 -13.71 12.97 7.14
C LEU B 233 -15.14 12.76 6.62
N LEU B 234 -15.26 12.13 5.44
CA LEU B 234 -16.57 11.86 4.86
C LEU B 234 -17.29 10.76 5.65
N ALA B 235 -16.55 9.70 5.98
CA ALA B 235 -17.07 8.60 6.80
C ALA B 235 -17.48 9.09 8.19
N ALA B 236 -16.71 10.04 8.73
CA ALA B 236 -17.05 10.66 10.00
C ALA B 236 -18.40 11.36 9.93
N HIS B 237 -18.65 12.08 8.84
CA HIS B 237 -19.93 12.76 8.64
C HIS B 237 -21.07 11.81 8.34
N GLN B 238 -20.81 10.80 7.51
CA GLN B 238 -21.81 9.76 7.20
C GLN B 238 -22.18 8.92 8.42
N ALA B 239 -21.24 8.77 9.35
CA ALA B 239 -21.46 8.02 10.59
C ALA B 239 -22.01 8.90 11.73
N GLY B 240 -22.25 10.18 11.46
CA GLY B 240 -22.85 11.09 12.44
C GLY B 240 -21.86 11.72 13.41
N ILE B 241 -20.56 11.59 13.12
CA ILE B 241 -19.52 12.23 13.94
C ILE B 241 -19.26 13.61 13.36
N HIS B 242 -19.51 14.66 14.15
CA HIS B 242 -19.35 16.04 13.70
C HIS B 242 -18.31 16.81 14.54
N LYS B 243 -17.41 16.08 15.20
CA LYS B 243 -16.24 16.67 15.84
C LYS B 243 -15.01 15.83 15.49
N ILE B 244 -13.96 16.49 14.99
CA ILE B 244 -12.78 15.80 14.47
C ILE B 244 -11.51 16.38 15.11
N VAL B 245 -10.55 15.50 15.41
CA VAL B 245 -9.19 15.88 15.74
C VAL B 245 -8.31 15.54 14.54
N LEU B 246 -7.38 16.43 14.22
CA LEU B 246 -6.64 16.37 12.97
C LEU B 246 -5.30 17.10 13.15
N PRO B 247 -4.21 16.58 12.54
CA PRO B 247 -2.93 17.26 12.71
C PRO B 247 -2.88 18.64 12.04
N LYS B 248 -2.10 19.54 12.64
CA LYS B 248 -1.93 20.92 12.16
C LYS B 248 -1.47 20.98 10.71
N ASP B 249 -0.48 20.17 10.37
CA ASP B 249 0.13 20.20 9.04
C ASP B 249 -0.78 19.67 7.93
N ASN B 250 -1.90 19.05 8.29
CA ASN B 250 -2.96 18.70 7.34
C ASN B 250 -4.06 19.76 7.23
N GLU B 251 -3.79 20.98 7.71
CA GLU B 251 -4.72 22.11 7.57
C GLU B 251 -5.00 22.42 6.10
N ALA B 252 -3.97 22.26 5.26
CA ALA B 252 -4.06 22.54 3.83
C ALA B 252 -4.99 21.59 3.05
N GLN B 253 -5.18 20.37 3.57
CA GLN B 253 -5.95 19.34 2.84
C GLN B 253 -7.45 19.56 2.90
N LEU B 254 -7.90 20.44 3.80
CA LEU B 254 -9.34 20.67 4.04
C LEU B 254 -10.11 21.25 2.85
N GLU B 255 -9.40 21.83 1.88
CA GLU B 255 -10.05 22.40 0.69
C GLU B 255 -10.69 21.31 -0.19
N GLU B 256 -10.19 20.09 -0.07
CA GLU B 256 -10.70 18.94 -0.82
C GLU B 256 -12.12 18.52 -0.41
N LEU B 257 -12.56 18.92 0.79
CA LEU B 257 -13.94 18.69 1.24
C LEU B 257 -14.94 19.54 0.43
N PRO B 258 -16.24 19.17 0.49
CA PRO B 258 -17.24 19.86 -0.30
C PRO B 258 -17.98 20.95 0.48
N LYS B 259 -17.27 21.72 1.31
CA LYS B 259 -17.86 22.89 1.99
C LYS B 259 -18.99 22.52 2.94
N GLU B 260 -20.10 22.07 2.37
CA GLU B 260 -21.34 21.76 3.08
C GLU B 260 -21.12 20.74 4.20
N VAL B 261 -20.23 19.79 3.97
CA VAL B 261 -19.87 18.79 4.97
C VAL B 261 -18.88 19.37 5.95
N LEU B 262 -17.95 20.18 5.44
CA LEU B 262 -16.95 20.88 6.27
C LEU B 262 -17.60 21.88 7.23
N GLU B 263 -18.77 22.41 6.85
CA GLU B 263 -19.60 23.22 7.73
C GLU B 263 -20.06 22.42 8.94
N GLY B 264 -20.54 21.21 8.68
CA GLY B 264 -21.02 20.31 9.73
C GLY B 264 -19.96 19.93 10.76
N LEU B 265 -18.73 19.73 10.30
CA LEU B 265 -17.65 19.26 11.16
C LEU B 265 -17.08 20.35 12.05
N GLU B 266 -16.61 19.94 13.23
CA GLU B 266 -15.97 20.82 14.19
C GLU B 266 -14.53 20.34 14.41
N ILE B 267 -13.61 20.95 13.68
CA ILE B 267 -12.22 20.45 13.59
C ILE B 267 -11.29 21.16 14.56
N LYS B 268 -10.63 20.37 15.41
CA LYS B 268 -9.58 20.86 16.31
C LYS B 268 -8.23 20.41 15.80
N LEU B 269 -7.41 21.37 15.35
CA LEU B 269 -6.09 21.06 14.81
C LEU B 269 -5.06 20.94 15.93
N VAL B 270 -4.21 19.91 15.85
CA VAL B 270 -3.29 19.57 16.92
C VAL B 270 -1.84 19.38 16.46
N GLU B 271 -0.92 19.47 17.41
CA GLU B 271 0.51 19.31 17.17
C GLU B 271 1.13 18.38 18.21
N ASP B 272 0.93 18.69 19.49
CA ASP B 272 1.33 17.82 20.58
C ASP B 272 0.22 16.82 20.87
N VAL B 273 0.60 15.60 21.26
CA VAL B 273 -0.38 14.58 21.68
C VAL B 273 -1.03 14.96 23.03
N GLY B 274 -0.34 15.77 23.82
CA GLY B 274 -0.90 16.34 25.05
C GLY B 274 -2.16 17.18 24.84
N GLU B 275 -2.19 17.94 23.75
CA GLU B 275 -3.38 18.69 23.34
C GLU B 275 -4.57 17.75 23.10
N VAL B 276 -4.27 16.58 22.57
CA VAL B 276 -5.30 15.59 22.22
C VAL B 276 -5.88 14.95 23.48
N LEU B 277 -5.01 14.43 24.34
CA LEU B 277 -5.42 13.76 25.59
C LEU B 277 -6.22 14.70 26.50
N GLU B 278 -5.82 15.96 26.55
CA GLU B 278 -6.57 17.01 27.24
C GLU B 278 -8.01 17.08 26.72
N TYR B 279 -8.14 17.11 25.40
CA TYR B 279 -9.43 17.27 24.73
C TYR B 279 -10.30 16.00 24.75
N LEU B 280 -9.66 14.83 24.81
CA LEU B 280 -10.37 13.54 24.75
C LEU B 280 -10.74 12.98 26.12
N LEU B 281 -9.77 12.94 27.03
CA LEU B 281 -9.98 12.32 28.34
C LEU B 281 -10.75 13.22 29.30
N LEU B 282 -11.78 12.67 29.93
CA LEU B 282 -12.43 13.32 31.06
C LEU B 282 -11.46 13.33 32.24
N PRO B 283 -11.55 14.35 33.11
CA PRO B 283 -10.58 14.51 34.19
C PRO B 283 -10.76 13.51 35.35
N GLU B 284 -11.96 12.95 35.49
CA GLU B 284 -12.30 12.09 36.62
C GLU B 284 -12.34 10.61 36.23
N PRO B 285 -11.56 9.76 36.92
CA PRO B 285 -11.64 8.31 36.68
C PRO B 285 -12.94 7.69 37.17
N THR B 286 -13.50 6.77 36.38
CA THR B 286 -14.79 6.14 36.70
C THR B 286 -14.65 4.70 37.18
N MET B 287 -13.42 4.22 37.35
CA MET B 287 -13.15 2.84 37.76
C MET B 287 -11.97 2.76 38.72
N PRO B 288 -11.83 1.63 39.44
CA PRO B 288 -10.68 1.45 40.33
C PRO B 288 -9.37 1.24 39.55
N PRO B 289 -8.22 1.58 40.17
CA PRO B 289 -6.92 1.66 39.48
C PRO B 289 -6.43 0.35 38.82
N VAL B 290 -6.29 -0.70 39.62
CA VAL B 290 -5.67 -1.97 39.20
C VAL B 290 -4.17 -1.78 38.95
N GLY C 3 -21.18 -47.53 46.20
CA GLY C 3 -22.32 -46.58 46.42
C GLY C 3 -23.66 -47.28 46.52
N TYR C 4 -24.68 -46.51 46.90
CA TYR C 4 -26.04 -47.04 47.05
C TYR C 4 -26.72 -47.19 45.69
N THR C 5 -27.78 -47.99 45.66
CA THR C 5 -28.66 -48.07 44.48
C THR C 5 -29.65 -46.91 44.51
N ASN C 6 -30.39 -46.73 43.41
CA ASN C 6 -31.34 -45.62 43.28
C ASN C 6 -32.55 -45.75 44.21
N MET C 7 -33.10 -46.96 44.33
CA MET C 7 -34.19 -47.22 45.28
C MET C 7 -33.76 -46.92 46.72
N GLU C 8 -32.54 -47.33 47.06
CA GLU C 8 -31.95 -47.03 48.37
C GLU C 8 -31.71 -45.52 48.54
N LYS C 9 -31.38 -44.84 47.44
CA LYS C 9 -31.18 -43.39 47.46
C LYS C 9 -32.48 -42.59 47.64
N GLN C 10 -33.60 -43.18 47.23
CA GLN C 10 -34.92 -42.58 47.48
C GLN C 10 -35.31 -42.67 48.95
N ALA C 11 -34.85 -43.72 49.62
CA ALA C 11 -35.26 -44.01 50.99
C ALA C 11 -34.60 -43.09 52.02
N ILE C 12 -33.29 -42.94 51.96
CA ILE C 12 -32.59 -42.00 52.86
C ILE C 12 -33.00 -40.57 52.54
N ALA C 13 -33.37 -40.31 51.28
CA ALA C 13 -33.96 -39.04 50.90
C ALA C 13 -35.25 -38.81 51.68
N ARG C 14 -36.18 -39.77 51.57
CA ARG C 14 -37.48 -39.66 52.22
C ARG C 14 -37.41 -39.69 53.75
N GLN C 15 -36.75 -40.72 54.29
CA GLN C 15 -36.73 -40.95 55.73
C GLN C 15 -35.95 -39.90 56.51
N TYR C 16 -34.78 -39.50 55.99
CA TYR C 16 -33.82 -38.72 56.77
C TYR C 16 -33.38 -37.41 56.12
N LEU C 17 -32.81 -37.49 54.92
CA LEU C 17 -32.22 -36.30 54.26
C LEU C 17 -33.23 -35.18 54.04
N TRP C 18 -34.32 -35.47 53.34
CA TRP C 18 -35.33 -34.44 53.05
C TRP C 18 -35.88 -33.81 54.32
N PRO C 19 -36.53 -34.61 55.21
CA PRO C 19 -37.06 -34.02 56.45
C PRO C 19 -36.02 -33.27 57.29
N LYS C 20 -34.76 -33.68 57.25
CA LYS C 20 -33.68 -32.94 57.92
C LYS C 20 -33.50 -31.57 57.29
N GLN C 21 -33.41 -31.53 55.95
CA GLN C 21 -33.18 -30.29 55.24
C GLN C 21 -34.36 -29.31 55.31
N VAL C 22 -35.56 -29.82 55.55
CA VAL C 22 -36.74 -28.97 55.68
C VAL C 22 -36.79 -28.34 57.08
N ARG C 23 -36.50 -29.14 58.11
CA ARG C 23 -36.48 -28.64 59.49
C ARG C 23 -35.34 -27.63 59.70
N GLU C 24 -34.23 -27.86 59.00
CA GLU C 24 -33.05 -26.99 59.09
C GLU C 24 -33.29 -25.65 58.39
N SER C 25 -34.13 -25.67 57.35
CA SER C 25 -34.50 -24.46 56.61
C SER C 25 -35.76 -23.77 57.17
N GLY C 26 -36.27 -24.25 58.30
CA GLY C 26 -37.44 -23.65 58.95
C GLY C 26 -38.70 -23.62 58.09
N MET C 27 -38.92 -24.69 57.32
CA MET C 27 -40.08 -24.79 56.43
C MET C 27 -40.87 -26.10 56.64
N GLU C 28 -40.65 -26.77 57.77
CA GLU C 28 -41.26 -28.09 57.99
C GLU C 28 -42.75 -27.96 58.26
N GLY C 29 -43.54 -28.76 57.54
CA GLY C 29 -44.99 -28.71 57.61
C GLY C 29 -45.63 -27.92 56.49
N ARG C 30 -44.84 -27.16 55.74
CA ARG C 30 -45.36 -26.34 54.64
C ARG C 30 -44.86 -26.73 53.23
N ILE C 31 -43.93 -27.69 53.15
CA ILE C 31 -43.51 -28.22 51.85
C ILE C 31 -43.28 -29.73 51.87
N GLU C 32 -43.49 -30.35 50.72
CA GLU C 32 -43.18 -31.75 50.50
C GLU C 32 -42.65 -31.96 49.08
N VAL C 33 -41.93 -33.06 48.89
CA VAL C 33 -41.52 -33.49 47.57
C VAL C 33 -42.06 -34.88 47.32
N THR C 34 -42.39 -35.16 46.06
CA THR C 34 -42.98 -36.45 45.68
C THR C 34 -41.89 -37.50 45.52
N ASP C 35 -42.30 -38.76 45.46
CA ASP C 35 -41.37 -39.87 45.19
C ASP C 35 -40.69 -39.71 43.83
N ALA C 36 -41.43 -39.19 42.86
CA ALA C 36 -40.90 -38.95 41.52
C ALA C 36 -39.94 -37.76 41.49
N ALA C 37 -40.24 -36.73 42.27
CA ALA C 37 -39.40 -35.53 42.34
C ALA C 37 -38.02 -35.83 42.95
N ILE C 38 -37.99 -36.70 43.95
CA ILE C 38 -36.73 -37.13 44.57
C ILE C 38 -35.89 -37.95 43.58
N LEU C 39 -36.55 -38.84 42.83
CA LEU C 39 -35.87 -39.62 41.78
C LEU C 39 -35.20 -38.66 40.78
N ARG C 40 -35.91 -37.59 40.42
CA ARG C 40 -35.36 -36.62 39.47
C ARG C 40 -34.17 -35.86 40.03
N VAL C 41 -34.20 -35.53 41.32
CA VAL C 41 -33.05 -34.90 41.99
C VAL C 41 -31.85 -35.85 41.99
N ILE C 42 -32.11 -37.13 42.26
CA ILE C 42 -31.06 -38.15 42.24
C ILE C 42 -30.47 -38.32 40.85
N SER C 43 -31.33 -38.46 39.84
CA SER C 43 -30.89 -38.72 38.47
C SER C 43 -30.20 -37.51 37.84
N GLU C 44 -30.93 -36.41 37.73
CA GLU C 44 -30.50 -35.26 36.93
C GLU C 44 -29.66 -34.23 37.67
N TYR C 45 -29.53 -34.36 38.99
CA TYR C 45 -28.81 -33.35 39.79
C TYR C 45 -27.68 -33.89 40.69
N THR C 46 -27.49 -35.21 40.74
CA THR C 46 -26.38 -35.78 41.52
C THR C 46 -25.58 -36.79 40.69
N ARG C 47 -24.26 -36.78 40.88
CA ARG C 47 -23.37 -37.78 40.32
C ARG C 47 -22.41 -38.24 41.41
N GLU C 48 -22.70 -39.41 41.99
CA GLU C 48 -21.98 -39.86 43.18
C GLU C 48 -22.29 -41.30 43.56
N ALA C 49 -21.37 -41.90 44.30
CA ALA C 49 -21.60 -43.18 44.98
C ALA C 49 -22.41 -42.92 46.24
N GLY C 50 -21.98 -41.91 47.00
CA GLY C 50 -22.67 -41.49 48.23
C GLY C 50 -23.89 -40.63 47.97
N VAL C 51 -24.27 -39.85 48.99
CA VAL C 51 -25.50 -39.04 48.93
C VAL C 51 -25.33 -37.63 49.52
N ARG C 52 -24.11 -37.10 49.45
CA ARG C 52 -23.83 -35.76 49.97
C ARG C 52 -24.38 -34.71 49.01
N GLY C 53 -24.16 -34.94 47.72
CA GLY C 53 -24.77 -34.13 46.66
C GLY C 53 -26.29 -34.10 46.72
N LEU C 54 -26.89 -35.22 47.11
CA LEU C 54 -28.34 -35.30 47.30
C LEU C 54 -28.78 -34.42 48.48
N GLU C 55 -28.08 -34.56 49.60
CA GLU C 55 -28.34 -33.74 50.78
C GLU C 55 -28.08 -32.25 50.49
N ARG C 56 -27.08 -32.00 49.65
CA ARG C 56 -26.74 -30.65 49.19
C ARG C 56 -27.88 -30.06 48.36
N GLU C 57 -28.41 -30.84 47.42
CA GLU C 57 -29.47 -30.39 46.52
C GLU C 57 -30.83 -30.24 47.22
N LEU C 58 -31.15 -31.17 48.13
CA LEU C 58 -32.38 -31.09 48.92
C LEU C 58 -32.38 -29.87 49.85
N GLY C 59 -31.19 -29.47 50.30
CA GLY C 59 -31.03 -28.24 51.07
C GLY C 59 -31.43 -27.00 50.27
N LYS C 60 -31.11 -27.00 48.98
CA LYS C 60 -31.48 -25.89 48.09
C LYS C 60 -32.98 -25.86 47.83
N ILE C 61 -33.58 -27.02 47.60
CA ILE C 61 -35.02 -27.14 47.41
C ILE C 61 -35.78 -26.53 48.59
N ALA C 62 -35.30 -26.82 49.79
CA ALA C 62 -35.94 -26.35 51.02
C ALA C 62 -35.80 -24.84 51.22
N ARG C 63 -34.59 -24.32 51.00
CA ARG C 63 -34.32 -22.89 51.13
C ARG C 63 -35.02 -22.04 50.07
N LYS C 64 -35.22 -22.61 48.88
CA LYS C 64 -36.00 -21.94 47.84
C LYS C 64 -37.47 -21.91 48.23
N GLY C 65 -37.93 -22.98 48.87
CA GLY C 65 -39.27 -23.00 49.48
C GLY C 65 -39.41 -21.93 50.55
N ALA C 66 -38.34 -21.73 51.31
CA ALA C 66 -38.25 -20.63 52.28
C ALA C 66 -38.25 -19.26 51.59
N LYS C 67 -37.60 -19.17 50.44
CA LYS C 67 -37.55 -17.92 49.68
C LYS C 67 -38.91 -17.61 49.02
N PHE C 68 -39.63 -18.65 48.61
CA PHE C 68 -41.01 -18.48 48.13
C PHE C 68 -41.97 -18.16 49.28
N TRP C 69 -41.70 -18.73 50.46
CA TRP C 69 -42.44 -18.41 51.68
C TRP C 69 -42.30 -16.93 52.03
N LEU C 70 -41.13 -16.37 51.70
CA LEU C 70 -40.85 -14.94 51.86
C LEU C 70 -41.81 -14.10 51.01
N GLU C 71 -41.92 -14.44 49.74
CA GLU C 71 -42.77 -13.71 48.79
C GLU C 71 -44.25 -13.79 49.14
N GLY C 72 -44.67 -14.92 49.70
CA GLY C 72 -46.05 -15.10 50.12
C GLY C 72 -46.29 -16.38 50.90
N ALA C 73 -47.08 -16.30 51.96
CA ALA C 73 -47.47 -17.48 52.73
C ALA C 73 -48.65 -18.18 52.05
N TRP C 74 -48.97 -19.38 52.54
CA TRP C 74 -50.03 -20.19 51.93
C TRP C 74 -50.67 -21.17 52.91
N GLU C 75 -51.83 -21.70 52.53
CA GLU C 75 -52.58 -22.66 53.35
C GLU C 75 -51.96 -24.05 53.30
N GLY C 76 -51.71 -24.63 54.47
CA GLY C 76 -51.21 -26.00 54.57
C GLY C 76 -49.83 -26.18 53.99
N LEU C 77 -49.63 -27.29 53.27
CA LEU C 77 -48.35 -27.60 52.64
C LEU C 77 -48.49 -27.71 51.12
N ARG C 78 -47.54 -27.13 50.40
CA ARG C 78 -47.51 -27.23 48.94
C ARG C 78 -46.54 -28.33 48.52
N THR C 79 -47.00 -29.26 47.69
CA THR C 79 -46.18 -30.38 47.24
C THR C 79 -45.43 -30.01 45.96
N ILE C 80 -44.16 -30.41 45.90
CA ILE C 80 -43.29 -30.15 44.76
C ILE C 80 -43.14 -31.42 43.94
N ASP C 81 -43.78 -31.46 42.76
CA ASP C 81 -43.68 -32.63 41.88
C ASP C 81 -42.43 -32.53 40.99
N ALA C 82 -42.15 -33.58 40.26
CA ALA C 82 -40.93 -33.67 39.43
C ALA C 82 -40.82 -32.55 38.38
N SER C 83 -41.96 -32.12 37.85
CA SER C 83 -42.00 -31.03 36.88
C SER C 83 -41.61 -29.67 37.50
N ASP C 84 -41.83 -29.50 38.80
CA ASP C 84 -41.49 -28.27 39.50
C ASP C 84 -39.99 -28.11 39.78
N ILE C 85 -39.25 -29.21 39.79
CA ILE C 85 -37.87 -29.22 40.29
C ILE C 85 -36.93 -28.18 39.64
N PRO C 86 -37.00 -28.01 38.30
CA PRO C 86 -36.19 -26.96 37.67
C PRO C 86 -36.46 -25.54 38.18
N THR C 87 -37.68 -25.27 38.62
CA THR C 87 -38.00 -23.98 39.27
C THR C 87 -37.20 -23.83 40.57
N TYR C 88 -37.09 -24.92 41.32
CA TYR C 88 -36.40 -24.92 42.61
C TYR C 88 -34.87 -25.10 42.52
N LEU C 89 -34.40 -25.82 41.50
CA LEU C 89 -32.97 -26.15 41.37
C LEU C 89 -32.27 -25.63 40.10
N GLY C 90 -32.99 -24.92 39.24
CA GLY C 90 -32.41 -24.43 37.98
C GLY C 90 -32.32 -25.51 36.92
N ILE C 91 -31.41 -25.32 35.96
CA ILE C 91 -31.26 -26.25 34.84
C ILE C 91 -30.72 -27.60 35.32
N PRO C 92 -31.24 -28.72 34.77
CA PRO C 92 -30.69 -30.05 35.03
C PRO C 92 -29.17 -30.12 34.83
N ARG C 93 -28.46 -30.44 35.90
CA ARG C 93 -26.99 -30.50 35.89
C ARG C 93 -26.48 -31.75 35.18
N TYR C 94 -27.28 -32.82 35.18
CA TYR C 94 -26.93 -34.08 34.51
C TYR C 94 -28.10 -34.60 33.68
N ARG C 95 -27.85 -35.66 32.91
CA ARG C 95 -28.77 -36.10 31.86
C ARG C 95 -28.36 -37.52 31.43
N PRO C 96 -28.57 -38.52 32.31
CA PRO C 96 -28.07 -39.89 32.07
C PRO C 96 -28.72 -40.62 30.89
N ASP C 97 -30.05 -40.61 30.84
CA ASP C 97 -30.81 -41.21 29.73
C ASP C 97 -30.37 -40.69 28.35
N LYS C 98 -29.87 -39.46 28.34
CA LYS C 98 -29.49 -38.74 27.14
C LYS C 98 -28.09 -38.15 27.35
N ALA C 99 -27.07 -39.01 27.28
CA ALA C 99 -25.74 -38.69 27.84
C ALA C 99 -24.91 -37.58 27.19
N GLU C 100 -25.24 -37.17 25.95
CA GLU C 100 -24.28 -36.41 25.13
C GLU C 100 -24.34 -34.87 25.15
N THR C 101 -25.46 -34.28 25.60
CA THR C 101 -25.61 -32.81 25.60
C THR C 101 -25.84 -32.22 27.00
N GLU C 102 -25.52 -32.98 28.05
CA GLU C 102 -25.55 -32.46 29.41
C GLU C 102 -24.49 -31.38 29.60
N PRO C 103 -24.74 -30.41 30.50
CA PRO C 103 -23.74 -29.41 30.86
C PRO C 103 -22.37 -30.02 31.19
N GLN C 104 -21.32 -29.32 30.80
CA GLN C 104 -19.94 -29.79 30.98
C GLN C 104 -18.99 -28.64 31.31
N VAL C 105 -17.97 -28.95 32.11
CA VAL C 105 -16.97 -27.96 32.50
C VAL C 105 -15.94 -27.81 31.38
N GLY C 106 -15.79 -26.59 30.87
CA GLY C 106 -14.74 -26.26 29.92
C GLY C 106 -15.02 -26.64 28.48
N THR C 107 -16.31 -26.74 28.12
CA THR C 107 -16.70 -26.95 26.73
C THR C 107 -17.84 -26.02 26.33
N ALA C 108 -17.99 -25.81 25.04
CA ALA C 108 -19.07 -24.98 24.50
C ALA C 108 -19.32 -25.35 23.05
N GLN C 109 -20.55 -25.14 22.58
CA GLN C 109 -20.92 -25.52 21.21
C GLN C 109 -20.87 -24.35 20.25
N GLY C 110 -19.80 -24.31 19.46
CA GLY C 110 -19.67 -23.35 18.37
C GLY C 110 -20.23 -23.93 17.08
N LEU C 111 -20.39 -23.08 16.07
CA LEU C 111 -20.88 -23.49 14.77
C LEU C 111 -19.92 -23.01 13.68
N ALA C 112 -19.83 -23.78 12.59
CA ALA C 112 -18.82 -23.55 11.57
C ALA C 112 -19.41 -23.54 10.16
N TRP C 113 -18.86 -22.69 9.31
CA TRP C 113 -19.11 -22.75 7.87
C TRP C 113 -18.02 -23.61 7.25
N THR C 114 -18.42 -24.74 6.66
CA THR C 114 -17.50 -25.62 5.94
C THR C 114 -17.94 -25.64 4.47
N PRO C 115 -16.97 -25.63 3.53
CA PRO C 115 -17.25 -25.59 2.09
C PRO C 115 -18.40 -26.49 1.61
N VAL C 116 -18.53 -27.68 2.21
CA VAL C 116 -19.60 -28.63 1.86
C VAL C 116 -20.79 -28.59 2.83
N GLY C 117 -21.07 -27.42 3.42
CA GLY C 117 -22.14 -27.27 4.40
C GLY C 117 -21.61 -27.19 5.82
N GLY C 118 -22.45 -26.74 6.74
CA GLY C 118 -22.04 -26.44 8.11
C GLY C 118 -21.57 -27.60 8.96
N THR C 119 -20.91 -27.28 10.07
CA THR C 119 -20.34 -28.27 10.99
C THR C 119 -20.65 -27.89 12.43
N LEU C 120 -20.40 -28.82 13.36
CA LEU C 120 -20.47 -28.54 14.79
C LEU C 120 -19.05 -28.35 15.33
N LEU C 121 -18.85 -27.29 16.10
CA LEU C 121 -17.53 -26.89 16.59
C LEU C 121 -17.48 -26.93 18.13
N THR C 122 -16.87 -27.98 18.67
CA THR C 122 -16.70 -28.11 20.12
C THR C 122 -15.36 -27.48 20.51
N ILE C 123 -15.42 -26.52 21.43
CA ILE C 123 -14.21 -25.92 21.99
C ILE C 123 -13.93 -26.58 23.33
N GLU C 124 -12.69 -26.99 23.54
CA GLU C 124 -12.28 -27.60 24.81
C GLU C 124 -11.24 -26.73 25.49
N VAL C 125 -11.41 -26.53 26.80
CA VAL C 125 -10.50 -25.71 27.59
C VAL C 125 -10.09 -26.47 28.85
N ALA C 126 -8.80 -26.39 29.19
CA ALA C 126 -8.25 -27.09 30.34
C ALA C 126 -7.45 -26.13 31.22
N ALA C 127 -8.01 -25.79 32.37
CA ALA C 127 -7.33 -24.95 33.36
C ALA C 127 -6.51 -25.83 34.30
N VAL C 128 -5.19 -25.80 34.14
CA VAL C 128 -4.28 -26.60 34.98
C VAL C 128 -3.34 -25.68 35.76
N PRO C 129 -2.82 -26.17 36.91
CA PRO C 129 -1.79 -25.42 37.64
C PRO C 129 -0.60 -25.08 36.75
N GLY C 130 -0.20 -23.81 36.75
CA GLY C 130 0.86 -23.34 35.85
C GLY C 130 1.37 -21.93 36.11
N SER C 131 2.02 -21.37 35.10
CA SER C 131 2.73 -20.09 35.21
C SER C 131 2.08 -18.94 34.43
N GLY C 132 0.98 -19.20 33.74
CA GLY C 132 0.29 -18.18 32.94
C GLY C 132 0.35 -18.38 31.43
N LYS C 133 0.93 -19.49 31.00
CA LYS C 133 1.06 -19.80 29.57
C LYS C 133 -0.29 -20.13 28.93
N LEU C 134 -0.41 -19.84 27.64
CA LEU C 134 -1.60 -20.16 26.86
C LEU C 134 -1.23 -21.11 25.71
N SER C 135 -2.03 -22.16 25.54
CA SER C 135 -1.86 -23.10 24.44
C SER C 135 -3.13 -23.09 23.59
N LEU C 136 -2.95 -22.95 22.28
CA LEU C 136 -4.08 -22.90 21.34
C LEU C 136 -3.84 -23.93 20.23
N THR C 137 -4.56 -25.05 20.30
CA THR C 137 -4.32 -26.18 19.41
C THR C 137 -5.56 -26.57 18.59
N GLY C 138 -5.36 -27.47 17.63
CA GLY C 138 -6.41 -27.90 16.70
C GLY C 138 -6.36 -27.21 15.35
N GLN C 139 -5.14 -26.89 14.90
CA GLN C 139 -4.92 -26.20 13.62
C GLN C 139 -5.76 -24.92 13.51
N LEU C 140 -5.40 -23.93 14.32
CA LEU C 140 -6.16 -22.68 14.40
C LEU C 140 -5.45 -21.54 13.67
N GLY C 141 -6.19 -20.86 12.80
CA GLY C 141 -5.67 -19.70 12.08
C GLY C 141 -5.46 -18.52 13.00
N GLU C 142 -4.59 -17.60 12.58
CA GLU C 142 -4.15 -16.50 13.44
C GLU C 142 -5.31 -15.67 14.00
N VAL C 143 -6.32 -15.42 13.18
CA VAL C 143 -7.51 -14.68 13.59
C VAL C 143 -8.26 -15.40 14.72
N MET C 144 -8.43 -16.71 14.57
CA MET C 144 -9.13 -17.51 15.57
C MET C 144 -8.37 -17.54 16.90
N LYS C 145 -7.04 -17.51 16.82
CA LYS C 145 -6.19 -17.47 18.01
C LYS C 145 -6.27 -16.10 18.69
N GLU C 146 -6.40 -15.05 17.88
CA GLU C 146 -6.57 -13.68 18.39
C GLU C 146 -7.89 -13.48 19.13
N SER C 147 -8.92 -14.25 18.74
CA SER C 147 -10.22 -14.18 19.43
C SER C 147 -10.15 -14.83 20.80
N ALA C 148 -9.44 -15.94 20.90
CA ALA C 148 -9.17 -16.60 22.19
C ALA C 148 -8.42 -15.66 23.13
N GLN C 149 -7.47 -14.91 22.58
CA GLN C 149 -6.72 -13.91 23.33
C GLN C 149 -7.61 -12.75 23.75
N ALA C 150 -8.45 -12.29 22.82
CA ALA C 150 -9.43 -11.23 23.10
C ALA C 150 -10.45 -11.67 24.15
N ALA C 151 -10.90 -12.92 24.05
CA ALA C 151 -11.84 -13.50 25.01
C ALA C 151 -11.20 -13.68 26.38
N LEU C 152 -9.95 -14.11 26.40
CA LEU C 152 -9.21 -14.29 27.64
C LEU C 152 -8.99 -12.97 28.37
N THR C 153 -8.62 -11.93 27.62
CA THR C 153 -8.37 -10.61 28.20
C THR C 153 -9.64 -10.01 28.79
N TYR C 154 -10.78 -10.22 28.13
CA TYR C 154 -12.06 -9.80 28.68
C TYR C 154 -12.26 -10.41 30.07
N LEU C 155 -12.07 -11.72 30.16
CA LEU C 155 -12.23 -12.45 31.42
C LEU C 155 -11.19 -12.06 32.46
N ARG C 156 -9.99 -11.70 32.01
CA ARG C 156 -8.94 -11.21 32.90
C ARG C 156 -9.30 -9.87 33.56
N ALA C 157 -10.10 -9.07 32.86
CA ALA C 157 -10.57 -7.77 33.37
C ALA C 157 -11.86 -7.87 34.17
N HIS C 158 -12.46 -9.05 34.24
CA HIS C 158 -13.72 -9.26 34.96
C HIS C 158 -13.67 -10.53 35.81
N THR C 159 -12.63 -10.63 36.64
CA THR C 159 -12.43 -11.81 37.49
C THR C 159 -13.48 -11.87 38.60
N GLN C 160 -13.92 -10.71 39.06
CA GLN C 160 -14.94 -10.60 40.09
C GLN C 160 -16.31 -10.99 39.53
N ASP C 161 -16.60 -10.50 38.33
CA ASP C 161 -17.95 -10.58 37.75
C ASP C 161 -18.44 -11.97 37.35
N TYR C 162 -17.53 -12.92 37.19
CA TYR C 162 -17.91 -14.28 36.76
C TYR C 162 -17.43 -15.38 37.70
N GLY C 163 -17.01 -15.01 38.91
CA GLY C 163 -16.51 -15.97 39.88
C GLY C 163 -15.19 -16.62 39.48
N LEU C 164 -14.30 -15.82 38.88
CA LEU C 164 -12.98 -16.31 38.48
C LEU C 164 -11.97 -16.00 39.58
N PRO C 165 -10.91 -16.82 39.69
CA PRO C 165 -9.83 -16.49 40.63
C PRO C 165 -9.13 -15.20 40.27
N GLU C 166 -8.63 -14.48 41.27
CA GLU C 166 -7.99 -13.18 41.05
C GLU C 166 -6.52 -13.29 40.63
N ASP C 167 -5.98 -14.52 40.62
CA ASP C 167 -4.58 -14.74 40.27
C ASP C 167 -4.39 -15.83 39.20
N PHE C 168 -5.43 -16.13 38.43
CA PHE C 168 -5.33 -17.17 37.40
C PHE C 168 -4.43 -16.75 36.24
N TYR C 169 -4.23 -15.44 36.07
CA TYR C 169 -3.36 -14.92 35.01
C TYR C 169 -1.91 -15.41 35.15
N ASN C 170 -1.46 -15.69 36.38
CA ASN C 170 -0.09 -16.20 36.61
C ASN C 170 0.04 -17.48 37.46
N LYS C 171 -1.08 -18.06 37.90
CA LYS C 171 -1.06 -19.35 38.60
C LYS C 171 -1.73 -20.47 37.81
N VAL C 172 -2.10 -20.21 36.56
CA VAL C 172 -2.83 -21.18 35.74
C VAL C 172 -2.35 -21.18 34.30
N ASP C 173 -2.08 -22.38 33.77
CA ASP C 173 -1.86 -22.57 32.34
C ASP C 173 -3.19 -22.95 31.68
N LEU C 174 -3.55 -22.24 30.62
CA LEU C 174 -4.75 -22.55 29.85
C LEU C 174 -4.39 -23.28 28.56
N HIS C 175 -5.28 -24.16 28.11
CA HIS C 175 -5.11 -24.88 26.86
C HIS C 175 -6.45 -24.91 26.14
N VAL C 176 -6.58 -24.09 25.11
CA VAL C 176 -7.75 -24.14 24.25
C VAL C 176 -7.47 -25.13 23.13
N HIS C 177 -8.38 -26.10 22.95
CA HIS C 177 -8.25 -27.10 21.90
C HIS C 177 -9.59 -27.28 21.19
N VAL C 178 -9.54 -27.40 19.87
CA VAL C 178 -10.73 -27.43 19.04
C VAL C 178 -10.66 -28.58 18.03
N PRO C 179 -11.26 -29.73 18.36
CA PRO C 179 -11.18 -30.89 17.46
C PRO C 179 -12.12 -30.77 16.25
N ASP C 180 -11.93 -31.59 15.20
CA ASP C 180 -10.90 -32.64 15.17
C ASP C 180 -9.52 -32.11 14.74
N GLY C 181 -8.49 -32.83 15.16
CA GLY C 181 -7.10 -32.36 15.10
C GLY C 181 -6.55 -31.92 13.76
N ALA C 182 -6.92 -32.62 12.70
CA ALA C 182 -6.34 -32.39 11.37
C ALA C 182 -6.98 -31.20 10.66
N THR C 183 -8.32 -31.18 10.63
CA THR C 183 -9.10 -30.12 9.99
C THR C 183 -8.70 -28.72 10.48
N PRO C 184 -8.13 -27.88 9.60
CA PRO C 184 -7.81 -26.51 10.02
C PRO C 184 -9.05 -25.65 10.19
N LYS C 185 -8.98 -24.70 11.12
CA LYS C 185 -10.12 -23.85 11.50
C LYS C 185 -9.65 -22.41 11.59
N ASP C 186 -10.53 -21.48 11.20
CA ASP C 186 -10.17 -20.07 11.20
C ASP C 186 -11.42 -19.19 11.32
N GLY C 187 -11.21 -17.90 11.51
CA GLY C 187 -12.29 -16.92 11.55
C GLY C 187 -12.57 -16.45 12.96
N PRO C 188 -13.28 -15.30 13.10
CA PRO C 188 -13.56 -14.73 14.40
C PRO C 188 -14.91 -15.12 14.98
N SER C 189 -15.65 -16.01 14.30
CA SER C 189 -17.03 -16.30 14.64
C SER C 189 -17.23 -17.25 15.84
N ALA C 190 -16.20 -17.41 16.67
CA ALA C 190 -16.29 -18.26 17.84
C ALA C 190 -15.81 -17.56 19.12
N GLY C 191 -15.78 -16.23 19.10
CA GLY C 191 -15.27 -15.45 20.23
C GLY C 191 -16.00 -15.72 21.53
N ILE C 192 -17.33 -15.71 21.46
CA ILE C 192 -18.17 -16.01 22.63
C ILE C 192 -18.13 -17.49 22.95
N THR C 193 -18.05 -18.32 21.90
CA THR C 193 -17.89 -19.74 22.07
C THR C 193 -16.66 -20.03 22.90
N MET C 194 -15.55 -19.38 22.53
CA MET C 194 -14.29 -19.51 23.24
C MET C 194 -14.45 -18.95 24.65
N ALA C 195 -14.89 -17.69 24.72
CA ALA C 195 -15.07 -16.99 25.99
C ALA C 195 -15.83 -17.82 27.00
N THR C 196 -16.89 -18.49 26.54
CA THR C 196 -17.73 -19.30 27.40
C THR C 196 -16.98 -20.48 27.96
N ALA C 197 -16.33 -21.23 27.07
CA ALA C 197 -15.54 -22.39 27.45
C ALA C 197 -14.36 -22.02 28.35
N ILE C 198 -13.74 -20.88 28.09
CA ILE C 198 -12.58 -20.43 28.88
C ILE C 198 -13.00 -20.09 30.32
N ALA C 199 -14.12 -19.39 30.47
CA ALA C 199 -14.64 -19.01 31.79
C ALA C 199 -15.09 -20.23 32.59
N SER C 200 -15.93 -21.06 31.97
CA SER C 200 -16.41 -22.31 32.57
C SER C 200 -15.29 -23.16 33.17
N ALA C 201 -14.16 -23.21 32.47
CA ALA C 201 -13.00 -23.99 32.90
C ALA C 201 -12.32 -23.38 34.12
N LEU C 202 -12.23 -22.05 34.16
CA LEU C 202 -11.61 -21.33 35.28
C LEU C 202 -12.52 -21.30 36.51
N SER C 203 -13.79 -20.97 36.29
CA SER C 203 -14.78 -20.90 37.38
C SER C 203 -15.24 -22.27 37.87
N ARG C 204 -15.01 -23.30 37.07
CA ARG C 204 -15.46 -24.68 37.36
C ARG C 204 -16.99 -24.81 37.26
N ARG C 205 -17.63 -23.86 36.58
CA ARG C 205 -19.08 -23.85 36.41
C ARG C 205 -19.42 -24.48 35.07
N PRO C 206 -20.25 -25.54 35.06
CA PRO C 206 -20.60 -26.20 33.78
C PRO C 206 -21.25 -25.27 32.77
N ALA C 207 -20.79 -25.35 31.53
CA ALA C 207 -21.41 -24.65 30.41
C ALA C 207 -22.38 -25.61 29.72
N ARG C 208 -23.58 -25.13 29.41
CA ARG C 208 -24.60 -25.95 28.77
C ARG C 208 -24.19 -26.36 27.36
N MET C 209 -24.52 -27.60 26.99
CA MET C 209 -24.20 -28.13 25.66
C MET C 209 -25.45 -28.38 24.81
N ASP C 210 -26.60 -27.93 25.30
CA ASP C 210 -27.84 -27.93 24.51
C ASP C 210 -28.08 -26.55 23.89
N ILE C 211 -27.09 -25.67 23.98
CA ILE C 211 -27.12 -24.36 23.34
C ILE C 211 -25.93 -24.25 22.39
N ALA C 212 -26.21 -23.96 21.12
CA ALA C 212 -25.18 -23.71 20.13
C ALA C 212 -25.06 -22.21 19.88
N MET C 213 -23.84 -21.67 19.95
CA MET C 213 -23.64 -20.23 19.82
C MET C 213 -22.60 -19.90 18.75
N THR C 214 -22.72 -18.70 18.20
CA THR C 214 -21.70 -18.17 17.28
C THR C 214 -21.73 -16.64 17.35
N GLY C 215 -20.56 -16.02 17.30
CA GLY C 215 -20.45 -14.57 17.38
C GLY C 215 -19.05 -14.08 17.70
N GLU C 216 -18.65 -13.01 17.02
CA GLU C 216 -17.35 -12.38 17.26
C GLU C 216 -17.42 -11.51 18.51
N VAL C 217 -16.44 -11.68 19.41
CA VAL C 217 -16.36 -10.89 20.63
C VAL C 217 -15.31 -9.79 20.46
N SER C 218 -15.64 -8.60 20.95
CA SER C 218 -14.67 -7.50 21.01
C SER C 218 -13.97 -7.54 22.36
N LEU C 219 -12.93 -6.74 22.52
CA LEU C 219 -12.14 -6.73 23.75
C LEU C 219 -12.94 -6.35 24.98
N ARG C 220 -13.73 -5.27 24.90
CA ARG C 220 -14.52 -4.80 26.05
C ARG C 220 -15.85 -5.55 26.20
N GLY C 221 -16.19 -6.41 25.23
CA GLY C 221 -17.27 -7.37 25.38
C GLY C 221 -18.50 -7.21 24.50
N LYS C 222 -18.42 -6.38 23.45
CA LYS C 222 -19.49 -6.31 22.46
C LYS C 222 -19.52 -7.61 21.67
N VAL C 223 -20.72 -8.13 21.42
CA VAL C 223 -20.91 -9.27 20.53
C VAL C 223 -21.23 -8.71 19.15
N MET C 224 -20.40 -9.05 18.17
CA MET C 224 -20.45 -8.43 16.84
C MET C 224 -20.91 -9.43 15.78
N PRO C 225 -21.45 -8.93 14.65
CA PRO C 225 -21.99 -9.79 13.60
C PRO C 225 -20.99 -10.77 12.98
N ILE C 226 -21.54 -11.77 12.28
CA ILE C 226 -20.76 -12.81 11.64
C ILE C 226 -21.52 -13.35 10.42
N GLY C 227 -20.91 -14.31 9.72
CA GLY C 227 -21.49 -14.88 8.51
C GLY C 227 -21.46 -16.39 8.50
N GLY C 228 -22.00 -16.97 7.43
CA GLY C 228 -22.28 -18.40 7.37
C GLY C 228 -23.67 -18.70 7.90
N VAL C 229 -24.11 -17.88 8.86
CA VAL C 229 -25.43 -17.90 9.49
C VAL C 229 -26.40 -19.02 9.11
N LYS C 230 -26.71 -19.18 7.82
CA LYS C 230 -27.69 -20.18 7.41
C LYS C 230 -27.11 -21.58 7.44
N GLU C 231 -25.92 -21.76 6.85
CA GLU C 231 -25.24 -23.06 6.90
C GLU C 231 -25.04 -23.49 8.34
N LYS C 232 -24.47 -22.59 9.13
CA LYS C 232 -24.27 -22.80 10.57
C LYS C 232 -25.52 -23.32 11.26
N LEU C 233 -26.65 -22.68 10.97
CA LEU C 233 -27.88 -22.92 11.72
C LEU C 233 -28.54 -24.25 11.38
N LEU C 234 -28.26 -24.77 10.19
CA LEU C 234 -28.70 -26.11 9.85
C LEU C 234 -27.86 -27.10 10.63
N ALA C 235 -26.55 -26.93 10.59
CA ALA C 235 -25.63 -27.79 11.35
C ALA C 235 -26.15 -28.05 12.75
N ALA C 236 -26.55 -26.98 13.45
CA ALA C 236 -27.17 -27.07 14.77
C ALA C 236 -28.43 -27.93 14.72
N HIS C 237 -29.31 -27.54 13.81
CA HIS C 237 -30.56 -28.26 13.55
C HIS C 237 -30.34 -29.74 13.23
N GLN C 238 -29.52 -29.98 12.21
CA GLN C 238 -29.21 -31.33 11.76
C GLN C 238 -28.41 -32.08 12.82
N ALA C 239 -27.81 -31.34 13.75
CA ALA C 239 -27.21 -31.92 14.95
C ALA C 239 -28.26 -32.27 16.01
N GLY C 240 -29.32 -31.45 16.09
CA GLY C 240 -30.39 -31.65 17.06
C GLY C 240 -30.45 -30.58 18.13
N ILE C 241 -29.62 -29.54 17.98
CA ILE C 241 -29.59 -28.42 18.93
C ILE C 241 -30.67 -27.42 18.53
N HIS C 242 -31.50 -27.01 19.49
CA HIS C 242 -32.63 -26.11 19.22
C HIS C 242 -32.49 -24.72 19.83
N LYS C 243 -31.66 -24.58 20.86
CA LYS C 243 -31.38 -23.27 21.47
C LYS C 243 -30.12 -22.67 20.87
N ILE C 244 -30.27 -21.51 20.23
CA ILE C 244 -29.18 -20.87 19.51
C ILE C 244 -28.94 -19.44 20.01
N VAL C 245 -27.71 -19.15 20.41
CA VAL C 245 -27.31 -17.78 20.74
C VAL C 245 -26.71 -17.13 19.49
N LEU C 246 -27.02 -15.86 19.28
CA LEU C 246 -26.67 -15.15 18.06
C LEU C 246 -26.57 -13.65 18.33
N PRO C 247 -25.70 -12.93 17.59
CA PRO C 247 -25.61 -11.48 17.83
C PRO C 247 -26.90 -10.72 17.51
N LYS C 248 -27.11 -9.61 18.22
CA LYS C 248 -28.29 -8.76 18.01
C LYS C 248 -28.30 -8.20 16.59
N ASP C 249 -27.13 -7.78 16.11
CA ASP C 249 -26.99 -7.20 14.78
C ASP C 249 -27.16 -8.23 13.65
N ASN C 250 -27.19 -9.52 14.01
CA ASN C 250 -27.49 -10.60 13.06
C ASN C 250 -28.98 -10.88 12.86
N GLU C 251 -29.85 -10.20 13.60
CA GLU C 251 -31.30 -10.43 13.53
C GLU C 251 -31.88 -10.33 12.11
N ALA C 252 -31.26 -9.49 11.28
CA ALA C 252 -31.73 -9.26 9.91
C ALA C 252 -31.52 -10.44 8.95
N GLN C 253 -30.79 -11.46 9.38
CA GLN C 253 -30.54 -12.65 8.54
C GLN C 253 -31.46 -13.83 8.89
N LEU C 254 -32.29 -13.68 9.92
CA LEU C 254 -33.16 -14.78 10.38
C LEU C 254 -34.19 -15.17 9.34
N GLU C 255 -34.98 -14.21 8.89
CA GLU C 255 -36.07 -14.48 7.91
C GLU C 255 -35.61 -15.01 6.52
N GLU C 256 -34.33 -15.32 6.36
CA GLU C 256 -33.84 -16.03 5.16
C GLU C 256 -34.32 -17.48 5.11
N LEU C 257 -33.78 -18.31 6.00
CA LEU C 257 -33.97 -19.76 5.95
C LEU C 257 -35.42 -20.20 6.21
N PRO C 258 -35.84 -21.35 5.63
CA PRO C 258 -37.22 -21.86 5.68
C PRO C 258 -37.95 -21.69 7.01
N LYS C 259 -39.27 -21.56 6.93
CA LYS C 259 -40.09 -21.08 8.04
C LYS C 259 -40.22 -22.07 9.20
N GLU C 260 -40.37 -23.36 8.89
CA GLU C 260 -40.46 -24.40 9.93
C GLU C 260 -39.13 -24.58 10.66
N VAL C 261 -38.02 -24.36 9.95
CA VAL C 261 -36.69 -24.45 10.53
C VAL C 261 -36.45 -23.33 11.55
N LEU C 262 -37.00 -22.15 11.26
CA LEU C 262 -36.83 -20.98 12.13
C LEU C 262 -37.73 -21.08 13.38
N GLU C 263 -38.98 -21.47 13.17
CA GLU C 263 -39.92 -21.70 14.27
C GLU C 263 -39.47 -22.85 15.17
N GLY C 264 -38.75 -23.82 14.60
CA GLY C 264 -38.22 -24.95 15.35
C GLY C 264 -37.11 -24.60 16.34
N LEU C 265 -36.45 -23.47 16.14
CA LEU C 265 -35.35 -23.04 17.01
C LEU C 265 -35.78 -21.98 18.03
N GLU C 266 -35.01 -21.87 19.10
CA GLU C 266 -35.21 -20.84 20.13
C GLU C 266 -34.00 -19.91 20.13
N ILE C 267 -34.14 -18.77 19.47
CA ILE C 267 -33.03 -17.88 19.17
C ILE C 267 -32.93 -16.73 20.18
N LYS C 268 -31.92 -16.77 21.04
CA LYS C 268 -31.61 -15.66 21.94
C LYS C 268 -30.66 -14.69 21.25
N LEU C 269 -31.08 -13.44 21.11
CA LEU C 269 -30.24 -12.40 20.53
C LEU C 269 -29.45 -11.70 21.63
N VAL C 270 -28.14 -11.58 21.42
CA VAL C 270 -27.23 -10.99 22.41
C VAL C 270 -26.41 -9.85 21.81
N GLU C 271 -26.08 -8.86 22.64
CA GLU C 271 -25.20 -7.76 22.25
C GLU C 271 -24.12 -7.50 23.30
N ASP C 272 -23.92 -8.48 24.18
CA ASP C 272 -22.92 -8.39 25.24
C ASP C 272 -22.56 -9.82 25.67
N VAL C 273 -21.26 -10.07 25.83
CA VAL C 273 -20.79 -11.41 26.21
C VAL C 273 -21.22 -11.80 27.63
N GLY C 274 -21.50 -10.80 28.47
CA GLY C 274 -22.07 -11.02 29.80
C GLY C 274 -23.43 -11.70 29.76
N GLU C 275 -24.22 -11.39 28.73
CA GLU C 275 -25.52 -12.05 28.51
C GLU C 275 -25.32 -13.52 28.19
N VAL C 276 -24.30 -13.80 27.38
CA VAL C 276 -23.99 -15.16 26.95
C VAL C 276 -23.55 -16.01 28.14
N LEU C 277 -22.58 -15.49 28.90
CA LEU C 277 -22.05 -16.20 30.08
C LEU C 277 -23.11 -16.46 31.15
N GLU C 278 -24.12 -15.59 31.21
CA GLU C 278 -25.25 -15.78 32.13
C GLU C 278 -26.14 -16.94 31.66
N TYR C 279 -26.53 -16.89 30.39
CA TYR C 279 -27.40 -17.90 29.78
C TYR C 279 -26.76 -19.29 29.71
N LEU C 280 -25.44 -19.32 29.49
CA LEU C 280 -24.73 -20.59 29.30
C LEU C 280 -24.28 -21.26 30.59
N LEU C 281 -23.63 -20.50 31.47
CA LEU C 281 -23.06 -21.07 32.70
C LEU C 281 -24.11 -21.29 33.78
N LEU C 282 -24.02 -22.45 34.44
CA LEU C 282 -24.82 -22.74 35.62
C LEU C 282 -24.15 -22.06 36.82
N PRO C 283 -24.95 -21.53 37.76
CA PRO C 283 -24.40 -20.70 38.84
C PRO C 283 -23.37 -21.37 39.75
N GLU C 284 -23.73 -22.50 40.37
CA GLU C 284 -22.84 -23.16 41.33
C GLU C 284 -21.77 -23.99 40.62
N PRO C 285 -20.50 -23.88 41.08
CA PRO C 285 -19.43 -24.69 40.49
C PRO C 285 -19.47 -26.14 40.97
N THR C 286 -19.19 -27.07 40.06
CA THR C 286 -19.26 -28.51 40.35
C THR C 286 -17.88 -29.15 40.60
N MET C 287 -16.83 -28.32 40.72
CA MET C 287 -15.47 -28.83 40.90
C MET C 287 -14.61 -27.86 41.73
N PRO C 288 -13.46 -28.33 42.23
CA PRO C 288 -12.49 -27.47 42.91
C PRO C 288 -11.52 -26.78 41.94
N PRO C 289 -10.99 -25.60 42.31
CA PRO C 289 -9.95 -24.96 41.50
C PRO C 289 -8.64 -25.76 41.47
N GLY D 3 25.56 -64.32 40.43
CA GLY D 3 24.38 -64.70 41.26
C GLY D 3 24.08 -66.18 41.27
N TYR D 4 22.89 -66.54 41.75
CA TYR D 4 22.48 -67.94 41.84
C TYR D 4 22.03 -68.48 40.50
N THR D 5 22.18 -69.79 40.32
CA THR D 5 21.62 -70.49 39.15
C THR D 5 20.13 -70.74 39.37
N ASN D 6 19.45 -71.23 38.33
CA ASN D 6 18.01 -71.53 38.42
C ASN D 6 17.72 -72.77 39.27
N MET D 7 18.60 -73.78 39.19
CA MET D 7 18.52 -74.94 40.09
C MET D 7 18.57 -74.51 41.55
N GLU D 8 19.50 -73.61 41.86
CA GLU D 8 19.63 -73.06 43.20
C GLU D 8 18.42 -72.22 43.60
N LYS D 9 18.00 -71.33 42.70
CA LYS D 9 16.85 -70.45 42.95
C LYS D 9 15.56 -71.20 43.28
N GLN D 10 15.32 -72.33 42.62
CA GLN D 10 14.15 -73.18 42.91
C GLN D 10 14.20 -73.68 44.35
N ALA D 11 15.39 -74.04 44.81
CA ALA D 11 15.60 -74.57 46.16
C ALA D 11 15.45 -73.49 47.25
N ILE D 12 15.90 -72.27 46.97
CA ILE D 12 15.78 -71.18 47.95
C ILE D 12 14.30 -70.90 48.20
N ALA D 13 13.56 -70.75 47.11
CA ALA D 13 12.12 -70.49 47.17
C ALA D 13 11.38 -71.61 47.88
N ARG D 14 11.61 -72.84 47.45
CA ARG D 14 10.95 -74.01 48.02
C ARG D 14 11.19 -74.14 49.52
N GLN D 15 12.46 -74.07 49.93
CA GLN D 15 12.84 -74.29 51.32
C GLN D 15 12.52 -73.12 52.25
N TYR D 16 12.76 -71.90 51.79
CA TYR D 16 12.82 -70.74 52.69
C TYR D 16 11.91 -69.56 52.34
N LEU D 17 12.00 -69.06 51.10
CA LEU D 17 11.29 -67.83 50.73
C LEU D 17 9.77 -67.99 50.72
N TRP D 18 9.27 -68.98 49.98
CA TRP D 18 7.84 -69.21 49.87
C TRP D 18 7.20 -69.47 51.25
N PRO D 19 7.67 -70.49 52.00
CA PRO D 19 7.11 -70.76 53.33
C PRO D 19 7.10 -69.54 54.27
N LYS D 20 8.20 -68.78 54.27
CA LYS D 20 8.29 -67.52 55.00
C LYS D 20 7.20 -66.55 54.53
N GLN D 21 7.07 -66.41 53.22
CA GLN D 21 6.09 -65.51 52.61
C GLN D 21 4.64 -65.92 52.85
N VAL D 22 4.38 -67.22 52.99
CA VAL D 22 3.02 -67.69 53.27
C VAL D 22 2.65 -67.41 54.73
N ARG D 23 3.63 -67.51 55.63
CA ARG D 23 3.42 -67.21 57.05
C ARG D 23 3.11 -65.74 57.29
N GLU D 24 3.88 -64.86 56.66
CA GLU D 24 3.70 -63.41 56.81
C GLU D 24 2.38 -62.93 56.20
N SER D 25 1.97 -63.55 55.10
CA SER D 25 0.69 -63.24 54.46
C SER D 25 -0.50 -63.78 55.26
N GLY D 26 -0.23 -64.73 56.16
CA GLY D 26 -1.26 -65.31 57.03
C GLY D 26 -1.97 -66.49 56.39
N MET D 27 -1.36 -67.08 55.37
CA MET D 27 -2.01 -68.12 54.56
C MET D 27 -1.39 -69.52 54.71
N GLU D 28 -0.38 -69.68 55.56
CA GLU D 28 0.34 -70.96 55.62
C GLU D 28 -0.60 -72.11 55.95
N GLY D 29 -0.56 -73.15 55.11
CA GLY D 29 -1.45 -74.30 55.22
C GLY D 29 -2.57 -74.30 54.19
N ARG D 30 -2.95 -73.12 53.73
CA ARG D 30 -4.08 -72.95 52.81
C ARG D 30 -3.69 -72.89 51.33
N ILE D 31 -2.39 -72.70 51.07
CA ILE D 31 -1.93 -72.38 49.72
C ILE D 31 -0.53 -72.94 49.47
N GLU D 32 -0.31 -73.44 48.25
CA GLU D 32 1.00 -73.96 47.83
C GLU D 32 1.28 -73.64 46.37
N VAL D 33 2.55 -73.78 45.99
CA VAL D 33 2.98 -73.62 44.61
C VAL D 33 3.77 -74.86 44.18
N THR D 34 3.58 -75.30 42.94
CA THR D 34 4.36 -76.40 42.38
C THR D 34 5.77 -75.93 42.03
N ASP D 35 6.66 -76.89 41.81
CA ASP D 35 8.03 -76.61 41.37
C ASP D 35 8.04 -75.96 39.99
N ALA D 36 7.12 -76.41 39.13
CA ALA D 36 6.93 -75.82 37.81
C ALA D 36 6.59 -74.33 37.89
N ALA D 37 5.73 -73.98 38.84
CA ALA D 37 5.26 -72.60 39.00
C ALA D 37 6.36 -71.67 39.52
N ILE D 38 7.15 -72.15 40.48
CA ILE D 38 8.27 -71.38 41.03
C ILE D 38 9.25 -70.96 39.93
N LEU D 39 9.48 -71.87 38.98
CA LEU D 39 10.35 -71.58 37.84
C LEU D 39 9.80 -70.41 37.03
N ARG D 40 8.49 -70.41 36.79
CA ARG D 40 7.85 -69.33 36.03
C ARG D 40 7.99 -67.95 36.68
N VAL D 41 8.05 -67.91 38.01
CA VAL D 41 8.27 -66.64 38.72
C VAL D 41 9.69 -66.15 38.47
N ILE D 42 10.66 -67.06 38.59
CA ILE D 42 12.06 -66.76 38.31
C ILE D 42 12.24 -66.32 36.86
N SER D 43 11.74 -67.16 35.95
CA SER D 43 11.93 -66.96 34.52
C SER D 43 11.20 -65.73 33.98
N GLU D 44 9.91 -65.63 34.27
CA GLU D 44 9.04 -64.63 33.63
C GLU D 44 8.70 -63.40 34.49
N TYR D 45 8.91 -63.47 35.80
CA TYR D 45 8.53 -62.35 36.69
C TYR D 45 9.71 -61.84 37.56
N THR D 46 10.93 -62.22 37.20
CA THR D 46 12.12 -61.81 37.94
C THR D 46 13.30 -61.68 36.97
N ARG D 47 14.08 -60.61 37.13
CA ARG D 47 15.25 -60.36 36.30
C ARG D 47 16.39 -59.84 37.16
N GLU D 48 17.21 -60.75 37.69
CA GLU D 48 18.29 -60.39 38.59
C GLU D 48 19.28 -61.54 38.81
N ALA D 49 20.35 -61.22 39.53
CA ALA D 49 21.34 -62.22 39.94
C ALA D 49 20.95 -62.87 41.27
N GLY D 50 20.57 -62.03 42.23
CA GLY D 50 20.13 -62.50 43.56
C GLY D 50 18.70 -63.01 43.56
N VAL D 51 18.01 -62.85 44.69
CA VAL D 51 16.63 -63.33 44.84
C VAL D 51 15.74 -62.39 45.67
N ARG D 52 16.00 -61.09 45.59
CA ARG D 52 15.20 -60.10 46.31
C ARG D 52 13.86 -59.86 45.61
N GLY D 53 13.92 -59.72 44.28
CA GLY D 53 12.72 -59.66 43.46
C GLY D 53 11.88 -60.93 43.56
N LEU D 54 12.55 -62.08 43.51
CA LEU D 54 11.89 -63.38 43.62
C LEU D 54 11.08 -63.51 44.91
N GLU D 55 11.67 -63.05 46.02
CA GLU D 55 10.99 -63.07 47.32
C GLU D 55 9.74 -62.19 47.32
N ARG D 56 9.84 -61.02 46.69
CA ARG D 56 8.73 -60.06 46.63
C ARG D 56 7.56 -60.54 45.77
N GLU D 57 7.84 -61.36 44.75
CA GLU D 57 6.79 -61.93 43.90
C GLU D 57 6.02 -63.01 44.64
N LEU D 58 6.74 -63.86 45.39
CA LEU D 58 6.10 -64.87 46.22
C LEU D 58 5.26 -64.23 47.34
N GLY D 59 5.65 -63.02 47.74
CA GLY D 59 4.81 -62.19 48.62
C GLY D 59 3.54 -61.74 47.92
N LYS D 60 3.67 -61.28 46.68
CA LYS D 60 2.52 -60.94 45.83
C LYS D 60 1.57 -62.12 45.67
N ILE D 61 2.12 -63.30 45.39
CA ILE D 61 1.33 -64.52 45.25
C ILE D 61 0.52 -64.79 46.51
N ALA D 62 1.19 -64.75 47.66
CA ALA D 62 0.56 -65.03 48.95
C ALA D 62 -0.45 -63.95 49.36
N ARG D 63 -0.15 -62.68 49.08
CA ARG D 63 -1.09 -61.58 49.34
C ARG D 63 -2.32 -61.68 48.44
N LYS D 64 -2.11 -62.07 47.18
CA LYS D 64 -3.20 -62.29 46.25
C LYS D 64 -4.01 -63.53 46.64
N GLY D 65 -3.32 -64.54 47.18
CA GLY D 65 -3.98 -65.70 47.77
C GLY D 65 -4.82 -65.31 48.97
N ALA D 66 -4.30 -64.37 49.77
CA ALA D 66 -5.02 -63.81 50.91
C ALA D 66 -6.21 -62.95 50.48
N LYS D 67 -6.10 -62.32 49.30
CA LYS D 67 -7.21 -61.56 48.73
C LYS D 67 -8.33 -62.50 48.26
N PHE D 68 -7.96 -63.59 47.59
CA PHE D 68 -8.92 -64.60 47.17
C PHE D 68 -9.57 -65.31 48.36
N TRP D 69 -8.83 -65.43 49.45
CA TRP D 69 -9.36 -65.97 50.70
C TRP D 69 -10.51 -65.11 51.24
N LEU D 70 -10.37 -63.80 51.15
CA LEU D 70 -11.41 -62.87 51.59
C LEU D 70 -12.66 -62.95 50.71
N GLU D 71 -12.46 -63.07 49.40
CA GLU D 71 -13.57 -63.21 48.45
C GLU D 71 -14.41 -64.43 48.78
N GLY D 72 -13.74 -65.58 48.88
CA GLY D 72 -14.38 -66.84 49.25
C GLY D 72 -13.38 -67.79 49.87
N ALA D 73 -13.65 -68.24 51.09
CA ALA D 73 -12.72 -69.10 51.82
C ALA D 73 -12.82 -70.56 51.39
N TRP D 74 -11.89 -71.38 51.87
CA TRP D 74 -11.87 -72.81 51.57
C TRP D 74 -11.08 -73.60 52.61
N GLU D 75 -11.52 -74.82 52.89
CA GLU D 75 -10.77 -75.74 53.75
C GLU D 75 -9.85 -76.57 52.87
N GLY D 76 -8.72 -77.01 53.41
CA GLY D 76 -7.75 -77.78 52.64
C GLY D 76 -6.77 -76.90 51.89
N LEU D 77 -6.04 -77.48 50.95
CA LEU D 77 -4.91 -76.82 50.29
C LEU D 77 -5.20 -76.44 48.85
N ARG D 78 -5.00 -75.17 48.51
CA ARG D 78 -5.03 -74.69 47.12
C ARG D 78 -3.64 -74.82 46.50
N THR D 79 -3.55 -75.54 45.39
CA THR D 79 -2.30 -75.71 44.66
C THR D 79 -2.27 -74.80 43.44
N ILE D 80 -1.36 -73.82 43.46
CA ILE D 80 -1.17 -72.91 42.35
C ILE D 80 -0.18 -73.55 41.37
N ASP D 81 -0.67 -73.93 40.20
CA ASP D 81 0.18 -74.52 39.16
C ASP D 81 0.75 -73.43 38.26
N ALA D 82 1.67 -73.80 37.38
CA ALA D 82 2.34 -72.86 36.47
C ALA D 82 1.35 -72.03 35.65
N SER D 83 0.29 -72.67 35.19
CA SER D 83 -0.76 -72.00 34.41
C SER D 83 -1.54 -70.96 35.22
N ASP D 84 -1.54 -71.10 36.54
CA ASP D 84 -2.28 -70.21 37.43
C ASP D 84 -1.52 -68.95 37.83
N ILE D 85 -0.20 -68.92 37.65
CA ILE D 85 0.64 -67.79 38.07
C ILE D 85 0.17 -66.43 37.52
N PRO D 86 -0.18 -66.35 36.21
CA PRO D 86 -0.76 -65.12 35.67
C PRO D 86 -1.96 -64.57 36.46
N THR D 87 -2.77 -65.46 37.03
CA THR D 87 -3.90 -65.05 37.89
C THR D 87 -3.42 -64.24 39.10
N TYR D 88 -2.27 -64.62 39.66
CA TYR D 88 -1.78 -64.01 40.89
C TYR D 88 -0.84 -62.83 40.65
N LEU D 89 0.28 -63.07 39.97
CA LEU D 89 1.26 -62.03 39.71
C LEU D 89 0.76 -61.04 38.66
N GLY D 90 0.33 -61.57 37.51
CA GLY D 90 -0.26 -60.74 36.46
C GLY D 90 0.34 -61.03 35.10
N ILE D 91 0.61 -59.97 34.35
CA ILE D 91 1.14 -60.10 33.00
C ILE D 91 2.60 -60.51 33.09
N PRO D 92 3.02 -61.53 32.32
CA PRO D 92 4.44 -61.85 32.27
C PRO D 92 5.28 -60.62 31.94
N ARG D 93 6.19 -60.27 32.86
CA ARG D 93 6.94 -59.01 32.76
C ARG D 93 8.27 -59.17 32.01
N TYR D 94 8.72 -60.41 31.83
CA TYR D 94 10.00 -60.69 31.17
C TYR D 94 9.91 -61.87 30.20
N ARG D 95 11.07 -62.27 29.66
CA ARG D 95 11.28 -63.56 28.97
C ARG D 95 11.34 -63.43 27.44
N PRO D 96 12.34 -64.09 26.80
CA PRO D 96 12.38 -64.24 25.34
C PRO D 96 11.28 -65.18 24.86
N ASP D 97 11.12 -65.42 23.55
CA ASP D 97 12.03 -64.97 22.49
C ASP D 97 11.57 -63.72 21.75
N LYS D 98 10.52 -63.07 22.25
CA LYS D 98 10.06 -61.81 21.68
C LYS D 98 10.85 -60.66 22.31
N ALA D 99 10.89 -60.64 23.64
CA ALA D 99 11.67 -59.65 24.42
C ALA D 99 11.25 -58.20 24.18
N GLU D 100 11.24 -57.77 22.92
CA GLU D 100 10.73 -56.46 22.54
C GLU D 100 9.25 -56.27 22.92
N THR D 101 8.50 -57.37 22.98
CA THR D 101 7.08 -57.34 23.35
C THR D 101 6.84 -57.24 24.87
N GLU D 102 7.91 -57.24 25.67
CA GLU D 102 7.80 -57.05 27.12
C GLU D 102 7.24 -55.67 27.45
N PRO D 103 6.67 -55.50 28.67
CA PRO D 103 6.26 -54.16 29.07
C PRO D 103 7.46 -53.29 29.41
N GLN D 104 7.37 -52.00 29.07
CA GLN D 104 8.47 -51.07 29.27
C GLN D 104 7.96 -49.73 29.80
N VAL D 105 8.81 -49.04 30.54
CA VAL D 105 8.48 -47.71 31.05
C VAL D 105 8.60 -46.69 29.92
N GLY D 106 7.57 -45.86 29.78
CA GLY D 106 7.60 -44.72 28.87
C GLY D 106 7.50 -45.04 27.38
N THR D 107 7.01 -46.24 27.04
CA THR D 107 6.84 -46.62 25.65
C THR D 107 5.46 -47.19 25.38
N ALA D 108 4.98 -47.03 24.15
CA ALA D 108 3.70 -47.56 23.72
C ALA D 108 3.78 -47.96 22.25
N GLN D 109 3.03 -48.98 21.87
CA GLN D 109 3.01 -49.45 20.49
C GLN D 109 1.87 -48.80 19.71
N GLY D 110 2.24 -48.02 18.69
CA GLY D 110 1.28 -47.34 17.83
C GLY D 110 1.23 -47.96 16.45
N LEU D 111 0.27 -47.49 15.65
CA LEU D 111 0.09 -47.97 14.28
C LEU D 111 -0.03 -46.79 13.33
N ALA D 112 0.62 -46.90 12.17
CA ALA D 112 0.67 -45.81 11.19
C ALA D 112 0.13 -46.25 9.84
N TRP D 113 -0.54 -45.32 9.15
CA TRP D 113 -0.93 -45.51 7.76
C TRP D 113 0.08 -44.81 6.85
N THR D 114 0.46 -45.48 5.76
CA THR D 114 1.22 -44.87 4.68
C THR D 114 0.71 -45.44 3.36
N PRO D 115 1.02 -44.77 2.23
CA PRO D 115 0.90 -45.50 0.98
C PRO D 115 2.05 -46.49 0.89
N VAL D 116 1.80 -47.65 0.29
CA VAL D 116 2.67 -48.86 0.33
C VAL D 116 2.36 -49.79 1.52
N GLY D 117 1.46 -49.38 2.41
CA GLY D 117 1.02 -50.22 3.53
C GLY D 117 1.14 -49.57 4.89
N GLY D 118 0.69 -50.29 5.93
CA GLY D 118 0.78 -49.83 7.31
C GLY D 118 2.05 -50.29 8.00
N THR D 119 2.31 -49.74 9.19
CA THR D 119 3.52 -50.06 9.96
C THR D 119 3.32 -49.86 11.46
N LEU D 120 4.18 -50.53 12.23
CA LEU D 120 4.28 -50.28 13.67
C LEU D 120 4.94 -48.93 13.90
N LEU D 121 4.52 -48.25 14.96
CA LEU D 121 4.92 -46.87 15.21
C LEU D 121 5.17 -46.69 16.70
N THR D 122 6.40 -46.98 17.13
CA THR D 122 6.75 -46.94 18.54
C THR D 122 6.92 -45.50 19.04
N ILE D 123 6.28 -45.20 20.17
CA ILE D 123 6.37 -43.89 20.80
C ILE D 123 7.22 -44.04 22.06
N GLU D 124 8.29 -43.26 22.17
CA GLU D 124 9.16 -43.26 23.34
C GLU D 124 9.00 -41.96 24.12
N VAL D 125 8.89 -42.07 25.44
CA VAL D 125 8.80 -40.90 26.31
C VAL D 125 9.80 -41.04 27.45
N ALA D 126 10.64 -40.03 27.62
CA ALA D 126 11.56 -39.95 28.74
C ALA D 126 11.15 -38.79 29.63
N ALA D 127 10.92 -39.09 30.91
CA ALA D 127 10.65 -38.06 31.91
C ALA D 127 11.88 -37.91 32.80
N VAL D 128 12.51 -36.73 32.75
CA VAL D 128 13.75 -36.47 33.48
C VAL D 128 13.60 -35.21 34.33
N PRO D 129 14.45 -35.05 35.37
CA PRO D 129 14.33 -33.85 36.20
C PRO D 129 14.62 -32.57 35.42
N GLY D 130 13.79 -31.55 35.60
CA GLY D 130 13.97 -30.30 34.88
C GLY D 130 12.99 -29.19 35.24
N SER D 131 12.76 -28.30 34.27
CA SER D 131 12.07 -27.03 34.50
C SER D 131 10.58 -27.06 34.14
N GLY D 132 10.17 -28.07 33.38
CA GLY D 132 8.82 -28.11 32.80
C GLY D 132 8.81 -28.00 31.29
N LYS D 133 9.94 -28.31 30.66
CA LYS D 133 10.06 -28.23 29.20
C LYS D 133 9.51 -29.48 28.53
N LEU D 134 9.12 -29.34 27.27
CA LEU D 134 8.66 -30.46 26.46
C LEU D 134 9.42 -30.47 25.13
N SER D 135 9.87 -31.64 24.72
CA SER D 135 10.57 -31.81 23.45
C SER D 135 9.87 -32.88 22.61
N LEU D 136 9.59 -32.56 21.37
CA LEU D 136 8.87 -33.45 20.45
C LEU D 136 9.71 -33.71 19.21
N THR D 137 10.31 -34.90 19.14
CA THR D 137 11.26 -35.22 18.08
C THR D 137 10.82 -36.44 17.26
N GLY D 138 11.53 -36.67 16.15
CA GLY D 138 11.22 -37.74 15.21
C GLY D 138 10.58 -37.26 13.91
N GLN D 139 10.91 -36.03 13.50
CA GLN D 139 10.31 -35.38 12.33
C GLN D 139 8.78 -35.40 12.38
N LEU D 140 8.24 -34.85 13.47
CA LEU D 140 6.80 -34.80 13.67
C LEU D 140 6.22 -33.55 13.01
N GLY D 141 5.05 -33.70 12.39
CA GLY D 141 4.31 -32.56 11.87
C GLY D 141 3.58 -31.84 13.00
N GLU D 142 3.05 -30.67 12.71
CA GLU D 142 2.41 -29.83 13.73
C GLU D 142 1.16 -30.46 14.36
N VAL D 143 0.41 -31.24 13.57
CA VAL D 143 -0.81 -31.87 14.06
C VAL D 143 -0.46 -32.98 15.07
N MET D 144 0.63 -33.69 14.80
CA MET D 144 1.09 -34.76 15.68
C MET D 144 1.66 -34.18 16.99
N LYS D 145 2.40 -33.08 16.87
CA LYS D 145 2.92 -32.37 18.04
C LYS D 145 1.79 -31.87 18.93
N GLU D 146 0.70 -31.39 18.31
CA GLU D 146 -0.47 -30.92 19.04
C GLU D 146 -1.25 -32.05 19.73
N SER D 147 -1.12 -33.27 19.22
CA SER D 147 -1.72 -34.44 19.87
C SER D 147 -1.00 -34.75 21.18
N ALA D 148 0.32 -34.64 21.16
CA ALA D 148 1.15 -34.81 22.36
C ALA D 148 0.89 -33.71 23.38
N GLN D 149 0.69 -32.49 22.89
CA GLN D 149 0.32 -31.35 23.73
C GLN D 149 -1.03 -31.59 24.43
N ALA D 150 -1.99 -32.08 23.66
CA ALA D 150 -3.33 -32.37 24.17
C ALA D 150 -3.30 -33.51 25.18
N ALA D 151 -2.59 -34.58 24.82
CA ALA D 151 -2.42 -35.74 25.70
C ALA D 151 -1.79 -35.36 27.03
N LEU D 152 -0.79 -34.48 26.99
CA LEU D 152 -0.12 -34.00 28.19
C LEU D 152 -1.06 -33.19 29.06
N THR D 153 -1.83 -32.31 28.44
CA THR D 153 -2.79 -31.46 29.15
C THR D 153 -3.87 -32.27 29.88
N TYR D 154 -4.31 -33.38 29.27
CA TYR D 154 -5.24 -34.28 29.92
C TYR D 154 -4.64 -34.84 31.21
N LEU D 155 -3.41 -35.34 31.11
CA LEU D 155 -2.71 -35.95 32.25
C LEU D 155 -2.38 -34.94 33.35
N ARG D 156 -2.18 -33.68 32.98
CA ARG D 156 -1.91 -32.61 33.96
C ARG D 156 -3.14 -32.32 34.81
N ALA D 157 -4.31 -32.38 34.20
CA ALA D 157 -5.57 -32.17 34.92
C ALA D 157 -5.91 -33.33 35.85
N HIS D 158 -5.67 -34.56 35.38
CA HIS D 158 -5.99 -35.77 36.13
C HIS D 158 -4.75 -36.35 36.78
N THR D 159 -4.10 -35.57 37.64
CA THR D 159 -2.87 -35.99 38.31
C THR D 159 -3.10 -37.13 39.31
N GLN D 160 -4.16 -37.01 40.12
CA GLN D 160 -4.43 -37.98 41.17
C GLN D 160 -4.99 -39.29 40.62
N ASP D 161 -5.72 -39.23 39.52
CA ASP D 161 -6.40 -40.39 38.96
C ASP D 161 -5.46 -41.47 38.41
N TYR D 162 -4.23 -41.10 38.06
CA TYR D 162 -3.25 -42.06 37.56
C TYR D 162 -1.98 -42.16 38.42
N GLY D 163 -2.01 -41.55 39.61
CA GLY D 163 -0.90 -41.61 40.54
C GLY D 163 0.34 -40.92 40.02
N LEU D 164 0.16 -39.68 39.56
CA LEU D 164 1.25 -38.91 38.96
C LEU D 164 1.68 -37.84 39.97
N PRO D 165 2.98 -37.48 39.98
CA PRO D 165 3.41 -36.43 40.91
C PRO D 165 2.70 -35.11 40.61
N GLU D 166 2.09 -34.51 41.63
CA GLU D 166 1.24 -33.33 41.42
C GLU D 166 1.99 -32.04 41.05
N ASP D 167 3.33 -32.08 41.10
CA ASP D 167 4.15 -30.91 40.75
C ASP D 167 5.02 -31.16 39.52
N PHE D 168 4.67 -32.15 38.71
CA PHE D 168 5.50 -32.56 37.56
C PHE D 168 5.55 -31.53 36.43
N TYR D 169 4.54 -30.66 36.37
CA TYR D 169 4.46 -29.62 35.34
C TYR D 169 5.65 -28.64 35.35
N ASN D 170 6.25 -28.41 36.51
CA ASN D 170 7.43 -27.54 36.61
C ASN D 170 8.62 -28.14 37.38
N LYS D 171 8.61 -29.46 37.60
CA LYS D 171 9.74 -30.19 38.18
C LYS D 171 10.26 -31.33 37.28
N VAL D 172 9.73 -31.44 36.06
CA VAL D 172 10.09 -32.52 35.14
C VAL D 172 10.14 -32.02 33.71
N ASP D 173 11.17 -32.45 32.98
CA ASP D 173 11.24 -32.25 31.53
C ASP D 173 10.81 -33.53 30.81
N LEU D 174 9.87 -33.40 29.88
CA LEU D 174 9.43 -34.53 29.06
C LEU D 174 10.06 -34.48 27.67
N HIS D 175 10.25 -35.65 27.09
CA HIS D 175 10.77 -35.77 25.73
C HIS D 175 10.05 -36.91 25.01
N VAL D 176 9.19 -36.55 24.06
CA VAL D 176 8.52 -37.54 23.21
C VAL D 176 9.32 -37.73 21.93
N HIS D 177 9.83 -38.95 21.73
CA HIS D 177 10.59 -39.29 20.53
C HIS D 177 9.94 -40.46 19.80
N VAL D 178 9.90 -40.36 18.48
CA VAL D 178 9.21 -41.34 17.63
C VAL D 178 10.13 -41.82 16.51
N PRO D 179 10.89 -42.91 16.76
CA PRO D 179 11.71 -43.49 15.69
C PRO D 179 10.85 -44.07 14.55
N ASP D 180 11.41 -44.23 13.35
CA ASP D 180 12.81 -43.90 13.05
C ASP D 180 12.98 -42.41 12.72
N GLY D 181 14.15 -41.87 13.04
CA GLY D 181 14.39 -40.43 13.07
C GLY D 181 14.26 -39.65 11.77
N ALA D 182 14.60 -40.29 10.64
CA ALA D 182 14.59 -39.62 9.33
C ALA D 182 13.17 -39.46 8.77
N THR D 183 12.32 -40.46 8.98
CA THR D 183 10.99 -40.52 8.36
C THR D 183 10.04 -39.45 8.93
N PRO D 184 9.41 -38.65 8.05
CA PRO D 184 8.35 -37.72 8.46
C PRO D 184 7.09 -38.41 8.99
N LYS D 185 6.48 -37.83 10.02
CA LYS D 185 5.29 -38.39 10.66
C LYS D 185 4.31 -37.27 10.99
N ASP D 186 3.01 -37.56 10.90
CA ASP D 186 1.98 -36.56 11.12
C ASP D 186 0.60 -37.19 11.36
N GLY D 187 -0.33 -36.38 11.88
CA GLY D 187 -1.72 -36.79 12.09
C GLY D 187 -2.07 -36.88 13.58
N PRO D 188 -3.38 -36.93 13.89
CA PRO D 188 -3.83 -37.01 15.27
C PRO D 188 -3.99 -38.44 15.80
N SER D 189 -3.72 -39.43 14.94
CA SER D 189 -4.06 -40.82 15.23
C SER D 189 -3.28 -41.49 16.37
N ALA D 190 -2.12 -40.92 16.73
CA ALA D 190 -1.30 -41.49 17.81
C ALA D 190 -1.54 -40.80 19.17
N GLY D 191 -2.65 -40.08 19.29
CA GLY D 191 -2.96 -39.33 20.51
C GLY D 191 -2.99 -40.14 21.78
N ILE D 192 -3.62 -41.32 21.72
CA ILE D 192 -3.73 -42.19 22.89
C ILE D 192 -2.44 -42.95 23.11
N THR D 193 -1.79 -43.33 22.01
CA THR D 193 -0.51 -44.01 22.05
C THR D 193 0.50 -43.18 22.83
N MET D 194 0.29 -41.87 22.85
CA MET D 194 1.15 -40.97 23.60
C MET D 194 0.75 -40.91 25.06
N ALA D 195 -0.52 -40.62 25.31
CA ALA D 195 -1.04 -40.60 26.68
C ALA D 195 -0.56 -41.83 27.44
N THR D 196 -0.52 -42.96 26.74
CA THR D 196 -0.07 -44.21 27.31
C THR D 196 1.41 -44.18 27.67
N ALA D 197 2.23 -43.75 26.71
CA ALA D 197 3.68 -43.71 26.91
C ALA D 197 4.09 -42.61 27.88
N ILE D 198 3.37 -41.50 27.86
CA ILE D 198 3.69 -40.37 28.72
C ILE D 198 3.29 -40.68 30.15
N ALA D 199 2.06 -41.14 30.32
CA ALA D 199 1.57 -41.57 31.63
C ALA D 199 2.48 -42.65 32.22
N SER D 200 2.94 -43.57 31.37
CA SER D 200 3.86 -44.62 31.77
C SER D 200 5.21 -44.05 32.24
N ALA D 201 5.77 -43.15 31.45
CA ALA D 201 7.05 -42.50 31.79
C ALA D 201 6.95 -41.72 33.10
N LEU D 202 5.89 -40.93 33.24
CA LEU D 202 5.69 -40.11 34.44
C LEU D 202 5.34 -40.94 35.68
N SER D 203 4.49 -41.95 35.50
CA SER D 203 4.02 -42.77 36.62
C SER D 203 5.00 -43.86 37.05
N ARG D 204 6.06 -44.06 36.28
CA ARG D 204 7.06 -45.11 36.56
C ARG D 204 6.51 -46.53 36.40
N ARG D 205 5.34 -46.63 35.74
CA ARG D 205 4.65 -47.91 35.55
C ARG D 205 4.81 -48.37 34.10
N PRO D 206 5.31 -49.61 33.90
CA PRO D 206 5.44 -50.12 32.54
C PRO D 206 4.12 -50.20 31.78
N ALA D 207 4.13 -49.78 30.52
CA ALA D 207 3.01 -49.97 29.61
C ALA D 207 3.28 -51.20 28.76
N ARG D 208 2.22 -51.92 28.42
CA ARG D 208 2.35 -53.18 27.68
C ARG D 208 2.62 -52.95 26.20
N MET D 209 3.54 -53.72 25.65
CA MET D 209 3.93 -53.61 24.24
C MET D 209 3.42 -54.79 23.40
N ASP D 210 2.56 -55.62 23.98
CA ASP D 210 1.83 -56.64 23.23
C ASP D 210 0.45 -56.14 22.78
N ILE D 211 0.15 -54.89 23.13
CA ILE D 211 -1.08 -54.22 22.70
C ILE D 211 -0.72 -53.06 21.77
N ALA D 212 -1.24 -53.09 20.55
CA ALA D 212 -1.08 -51.98 19.60
C ALA D 212 -2.32 -51.11 19.61
N MET D 213 -2.13 -49.79 19.63
CA MET D 213 -3.25 -48.87 19.78
C MET D 213 -3.21 -47.73 18.77
N THR D 214 -4.38 -47.17 18.49
CA THR D 214 -4.52 -46.01 17.62
C THR D 214 -5.81 -45.28 17.94
N GLY D 215 -5.76 -43.95 17.91
CA GLY D 215 -6.92 -43.13 18.22
C GLY D 215 -6.55 -41.70 18.54
N GLU D 216 -7.36 -40.76 18.07
CA GLU D 216 -7.19 -39.36 18.41
C GLU D 216 -7.74 -39.10 19.80
N VAL D 217 -7.04 -38.26 20.56
CA VAL D 217 -7.46 -37.94 21.92
C VAL D 217 -7.91 -36.47 21.98
N SER D 218 -9.13 -36.26 22.49
CA SER D 218 -9.63 -34.91 22.74
C SER D 218 -9.01 -34.39 24.04
N LEU D 219 -9.08 -33.09 24.25
CA LEU D 219 -8.46 -32.47 25.42
C LEU D 219 -9.02 -32.99 26.74
N ARG D 220 -10.33 -33.22 26.79
CA ARG D 220 -10.99 -33.65 28.05
C ARG D 220 -11.02 -35.17 28.27
N GLY D 221 -10.61 -35.94 27.27
CA GLY D 221 -10.45 -37.40 27.43
C GLY D 221 -11.06 -38.30 26.37
N LYS D 222 -11.90 -37.75 25.49
CA LYS D 222 -12.64 -38.57 24.51
C LYS D 222 -11.74 -39.12 23.41
N VAL D 223 -11.82 -40.42 23.19
CA VAL D 223 -11.13 -41.08 22.07
C VAL D 223 -12.01 -40.95 20.83
N MET D 224 -11.41 -40.55 19.72
CA MET D 224 -12.15 -40.22 18.50
C MET D 224 -11.69 -41.08 17.32
N PRO D 225 -12.55 -41.23 16.29
CA PRO D 225 -12.23 -42.07 15.14
C PRO D 225 -10.96 -41.68 14.38
N ILE D 226 -10.33 -42.68 13.77
CA ILE D 226 -9.13 -42.49 12.94
C ILE D 226 -9.30 -43.21 11.60
N GLY D 227 -8.35 -43.02 10.69
CA GLY D 227 -8.39 -43.63 9.37
C GLY D 227 -7.33 -44.71 9.17
N GLY D 228 -7.43 -45.42 8.07
CA GLY D 228 -6.48 -46.48 7.73
C GLY D 228 -6.55 -47.67 8.68
N VAL D 229 -7.77 -48.02 9.08
CA VAL D 229 -7.99 -49.06 10.08
C VAL D 229 -7.61 -50.44 9.54
N LYS D 230 -7.92 -50.69 8.26
CA LYS D 230 -7.56 -51.95 7.62
C LYS D 230 -6.04 -52.15 7.60
N GLU D 231 -5.33 -51.13 7.15
CA GLU D 231 -3.87 -51.23 6.96
C GLU D 231 -3.13 -51.34 8.28
N LYS D 232 -3.57 -50.61 9.30
CA LYS D 232 -2.96 -50.62 10.62
C LYS D 232 -3.13 -51.99 11.30
N LEU D 233 -4.35 -52.50 11.29
CA LEU D 233 -4.64 -53.81 11.87
C LEU D 233 -3.98 -54.95 11.08
N LEU D 234 -3.75 -54.73 9.78
CA LEU D 234 -2.92 -55.66 8.99
C LEU D 234 -1.48 -55.65 9.51
N ALA D 235 -0.92 -54.46 9.67
CA ALA D 235 0.45 -54.29 10.14
C ALA D 235 0.68 -54.91 11.52
N ALA D 236 -0.30 -54.77 12.40
CA ALA D 236 -0.23 -55.34 13.74
C ALA D 236 -0.20 -56.86 13.71
N HIS D 237 -1.11 -57.45 12.93
CA HIS D 237 -1.19 -58.91 12.79
C HIS D 237 0.06 -59.48 12.12
N GLN D 238 0.60 -58.74 11.16
CA GLN D 238 1.80 -59.15 10.42
C GLN D 238 3.02 -59.25 11.34
N ALA D 239 3.13 -58.32 12.30
CA ALA D 239 4.26 -58.26 13.22
C ALA D 239 4.05 -59.11 14.49
N GLY D 240 2.92 -59.81 14.58
CA GLY D 240 2.65 -60.69 15.70
C GLY D 240 2.04 -60.01 16.92
N ILE D 241 1.52 -58.79 16.72
CA ILE D 241 0.74 -58.12 17.76
C ILE D 241 -0.71 -58.51 17.57
N HIS D 242 -1.25 -59.27 18.52
CA HIS D 242 -2.60 -59.83 18.40
C HIS D 242 -3.56 -59.27 19.46
N LYS D 243 -3.33 -58.02 19.86
CA LYS D 243 -4.22 -57.30 20.77
C LYS D 243 -4.28 -55.84 20.32
N ILE D 244 -5.49 -55.35 20.04
CA ILE D 244 -5.68 -54.01 19.48
C ILE D 244 -6.54 -53.13 20.38
N VAL D 245 -6.17 -51.85 20.49
CA VAL D 245 -7.04 -50.83 21.05
C VAL D 245 -7.51 -49.94 19.90
N LEU D 246 -8.83 -49.77 19.79
CA LEU D 246 -9.45 -49.07 18.67
C LEU D 246 -10.59 -48.21 19.22
N PRO D 247 -10.87 -47.06 18.58
CA PRO D 247 -12.04 -46.30 19.04
C PRO D 247 -13.34 -47.03 18.70
N LYS D 248 -14.36 -46.86 19.54
CA LYS D 248 -15.67 -47.49 19.33
C LYS D 248 -16.27 -47.08 17.98
N ASP D 249 -16.01 -45.85 17.56
CA ASP D 249 -16.57 -45.30 16.33
C ASP D 249 -15.93 -45.85 15.05
N ASN D 250 -14.91 -46.70 15.22
CA ASN D 250 -14.29 -47.43 14.10
C ASN D 250 -14.72 -48.89 14.01
N GLU D 251 -15.72 -49.28 14.81
CA GLU D 251 -16.24 -50.65 14.79
C GLU D 251 -16.74 -51.05 13.42
N ALA D 252 -17.33 -50.09 12.69
CA ALA D 252 -17.84 -50.31 11.34
C ALA D 252 -16.75 -50.69 10.33
N GLN D 253 -15.53 -50.20 10.54
CA GLN D 253 -14.44 -50.37 9.57
C GLN D 253 -13.72 -51.73 9.67
N LEU D 254 -14.07 -52.53 10.68
CA LEU D 254 -13.48 -53.87 10.85
C LEU D 254 -13.90 -54.86 9.75
N GLU D 255 -15.04 -54.61 9.12
CA GLU D 255 -15.50 -55.42 7.97
C GLU D 255 -14.40 -55.66 6.95
N GLU D 256 -13.63 -54.61 6.67
CA GLU D 256 -12.60 -54.62 5.63
C GLU D 256 -11.49 -55.64 5.88
N LEU D 257 -11.18 -55.92 7.14
CA LEU D 257 -10.19 -56.94 7.49
C LEU D 257 -10.69 -58.31 7.06
N PRO D 258 -9.78 -59.16 6.52
CA PRO D 258 -10.18 -60.55 6.26
C PRO D 258 -10.53 -61.27 7.56
N LYS D 259 -11.53 -62.15 7.50
CA LYS D 259 -12.00 -62.87 8.70
C LYS D 259 -10.90 -63.68 9.39
N GLU D 260 -9.90 -64.10 8.63
CA GLU D 260 -8.74 -64.79 9.20
C GLU D 260 -7.96 -63.89 10.16
N VAL D 261 -7.76 -62.64 9.77
CA VAL D 261 -7.03 -61.67 10.59
C VAL D 261 -7.84 -61.27 11.82
N LEU D 262 -9.13 -61.01 11.63
CA LEU D 262 -10.03 -60.65 12.74
C LEU D 262 -10.10 -61.71 13.84
N GLU D 263 -9.97 -62.98 13.45
CA GLU D 263 -9.96 -64.07 14.42
C GLU D 263 -8.68 -64.05 15.24
N GLY D 264 -7.58 -63.66 14.61
CA GLY D 264 -6.29 -63.50 15.29
C GLY D 264 -6.24 -62.33 16.26
N LEU D 265 -6.93 -61.23 15.93
CA LEU D 265 -6.88 -60.01 16.73
C LEU D 265 -7.95 -59.96 17.81
N GLU D 266 -7.58 -59.41 18.96
CA GLU D 266 -8.50 -59.20 20.09
C GLU D 266 -8.71 -57.70 20.27
N ILE D 267 -9.82 -57.19 19.71
CA ILE D 267 -10.08 -55.75 19.67
C ILE D 267 -10.77 -55.30 20.96
N LYS D 268 -10.21 -54.29 21.62
CA LYS D 268 -10.91 -53.59 22.70
C LYS D 268 -11.37 -52.23 22.20
N LEU D 269 -12.68 -52.01 22.15
CA LEU D 269 -13.24 -50.74 21.72
C LEU D 269 -13.32 -49.76 22.88
N VAL D 270 -12.74 -48.58 22.70
CA VAL D 270 -12.66 -47.58 23.77
C VAL D 270 -13.37 -46.28 23.41
N GLU D 271 -13.88 -45.61 24.44
CA GLU D 271 -14.53 -44.31 24.30
C GLU D 271 -13.71 -43.21 24.97
N ASP D 272 -13.29 -43.47 26.21
CA ASP D 272 -12.45 -42.54 26.96
C ASP D 272 -11.01 -43.06 27.05
N VAL D 273 -10.06 -42.15 27.21
CA VAL D 273 -8.64 -42.52 27.27
C VAL D 273 -8.28 -43.21 28.60
N GLY D 274 -9.13 -43.04 29.62
CA GLY D 274 -8.97 -43.75 30.89
C GLY D 274 -9.06 -45.25 30.73
N GLU D 275 -9.91 -45.70 29.80
CA GLU D 275 -10.03 -47.13 29.48
C GLU D 275 -8.74 -47.67 28.89
N VAL D 276 -8.12 -46.89 28.01
CA VAL D 276 -6.87 -47.25 27.36
C VAL D 276 -5.76 -47.44 28.40
N LEU D 277 -5.66 -46.49 29.33
CA LEU D 277 -4.60 -46.50 30.34
C LEU D 277 -4.75 -47.63 31.36
N GLU D 278 -5.99 -47.97 31.70
CA GLU D 278 -6.25 -49.09 32.62
C GLU D 278 -5.86 -50.43 32.01
N TYR D 279 -6.05 -50.56 30.70
CA TYR D 279 -5.71 -51.78 29.97
C TYR D 279 -4.20 -51.87 29.71
N LEU D 280 -3.58 -50.73 29.38
CA LEU D 280 -2.16 -50.70 29.01
C LEU D 280 -1.20 -50.72 30.20
N LEU D 281 -1.40 -49.80 31.14
CA LEU D 281 -0.44 -49.62 32.25
C LEU D 281 -0.53 -50.73 33.29
N LEU D 282 0.59 -51.39 33.56
CA LEU D 282 0.70 -52.33 34.68
C LEU D 282 0.51 -51.59 36.00
N PRO D 283 0.02 -52.30 37.04
CA PRO D 283 -0.35 -51.63 38.30
C PRO D 283 0.84 -51.16 39.13
N GLU D 284 1.90 -51.95 39.19
CA GLU D 284 3.03 -51.69 40.08
C GLU D 284 4.16 -50.95 39.35
N PRO D 285 4.59 -49.77 39.86
CA PRO D 285 5.74 -49.10 39.27
C PRO D 285 7.06 -49.84 39.46
N THR D 286 7.87 -49.89 38.41
CA THR D 286 9.13 -50.66 38.41
C THR D 286 10.36 -49.82 38.76
N MET D 287 10.26 -48.50 38.62
CA MET D 287 11.34 -47.57 38.94
C MET D 287 10.91 -46.60 40.04
N PRO D 288 11.87 -45.87 40.65
CA PRO D 288 11.49 -44.79 41.56
C PRO D 288 11.08 -43.53 40.79
N PRO D 289 10.15 -42.72 41.35
CA PRO D 289 9.80 -41.44 40.73
C PRO D 289 11.00 -40.58 40.37
N VAL D 290 10.79 -39.63 39.45
CA VAL D 290 11.90 -38.92 38.80
C VAL D 290 12.57 -37.95 39.76
N VAL D 291 11.81 -37.41 40.71
CA VAL D 291 12.36 -36.55 41.78
C VAL D 291 12.82 -37.41 42.96
N TYR E 4 61.98 -33.13 34.07
CA TYR E 4 63.08 -34.10 33.84
C TYR E 4 63.15 -34.51 32.38
N THR E 5 64.17 -35.29 32.04
CA THR E 5 64.24 -35.96 30.73
C THR E 5 63.81 -37.41 30.91
N ASN E 6 63.64 -38.14 29.80
CA ASN E 6 63.12 -39.51 29.85
C ASN E 6 64.10 -40.52 30.47
N MET E 7 65.39 -40.38 30.19
CA MET E 7 66.41 -41.26 30.75
C MET E 7 66.35 -41.26 32.28
N GLU E 8 66.18 -40.07 32.87
CA GLU E 8 66.09 -39.94 34.32
C GLU E 8 64.81 -40.59 34.84
N LYS E 9 63.66 -40.17 34.30
CA LYS E 9 62.35 -40.70 34.71
C LYS E 9 62.36 -42.22 34.89
N GLN E 10 63.07 -42.93 34.00
CA GLN E 10 63.28 -44.37 34.13
C GLN E 10 64.05 -44.70 35.41
N ALA E 11 65.18 -44.02 35.59
CA ALA E 11 66.04 -44.22 36.77
C ALA E 11 65.30 -43.92 38.08
N ILE E 12 64.50 -42.85 38.10
CA ILE E 12 63.69 -42.51 39.26
C ILE E 12 62.64 -43.59 39.52
N ALA E 13 62.04 -44.10 38.44
CA ALA E 13 61.07 -45.19 38.54
C ALA E 13 61.73 -46.47 39.03
N ARG E 14 62.84 -46.83 38.38
CA ARG E 14 63.59 -48.05 38.70
C ARG E 14 64.07 -48.08 40.15
N GLN E 15 64.66 -46.97 40.59
CA GLN E 15 65.27 -46.90 41.92
C GLN E 15 64.27 -46.73 43.06
N TYR E 16 63.31 -45.83 42.90
CA TYR E 16 62.50 -45.34 44.04
C TYR E 16 60.99 -45.51 43.89
N LEU E 17 60.41 -45.03 42.80
CA LEU E 17 58.95 -45.02 42.65
C LEU E 17 58.36 -46.43 42.59
N TRP E 18 58.94 -47.29 41.75
CA TRP E 18 58.43 -48.65 41.59
C TRP E 18 58.52 -49.43 42.91
N PRO E 19 59.73 -49.58 43.50
CA PRO E 19 59.83 -50.30 44.78
C PRO E 19 58.91 -49.77 45.88
N LYS E 20 58.69 -48.45 45.91
CA LYS E 20 57.79 -47.84 46.88
C LYS E 20 56.34 -48.30 46.65
N GLN E 21 55.91 -48.27 45.40
CA GLN E 21 54.52 -48.60 45.06
C GLN E 21 54.19 -50.09 45.14
N VAL E 22 55.17 -50.95 44.87
CA VAL E 22 54.96 -52.41 44.98
C VAL E 22 54.88 -52.78 46.46
N ARG E 23 55.70 -52.12 47.28
CA ARG E 23 55.73 -52.36 48.72
C ARG E 23 54.42 -51.93 49.41
N GLU E 24 53.83 -50.82 48.95
CA GLU E 24 52.54 -50.35 49.47
C GLU E 24 51.38 -51.25 49.05
N SER E 25 51.46 -51.81 47.85
CA SER E 25 50.43 -52.71 47.33
C SER E 25 50.48 -54.11 47.95
N GLY E 26 51.57 -54.41 48.67
CA GLY E 26 51.74 -55.71 49.31
C GLY E 26 52.20 -56.78 48.34
N MET E 27 52.83 -56.36 47.24
CA MET E 27 53.29 -57.28 46.20
C MET E 27 54.80 -57.29 46.06
N GLU E 28 55.52 -56.83 47.09
CA GLU E 28 56.98 -56.77 47.04
C GLU E 28 57.58 -58.16 46.83
N GLY E 29 58.34 -58.31 45.74
CA GLY E 29 58.99 -59.57 45.41
C GLY E 29 58.18 -60.50 44.51
N ARG E 30 56.90 -60.20 44.34
CA ARG E 30 56.01 -61.02 43.52
C ARG E 30 55.94 -60.57 42.07
N ILE E 31 56.26 -59.30 41.81
CA ILE E 31 56.21 -58.72 40.47
C ILE E 31 57.34 -57.75 40.20
N GLU E 32 57.76 -57.69 38.94
CA GLU E 32 58.74 -56.71 38.48
C GLU E 32 58.31 -56.11 37.14
N VAL E 33 59.01 -55.05 36.75
CA VAL E 33 58.76 -54.37 35.48
C VAL E 33 60.09 -54.14 34.77
N THR E 34 60.10 -54.25 33.44
CA THR E 34 61.31 -54.07 32.65
C THR E 34 61.56 -52.58 32.37
N ASP E 35 62.78 -52.27 31.97
CA ASP E 35 63.17 -50.90 31.61
C ASP E 35 62.35 -50.41 30.41
N ALA E 36 62.08 -51.32 29.47
CA ALA E 36 61.25 -51.02 28.31
C ALA E 36 59.79 -50.79 28.70
N ALA E 37 59.32 -51.54 29.70
CA ALA E 37 57.96 -51.38 30.22
C ALA E 37 57.78 -50.03 30.90
N ILE E 38 58.75 -49.65 31.73
CA ILE E 38 58.73 -48.34 32.39
C ILE E 38 58.70 -47.20 31.36
N LEU E 39 59.42 -47.37 30.25
CA LEU E 39 59.44 -46.38 29.17
C LEU E 39 58.09 -46.30 28.45
N ARG E 40 57.41 -47.44 28.32
CA ARG E 40 56.04 -47.49 27.79
C ARG E 40 55.11 -46.65 28.65
N VAL E 41 55.28 -46.72 29.97
CA VAL E 41 54.43 -46.01 30.93
C VAL E 41 54.64 -44.49 30.85
N ILE E 42 55.88 -44.07 30.66
CA ILE E 42 56.19 -42.63 30.54
C ILE E 42 55.66 -42.11 29.21
N SER E 43 56.10 -42.72 28.12
CA SER E 43 55.78 -42.27 26.77
C SER E 43 54.30 -42.27 26.43
N GLU E 44 53.54 -43.18 27.03
CA GLU E 44 52.16 -43.44 26.60
C GLU E 44 51.08 -43.41 27.70
N TYR E 45 51.48 -43.17 28.95
CA TYR E 45 50.52 -43.02 30.05
C TYR E 45 50.78 -41.79 30.95
N THR E 46 51.69 -40.90 30.52
CA THR E 46 51.99 -39.68 31.26
C THR E 46 52.22 -38.50 30.32
N ARG E 47 51.63 -37.34 30.66
CA ARG E 47 51.93 -36.07 30.01
C ARG E 47 52.21 -35.05 31.10
N GLU E 48 53.48 -34.91 31.44
CA GLU E 48 53.90 -34.13 32.61
C GLU E 48 55.37 -33.76 32.55
N ALA E 49 55.72 -32.69 33.26
CA ALA E 49 57.11 -32.27 33.41
C ALA E 49 57.79 -33.07 34.52
N GLY E 50 57.07 -33.27 35.63
CA GLY E 50 57.58 -34.01 36.78
C GLY E 50 57.36 -35.51 36.68
N VAL E 51 57.20 -36.16 37.84
CA VAL E 51 57.04 -37.62 37.92
C VAL E 51 55.85 -38.03 38.80
N ARG E 52 54.84 -37.16 38.86
CA ARG E 52 53.72 -37.35 39.79
C ARG E 52 52.72 -38.36 39.23
N GLY E 53 52.39 -38.21 37.95
CA GLY E 53 51.55 -39.17 37.24
C GLY E 53 52.21 -40.53 37.07
N LEU E 54 53.53 -40.53 36.96
CA LEU E 54 54.31 -41.78 36.88
C LEU E 54 54.12 -42.63 38.13
N GLU E 55 54.22 -42.00 39.30
CA GLU E 55 54.03 -42.69 40.58
C GLU E 55 52.60 -43.22 40.72
N ARG E 56 51.63 -42.49 40.17
CA ARG E 56 50.23 -42.89 40.16
C ARG E 56 50.04 -44.17 39.35
N GLU E 57 50.54 -44.14 38.10
CA GLU E 57 50.39 -45.27 37.18
C GLU E 57 51.18 -46.51 37.61
N LEU E 58 52.36 -46.31 38.19
CA LEU E 58 53.13 -47.43 38.77
C LEU E 58 52.34 -48.08 39.90
N GLY E 59 51.63 -47.27 40.67
CA GLY E 59 50.73 -47.76 41.70
C GLY E 59 49.58 -48.58 41.12
N LYS E 60 49.04 -48.12 40.00
CA LYS E 60 47.97 -48.84 39.29
C LYS E 60 48.43 -50.21 38.79
N ILE E 61 49.66 -50.28 38.26
CA ILE E 61 50.24 -51.56 37.84
C ILE E 61 50.37 -52.48 39.04
N ALA E 62 50.91 -51.95 40.13
CA ALA E 62 51.12 -52.70 41.35
C ALA E 62 49.81 -53.18 41.98
N ARG E 63 48.82 -52.29 42.04
CA ARG E 63 47.51 -52.62 42.63
C ARG E 63 46.69 -53.57 41.73
N LYS E 64 46.85 -53.45 40.42
CA LYS E 64 46.23 -54.39 39.48
C LYS E 64 46.92 -55.77 39.56
N GLY E 65 48.22 -55.76 39.82
CA GLY E 65 48.97 -56.99 40.08
C GLY E 65 48.44 -57.73 41.29
N ALA E 66 48.08 -56.98 42.33
CA ALA E 66 47.46 -57.54 43.54
C ALA E 66 46.07 -58.12 43.27
N LYS E 67 45.37 -57.55 42.29
CA LYS E 67 44.07 -58.07 41.87
C LYS E 67 44.21 -59.43 41.17
N PHE E 68 45.29 -59.61 40.41
CA PHE E 68 45.59 -60.89 39.79
C PHE E 68 46.04 -61.94 40.81
N TRP E 69 46.75 -61.48 41.85
CA TRP E 69 47.17 -62.36 42.94
C TRP E 69 45.97 -63.03 43.60
N LEU E 70 44.87 -62.29 43.68
CA LEU E 70 43.61 -62.81 44.20
C LEU E 70 43.00 -63.84 43.24
N GLU E 71 43.00 -63.52 41.95
CA GLU E 71 42.53 -64.46 40.92
C GLU E 71 43.33 -65.76 40.95
N GLY E 72 44.63 -65.65 41.17
CA GLY E 72 45.49 -66.82 41.28
C GLY E 72 46.92 -66.44 41.63
N ALA E 73 47.45 -67.02 42.71
CA ALA E 73 48.82 -66.74 43.15
C ALA E 73 49.81 -67.62 42.39
N TRP E 74 51.05 -67.11 42.29
CA TRP E 74 52.13 -67.79 41.57
C TRP E 74 53.41 -67.80 42.41
N GLU E 75 54.37 -68.63 42.01
CA GLU E 75 55.66 -68.70 42.67
C GLU E 75 56.67 -67.80 41.96
N GLY E 76 57.27 -66.87 42.72
CA GLY E 76 58.41 -66.10 42.24
C GLY E 76 58.05 -64.81 41.53
N LEU E 77 58.81 -64.50 40.49
CA LEU E 77 58.74 -63.20 39.82
C LEU E 77 57.89 -63.28 38.55
N ARG E 78 56.74 -62.59 38.57
CA ARG E 78 55.94 -62.40 37.36
C ARG E 78 56.39 -61.08 36.72
N THR E 79 57.25 -61.18 35.71
CA THR E 79 57.86 -60.02 35.08
C THR E 79 56.93 -59.38 34.06
N ILE E 80 56.83 -58.06 34.11
CA ILE E 80 55.94 -57.29 33.22
C ILE E 80 56.76 -56.54 32.18
N ASP E 81 56.47 -56.79 30.91
CA ASP E 81 57.13 -56.09 29.80
C ASP E 81 56.18 -55.09 29.15
N ALA E 82 56.72 -54.26 28.26
CA ALA E 82 55.96 -53.19 27.60
C ALA E 82 54.68 -53.67 26.91
N SER E 83 54.77 -54.80 26.21
CA SER E 83 53.63 -55.37 25.50
C SER E 83 52.49 -55.83 26.43
N ASP E 84 52.81 -56.03 27.71
CA ASP E 84 51.83 -56.46 28.71
C ASP E 84 51.17 -55.30 29.48
N ILE E 85 51.67 -54.08 29.30
CA ILE E 85 51.18 -52.92 30.07
C ILE E 85 49.67 -52.65 29.90
N PRO E 86 49.14 -52.79 28.67
CA PRO E 86 47.68 -52.68 28.49
C PRO E 86 46.83 -53.65 29.32
N THR E 87 47.41 -54.78 29.73
CA THR E 87 46.76 -55.69 30.68
C THR E 87 46.58 -55.03 32.05
N TYR E 88 47.53 -54.16 32.41
CA TYR E 88 47.56 -53.55 33.74
C TYR E 88 46.96 -52.14 33.80
N LEU E 89 47.22 -51.32 32.80
CA LEU E 89 46.76 -49.92 32.79
C LEU E 89 45.66 -49.63 31.76
N GLY E 90 45.19 -50.66 31.06
CA GLY E 90 44.15 -50.48 30.05
C GLY E 90 44.68 -49.85 28.78
N ILE E 91 43.80 -49.18 28.05
CA ILE E 91 44.15 -48.59 26.76
C ILE E 91 45.07 -47.38 26.95
N PRO E 92 46.10 -47.24 26.08
CA PRO E 92 47.00 -46.08 26.12
C PRO E 92 46.29 -44.72 26.03
N ARG E 93 46.69 -43.80 26.91
CA ARG E 93 46.15 -42.44 26.92
C ARG E 93 46.77 -41.56 25.84
N TYR E 94 48.10 -41.61 25.73
CA TYR E 94 48.85 -40.73 24.84
C TYR E 94 49.60 -41.53 23.77
N ARG E 95 49.84 -40.88 22.64
CA ARG E 95 50.46 -41.52 21.48
C ARG E 95 51.27 -40.47 20.70
N PRO E 96 52.50 -40.19 21.16
CA PRO E 96 53.39 -39.20 20.53
C PRO E 96 53.50 -39.27 19.00
N ASP E 97 53.66 -40.47 18.46
CA ASP E 97 53.90 -40.67 17.02
C ASP E 97 52.63 -40.72 16.16
N LYS E 98 51.46 -40.76 16.80
CA LYS E 98 50.18 -40.76 16.10
C LYS E 98 49.14 -40.08 16.99
N ALA E 99 49.34 -38.78 17.22
CA ALA E 99 48.63 -38.04 18.25
C ALA E 99 47.13 -37.82 17.98
N GLU E 100 46.73 -37.85 16.72
CA GLU E 100 45.31 -37.64 16.37
C GLU E 100 44.41 -38.79 16.82
N THR E 101 44.95 -40.02 16.83
CA THR E 101 44.18 -41.22 17.15
C THR E 101 44.12 -41.56 18.65
N GLU E 102 44.86 -40.81 19.47
CA GLU E 102 44.86 -41.05 20.92
C GLU E 102 43.52 -40.65 21.54
N PRO E 103 43.15 -41.27 22.68
CA PRO E 103 41.93 -40.88 23.40
C PRO E 103 41.84 -39.39 23.73
N GLN E 104 40.63 -38.85 23.62
CA GLN E 104 40.37 -37.43 23.90
C GLN E 104 39.01 -37.27 24.58
N VAL E 105 38.91 -36.30 25.48
CA VAL E 105 37.68 -36.05 26.21
C VAL E 105 36.68 -35.28 25.35
N GLY E 106 35.41 -35.65 25.46
CA GLY E 106 34.31 -34.92 24.82
C GLY E 106 34.33 -34.93 23.31
N THR E 107 34.85 -36.00 22.72
CA THR E 107 34.98 -36.10 21.27
C THR E 107 34.78 -37.56 20.84
N ALA E 108 34.37 -37.77 19.58
CA ALA E 108 34.16 -39.12 19.06
C ALA E 108 34.18 -39.18 17.53
N GLN E 109 34.82 -40.20 16.98
CA GLN E 109 34.87 -40.42 15.53
C GLN E 109 33.61 -41.10 15.02
N GLY E 110 33.06 -40.56 13.94
CA GLY E 110 31.88 -41.11 13.27
C GLY E 110 32.16 -41.34 11.80
N LEU E 111 31.18 -41.92 11.11
CA LEU E 111 31.29 -42.20 9.68
C LEU E 111 30.07 -41.67 8.93
N ALA E 112 30.30 -41.05 7.78
CA ALA E 112 29.24 -40.41 7.01
C ALA E 112 29.28 -40.75 5.52
N TRP E 113 28.15 -40.58 4.86
CA TRP E 113 27.96 -40.89 3.44
C TRP E 113 27.68 -39.60 2.66
N THR E 114 28.33 -39.46 1.51
CA THR E 114 28.24 -38.25 0.69
C THR E 114 27.82 -38.67 -0.73
N PRO E 115 27.81 -37.73 -1.71
CA PRO E 115 27.39 -38.17 -3.04
C PRO E 115 28.54 -38.75 -3.89
N VAL E 116 29.73 -38.88 -3.32
CA VAL E 116 30.90 -39.42 -4.02
C VAL E 116 31.57 -40.56 -3.24
N GLY E 117 30.93 -41.05 -2.18
CA GLY E 117 31.52 -42.08 -1.32
C GLY E 117 31.24 -41.80 0.14
N GLY E 118 32.28 -41.89 0.96
CA GLY E 118 32.17 -41.66 2.40
C GLY E 118 33.36 -40.94 2.98
N THR E 119 33.23 -40.52 4.23
CA THR E 119 34.33 -39.85 4.93
C THR E 119 34.08 -39.82 6.44
N LEU E 120 35.14 -39.58 7.21
CA LEU E 120 35.06 -39.50 8.66
C LEU E 120 34.29 -38.26 9.11
N LEU E 121 33.67 -38.35 10.29
CA LEU E 121 33.05 -37.22 10.96
C LEU E 121 33.50 -37.20 12.41
N THR E 122 33.97 -36.04 12.88
CA THR E 122 34.35 -35.87 14.27
C THR E 122 33.28 -35.08 15.00
N ILE E 123 32.63 -35.73 15.97
CA ILE E 123 31.70 -35.05 16.85
C ILE E 123 32.51 -34.44 18.00
N GLU E 124 32.44 -33.12 18.15
CA GLU E 124 33.03 -32.43 19.28
C GLU E 124 31.93 -32.04 20.25
N VAL E 125 32.18 -32.25 21.55
CA VAL E 125 31.25 -31.85 22.59
C VAL E 125 32.02 -31.15 23.71
N ALA E 126 31.42 -30.10 24.26
CA ALA E 126 32.02 -29.34 25.34
C ALA E 126 30.99 -29.05 26.43
N ALA E 127 31.31 -29.42 27.66
CA ALA E 127 30.48 -29.16 28.82
C ALA E 127 31.13 -28.08 29.67
N VAL E 128 30.41 -26.98 29.89
CA VAL E 128 30.93 -25.85 30.68
C VAL E 128 29.87 -25.39 31.69
N PRO E 129 30.30 -24.65 32.73
CA PRO E 129 29.34 -24.09 33.69
C PRO E 129 28.25 -23.30 32.98
N GLY E 130 26.99 -23.54 33.35
CA GLY E 130 25.86 -22.89 32.69
C GLY E 130 24.52 -23.10 33.37
N SER E 131 23.45 -23.05 32.58
CA SER E 131 22.09 -23.11 33.09
C SER E 131 21.20 -24.10 32.30
N GLY E 132 21.81 -25.13 31.75
CA GLY E 132 21.08 -26.18 31.03
C GLY E 132 20.84 -25.91 29.54
N LYS E 133 21.64 -25.02 28.95
CA LYS E 133 21.49 -24.66 27.54
C LYS E 133 22.26 -25.60 26.63
N LEU E 134 21.68 -25.89 25.46
CA LEU E 134 22.29 -26.77 24.47
C LEU E 134 22.56 -26.01 23.17
N SER E 135 23.80 -26.05 22.71
CA SER E 135 24.17 -25.46 21.42
C SER E 135 24.45 -26.57 20.41
N LEU E 136 24.01 -26.37 19.18
CA LEU E 136 24.17 -27.35 18.11
C LEU E 136 24.69 -26.64 16.85
N THR E 137 25.98 -26.80 16.57
CA THR E 137 26.65 -26.06 15.50
C THR E 137 27.37 -26.99 14.52
N GLY E 138 27.87 -26.43 13.43
CA GLY E 138 28.50 -27.18 12.35
C GLY E 138 27.56 -27.47 11.18
N GLN E 139 26.60 -26.58 10.96
CA GLN E 139 25.62 -26.70 9.87
C GLN E 139 24.87 -28.03 9.91
N LEU E 140 24.17 -28.26 11.02
CA LEU E 140 23.45 -29.51 11.23
C LEU E 140 21.98 -29.37 10.83
N GLY E 141 21.48 -30.33 10.06
CA GLY E 141 20.06 -30.40 9.72
C GLY E 141 19.25 -30.86 10.93
N GLU E 142 17.92 -30.71 10.84
CA GLU E 142 17.04 -30.93 11.98
C GLU E 142 17.00 -32.38 12.48
N VAL E 143 17.22 -33.35 11.59
CA VAL E 143 17.27 -34.75 11.99
C VAL E 143 18.53 -35.04 12.82
N MET E 144 19.65 -34.48 12.40
CA MET E 144 20.92 -34.65 13.10
C MET E 144 20.91 -33.95 14.46
N LYS E 145 20.26 -32.79 14.51
CA LYS E 145 20.06 -32.07 15.78
C LYS E 145 19.22 -32.89 16.74
N GLU E 146 18.18 -33.54 16.20
CA GLU E 146 17.28 -34.37 16.99
C GLU E 146 17.95 -35.64 17.54
N SER E 147 18.93 -36.17 16.81
CA SER E 147 19.69 -37.34 17.28
C SER E 147 20.54 -36.97 18.50
N ALA E 148 21.10 -35.76 18.48
CA ALA E 148 21.83 -35.21 19.63
C ALA E 148 20.88 -35.00 20.81
N GLN E 149 19.68 -34.50 20.54
CA GLN E 149 18.66 -34.29 21.57
C GLN E 149 18.24 -35.60 22.22
N ALA E 150 18.03 -36.63 21.40
CA ALA E 150 17.68 -37.96 21.90
C ALA E 150 18.84 -38.57 22.70
N ALA E 151 20.05 -38.40 22.17
CA ALA E 151 21.26 -38.87 22.85
C ALA E 151 21.45 -38.20 24.21
N LEU E 152 21.11 -36.91 24.29
CA LEU E 152 21.23 -36.15 25.54
C LEU E 152 20.24 -36.63 26.59
N THR E 153 18.97 -36.73 26.20
CA THR E 153 17.90 -37.16 27.10
C THR E 153 18.17 -38.54 27.68
N TYR E 154 18.70 -39.44 26.85
CA TYR E 154 19.12 -40.76 27.31
C TYR E 154 20.10 -40.64 28.46
N LEU E 155 21.14 -39.83 28.27
CA LEU E 155 22.16 -39.62 29.30
C LEU E 155 21.59 -38.94 30.55
N ARG E 156 20.67 -38.01 30.35
CA ARG E 156 19.94 -37.38 31.46
C ARG E 156 19.12 -38.41 32.24
N ALA E 157 18.54 -39.36 31.52
CA ALA E 157 17.71 -40.41 32.12
C ALA E 157 18.53 -41.49 32.84
N HIS E 158 19.84 -41.56 32.55
CA HIS E 158 20.71 -42.59 33.11
C HIS E 158 21.99 -41.98 33.71
N THR E 159 21.83 -41.00 34.58
CA THR E 159 22.96 -40.38 35.28
C THR E 159 23.65 -41.38 36.23
N GLN E 160 22.86 -42.28 36.79
CA GLN E 160 23.35 -43.30 37.71
C GLN E 160 24.38 -44.23 37.07
N ASP E 161 24.03 -44.74 35.89
CA ASP E 161 24.76 -45.83 35.23
C ASP E 161 26.19 -45.47 34.82
N TYR E 162 26.37 -44.28 34.27
CA TYR E 162 27.66 -43.89 33.66
C TYR E 162 28.47 -42.90 34.50
N GLY E 163 28.03 -42.62 35.72
CA GLY E 163 28.75 -41.74 36.63
C GLY E 163 28.85 -40.31 36.12
N LEU E 164 27.74 -39.79 35.62
CA LEU E 164 27.64 -38.38 35.22
C LEU E 164 27.13 -37.62 36.44
N PRO E 165 27.51 -36.33 36.56
CA PRO E 165 26.96 -35.55 37.67
C PRO E 165 25.43 -35.43 37.58
N GLU E 166 24.74 -35.60 38.70
CA GLU E 166 23.27 -35.55 38.70
C GLU E 166 22.69 -34.17 38.44
N ASP E 167 23.50 -33.12 38.61
CA ASP E 167 23.02 -31.74 38.52
C ASP E 167 23.22 -31.06 37.16
N PHE E 168 23.86 -31.74 36.21
CA PHE E 168 24.29 -31.08 34.96
C PHE E 168 23.12 -30.50 34.14
N TYR E 169 21.94 -31.08 34.28
CA TYR E 169 20.75 -30.62 33.56
C TYR E 169 20.41 -29.13 33.79
N ASN E 170 20.79 -28.58 34.94
CA ASN E 170 20.59 -27.14 35.21
C ASN E 170 21.82 -26.37 35.71
N LYS E 171 22.99 -27.01 35.73
CA LYS E 171 24.25 -26.34 36.11
C LYS E 171 25.38 -26.53 35.09
N VAL E 172 25.04 -27.01 33.89
CA VAL E 172 26.02 -27.22 32.82
C VAL E 172 25.42 -26.79 31.49
N ASP E 173 26.23 -26.12 30.67
CA ASP E 173 25.87 -25.80 29.28
C ASP E 173 26.62 -26.74 28.34
N LEU E 174 25.87 -27.39 27.44
CA LEU E 174 26.45 -28.28 26.45
C LEU E 174 26.52 -27.61 25.08
N HIS E 175 27.55 -27.95 24.33
CA HIS E 175 27.75 -27.46 22.97
C HIS E 175 28.24 -28.63 22.12
N VAL E 176 27.41 -29.05 21.16
CA VAL E 176 27.82 -30.06 20.18
C VAL E 176 28.19 -29.36 18.88
N HIS E 177 29.42 -29.59 18.42
CA HIS E 177 29.92 -29.00 17.18
C HIS E 177 30.50 -30.09 16.30
N VAL E 178 30.14 -30.07 15.02
CA VAL E 178 30.61 -31.05 14.05
C VAL E 178 31.32 -30.33 12.91
N PRO E 179 32.67 -30.23 12.99
CA PRO E 179 33.41 -29.64 11.87
C PRO E 179 33.47 -30.58 10.66
N ASP E 180 33.76 -30.08 9.46
CA ASP E 180 34.11 -28.67 9.22
C ASP E 180 32.87 -27.79 9.08
N GLY E 181 32.97 -26.56 9.59
CA GLY E 181 31.84 -25.65 9.71
C GLY E 181 31.10 -25.27 8.44
N ALA E 182 31.80 -25.26 7.31
CA ALA E 182 31.21 -24.85 6.03
C ALA E 182 30.25 -25.89 5.46
N THR E 183 30.55 -27.17 5.65
CA THR E 183 29.78 -28.26 5.05
C THR E 183 28.48 -28.54 5.82
N PRO E 184 27.33 -28.60 5.11
CA PRO E 184 26.09 -29.06 5.76
C PRO E 184 26.13 -30.55 6.09
N LYS E 185 25.53 -30.91 7.22
CA LYS E 185 25.48 -32.31 7.67
C LYS E 185 24.07 -32.64 8.12
N ASP E 186 23.63 -33.87 7.89
CA ASP E 186 22.30 -34.30 8.29
C ASP E 186 22.18 -35.83 8.37
N GLY E 187 21.27 -36.29 9.22
CA GLY E 187 20.97 -37.71 9.36
C GLY E 187 21.03 -38.22 10.80
N PRO E 188 20.33 -39.34 11.07
CA PRO E 188 20.40 -40.02 12.37
C PRO E 188 21.64 -40.89 12.52
N SER E 189 22.36 -41.09 11.41
CA SER E 189 23.59 -41.89 11.35
C SER E 189 24.57 -41.71 12.53
N ALA E 190 24.58 -40.51 13.12
CA ALA E 190 25.60 -40.12 14.09
C ALA E 190 25.19 -40.25 15.56
N GLY E 191 24.04 -40.89 15.82
CA GLY E 191 23.44 -40.90 17.16
C GLY E 191 24.29 -41.44 18.29
N ILE E 192 25.00 -42.53 18.05
CA ILE E 192 25.88 -43.14 19.06
C ILE E 192 27.21 -42.41 19.12
N THR E 193 27.65 -41.88 17.99
CA THR E 193 28.81 -41.01 17.93
C THR E 193 28.62 -39.80 18.84
N MET E 194 27.37 -39.33 18.92
CA MET E 194 27.02 -38.16 19.71
C MET E 194 26.90 -38.52 21.18
N ALA E 195 26.05 -39.50 21.47
CA ALA E 195 25.88 -39.99 22.83
C ALA E 195 27.24 -40.21 23.49
N THR E 196 28.19 -40.65 22.67
CA THR E 196 29.53 -40.96 23.12
C THR E 196 30.32 -39.72 23.51
N ALA E 197 30.38 -38.74 22.61
CA ALA E 197 31.07 -37.48 22.87
C ALA E 197 30.48 -36.79 24.10
N ILE E 198 29.15 -36.78 24.19
CA ILE E 198 28.46 -36.12 25.29
C ILE E 198 28.76 -36.82 26.62
N ALA E 199 28.63 -38.15 26.62
CA ALA E 199 28.94 -38.96 27.79
C ALA E 199 30.40 -38.78 28.21
N SER E 200 31.29 -38.76 27.23
CA SER E 200 32.71 -38.52 27.47
C SER E 200 32.97 -37.14 28.09
N ALA E 201 32.23 -36.14 27.62
CA ALA E 201 32.39 -34.77 28.10
C ALA E 201 31.88 -34.57 29.52
N LEU E 202 30.65 -35.01 29.79
CA LEU E 202 30.04 -34.86 31.11
C LEU E 202 30.74 -35.69 32.18
N SER E 203 31.02 -36.95 31.86
CA SER E 203 31.71 -37.87 32.78
C SER E 203 33.17 -37.49 32.97
N ARG E 204 33.73 -36.78 32.00
CA ARG E 204 35.12 -36.31 32.03
C ARG E 204 36.09 -37.44 31.70
N ARG E 205 35.56 -38.50 31.07
CA ARG E 205 36.33 -39.69 30.72
C ARG E 205 36.62 -39.68 29.22
N PRO E 206 37.91 -39.80 28.82
CA PRO E 206 38.28 -39.82 27.41
C PRO E 206 37.58 -40.91 26.59
N ALA E 207 37.30 -40.60 25.33
CA ALA E 207 36.74 -41.56 24.38
C ALA E 207 37.82 -41.91 23.36
N ARG E 208 37.87 -43.19 22.97
CA ARG E 208 38.89 -43.69 22.06
C ARG E 208 38.66 -43.18 20.63
N MET E 209 39.76 -42.81 19.96
CA MET E 209 39.70 -42.24 18.62
C MET E 209 40.15 -43.18 17.50
N ASP E 210 40.62 -44.36 17.86
CA ASP E 210 40.94 -45.40 16.89
C ASP E 210 39.70 -46.23 16.49
N ILE E 211 38.57 -45.93 17.10
CA ILE E 211 37.29 -46.58 16.78
C ILE E 211 36.37 -45.57 16.10
N ALA E 212 35.84 -45.95 14.93
CA ALA E 212 34.87 -45.14 14.19
C ALA E 212 33.53 -45.86 14.21
N MET E 213 32.46 -45.13 14.49
CA MET E 213 31.15 -45.73 14.71
C MET E 213 30.04 -45.07 13.90
N THR E 214 28.96 -45.80 13.70
CA THR E 214 27.74 -45.27 13.07
C THR E 214 26.55 -46.08 13.54
N GLY E 215 25.40 -45.42 13.67
CA GLY E 215 24.17 -46.07 14.14
C GLY E 215 23.23 -45.09 14.80
N GLU E 216 21.94 -45.22 14.48
CA GLU E 216 20.91 -44.35 15.03
C GLU E 216 20.62 -44.74 16.46
N VAL E 217 20.35 -43.74 17.31
CA VAL E 217 19.99 -43.99 18.71
C VAL E 217 18.50 -43.78 18.92
N SER E 218 17.87 -44.71 19.64
CA SER E 218 16.51 -44.52 20.12
C SER E 218 16.59 -43.85 21.49
N LEU E 219 15.46 -43.37 22.00
CA LEU E 219 15.45 -42.64 23.25
C LEU E 219 15.80 -43.48 24.49
N ARG E 220 15.61 -44.80 24.40
CA ARG E 220 15.98 -45.71 25.50
C ARG E 220 17.33 -46.39 25.29
N GLY E 221 18.12 -45.92 24.32
CA GLY E 221 19.45 -46.44 24.09
C GLY E 221 19.51 -47.63 23.15
N LYS E 222 18.41 -47.94 22.47
CA LYS E 222 18.39 -48.99 21.46
C LYS E 222 19.12 -48.49 20.22
N VAL E 223 20.14 -49.23 19.80
CA VAL E 223 20.88 -48.92 18.58
C VAL E 223 20.13 -49.53 17.39
N MET E 224 19.95 -48.72 16.35
CA MET E 224 19.09 -49.07 15.22
C MET E 224 19.88 -49.07 13.92
N PRO E 225 19.35 -49.73 12.88
CA PRO E 225 20.11 -49.83 11.63
C PRO E 225 20.21 -48.51 10.86
N ILE E 226 21.16 -48.47 9.92
CA ILE E 226 21.46 -47.26 9.15
C ILE E 226 21.75 -47.59 7.69
N GLY E 227 21.88 -46.55 6.87
CA GLY E 227 22.24 -46.70 5.46
C GLY E 227 23.64 -46.22 5.14
N GLY E 228 24.24 -46.79 4.10
CA GLY E 228 25.56 -46.38 3.62
C GLY E 228 26.71 -47.13 4.27
N VAL E 229 26.54 -48.43 4.48
CA VAL E 229 27.50 -49.24 5.22
C VAL E 229 28.79 -49.44 4.42
N LYS E 230 28.64 -49.78 3.14
CA LYS E 230 29.78 -49.96 2.24
C LYS E 230 30.66 -48.72 2.18
N GLU E 231 30.03 -47.59 1.90
CA GLU E 231 30.74 -46.32 1.71
C GLU E 231 31.38 -45.83 3.01
N LYS E 232 30.73 -46.10 4.14
CA LYS E 232 31.24 -45.73 5.46
C LYS E 232 32.42 -46.61 5.91
N LEU E 233 32.35 -47.91 5.61
CA LEU E 233 33.43 -48.83 5.94
C LEU E 233 34.64 -48.68 5.01
N LEU E 234 34.39 -48.28 3.76
CA LEU E 234 35.47 -47.84 2.87
C LEU E 234 36.12 -46.59 3.46
N ALA E 235 35.29 -45.65 3.89
CA ALA E 235 35.72 -44.38 4.48
C ALA E 235 36.62 -44.53 5.71
N ALA E 236 36.46 -45.63 6.44
CA ALA E 236 37.29 -45.91 7.61
C ALA E 236 38.69 -46.42 7.25
N HIS E 237 38.81 -47.05 6.08
CA HIS E 237 40.03 -47.80 5.75
C HIS E 237 41.20 -46.91 5.30
N GLN E 238 40.98 -46.10 4.26
CA GLN E 238 42.02 -45.19 3.76
C GLN E 238 42.50 -44.16 4.80
N ALA E 239 41.71 -43.92 5.85
CA ALA E 239 42.11 -43.06 6.96
C ALA E 239 42.81 -43.83 8.10
N GLY E 240 42.97 -45.13 7.94
CA GLY E 240 43.71 -45.95 8.90
C GLY E 240 42.93 -46.43 10.11
N ILE E 241 41.61 -46.26 10.10
CA ILE E 241 40.76 -46.73 11.20
C ILE E 241 40.37 -48.17 10.93
N HIS E 242 40.84 -49.08 11.78
CA HIS E 242 40.59 -50.52 11.61
C HIS E 242 39.78 -51.12 12.75
N LYS E 243 38.97 -50.29 13.43
CA LYS E 243 38.04 -50.75 14.45
C LYS E 243 36.70 -50.02 14.26
N ILE E 244 35.62 -50.79 14.19
CA ILE E 244 34.30 -50.24 13.86
C ILE E 244 33.26 -50.69 14.88
N VAL E 245 32.32 -49.79 15.18
CA VAL E 245 31.11 -50.14 15.91
C VAL E 245 29.93 -49.95 14.96
N LEU E 246 29.13 -51.00 14.81
CA LEU E 246 28.05 -51.05 13.83
C LEU E 246 26.80 -51.56 14.53
N PRO E 247 25.60 -51.22 14.01
CA PRO E 247 24.39 -51.82 14.60
C PRO E 247 24.30 -53.32 14.26
N LYS E 248 23.76 -54.11 15.19
CA LYS E 248 23.63 -55.55 15.00
C LYS E 248 22.83 -55.91 13.74
N ASP E 249 21.80 -55.12 13.45
CA ASP E 249 20.93 -55.35 12.29
C ASP E 249 21.64 -55.12 10.94
N ASN E 250 22.72 -54.35 10.95
CA ASN E 250 23.54 -54.12 9.74
C ASN E 250 24.51 -55.27 9.41
N GLU E 251 24.41 -56.39 10.16
CA GLU E 251 25.18 -57.59 9.85
C GLU E 251 24.85 -58.13 8.45
N ALA E 252 23.60 -57.95 8.03
CA ALA E 252 23.15 -58.31 6.70
C ALA E 252 23.94 -57.62 5.59
N GLN E 253 24.37 -56.38 5.85
CA GLN E 253 25.08 -55.57 4.84
C GLN E 253 26.60 -55.79 4.79
N LEU E 254 27.15 -56.62 5.67
CA LEU E 254 28.58 -56.94 5.65
C LEU E 254 28.99 -57.87 4.49
N GLU E 255 28.02 -58.27 3.66
CA GLU E 255 28.31 -59.02 2.45
C GLU E 255 28.66 -58.09 1.29
N GLU E 256 27.95 -56.96 1.22
CA GLU E 256 28.03 -56.03 0.08
C GLU E 256 29.29 -55.15 0.09
N LEU E 257 30.45 -55.78 -0.16
CA LEU E 257 31.73 -55.06 -0.28
C LEU E 257 32.87 -56.01 -0.64
N PRO E 258 34.05 -55.46 -1.01
CA PRO E 258 35.23 -56.31 -1.19
C PRO E 258 35.70 -56.96 0.11
N LYS E 259 36.18 -58.20 0.01
CA LYS E 259 36.53 -59.00 1.18
C LYS E 259 37.84 -58.55 1.85
N GLU E 260 38.75 -58.00 1.06
CA GLU E 260 40.08 -57.63 1.56
C GLU E 260 40.04 -56.38 2.45
N VAL E 261 38.91 -55.67 2.45
CA VAL E 261 38.67 -54.58 3.40
C VAL E 261 38.31 -55.20 4.75
N LEU E 262 37.38 -56.15 4.73
CA LEU E 262 36.89 -56.83 5.95
C LEU E 262 37.98 -57.55 6.73
N GLU E 263 39.00 -58.06 6.04
CA GLU E 263 40.15 -58.67 6.70
C GLU E 263 40.83 -57.71 7.67
N GLY E 264 40.98 -56.46 7.25
CA GLY E 264 41.59 -55.42 8.07
C GLY E 264 40.72 -54.94 9.22
N LEU E 265 39.40 -54.93 9.01
CA LEU E 265 38.47 -54.35 9.98
C LEU E 265 38.04 -55.31 11.08
N GLU E 266 38.14 -54.83 12.33
CA GLU E 266 37.57 -55.51 13.50
C GLU E 266 36.24 -54.82 13.78
N ILE E 267 35.14 -55.56 13.75
CA ILE E 267 33.81 -54.97 13.83
C ILE E 267 33.02 -55.49 15.03
N LYS E 268 32.79 -54.61 16.00
CA LYS E 268 31.86 -54.89 17.09
C LYS E 268 30.43 -54.56 16.64
N LEU E 269 29.50 -55.45 16.95
CA LEU E 269 28.09 -55.25 16.67
C LEU E 269 27.38 -54.95 17.98
N VAL E 270 26.51 -53.93 17.98
CA VAL E 270 25.85 -53.49 19.21
C VAL E 270 24.34 -53.34 19.04
N GLU E 271 23.60 -53.62 20.12
CA GLU E 271 22.16 -53.40 20.18
C GLU E 271 21.80 -52.29 21.18
N ASP E 272 22.49 -52.27 22.32
CA ASP E 272 22.32 -51.20 23.31
C ASP E 272 23.42 -50.17 23.16
N VAL E 273 23.10 -48.91 23.46
CA VAL E 273 24.10 -47.83 23.41
C VAL E 273 25.09 -47.93 24.57
N GLY E 274 24.68 -48.60 25.65
CA GLY E 274 25.58 -48.90 26.76
C GLY E 274 26.76 -49.79 26.37
N GLU E 275 26.55 -50.63 25.37
CA GLU E 275 27.63 -51.44 24.79
C GLU E 275 28.70 -50.56 24.15
N VAL E 276 28.27 -49.47 23.54
CA VAL E 276 29.18 -48.52 22.89
C VAL E 276 30.00 -47.78 23.94
N LEU E 277 29.33 -47.29 24.98
CA LEU E 277 29.99 -46.48 26.01
C LEU E 277 30.96 -47.25 26.90
N GLU E 278 30.76 -48.57 27.04
CA GLU E 278 31.72 -49.41 27.75
C GLU E 278 32.99 -49.60 26.92
N TYR E 279 32.79 -49.85 25.63
CA TYR E 279 33.88 -50.11 24.68
C TYR E 279 34.70 -48.85 24.34
N LEU E 280 34.03 -47.70 24.28
CA LEU E 280 34.68 -46.45 23.88
C LEU E 280 35.36 -45.70 25.03
N LEU E 281 34.66 -45.54 26.15
CA LEU E 281 35.14 -44.71 27.24
C LEU E 281 36.14 -45.43 28.15
N LEU E 282 37.24 -44.74 28.46
CA LEU E 282 38.22 -45.24 29.43
C LEU E 282 37.64 -45.13 30.84
N PRO E 283 37.86 -46.15 31.69
CA PRO E 283 37.34 -46.20 33.05
C PRO E 283 37.45 -44.91 33.87
N GLU E 284 38.67 -44.44 34.13
CA GLU E 284 38.89 -43.32 35.05
C GLU E 284 39.06 -41.98 34.31
N PRO E 285 38.44 -40.91 34.85
CA PRO E 285 38.50 -39.59 34.21
C PRO E 285 39.83 -38.88 34.39
N THR E 286 40.32 -38.26 33.32
CA THR E 286 41.56 -37.48 33.36
C THR E 286 41.35 -36.14 34.04
N MET E 287 40.38 -35.38 33.54
CA MET E 287 40.15 -34.01 33.97
C MET E 287 39.30 -33.92 35.25
N PRO E 288 39.35 -32.77 35.94
CA PRO E 288 38.48 -32.57 37.11
C PRO E 288 37.05 -32.25 36.69
N PRO E 289 36.10 -32.24 37.65
CA PRO E 289 34.69 -32.09 37.28
C PRO E 289 34.35 -30.77 36.60
N VAL E 290 33.19 -30.72 35.95
CA VAL E 290 32.80 -29.58 35.12
C VAL E 290 32.41 -28.37 35.98
N VAL E 291 31.81 -28.63 37.14
CA VAL E 291 31.36 -27.57 38.06
C VAL E 291 32.04 -27.69 39.41
N GLY F 3 51.02 17.38 32.41
CA GLY F 3 52.05 16.32 32.24
C GLY F 3 53.40 16.86 31.83
N TYR F 4 54.46 16.14 32.20
CA TYR F 4 55.83 16.53 31.86
C TYR F 4 56.05 16.44 30.35
N THR F 5 56.95 17.28 29.84
CA THR F 5 57.40 17.16 28.44
C THR F 5 58.41 16.01 28.30
N ASN F 6 58.78 15.70 27.06
CA ASN F 6 59.57 14.50 26.77
C ASN F 6 61.02 14.56 27.26
N MET F 7 61.69 15.68 26.98
CA MET F 7 63.07 15.90 27.45
C MET F 7 63.13 16.06 28.97
N GLU F 8 62.03 16.49 29.58
CA GLU F 8 61.92 16.55 31.03
C GLU F 8 61.82 15.13 31.57
N LYS F 9 60.81 14.38 31.13
CA LYS F 9 60.68 12.95 31.45
C LYS F 9 62.01 12.21 31.33
N GLN F 10 62.80 12.57 30.33
CA GLN F 10 64.14 12.01 30.11
C GLN F 10 65.13 12.31 31.24
N ALA F 11 65.23 13.58 31.60
CA ALA F 11 66.21 14.02 32.61
C ALA F 11 65.89 13.48 34.01
N ILE F 12 64.60 13.43 34.35
CA ILE F 12 64.16 12.86 35.64
C ILE F 12 64.33 11.33 35.64
N ALA F 13 64.22 10.70 34.48
CA ALA F 13 64.51 9.27 34.35
C ALA F 13 66.00 8.99 34.54
N ARG F 14 66.84 9.84 33.98
CA ARG F 14 68.29 9.68 34.03
C ARG F 14 68.87 9.90 35.43
N GLN F 15 68.45 10.98 36.09
CA GLN F 15 69.08 11.44 37.32
C GLN F 15 68.49 10.85 38.60
N TYR F 16 67.35 10.17 38.50
CA TYR F 16 66.65 9.66 39.68
C TYR F 16 66.08 8.25 39.49
N LEU F 17 65.14 8.11 38.55
CA LEU F 17 64.39 6.85 38.41
C LEU F 17 65.27 5.66 38.03
N TRP F 18 66.06 5.81 36.96
CA TRP F 18 66.93 4.72 36.50
C TRP F 18 67.98 4.32 37.55
N PRO F 19 68.74 5.30 38.08
CA PRO F 19 69.65 4.96 39.19
C PRO F 19 68.96 4.32 40.39
N LYS F 20 67.74 4.75 40.71
CA LYS F 20 66.96 4.13 41.78
C LYS F 20 66.65 2.66 41.48
N GLN F 21 66.06 2.42 40.31
CA GLN F 21 65.62 1.08 39.93
C GLN F 21 66.77 0.08 39.73
N VAL F 22 67.92 0.59 39.31
CA VAL F 22 69.12 -0.24 39.18
C VAL F 22 69.68 -0.59 40.56
N ARG F 23 69.67 0.38 41.47
CA ARG F 23 70.17 0.20 42.83
C ARG F 23 69.27 -0.77 43.61
N GLU F 24 67.96 -0.65 43.41
CA GLU F 24 66.98 -1.53 44.06
C GLU F 24 67.05 -2.98 43.55
N SER F 25 67.30 -3.15 42.26
CA SER F 25 67.46 -4.48 41.66
C SER F 25 68.82 -5.11 41.97
N GLY F 26 69.72 -4.34 42.57
CA GLY F 26 71.04 -4.84 42.95
C GLY F 26 72.00 -4.92 41.77
N MET F 27 71.70 -4.18 40.70
CA MET F 27 72.50 -4.21 39.48
C MET F 27 73.31 -2.92 39.29
N GLU F 28 73.63 -2.24 40.38
CA GLU F 28 74.39 -0.99 40.30
C GLU F 28 75.79 -1.22 39.75
N GLY F 29 76.14 -0.48 38.69
CA GLY F 29 77.43 -0.62 38.03
C GLY F 29 77.43 -1.61 36.87
N ARG F 30 76.43 -2.51 36.83
CA ARG F 30 76.42 -3.61 35.88
C ARG F 30 75.77 -3.26 34.54
N ILE F 31 74.68 -2.51 34.56
CA ILE F 31 73.95 -2.16 33.33
C ILE F 31 73.55 -0.69 33.26
N GLU F 32 73.47 -0.19 32.03
CA GLU F 32 73.06 1.19 31.74
C GLU F 32 72.06 1.22 30.60
N VAL F 33 71.47 2.38 30.37
CA VAL F 33 70.56 2.61 29.25
C VAL F 33 70.91 3.91 28.54
N THR F 34 70.79 3.92 27.22
CA THR F 34 71.09 5.11 26.42
C THR F 34 69.92 6.09 26.47
N ASP F 35 70.18 7.33 26.08
CA ASP F 35 69.14 8.37 26.07
C ASP F 35 68.09 8.05 25.01
N ALA F 36 68.54 7.49 23.89
CA ALA F 36 67.64 7.03 22.83
C ALA F 36 66.72 5.92 23.33
N ALA F 37 67.27 5.00 24.11
CA ALA F 37 66.52 3.88 24.67
C ALA F 37 65.53 4.31 25.75
N ILE F 38 65.89 5.30 26.55
CA ILE F 38 64.96 5.86 27.54
C ILE F 38 63.77 6.52 26.85
N LEU F 39 64.04 7.24 25.76
CA LEU F 39 62.99 7.86 24.95
C LEU F 39 62.03 6.84 24.36
N ARG F 40 62.55 5.67 24.00
CA ARG F 40 61.71 4.59 23.46
C ARG F 40 60.79 4.02 24.54
N VAL F 41 61.27 3.94 25.78
CA VAL F 41 60.45 3.51 26.91
C VAL F 41 59.33 4.52 27.18
N ILE F 42 59.62 5.80 27.01
CA ILE F 42 58.63 6.87 27.18
C ILE F 42 57.56 6.79 26.09
N SER F 43 58.00 6.82 24.84
CA SER F 43 57.10 6.93 23.69
C SER F 43 56.30 5.64 23.42
N GLU F 44 56.97 4.50 23.46
CA GLU F 44 56.36 3.22 23.06
C GLU F 44 55.76 2.42 24.20
N TYR F 45 56.29 2.56 25.42
CA TYR F 45 55.88 1.72 26.55
C TYR F 45 55.13 2.46 27.67
N THR F 46 54.89 3.76 27.51
CA THR F 46 54.10 4.52 28.47
C THR F 46 53.21 5.55 27.75
N ARG F 47 52.00 5.74 28.27
CA ARG F 47 51.13 6.84 27.84
C ARG F 47 50.57 7.49 29.11
N GLU F 48 51.10 8.65 29.44
CA GLU F 48 50.93 9.22 30.77
C GLU F 48 51.25 10.71 30.83
N ALA F 49 50.87 11.32 31.95
CA ALA F 49 51.24 12.70 32.26
C ALA F 49 52.50 12.71 33.11
N GLY F 50 52.48 11.92 34.19
CA GLY F 50 53.61 11.81 35.11
C GLY F 50 54.63 10.78 34.68
N VAL F 51 55.22 10.08 35.65
CA VAL F 51 56.25 9.07 35.38
C VAL F 51 56.05 7.80 36.21
N ARG F 52 54.81 7.50 36.55
CA ARG F 52 54.48 6.27 37.28
C ARG F 52 54.61 5.05 36.38
N GLY F 53 54.21 5.22 35.11
CA GLY F 53 54.40 4.19 34.10
C GLY F 53 55.87 3.98 33.77
N LEU F 54 56.61 5.08 33.66
CA LEU F 54 58.04 5.04 33.35
C LEU F 54 58.86 4.40 34.48
N GLU F 55 58.50 4.71 35.72
CA GLU F 55 59.16 4.14 36.89
C GLU F 55 58.94 2.62 36.97
N ARG F 56 57.72 2.20 36.64
CA ARG F 56 57.36 0.77 36.59
C ARG F 56 58.22 0.01 35.59
N GLU F 57 58.42 0.60 34.42
CA GLU F 57 59.09 -0.06 33.29
C GLU F 57 60.61 -0.09 33.42
N LEU F 58 61.20 0.99 33.93
CA LEU F 58 62.64 1.00 34.20
C LEU F 58 63.01 0.02 35.32
N GLY F 59 62.04 -0.26 36.19
CA GLY F 59 62.15 -1.35 37.16
C GLY F 59 62.16 -2.71 36.48
N LYS F 60 61.29 -2.89 35.49
CA LYS F 60 61.27 -4.12 34.69
C LYS F 60 62.57 -4.35 33.93
N ILE F 61 63.17 -3.27 33.42
CA ILE F 61 64.47 -3.35 32.72
C ILE F 61 65.56 -3.80 33.68
N ALA F 62 65.60 -3.18 34.85
CA ALA F 62 66.56 -3.54 35.89
C ALA F 62 66.37 -4.98 36.36
N ARG F 63 65.10 -5.38 36.55
CA ARG F 63 64.79 -6.74 36.99
C ARG F 63 65.03 -7.79 35.92
N LYS F 64 64.70 -7.48 34.66
CA LYS F 64 64.98 -8.41 33.56
C LYS F 64 66.48 -8.52 33.32
N GLY F 65 67.23 -7.47 33.69
CA GLY F 65 68.68 -7.54 33.75
C GLY F 65 69.16 -8.48 34.84
N ALA F 66 68.45 -8.47 35.97
CA ALA F 66 68.72 -9.38 37.09
C ALA F 66 68.50 -10.85 36.73
N LYS F 67 67.52 -11.13 35.86
CA LYS F 67 67.33 -12.48 35.31
C LYS F 67 68.56 -12.90 34.51
N PHE F 68 69.06 -11.99 33.68
CA PHE F 68 70.15 -12.30 32.77
C PHE F 68 71.51 -12.50 33.47
N TRP F 69 71.82 -11.69 34.48
CA TRP F 69 73.11 -11.81 35.21
C TRP F 69 73.22 -13.15 35.95
N LEU F 70 72.08 -13.63 36.46
CA LEU F 70 71.99 -14.98 37.05
C LEU F 70 72.15 -16.06 35.98
N GLU F 71 71.53 -15.83 34.82
CA GLU F 71 71.66 -16.73 33.67
C GLU F 71 73.10 -16.79 33.15
N GLY F 72 73.85 -15.71 33.42
CA GLY F 72 75.29 -15.67 33.12
C GLY F 72 75.81 -14.26 33.31
N ALA F 73 76.99 -14.11 33.90
CA ALA F 73 77.56 -12.80 34.18
C ALA F 73 78.40 -12.26 33.01
N TRP F 74 78.65 -10.95 33.04
CA TRP F 74 79.53 -10.28 32.05
C TRP F 74 80.61 -9.45 32.72
N GLU F 75 81.53 -8.95 31.90
CA GLU F 75 82.72 -8.25 32.38
C GLU F 75 82.69 -6.79 31.90
N GLY F 76 82.22 -5.91 32.79
CA GLY F 76 82.11 -4.48 32.49
C GLY F 76 80.68 -3.99 32.62
N LEU F 77 80.39 -2.86 31.97
CA LEU F 77 79.06 -2.27 31.97
C LEU F 77 78.36 -2.53 30.62
N ARG F 78 77.26 -3.28 30.68
CA ARG F 78 76.48 -3.62 29.49
C ARG F 78 75.45 -2.52 29.21
N THR F 79 75.70 -1.70 28.18
CA THR F 79 74.80 -0.62 27.81
C THR F 79 73.66 -1.14 26.93
N ILE F 80 72.43 -0.75 27.29
CA ILE F 80 71.22 -1.18 26.58
C ILE F 80 70.79 -0.09 25.58
N ASP F 81 70.79 -0.44 24.30
CA ASP F 81 70.37 0.49 23.24
C ASP F 81 68.86 0.36 23.02
N ALA F 82 68.30 1.27 22.22
CA ALA F 82 66.86 1.27 21.93
C ALA F 82 66.42 0.03 21.17
N SER F 83 67.34 -0.54 20.39
CA SER F 83 67.10 -1.80 19.69
C SER F 83 66.85 -2.96 20.65
N ASP F 84 67.50 -2.92 21.81
CA ASP F 84 67.40 -3.97 22.81
C ASP F 84 66.17 -3.90 23.71
N ILE F 85 65.53 -2.74 23.81
CA ILE F 85 64.47 -2.52 24.81
C ILE F 85 63.35 -3.57 24.76
N PRO F 86 62.90 -3.99 23.56
CA PRO F 86 61.91 -5.07 23.51
C PRO F 86 62.36 -6.41 24.09
N THR F 87 63.67 -6.67 24.10
CA THR F 87 64.22 -7.84 24.80
C THR F 87 63.94 -7.75 26.30
N TYR F 88 63.95 -6.52 26.83
CA TYR F 88 63.73 -6.26 28.25
C TYR F 88 62.26 -6.05 28.63
N LEU F 89 61.48 -5.42 27.74
CA LEU F 89 60.08 -5.06 28.05
C LEU F 89 59.02 -5.79 27.21
N GLY F 90 59.44 -6.64 26.27
CA GLY F 90 58.51 -7.32 25.39
C GLY F 90 58.08 -6.48 24.20
N ILE F 91 56.88 -6.75 23.68
CA ILE F 91 56.38 -6.05 22.49
C ILE F 91 55.90 -4.65 22.89
N PRO F 92 56.24 -3.63 22.09
CA PRO F 92 55.75 -2.26 22.35
C PRO F 92 54.23 -2.17 22.51
N ARG F 93 53.79 -1.59 23.63
CA ARG F 93 52.37 -1.44 23.93
C ARG F 93 51.76 -0.24 23.21
N TYR F 94 52.61 0.65 22.69
CA TYR F 94 52.16 1.80 21.91
C TYR F 94 53.01 2.04 20.67
N ARG F 95 52.40 2.68 19.67
CA ARG F 95 53.09 3.13 18.46
C ARG F 95 52.53 4.52 18.11
N PRO F 96 53.02 5.58 18.78
CA PRO F 96 52.48 6.92 18.53
C PRO F 96 52.61 7.39 17.08
N ASP F 97 53.75 7.09 16.45
CA ASP F 97 53.97 7.38 15.03
C ASP F 97 52.93 6.71 14.12
N LYS F 98 52.52 5.50 14.47
CA LYS F 98 51.60 4.68 13.67
C LYS F 98 50.51 4.15 14.59
N ALA F 99 49.54 5.02 14.91
CA ALA F 99 48.60 4.77 16.01
C ALA F 99 47.61 3.62 15.80
N GLU F 100 47.27 3.34 14.55
CA GLU F 100 46.26 2.29 14.26
C GLU F 100 46.81 0.87 14.36
N THR F 101 48.12 0.70 14.24
CA THR F 101 48.75 -0.62 14.31
C THR F 101 49.02 -1.10 15.75
N GLU F 102 48.82 -0.23 16.73
CA GLU F 102 49.14 -0.55 18.12
C GLU F 102 48.12 -1.51 18.73
N PRO F 103 48.52 -2.25 19.80
CA PRO F 103 47.64 -3.17 20.51
C PRO F 103 46.34 -2.54 21.02
N GLN F 104 45.24 -3.28 20.92
CA GLN F 104 43.93 -2.83 21.36
C GLN F 104 43.12 -3.95 22.03
N VAL F 105 42.34 -3.57 23.04
CA VAL F 105 41.53 -4.52 23.79
C VAL F 105 40.23 -4.78 23.04
N GLY F 106 39.98 -6.06 22.74
CA GLY F 106 38.72 -6.49 22.13
C GLY F 106 38.69 -6.52 20.62
N THR F 107 39.82 -6.27 19.97
CA THR F 107 39.89 -6.24 18.50
C THR F 107 40.94 -7.22 17.98
N ALA F 108 40.80 -7.62 16.73
CA ALA F 108 41.71 -8.57 16.09
C ALA F 108 41.58 -8.51 14.58
N GLN F 109 42.71 -8.67 13.88
CA GLN F 109 42.73 -8.55 12.42
C GLN F 109 42.55 -9.91 11.75
N GLY F 110 41.54 -10.01 10.89
CA GLY F 110 41.28 -11.22 10.12
C GLY F 110 41.59 -11.02 8.65
N LEU F 111 41.89 -12.11 7.95
CA LEU F 111 42.12 -12.09 6.51
C LEU F 111 40.99 -12.83 5.81
N ALA F 112 40.18 -12.10 5.06
CA ALA F 112 39.04 -12.68 4.33
C ALA F 112 39.29 -12.61 2.83
N TRP F 113 38.86 -13.66 2.12
CA TRP F 113 38.95 -13.71 0.66
C TRP F 113 37.56 -13.49 0.07
N THR F 114 37.53 -12.95 -1.15
CA THR F 114 36.27 -12.70 -1.87
C THR F 114 36.47 -13.06 -3.35
N PRO F 115 35.37 -13.22 -4.09
CA PRO F 115 35.47 -13.47 -5.54
C PRO F 115 36.39 -12.50 -6.31
N VAL F 116 36.43 -11.24 -5.88
CA VAL F 116 37.29 -10.23 -6.54
C VAL F 116 38.74 -10.23 -6.03
N GLY F 117 38.93 -10.46 -4.74
CA GLY F 117 40.27 -10.47 -4.16
C GLY F 117 40.26 -10.75 -2.67
N GLY F 118 41.20 -10.14 -1.95
CA GLY F 118 41.29 -10.30 -0.50
C GLY F 118 41.08 -8.98 0.22
N THR F 119 40.60 -9.07 1.47
CA THR F 119 40.38 -7.88 2.31
C THR F 119 40.65 -8.20 3.77
N LEU F 120 40.99 -7.14 4.52
CA LEU F 120 41.24 -7.24 5.94
C LEU F 120 39.94 -7.09 6.72
N LEU F 121 39.61 -8.09 7.53
CA LEU F 121 38.49 -8.01 8.46
C LEU F 121 38.99 -7.52 9.81
N THR F 122 38.15 -6.76 10.52
CA THR F 122 38.45 -6.37 11.89
C THR F 122 37.30 -6.82 12.79
N ILE F 123 37.57 -7.83 13.62
CA ILE F 123 36.57 -8.34 14.55
C ILE F 123 36.62 -7.48 15.81
N GLU F 124 35.51 -6.81 16.12
CA GLU F 124 35.40 -6.03 17.34
C GLU F 124 34.56 -6.80 18.35
N VAL F 125 35.03 -6.86 19.59
CA VAL F 125 34.29 -7.53 20.66
C VAL F 125 34.28 -6.66 21.91
N ALA F 126 33.08 -6.36 22.40
CA ALA F 126 32.92 -5.63 23.64
C ALA F 126 32.30 -6.54 24.69
N ALA F 127 32.97 -6.63 25.84
CA ALA F 127 32.44 -7.33 27.01
C ALA F 127 31.98 -6.30 28.03
N VAL F 128 30.68 -6.32 28.34
CA VAL F 128 30.08 -5.34 29.25
C VAL F 128 29.29 -6.06 30.34
N PRO F 129 29.01 -5.36 31.46
CA PRO F 129 28.15 -5.95 32.49
C PRO F 129 26.79 -6.39 31.95
N GLY F 130 26.39 -7.62 32.26
CA GLY F 130 25.17 -8.20 31.72
C GLY F 130 24.75 -9.49 32.39
N SER F 131 24.04 -10.33 31.64
CA SER F 131 23.45 -11.57 32.17
C SER F 131 23.66 -12.78 31.25
N GLY F 132 24.77 -12.79 30.51
CA GLY F 132 25.15 -13.93 29.68
C GLY F 132 24.63 -13.93 28.25
N LYS F 133 24.30 -12.76 27.73
CA LYS F 133 23.80 -12.63 26.36
C LYS F 133 24.97 -12.52 25.38
N LEU F 134 24.70 -12.83 24.13
CA LEU F 134 25.69 -12.70 23.05
C LEU F 134 25.04 -12.07 21.82
N SER F 135 25.59 -10.94 21.37
CA SER F 135 25.15 -10.30 20.12
C SER F 135 26.18 -10.55 19.03
N LEU F 136 25.68 -10.77 17.81
CA LEU F 136 26.54 -11.03 16.65
C LEU F 136 26.06 -10.20 15.46
N THR F 137 26.74 -9.09 15.22
CA THR F 137 26.31 -8.12 14.20
C THR F 137 27.36 -7.91 13.10
N GLY F 138 26.94 -7.22 12.05
CA GLY F 138 27.76 -7.00 10.84
C GLY F 138 27.36 -7.90 9.70
N GLN F 139 26.04 -8.08 9.52
CA GLN F 139 25.48 -9.00 8.54
C GLN F 139 26.26 -10.32 8.44
N LEU F 140 26.43 -10.97 9.59
CA LEU F 140 27.14 -12.24 9.65
C LEU F 140 26.23 -13.40 9.24
N GLY F 141 26.71 -14.25 8.35
CA GLY F 141 26.02 -15.46 7.96
C GLY F 141 26.10 -16.51 9.05
N GLU F 142 25.31 -17.57 8.91
CA GLU F 142 25.19 -18.58 9.97
C GLU F 142 26.49 -19.31 10.30
N VAL F 143 27.30 -19.61 9.28
CA VAL F 143 28.58 -20.32 9.51
C VAL F 143 29.52 -19.45 10.34
N MET F 144 29.49 -18.13 10.09
CA MET F 144 30.34 -17.19 10.82
C MET F 144 29.84 -16.94 12.24
N LYS F 145 28.52 -16.99 12.43
CA LYS F 145 27.93 -16.88 13.77
C LYS F 145 28.31 -18.08 14.63
N GLU F 146 28.18 -19.28 14.05
CA GLU F 146 28.57 -20.52 14.72
C GLU F 146 30.06 -20.56 15.03
N SER F 147 30.87 -19.93 14.17
CA SER F 147 32.30 -19.79 14.41
C SER F 147 32.60 -19.03 15.70
N ALA F 148 31.82 -17.97 15.94
CA ALA F 148 31.93 -17.18 17.18
C ALA F 148 31.49 -17.98 18.41
N GLN F 149 30.43 -18.77 18.25
CA GLN F 149 29.94 -19.62 19.32
C GLN F 149 30.96 -20.69 19.71
N ALA F 150 31.64 -21.24 18.72
CA ALA F 150 32.71 -22.22 18.95
C ALA F 150 33.86 -21.59 19.73
N ALA F 151 34.31 -20.42 19.27
CA ALA F 151 35.39 -19.69 19.92
C ALA F 151 35.04 -19.34 21.36
N LEU F 152 33.82 -18.85 21.58
CA LEU F 152 33.35 -18.47 22.91
C LEU F 152 33.29 -19.67 23.86
N THR F 153 32.74 -20.78 23.37
CA THR F 153 32.60 -22.01 24.17
C THR F 153 33.96 -22.57 24.57
N TYR F 154 34.92 -22.54 23.66
CA TYR F 154 36.30 -22.93 23.97
C TYR F 154 36.84 -22.12 25.16
N LEU F 155 36.69 -20.80 25.07
CA LEU F 155 37.18 -19.88 26.11
C LEU F 155 36.45 -20.06 27.43
N ARG F 156 35.17 -20.44 27.38
CA ARG F 156 34.41 -20.76 28.59
C ARG F 156 34.99 -21.98 29.31
N ALA F 157 35.50 -22.94 28.56
CA ALA F 157 36.09 -24.16 29.10
C ALA F 157 37.53 -23.97 29.58
N HIS F 158 38.16 -22.84 29.21
CA HIS F 158 39.56 -22.57 29.57
C HIS F 158 39.71 -21.21 30.25
N THR F 159 38.92 -20.98 31.29
CA THR F 159 38.95 -19.71 32.03
C THR F 159 40.24 -19.55 32.83
N GLN F 160 40.71 -20.63 33.45
CA GLN F 160 41.98 -20.62 34.18
C GLN F 160 43.18 -20.41 33.26
N ASP F 161 43.15 -21.06 32.09
CA ASP F 161 44.29 -21.06 31.19
C ASP F 161 44.65 -19.69 30.61
N TYR F 162 43.64 -18.88 30.29
CA TYR F 162 43.87 -17.57 29.66
C TYR F 162 43.51 -16.39 30.55
N GLY F 163 43.45 -16.62 31.86
CA GLY F 163 43.23 -15.55 32.84
C GLY F 163 41.92 -14.80 32.62
N LEU F 164 40.82 -15.55 32.61
CA LEU F 164 39.50 -14.98 32.39
C LEU F 164 38.66 -15.11 33.66
N PRO F 165 37.72 -14.17 33.89
CA PRO F 165 36.83 -14.30 35.06
C PRO F 165 36.05 -15.61 35.05
N GLU F 166 35.96 -16.26 36.21
CA GLU F 166 35.39 -17.61 36.29
C GLU F 166 33.89 -17.63 35.99
N ASP F 167 33.21 -16.54 36.34
CA ASP F 167 31.75 -16.44 36.18
C ASP F 167 31.36 -15.42 35.10
N PHE F 168 32.15 -15.32 34.03
CA PHE F 168 31.85 -14.36 32.97
C PHE F 168 30.63 -14.76 32.15
N TYR F 169 30.38 -16.07 32.07
CA TYR F 169 29.26 -16.60 31.28
C TYR F 169 27.89 -16.07 31.71
N ASN F 170 27.70 -15.77 33.00
CA ASN F 170 26.41 -15.29 33.50
C ASN F 170 26.40 -13.87 34.09
N LYS F 171 27.56 -13.22 34.16
CA LYS F 171 27.66 -11.84 34.64
C LYS F 171 28.04 -10.85 33.54
N VAL F 172 28.28 -11.34 32.33
CA VAL F 172 28.77 -10.50 31.23
C VAL F 172 27.97 -10.73 29.95
N ASP F 173 27.68 -9.65 29.24
CA ASP F 173 27.11 -9.71 27.90
C ASP F 173 28.22 -9.45 26.88
N LEU F 174 28.25 -10.25 25.82
CA LEU F 174 29.23 -10.11 24.75
C LEU F 174 28.58 -9.59 23.48
N HIS F 175 29.28 -8.69 22.79
CA HIS F 175 28.84 -8.20 21.48
C HIS F 175 30.00 -8.38 20.50
N VAL F 176 29.81 -9.24 19.51
CA VAL F 176 30.77 -9.41 18.42
C VAL F 176 30.29 -8.61 17.22
N HIS F 177 31.11 -7.67 16.76
CA HIS F 177 30.78 -6.80 15.63
C HIS F 177 31.90 -6.82 14.60
N VAL F 178 31.51 -6.91 13.32
CA VAL F 178 32.45 -7.01 12.21
C VAL F 178 32.04 -6.01 11.12
N PRO F 179 32.74 -4.87 11.03
CA PRO F 179 32.48 -3.94 9.91
C PRO F 179 33.04 -4.47 8.59
N ASP F 180 32.55 -4.00 7.44
CA ASP F 180 31.58 -2.90 7.34
C ASP F 180 30.17 -3.36 7.68
N GLY F 181 29.42 -2.51 8.37
CA GLY F 181 28.05 -2.83 8.82
C GLY F 181 27.10 -3.34 7.75
N ALA F 182 27.31 -2.92 6.50
CA ALA F 182 26.41 -3.28 5.40
C ALA F 182 26.81 -4.58 4.67
N THR F 183 28.10 -4.78 4.46
CA THR F 183 28.62 -5.93 3.71
C THR F 183 28.24 -7.28 4.37
N PRO F 184 27.56 -8.17 3.63
CA PRO F 184 27.37 -9.53 4.14
C PRO F 184 28.67 -10.32 4.26
N LYS F 185 28.78 -11.13 5.30
CA LYS F 185 30.00 -11.89 5.61
C LYS F 185 29.63 -13.30 6.04
N ASP F 186 30.45 -14.26 5.63
CA ASP F 186 30.21 -15.66 5.99
C ASP F 186 31.48 -16.49 5.81
N GLY F 187 31.55 -17.61 6.54
CA GLY F 187 32.66 -18.55 6.44
C GLY F 187 33.22 -18.91 7.80
N PRO F 188 33.92 -20.06 7.89
CA PRO F 188 34.55 -20.49 9.13
C PRO F 188 35.95 -19.93 9.34
N SER F 189 36.50 -19.26 8.33
CA SER F 189 37.90 -18.82 8.31
C SER F 189 38.32 -17.86 9.44
N ALA F 190 37.38 -17.14 10.03
CA ALA F 190 37.69 -16.12 11.05
C ALA F 190 37.67 -16.64 12.49
N GLY F 191 37.66 -17.96 12.69
CA GLY F 191 37.51 -18.57 14.01
C GLY F 191 38.53 -18.14 15.06
N ILE F 192 39.81 -18.35 14.75
CA ILE F 192 40.90 -17.95 15.66
C ILE F 192 40.96 -16.44 15.87
N THR F 193 40.59 -15.70 14.82
CA THR F 193 40.54 -14.25 14.86
C THR F 193 39.52 -13.75 15.88
N MET F 194 38.43 -14.48 16.02
CA MET F 194 37.37 -14.14 16.95
C MET F 194 37.74 -14.46 18.38
N ALA F 195 38.35 -15.63 18.56
CA ALA F 195 38.80 -16.07 19.87
C ALA F 195 39.75 -15.05 20.46
N THR F 196 40.65 -14.57 19.61
CA THR F 196 41.58 -13.51 19.98
C THR F 196 40.81 -12.31 20.52
N ALA F 197 39.85 -11.83 19.74
CA ALA F 197 39.06 -10.65 20.10
C ALA F 197 38.23 -10.87 21.36
N ILE F 198 37.60 -12.04 21.48
CA ILE F 198 36.74 -12.34 22.63
C ILE F 198 37.57 -12.52 23.89
N ALA F 199 38.64 -13.32 23.80
CA ALA F 199 39.56 -13.50 24.92
C ALA F 199 40.13 -12.16 25.37
N SER F 200 40.59 -11.37 24.41
CA SER F 200 41.13 -10.03 24.67
C SER F 200 40.13 -9.14 25.42
N ALA F 201 38.87 -9.18 24.98
CA ALA F 201 37.81 -8.40 25.61
C ALA F 201 37.54 -8.84 27.05
N LEU F 202 37.46 -10.16 27.26
CA LEU F 202 37.19 -10.72 28.59
C LEU F 202 38.37 -10.56 29.54
N SER F 203 39.57 -10.89 29.04
CA SER F 203 40.79 -10.84 29.85
C SER F 203 41.27 -9.42 30.13
N ARG F 204 40.85 -8.46 29.30
CA ARG F 204 41.34 -7.08 29.35
C ARG F 204 42.81 -6.97 28.89
N ARG F 205 43.30 -8.01 28.21
CA ARG F 205 44.66 -8.03 27.66
C ARG F 205 44.61 -7.55 26.22
N PRO F 206 45.36 -6.48 25.89
CA PRO F 206 45.39 -5.98 24.51
C PRO F 206 45.84 -7.02 23.48
N ALA F 207 45.12 -7.11 22.38
CA ALA F 207 45.50 -7.96 21.25
C ALA F 207 46.30 -7.13 20.26
N ARG F 208 47.32 -7.74 19.67
CA ARG F 208 48.18 -7.05 18.71
C ARG F 208 47.45 -6.81 17.38
N MET F 209 47.56 -5.58 16.87
CA MET F 209 46.90 -5.18 15.62
C MET F 209 47.86 -5.05 14.45
N ASP F 210 49.12 -5.46 14.65
CA ASP F 210 50.09 -5.57 13.56
C ASP F 210 50.17 -7.00 13.03
N ILE F 211 49.32 -7.87 13.56
CA ILE F 211 49.22 -9.26 13.12
C ILE F 211 47.82 -9.52 12.57
N ALA F 212 47.75 -10.10 11.37
CA ALA F 212 46.49 -10.54 10.78
C ALA F 212 46.51 -12.06 10.69
N MET F 213 45.34 -12.68 10.86
CA MET F 213 45.27 -14.13 10.95
C MET F 213 44.07 -14.71 10.22
N THR F 214 44.09 -16.04 10.07
CA THR F 214 43.01 -16.76 9.43
C THR F 214 43.13 -18.24 9.81
N GLY F 215 42.01 -18.86 10.15
CA GLY F 215 42.00 -20.25 10.60
C GLY F 215 40.69 -20.64 11.26
N GLU F 216 40.16 -21.79 10.83
CA GLU F 216 38.93 -22.32 11.42
C GLU F 216 39.21 -22.90 12.80
N VAL F 217 38.30 -22.65 13.74
CA VAL F 217 38.48 -23.07 15.14
C VAL F 217 37.53 -24.22 15.45
N SER F 218 37.95 -25.07 16.38
CA SER F 218 37.17 -26.23 16.82
C SER F 218 37.01 -26.20 18.33
N LEU F 219 35.93 -26.80 18.83
CA LEU F 219 35.61 -26.78 20.28
C LEU F 219 36.78 -27.10 21.20
N ARG F 220 37.49 -28.19 20.91
CA ARG F 220 38.64 -28.61 21.73
C ARG F 220 39.86 -27.70 21.52
N GLY F 221 39.93 -27.03 20.38
CA GLY F 221 40.93 -25.98 20.15
C GLY F 221 41.92 -26.20 19.02
N LYS F 222 41.60 -27.10 18.08
CA LYS F 222 42.46 -27.32 16.92
C LYS F 222 42.22 -26.28 15.85
N VAL F 223 43.29 -25.61 15.42
CA VAL F 223 43.23 -24.63 14.34
C VAL F 223 43.22 -25.40 13.03
N MET F 224 42.10 -25.34 12.31
CA MET F 224 41.88 -26.17 11.14
C MET F 224 42.26 -25.44 9.85
N PRO F 225 42.55 -26.20 8.78
CA PRO F 225 42.95 -25.57 7.52
C PRO F 225 41.81 -24.81 6.83
N ILE F 226 42.18 -23.99 5.86
CA ILE F 226 41.27 -23.06 5.20
C ILE F 226 41.62 -22.91 3.71
N GLY F 227 40.79 -22.16 2.99
CA GLY F 227 41.04 -21.86 1.58
C GLY F 227 41.36 -20.39 1.33
N GLY F 228 41.70 -20.08 0.09
CA GLY F 228 42.02 -18.71 -0.32
C GLY F 228 43.29 -18.18 0.33
N VAL F 229 44.33 -19.00 0.35
CA VAL F 229 45.57 -18.67 1.05
C VAL F 229 46.36 -17.60 0.30
N LYS F 230 46.32 -17.63 -1.03
CA LYS F 230 47.01 -16.63 -1.85
C LYS F 230 46.40 -15.25 -1.67
N GLU F 231 45.11 -15.13 -1.93
CA GLU F 231 44.44 -13.82 -1.97
C GLU F 231 44.40 -13.15 -0.59
N LYS F 232 44.32 -13.95 0.46
CA LYS F 232 44.40 -13.45 1.84
C LYS F 232 45.78 -12.87 2.17
N LEU F 233 46.83 -13.47 1.61
CA LEU F 233 48.20 -12.99 1.83
C LEU F 233 48.50 -11.71 1.04
N LEU F 234 47.92 -11.57 -0.15
CA LEU F 234 47.99 -10.31 -0.89
C LEU F 234 47.25 -9.18 -0.16
N ALA F 235 46.19 -9.55 0.56
CA ALA F 235 45.39 -8.59 1.34
C ALA F 235 46.18 -8.00 2.50
N ALA F 236 46.97 -8.84 3.18
CA ALA F 236 47.86 -8.38 4.24
C ALA F 236 48.91 -7.42 3.68
N HIS F 237 49.40 -7.71 2.48
CA HIS F 237 50.32 -6.81 1.77
C HIS F 237 49.64 -5.49 1.40
N GLN F 238 48.44 -5.60 0.83
CA GLN F 238 47.63 -4.43 0.49
C GLN F 238 47.37 -3.53 1.71
N ALA F 239 47.19 -4.15 2.87
CA ALA F 239 46.91 -3.43 4.11
C ALA F 239 48.17 -2.90 4.81
N GLY F 240 49.30 -3.56 4.58
CA GLY F 240 50.56 -3.21 5.25
C GLY F 240 50.82 -4.04 6.50
N ILE F 241 50.11 -5.17 6.62
CA ILE F 241 50.36 -6.14 7.68
C ILE F 241 51.43 -7.11 7.19
N HIS F 242 52.53 -7.23 7.93
CA HIS F 242 53.67 -8.06 7.52
C HIS F 242 53.98 -9.14 8.55
N LYS F 243 52.96 -9.52 9.34
CA LYS F 243 53.06 -10.64 10.28
C LYS F 243 51.75 -11.41 10.23
N ILE F 244 51.83 -12.70 9.89
CA ILE F 244 50.64 -13.52 9.62
C ILE F 244 50.60 -14.74 10.53
N VAL F 245 49.39 -15.11 10.95
CA VAL F 245 49.15 -16.38 11.65
C VAL F 245 48.30 -17.27 10.73
N LEU F 246 48.75 -18.50 10.54
CA LEU F 246 48.15 -19.42 9.57
C LEU F 246 48.05 -20.82 10.17
N PRO F 247 47.10 -21.65 9.68
CA PRO F 247 47.03 -23.00 10.24
C PRO F 247 48.19 -23.89 9.79
N LYS F 248 48.66 -24.74 10.69
CA LYS F 248 49.73 -25.69 10.42
C LYS F 248 49.44 -26.53 9.18
N ASP F 249 48.19 -26.95 9.04
CA ASP F 249 47.76 -27.80 7.92
C ASP F 249 47.77 -27.10 6.56
N ASN F 250 47.92 -25.78 6.54
CA ASN F 250 48.06 -25.02 5.30
C ASN F 250 49.51 -24.74 4.89
N GLU F 251 50.45 -25.52 5.42
CA GLU F 251 51.86 -25.41 5.03
C GLU F 251 52.07 -25.83 3.58
N ALA F 252 51.25 -26.76 3.09
CA ALA F 252 51.31 -27.23 1.72
C ALA F 252 50.81 -26.19 0.71
N GLN F 253 49.87 -25.35 1.15
CA GLN F 253 49.31 -24.30 0.28
C GLN F 253 50.31 -23.18 0.01
N LEU F 254 51.29 -23.02 0.91
CA LEU F 254 52.34 -22.02 0.75
C LEU F 254 53.47 -22.47 -0.19
N GLU F 255 53.44 -23.72 -0.63
CA GLU F 255 54.42 -24.23 -1.59
C GLU F 255 54.13 -23.74 -3.00
N GLU F 256 52.84 -23.63 -3.34
CA GLU F 256 52.43 -23.11 -4.66
C GLU F 256 52.75 -21.62 -4.79
N LEU F 257 52.62 -20.89 -3.68
CA LEU F 257 52.79 -19.44 -3.69
C LEU F 257 54.11 -19.01 -4.33
N PRO F 258 54.06 -18.06 -5.28
CA PRO F 258 55.31 -17.52 -5.81
C PRO F 258 56.07 -16.75 -4.72
N LYS F 259 57.40 -16.76 -4.80
CA LYS F 259 58.24 -16.21 -3.72
C LYS F 259 57.86 -14.78 -3.32
N GLU F 260 57.32 -14.01 -4.27
CA GLU F 260 57.04 -12.60 -4.07
C GLU F 260 55.81 -12.32 -3.19
N VAL F 261 54.97 -13.33 -2.98
CA VAL F 261 53.82 -13.21 -2.06
C VAL F 261 54.24 -13.52 -0.63
N LEU F 262 55.14 -14.49 -0.46
CA LEU F 262 55.67 -14.83 0.86
C LEU F 262 56.76 -13.84 1.27
N GLU F 263 57.36 -13.17 0.29
CA GLU F 263 58.37 -12.16 0.54
C GLU F 263 57.78 -10.99 1.31
N GLY F 264 58.30 -10.75 2.51
CA GLY F 264 57.86 -9.65 3.36
C GLY F 264 56.97 -10.04 4.52
N LEU F 265 56.76 -11.35 4.73
CA LEU F 265 55.83 -11.83 5.76
C LEU F 265 56.51 -12.74 6.78
N GLU F 266 56.24 -12.47 8.06
CA GLU F 266 56.51 -13.42 9.14
C GLU F 266 55.28 -14.30 9.27
N ILE F 267 55.44 -15.60 9.08
CA ILE F 267 54.32 -16.52 9.02
C ILE F 267 54.39 -17.57 10.12
N LYS F 268 53.68 -17.33 11.22
CA LYS F 268 53.56 -18.32 12.28
C LYS F 268 52.51 -19.37 11.91
N LEU F 269 52.90 -20.64 12.00
CA LEU F 269 52.01 -21.76 11.70
C LEU F 269 51.58 -22.38 13.03
N VAL F 270 50.27 -22.58 13.20
CA VAL F 270 49.72 -22.97 14.50
C VAL F 270 48.86 -24.23 14.45
N GLU F 271 48.94 -25.03 15.52
CA GLU F 271 48.14 -26.25 15.67
C GLU F 271 47.01 -26.01 16.66
N ASP F 272 47.35 -25.53 17.85
CA ASP F 272 46.37 -25.21 18.89
C ASP F 272 46.02 -23.73 18.87
N VAL F 273 44.77 -23.41 19.20
CA VAL F 273 44.32 -22.02 19.32
C VAL F 273 45.05 -21.28 20.46
N GLY F 274 45.51 -22.04 21.45
CA GLY F 274 46.32 -21.48 22.54
C GLY F 274 47.65 -20.88 22.10
N GLU F 275 48.19 -21.37 20.98
CA GLU F 275 49.39 -20.79 20.39
C GLU F 275 49.14 -19.38 19.84
N VAL F 276 47.93 -19.18 19.30
CA VAL F 276 47.53 -17.87 18.77
C VAL F 276 47.41 -16.85 19.90
N LEU F 277 46.71 -17.21 20.97
CA LEU F 277 46.50 -16.30 22.10
C LEU F 277 47.81 -15.95 22.81
N GLU F 278 48.72 -16.92 22.88
CA GLU F 278 50.08 -16.70 23.38
C GLU F 278 50.77 -15.58 22.59
N TYR F 279 50.73 -15.71 21.26
CA TYR F 279 51.40 -14.79 20.34
C TYR F 279 50.67 -13.46 20.17
N LEU F 280 49.34 -13.48 20.25
CA LEU F 280 48.52 -12.28 19.99
C LEU F 280 48.34 -11.37 21.22
N LEU F 281 47.94 -11.94 22.34
CA LEU F 281 47.65 -11.14 23.55
C LEU F 281 48.93 -10.74 24.27
N LEU F 282 48.98 -9.49 24.73
CA LEU F 282 50.06 -9.02 25.60
C LEU F 282 49.90 -9.66 26.98
N PRO F 283 51.01 -9.80 27.73
CA PRO F 283 50.93 -10.44 29.05
C PRO F 283 50.05 -9.68 30.06
N GLU F 284 50.32 -8.39 30.24
CA GLU F 284 49.64 -7.58 31.26
C GLU F 284 48.41 -6.84 30.72
N PRO F 285 47.29 -6.89 31.48
CA PRO F 285 46.09 -6.15 31.08
C PRO F 285 46.18 -4.65 31.35
N THR F 286 45.50 -3.86 30.53
CA THR F 286 45.54 -2.40 30.62
C THR F 286 44.34 -1.86 31.39
N MET F 287 43.14 -2.12 30.87
CA MET F 287 41.90 -1.63 31.48
C MET F 287 41.54 -2.43 32.74
N PRO F 288 40.73 -1.83 33.63
CA PRO F 288 40.10 -2.59 34.71
C PRO F 288 39.10 -3.63 34.16
N PRO F 289 38.71 -4.62 34.99
CA PRO F 289 37.97 -5.79 34.48
C PRO F 289 36.62 -5.46 33.87
N PRO G 2 3.49 -30.31 -35.25
CA PRO G 2 4.03 -30.12 -36.59
C PRO G 2 5.54 -29.87 -36.60
N GLY G 3 6.10 -29.70 -37.80
CA GLY G 3 7.49 -29.31 -37.96
C GLY G 3 8.50 -30.43 -37.79
N TYR G 4 9.74 -30.15 -38.19
CA TYR G 4 10.85 -31.09 -38.01
C TYR G 4 11.34 -31.05 -36.57
N THR G 5 12.10 -32.07 -36.19
CA THR G 5 12.76 -32.10 -34.88
C THR G 5 14.21 -31.63 -35.02
N ASN G 6 14.93 -31.55 -33.91
CA ASN G 6 16.30 -31.01 -33.91
C ASN G 6 17.27 -31.85 -34.74
N MET G 7 17.28 -33.16 -34.52
CA MET G 7 18.22 -34.04 -35.22
C MET G 7 17.91 -34.11 -36.72
N GLU G 8 16.65 -33.90 -37.10
CA GLU G 8 16.29 -33.80 -38.50
C GLU G 8 16.87 -32.52 -39.10
N LYS G 9 16.59 -31.38 -38.47
CA LYS G 9 17.13 -30.09 -38.92
C LYS G 9 18.65 -30.06 -38.99
N GLN G 10 19.31 -30.68 -38.00
CA GLN G 10 20.76 -30.80 -38.00
C GLN G 10 21.28 -31.42 -39.30
N ALA G 11 20.61 -32.48 -39.74
CA ALA G 11 20.96 -33.16 -40.98
C ALA G 11 20.63 -32.31 -42.21
N ILE G 12 19.46 -31.67 -42.22
CA ILE G 12 19.05 -30.85 -43.36
C ILE G 12 20.03 -29.70 -43.55
N ALA G 13 20.46 -29.11 -42.44
CA ALA G 13 21.40 -28.00 -42.46
C ALA G 13 22.78 -28.45 -42.96
N ARG G 14 23.27 -29.55 -42.41
CA ARG G 14 24.54 -30.14 -42.82
C ARG G 14 24.53 -30.55 -44.29
N GLN G 15 23.47 -31.25 -44.69
CA GLN G 15 23.40 -31.90 -45.98
C GLN G 15 23.03 -30.96 -47.12
N TYR G 16 22.31 -29.88 -46.83
CA TYR G 16 21.76 -29.00 -47.87
C TYR G 16 21.90 -27.50 -47.61
N LEU G 17 21.42 -27.02 -46.47
CA LEU G 17 21.32 -25.57 -46.24
C LEU G 17 22.68 -24.90 -46.14
N TRP G 18 23.50 -25.33 -45.18
CA TRP G 18 24.83 -24.75 -45.01
C TRP G 18 25.61 -24.77 -46.33
N PRO G 19 25.89 -25.97 -46.89
CA PRO G 19 26.63 -26.06 -48.16
C PRO G 19 26.17 -25.08 -49.24
N LYS G 20 24.86 -24.93 -49.41
CA LYS G 20 24.31 -24.02 -50.41
C LYS G 20 24.56 -22.55 -50.05
N GLN G 21 24.50 -22.23 -48.76
CA GLN G 21 24.75 -20.86 -48.30
C GLN G 21 26.24 -20.51 -48.30
N VAL G 22 27.09 -21.53 -48.15
CA VAL G 22 28.54 -21.32 -48.20
C VAL G 22 28.93 -20.89 -49.62
N ARG G 23 28.54 -21.71 -50.59
CA ARG G 23 28.90 -21.51 -51.99
C ARG G 23 28.25 -20.26 -52.60
N GLU G 24 27.01 -19.96 -52.20
CA GLU G 24 26.32 -18.76 -52.69
C GLU G 24 26.93 -17.45 -52.17
N SER G 25 27.67 -17.53 -51.07
CA SER G 25 28.40 -16.37 -50.55
C SER G 25 29.77 -16.19 -51.21
N GLY G 26 30.09 -17.03 -52.20
CA GLY G 26 31.41 -17.04 -52.83
C GLY G 26 32.47 -17.47 -51.84
N MET G 27 32.12 -18.45 -51.01
CA MET G 27 32.91 -18.80 -49.82
C MET G 27 33.10 -20.32 -49.63
N GLU G 28 32.88 -21.09 -50.70
CA GLU G 28 32.89 -22.56 -50.60
C GLU G 28 34.28 -23.10 -50.25
N GLY G 29 34.33 -24.01 -49.29
CA GLY G 29 35.57 -24.67 -48.90
C GLY G 29 36.50 -23.86 -48.01
N ARG G 30 36.17 -22.58 -47.78
CA ARG G 30 37.02 -21.68 -47.01
C ARG G 30 36.64 -21.64 -45.52
N ILE G 31 35.38 -21.95 -45.23
CA ILE G 31 34.89 -22.00 -43.84
C ILE G 31 33.96 -23.19 -43.62
N GLU G 32 33.82 -23.57 -42.36
CA GLU G 32 32.94 -24.66 -41.95
C GLU G 32 32.31 -24.39 -40.60
N VAL G 33 31.29 -25.18 -40.26
CA VAL G 33 30.61 -25.09 -38.97
C VAL G 33 30.49 -26.48 -38.36
N THR G 34 30.55 -26.55 -37.03
CA THR G 34 30.46 -27.83 -36.32
C THR G 34 29.00 -28.25 -36.13
N ASP G 35 28.80 -29.49 -35.71
CA ASP G 35 27.47 -29.99 -35.36
C ASP G 35 26.91 -29.22 -34.17
N ALA G 36 27.77 -28.94 -33.20
CA ALA G 36 27.42 -28.12 -32.04
C ALA G 36 27.02 -26.71 -32.44
N ALA G 37 27.75 -26.15 -33.41
CA ALA G 37 27.47 -24.81 -33.91
C ALA G 37 26.12 -24.69 -34.61
N ILE G 38 25.66 -25.76 -35.23
CA ILE G 38 24.36 -25.77 -35.89
C ILE G 38 23.21 -25.85 -34.88
N LEU G 39 23.34 -26.73 -33.89
CA LEU G 39 22.32 -26.85 -32.83
C LEU G 39 22.20 -25.56 -32.02
N ARG G 40 23.32 -24.86 -31.88
CA ARG G 40 23.33 -23.51 -31.28
C ARG G 40 22.44 -22.58 -32.10
N VAL G 41 22.64 -22.57 -33.43
CA VAL G 41 21.87 -21.71 -34.32
C VAL G 41 20.38 -22.06 -34.32
N ILE G 42 20.06 -23.35 -34.29
CA ILE G 42 18.65 -23.79 -34.29
C ILE G 42 17.91 -23.28 -33.06
N SER G 43 18.36 -23.69 -31.89
CA SER G 43 17.66 -23.39 -30.64
C SER G 43 17.73 -21.92 -30.24
N GLU G 44 18.90 -21.30 -30.40
CA GLU G 44 19.11 -19.92 -29.95
C GLU G 44 18.89 -18.83 -31.01
N TYR G 45 18.77 -19.22 -32.29
CA TYR G 45 18.54 -18.23 -33.36
C TYR G 45 17.38 -18.55 -34.32
N THR G 46 16.57 -19.56 -34.02
CA THR G 46 15.38 -19.87 -34.83
C THR G 46 14.17 -20.23 -33.96
N ARG G 47 13.01 -19.72 -34.35
CA ARG G 47 11.74 -20.04 -33.69
C ARG G 47 10.73 -20.38 -34.78
N GLU G 48 10.71 -21.65 -35.18
CA GLU G 48 9.85 -22.10 -36.26
C GLU G 48 9.70 -23.61 -36.29
N ALA G 49 8.78 -24.07 -37.14
CA ALA G 49 8.55 -25.48 -37.38
C ALA G 49 9.44 -26.02 -38.48
N GLY G 50 9.77 -25.17 -39.46
CA GLY G 50 10.56 -25.57 -40.61
C GLY G 50 12.00 -25.10 -40.49
N VAL G 51 12.59 -24.73 -41.62
CA VAL G 51 14.00 -24.31 -41.66
C VAL G 51 14.24 -23.04 -42.50
N ARG G 52 13.16 -22.45 -42.99
CA ARG G 52 13.15 -21.12 -43.62
C ARG G 52 14.06 -20.12 -42.91
N GLY G 53 14.13 -20.22 -41.59
CA GLY G 53 14.88 -19.30 -40.75
C GLY G 53 16.34 -19.68 -40.60
N LEU G 54 16.60 -20.97 -40.42
CA LEU G 54 17.96 -21.49 -40.36
C LEU G 54 18.70 -21.15 -41.65
N GLU G 55 17.98 -21.31 -42.75
CA GLU G 55 18.44 -20.91 -44.08
C GLU G 55 18.95 -19.47 -44.05
N ARG G 56 18.15 -18.59 -43.45
CA ARG G 56 18.51 -17.18 -43.29
C ARG G 56 19.75 -16.98 -42.42
N GLU G 57 19.81 -17.70 -41.31
CA GLU G 57 20.89 -17.57 -40.34
C GLU G 57 22.22 -18.11 -40.88
N LEU G 58 22.18 -19.27 -41.53
CA LEU G 58 23.38 -19.87 -42.11
C LEU G 58 23.99 -19.00 -43.22
N GLY G 59 23.13 -18.26 -43.92
CA GLY G 59 23.58 -17.28 -44.91
C GLY G 59 24.30 -16.10 -44.28
N LYS G 60 23.81 -15.66 -43.12
CA LYS G 60 24.47 -14.59 -42.37
C LYS G 60 25.84 -15.01 -41.84
N ILE G 61 25.97 -16.28 -41.45
CA ILE G 61 27.27 -16.83 -41.06
C ILE G 61 28.24 -16.79 -42.24
N ALA G 62 27.77 -17.28 -43.38
CA ALA G 62 28.57 -17.32 -44.61
C ALA G 62 28.99 -15.92 -45.06
N ARG G 63 28.04 -14.99 -45.11
CA ARG G 63 28.31 -13.61 -45.50
C ARG G 63 29.19 -12.88 -44.48
N LYS G 64 29.02 -13.19 -43.20
CA LYS G 64 29.87 -12.63 -42.15
C LYS G 64 31.27 -13.24 -42.21
N GLY G 65 31.36 -14.49 -42.69
CA GLY G 65 32.65 -15.09 -43.01
C GLY G 65 33.35 -14.39 -44.17
N ALA G 66 32.56 -14.00 -45.17
CA ALA G 66 33.08 -13.26 -46.33
C ALA G 66 33.52 -11.84 -45.96
N LYS G 67 32.99 -11.31 -44.85
CA LYS G 67 33.43 -10.02 -44.33
C LYS G 67 34.78 -10.13 -43.61
N PHE G 68 34.99 -11.21 -42.87
CA PHE G 68 36.28 -11.47 -42.24
C PHE G 68 37.37 -11.77 -43.28
N TRP G 69 36.96 -12.35 -44.41
CA TRP G 69 37.84 -12.57 -45.55
C TRP G 69 38.41 -11.24 -46.08
N LEU G 70 37.57 -10.22 -46.09
CA LEU G 70 37.94 -8.90 -46.61
C LEU G 70 38.99 -8.19 -45.76
N GLU G 71 38.80 -8.22 -44.44
CA GLU G 71 39.75 -7.57 -43.52
C GLU G 71 41.07 -8.34 -43.39
N GLY G 72 41.04 -9.64 -43.68
CA GLY G 72 42.25 -10.46 -43.66
C GLY G 72 42.00 -11.88 -44.14
N ALA G 73 42.70 -12.28 -45.20
CA ALA G 73 42.54 -13.61 -45.80
C ALA G 73 43.35 -14.67 -45.05
N TRP G 74 43.13 -15.94 -45.41
CA TRP G 74 43.86 -17.06 -44.82
C TRP G 74 43.93 -18.26 -45.75
N GLU G 75 44.75 -19.25 -45.36
CA GLU G 75 44.90 -20.50 -46.09
C GLU G 75 44.10 -21.60 -45.41
N GLY G 76 43.43 -22.43 -46.20
CA GLY G 76 42.72 -23.60 -45.69
C GLY G 76 41.32 -23.35 -45.18
N LEU G 77 40.82 -24.33 -44.41
CA LEU G 77 39.44 -24.36 -43.95
C LEU G 77 39.33 -23.89 -42.49
N ARG G 78 38.67 -22.75 -42.28
CA ARG G 78 38.48 -22.19 -40.94
C ARG G 78 37.17 -22.71 -40.33
N THR G 79 37.27 -23.45 -39.23
CA THR G 79 36.10 -24.00 -38.54
C THR G 79 35.45 -22.96 -37.63
N ILE G 80 34.13 -23.05 -37.51
CA ILE G 80 33.35 -22.18 -36.61
C ILE G 80 32.57 -23.06 -35.63
N ASP G 81 33.02 -23.08 -34.37
CA ASP G 81 32.35 -23.86 -33.33
C ASP G 81 31.27 -23.03 -32.65
N ALA G 82 30.46 -23.67 -31.83
CA ALA G 82 29.32 -23.03 -31.15
C ALA G 82 29.71 -21.76 -30.39
N SER G 83 30.85 -21.80 -29.69
CA SER G 83 31.34 -20.64 -28.94
C SER G 83 31.56 -19.41 -29.82
N ASP G 84 31.83 -19.64 -31.11
CA ASP G 84 32.08 -18.56 -32.06
C ASP G 84 30.82 -17.96 -32.69
N ILE G 85 29.67 -18.60 -32.50
CA ILE G 85 28.42 -18.23 -33.18
C ILE G 85 27.99 -16.77 -32.95
N PRO G 86 28.01 -16.30 -31.69
CA PRO G 86 27.70 -14.88 -31.44
C PRO G 86 28.55 -13.87 -32.21
N THR G 87 29.77 -14.25 -32.59
CA THR G 87 30.63 -13.40 -33.42
C THR G 87 30.10 -13.25 -34.84
N TYR G 88 29.36 -14.25 -35.31
CA TYR G 88 28.84 -14.28 -36.68
C TYR G 88 27.39 -13.81 -36.82
N LEU G 89 26.57 -13.99 -35.78
CA LEU G 89 25.14 -13.70 -35.84
C LEU G 89 24.63 -12.68 -34.81
N GLY G 90 25.55 -12.04 -34.10
CA GLY G 90 25.17 -11.22 -32.93
C GLY G 90 24.78 -12.13 -31.78
N ILE G 91 24.40 -11.54 -30.65
CA ILE G 91 24.01 -12.34 -29.47
C ILE G 91 22.69 -13.08 -29.72
N PRO G 92 22.43 -14.17 -28.96
CA PRO G 92 21.24 -14.99 -29.15
C PRO G 92 19.92 -14.22 -29.26
N ARG G 93 19.13 -14.55 -30.27
CA ARG G 93 17.82 -13.97 -30.47
C ARG G 93 16.77 -14.66 -29.59
N TYR G 94 16.98 -15.95 -29.34
CA TYR G 94 16.08 -16.74 -28.50
C TYR G 94 16.86 -17.52 -27.43
N ARG G 95 16.13 -18.14 -26.51
CA ARG G 95 16.73 -18.88 -25.40
C ARG G 95 15.66 -19.77 -24.73
N PRO G 96 15.63 -21.07 -25.09
CA PRO G 96 14.57 -21.96 -24.58
C PRO G 96 14.55 -22.18 -23.07
N ASP G 97 15.72 -22.46 -22.48
CA ASP G 97 15.80 -22.83 -21.05
C ASP G 97 15.89 -21.66 -20.06
N LYS G 98 15.89 -20.43 -20.58
CA LYS G 98 15.88 -19.22 -19.76
C LYS G 98 15.22 -18.10 -20.57
N ALA G 99 13.90 -18.23 -20.74
CA ALA G 99 13.17 -17.50 -21.79
C ALA G 99 12.56 -16.16 -21.41
N GLU G 100 12.75 -15.70 -20.17
CA GLU G 100 12.27 -14.36 -19.79
C GLU G 100 13.35 -13.28 -20.03
N THR G 101 14.60 -13.70 -20.19
CA THR G 101 15.71 -12.76 -20.41
C THR G 101 16.13 -12.64 -21.88
N GLU G 102 15.42 -13.31 -22.78
CA GLU G 102 15.69 -13.21 -24.22
C GLU G 102 15.06 -11.96 -24.81
N PRO G 103 15.69 -11.37 -25.85
CA PRO G 103 15.19 -10.17 -26.54
C PRO G 103 13.70 -10.22 -26.91
N GLN G 104 13.03 -9.08 -26.76
CA GLN G 104 11.58 -8.98 -26.99
C GLN G 104 11.19 -7.63 -27.57
N VAL G 105 10.14 -7.63 -28.39
CA VAL G 105 9.64 -6.41 -29.00
C VAL G 105 8.81 -5.62 -27.98
N GLY G 106 9.08 -4.32 -27.90
CA GLY G 106 8.29 -3.41 -27.08
C GLY G 106 8.46 -3.55 -25.58
N THR G 107 9.55 -4.18 -25.13
CA THR G 107 9.82 -4.33 -23.70
C THR G 107 11.28 -4.04 -23.38
N ALA G 108 11.54 -3.52 -22.19
CA ALA G 108 12.88 -3.16 -21.77
C ALA G 108 12.99 -3.05 -20.26
N GLN G 109 14.21 -3.17 -19.74
CA GLN G 109 14.45 -3.17 -18.30
C GLN G 109 14.89 -1.79 -17.81
N GLY G 110 14.33 -1.36 -16.68
CA GLY G 110 14.61 -0.05 -16.11
C GLY G 110 14.85 -0.11 -14.61
N LEU G 111 15.55 0.90 -14.09
CA LEU G 111 15.85 1.03 -12.67
C LEU G 111 15.36 2.41 -12.19
N ALA G 112 14.18 2.45 -11.56
CA ALA G 112 13.56 3.74 -11.20
C ALA G 112 12.41 3.66 -10.20
N TRP G 113 12.75 3.69 -8.91
CA TRP G 113 11.82 3.93 -7.78
C TRP G 113 10.47 3.18 -7.75
N THR G 114 10.29 2.40 -6.70
CA THR G 114 8.96 2.02 -6.20
C THR G 114 8.98 2.43 -4.73
N PRO G 115 7.91 2.14 -3.95
CA PRO G 115 7.99 2.47 -2.52
C PRO G 115 9.11 1.75 -1.76
N VAL G 116 9.64 0.67 -2.32
CA VAL G 116 10.75 -0.07 -1.71
C VAL G 116 12.08 0.63 -1.97
N GLY G 117 12.15 1.42 -3.06
CA GLY G 117 13.36 2.15 -3.43
C GLY G 117 13.70 1.89 -4.89
N GLY G 118 14.99 1.97 -5.22
CA GLY G 118 15.47 1.64 -6.55
C GLY G 118 15.10 0.21 -6.89
N THR G 119 14.33 0.03 -7.97
CA THR G 119 13.75 -1.27 -8.30
C THR G 119 13.91 -1.59 -9.78
N LEU G 120 14.19 -2.86 -10.08
CA LEU G 120 14.16 -3.36 -11.45
C LEU G 120 12.71 -3.41 -11.94
N LEU G 121 12.41 -2.62 -12.96
CA LEU G 121 11.08 -2.57 -13.56
C LEU G 121 11.17 -2.96 -15.03
N THR G 122 10.09 -3.57 -15.53
CA THR G 122 9.98 -3.87 -16.95
C THR G 122 8.94 -2.94 -17.57
N ILE G 123 9.38 -2.15 -18.54
CA ILE G 123 8.47 -1.30 -19.31
C ILE G 123 7.93 -2.14 -20.47
N GLU G 124 6.61 -2.24 -20.56
CA GLU G 124 5.96 -2.86 -21.71
C GLU G 124 5.35 -1.76 -22.58
N VAL G 125 5.48 -1.90 -23.89
CA VAL G 125 4.91 -0.96 -24.84
C VAL G 125 4.25 -1.70 -25.98
N ALA G 126 3.00 -1.34 -26.26
CA ALA G 126 2.24 -1.93 -27.36
C ALA G 126 1.92 -0.85 -28.38
N ALA G 127 2.38 -1.05 -29.61
CA ALA G 127 2.04 -0.18 -30.73
C ALA G 127 0.99 -0.86 -31.59
N VAL G 128 -0.24 -0.37 -31.51
CA VAL G 128 -1.35 -0.91 -32.29
C VAL G 128 -1.92 0.18 -33.21
N PRO G 129 -2.66 -0.23 -34.27
CA PRO G 129 -3.34 0.74 -35.13
C PRO G 129 -4.24 1.69 -34.34
N GLY G 130 -4.19 2.97 -34.67
CA GLY G 130 -4.97 3.99 -33.96
C GLY G 130 -4.90 5.36 -34.59
N SER G 131 -5.10 6.39 -33.76
CA SER G 131 -5.14 7.78 -34.22
C SER G 131 -4.25 8.70 -33.38
N GLY G 132 -3.11 8.16 -32.91
CA GLY G 132 -2.11 8.96 -32.20
C GLY G 132 -2.25 9.07 -30.69
N LYS G 133 -3.15 8.28 -30.10
CA LYS G 133 -3.41 8.38 -28.66
C LYS G 133 -2.36 7.66 -27.82
N LEU G 134 -2.15 8.15 -26.60
CA LEU G 134 -1.18 7.58 -25.67
C LEU G 134 -1.84 7.20 -24.36
N SER G 135 -1.57 5.99 -23.89
CA SER G 135 -2.04 5.51 -22.60
C SER G 135 -0.85 5.14 -21.72
N LEU G 136 -0.94 5.49 -20.44
CA LEU G 136 0.19 5.36 -19.51
C LEU G 136 -0.27 4.72 -18.20
N THR G 137 -0.25 3.39 -18.16
CA THR G 137 -0.82 2.62 -17.06
C THR G 137 0.25 1.94 -16.19
N GLY G 138 -0.19 1.38 -15.06
CA GLY G 138 0.68 0.73 -14.08
C GLY G 138 0.97 1.56 -12.85
N GLN G 139 0.02 2.42 -12.47
CA GLN G 139 0.18 3.35 -11.35
C GLN G 139 1.44 4.20 -11.47
N LEU G 140 1.45 5.08 -12.47
CA LEU G 140 2.60 5.93 -12.75
C LEU G 140 2.36 7.35 -12.24
N GLY G 141 3.34 7.88 -11.52
CA GLY G 141 3.29 9.28 -11.07
C GLY G 141 3.52 10.20 -12.25
N GLU G 142 3.22 11.49 -12.06
CA GLU G 142 3.31 12.47 -13.14
C GLU G 142 4.72 12.59 -13.73
N VAL G 143 5.74 12.40 -12.91
CA VAL G 143 7.13 12.55 -13.37
C VAL G 143 7.54 11.43 -14.34
N MET G 144 7.18 10.19 -14.03
CA MET G 144 7.44 9.07 -14.94
C MET G 144 6.53 9.13 -16.17
N LYS G 145 5.32 9.64 -15.99
CA LYS G 145 4.42 9.89 -17.13
C LYS G 145 5.03 10.93 -18.06
N GLU G 146 5.51 12.03 -17.48
CA GLU G 146 6.18 13.08 -18.24
C GLU G 146 7.47 12.60 -18.90
N SER G 147 8.15 11.65 -18.26
CA SER G 147 9.32 10.99 -18.84
C SER G 147 8.97 10.26 -20.15
N ALA G 148 7.84 9.57 -20.15
CA ALA G 148 7.37 8.86 -21.34
C ALA G 148 7.04 9.81 -22.49
N GLN G 149 6.46 10.96 -22.16
CA GLN G 149 6.13 11.97 -23.16
C GLN G 149 7.40 12.53 -23.81
N ALA G 150 8.37 12.89 -22.97
CA ALA G 150 9.66 13.39 -23.44
C ALA G 150 10.35 12.39 -24.35
N ALA G 151 10.41 11.14 -23.92
CA ALA G 151 11.00 10.06 -24.70
C ALA G 151 10.26 9.83 -26.02
N LEU G 152 8.93 9.89 -25.97
CA LEU G 152 8.09 9.73 -27.15
C LEU G 152 8.32 10.87 -28.15
N THR G 153 8.40 12.10 -27.63
CA THR G 153 8.61 13.28 -28.47
C THR G 153 9.96 13.25 -29.17
N TYR G 154 10.99 12.75 -28.47
CA TYR G 154 12.31 12.59 -29.09
C TYR G 154 12.22 11.69 -30.31
N LEU G 155 11.63 10.51 -30.12
CA LEU G 155 11.45 9.54 -31.20
C LEU G 155 10.62 10.09 -32.36
N ARG G 156 9.64 10.94 -32.04
CA ARG G 156 8.82 11.60 -33.06
C ARG G 156 9.63 12.58 -33.91
N ALA G 157 10.65 13.19 -33.32
CA ALA G 157 11.54 14.12 -34.02
C ALA G 157 12.75 13.44 -34.68
N HIS G 158 12.76 12.11 -34.70
CA HIS G 158 13.90 11.34 -35.24
C HIS G 158 13.45 10.03 -35.87
N THR G 159 12.43 10.09 -36.72
CA THR G 159 11.92 8.91 -37.41
C THR G 159 12.93 8.37 -38.43
N GLN G 160 13.60 9.27 -39.14
CA GLN G 160 14.64 8.91 -40.10
C GLN G 160 15.84 8.25 -39.41
N ASP G 161 16.23 8.80 -38.27
CA ASP G 161 17.43 8.36 -37.55
C ASP G 161 17.34 6.93 -37.02
N TYR G 162 16.12 6.47 -36.71
CA TYR G 162 15.94 5.13 -36.13
C TYR G 162 14.97 4.24 -36.92
N GLY G 163 14.66 4.64 -38.15
CA GLY G 163 13.84 3.82 -39.05
C GLY G 163 12.44 3.54 -38.54
N LEU G 164 11.80 4.57 -37.99
CA LEU G 164 10.43 4.46 -37.50
C LEU G 164 9.50 4.94 -38.61
N PRO G 165 8.24 4.47 -38.60
CA PRO G 165 7.31 4.93 -39.65
C PRO G 165 7.18 6.45 -39.66
N GLU G 166 7.34 7.04 -40.85
CA GLU G 166 7.25 8.50 -41.03
C GLU G 166 5.90 9.05 -40.54
N ASP G 167 4.87 8.20 -40.56
CA ASP G 167 3.50 8.60 -40.28
C ASP G 167 2.95 8.20 -38.90
N PHE G 168 3.75 7.51 -38.08
CA PHE G 168 3.22 6.83 -36.89
C PHE G 168 2.46 7.74 -35.90
N TYR G 169 2.87 9.00 -35.80
CA TYR G 169 2.25 9.95 -34.86
C TYR G 169 0.73 10.04 -34.96
N ASN G 170 0.17 9.87 -36.16
CA ASN G 170 -1.29 9.96 -36.36
C ASN G 170 -1.96 8.67 -36.87
N LYS G 171 -1.20 7.57 -36.92
CA LYS G 171 -1.74 6.27 -37.35
C LYS G 171 -1.49 5.14 -36.34
N VAL G 172 -1.04 5.49 -35.14
CA VAL G 172 -0.70 4.50 -34.12
C VAL G 172 -1.11 4.97 -32.73
N ASP G 173 -1.80 4.10 -32.00
CA ASP G 173 -2.02 4.29 -30.56
C ASP G 173 -0.94 3.54 -29.80
N LEU G 174 -0.30 4.22 -28.86
CA LEU G 174 0.75 3.62 -28.03
C LEU G 174 0.26 3.43 -26.60
N HIS G 175 0.55 2.26 -26.04
CA HIS G 175 0.23 1.96 -24.65
C HIS G 175 1.50 1.59 -23.91
N VAL G 176 1.91 2.44 -22.96
CA VAL G 176 3.05 2.17 -22.10
C VAL G 176 2.52 1.63 -20.77
N HIS G 177 2.98 0.45 -20.38
CA HIS G 177 2.50 -0.20 -19.16
C HIS G 177 3.67 -0.78 -18.36
N VAL G 178 3.70 -0.47 -17.06
CA VAL G 178 4.76 -0.93 -16.18
C VAL G 178 4.16 -1.78 -15.06
N PRO G 179 4.22 -3.12 -15.21
CA PRO G 179 3.72 -4.01 -14.15
C PRO G 179 4.65 -4.08 -12.94
N ASP G 180 4.16 -4.52 -11.78
CA ASP G 180 2.78 -5.01 -11.60
C ASP G 180 1.79 -3.86 -11.40
N GLY G 181 0.50 -4.19 -11.41
CA GLY G 181 -0.58 -3.21 -11.50
C GLY G 181 -0.79 -2.31 -10.28
N ALA G 182 -0.56 -2.85 -9.09
CA ALA G 182 -0.86 -2.14 -7.84
C ALA G 182 0.28 -1.22 -7.37
N THR G 183 1.52 -1.64 -7.61
CA THR G 183 2.69 -0.90 -7.11
C THR G 183 2.83 0.47 -7.77
N PRO G 184 2.89 1.55 -6.96
CA PRO G 184 3.20 2.87 -7.50
C PRO G 184 4.63 2.96 -8.02
N LYS G 185 4.81 3.68 -9.14
CA LYS G 185 6.11 3.81 -9.77
C LYS G 185 6.28 5.23 -10.28
N ASP G 186 7.42 5.84 -9.99
CA ASP G 186 7.65 7.23 -10.32
C ASP G 186 9.14 7.48 -10.55
N GLY G 187 9.48 8.67 -11.01
CA GLY G 187 10.86 9.09 -11.19
C GLY G 187 11.24 9.21 -12.65
N PRO G 188 12.28 10.01 -12.95
CA PRO G 188 12.74 10.22 -14.31
C PRO G 188 13.74 9.17 -14.80
N SER G 189 14.19 8.30 -13.89
CA SER G 189 15.34 7.43 -14.14
C SER G 189 15.08 6.25 -15.08
N ALA G 190 13.84 6.07 -15.52
CA ALA G 190 13.51 5.01 -16.47
C ALA G 190 13.17 5.61 -17.84
N GLY G 191 13.64 6.82 -18.09
CA GLY G 191 13.28 7.56 -19.31
C GLY G 191 13.82 6.95 -20.59
N ILE G 192 15.09 6.57 -20.57
CA ILE G 192 15.73 5.95 -21.74
C ILE G 192 15.22 4.53 -21.94
N THR G 193 14.91 3.86 -20.84
CA THR G 193 14.27 2.55 -20.87
C THR G 193 12.99 2.63 -21.73
N MET G 194 12.38 3.81 -21.75
CA MET G 194 11.16 4.07 -22.50
C MET G 194 11.46 4.32 -23.95
N ALA G 195 12.47 5.16 -24.20
CA ALA G 195 12.91 5.43 -25.56
C ALA G 195 13.13 4.10 -26.26
N THR G 196 13.81 3.20 -25.56
CA THR G 196 14.08 1.86 -26.06
C THR G 196 12.79 1.09 -26.29
N ALA G 197 12.03 0.92 -25.21
CA ALA G 197 10.79 0.16 -25.26
C ALA G 197 9.86 0.68 -26.34
N ILE G 198 9.70 2.01 -26.40
CA ILE G 198 8.85 2.64 -27.40
C ILE G 198 9.42 2.50 -28.82
N ALA G 199 10.74 2.68 -28.95
CA ALA G 199 11.41 2.51 -30.24
C ALA G 199 11.34 1.06 -30.71
N SER G 200 11.66 0.15 -29.80
CA SER G 200 11.55 -1.30 -30.02
C SER G 200 10.17 -1.69 -30.53
N ALA G 201 9.14 -1.12 -29.91
CA ALA G 201 7.74 -1.41 -30.27
C ALA G 201 7.39 -0.89 -31.66
N LEU G 202 7.76 0.36 -31.94
CA LEU G 202 7.47 0.99 -33.24
C LEU G 202 8.25 0.36 -34.39
N SER G 203 9.55 0.16 -34.16
CA SER G 203 10.44 -0.40 -35.19
C SER G 203 10.29 -1.91 -35.35
N ARG G 204 9.59 -2.56 -34.42
CA ARG G 204 9.43 -4.02 -34.39
C ARG G 204 10.77 -4.76 -34.29
N ARG G 205 11.73 -4.13 -33.61
CA ARG G 205 13.05 -4.71 -33.37
C ARG G 205 13.14 -5.12 -31.91
N PRO G 206 13.53 -6.38 -31.62
CA PRO G 206 13.68 -6.81 -30.24
C PRO G 206 14.69 -5.98 -29.45
N ALA G 207 14.26 -5.47 -28.30
CA ALA G 207 15.18 -4.85 -27.35
C ALA G 207 15.70 -5.93 -26.42
N ARG G 208 16.97 -5.80 -26.01
CA ARG G 208 17.61 -6.80 -25.16
C ARG G 208 17.11 -6.71 -23.72
N MET G 209 16.82 -7.88 -23.14
CA MET G 209 16.31 -7.97 -21.76
C MET G 209 17.37 -8.41 -20.76
N ASP G 210 18.58 -8.70 -21.24
CA ASP G 210 19.70 -9.02 -20.35
C ASP G 210 20.47 -7.75 -19.91
N ILE G 211 20.06 -6.60 -20.43
CA ILE G 211 20.63 -5.31 -20.06
C ILE G 211 19.60 -4.49 -19.29
N ALA G 212 19.97 -4.07 -18.07
CA ALA G 212 19.18 -3.10 -17.30
C ALA G 212 19.78 -1.72 -17.51
N MET G 213 18.92 -0.71 -17.61
CA MET G 213 19.37 0.65 -17.89
C MET G 213 18.63 1.69 -17.07
N THR G 214 19.36 2.72 -16.67
CA THR G 214 18.81 3.84 -15.91
C THR G 214 19.36 5.14 -16.48
N GLY G 215 18.54 6.18 -16.47
CA GLY G 215 18.97 7.49 -16.96
C GLY G 215 17.80 8.37 -17.36
N GLU G 216 17.88 9.64 -16.98
CA GLU G 216 16.87 10.62 -17.36
C GLU G 216 17.05 10.99 -18.83
N VAL G 217 15.95 11.07 -19.56
CA VAL G 217 16.00 11.41 -20.97
C VAL G 217 15.72 12.91 -21.15
N SER G 218 16.24 13.44 -22.24
CA SER G 218 16.05 14.85 -22.60
C SER G 218 15.36 14.92 -23.95
N LEU G 219 14.72 16.05 -24.23
CA LEU G 219 13.98 16.23 -25.47
C LEU G 219 14.92 16.34 -26.68
N ARG G 220 16.07 16.97 -26.48
CA ARG G 220 17.09 17.08 -27.54
C ARG G 220 17.85 15.77 -27.76
N GLY G 221 17.90 14.91 -26.74
CA GLY G 221 18.48 13.57 -26.87
C GLY G 221 19.49 13.17 -25.81
N LYS G 222 20.01 14.14 -25.06
CA LYS G 222 21.07 13.85 -24.09
C LYS G 222 20.57 13.01 -22.92
N VAL G 223 21.26 11.89 -22.67
CA VAL G 223 21.02 11.11 -21.46
C VAL G 223 21.59 11.90 -20.30
N MET G 224 20.78 12.08 -19.26
CA MET G 224 21.15 12.94 -18.14
C MET G 224 21.45 12.11 -16.88
N PRO G 225 22.26 12.69 -15.96
CA PRO G 225 22.60 12.00 -14.71
C PRO G 225 21.39 11.66 -13.84
N ILE G 226 21.56 10.66 -12.99
CA ILE G 226 20.53 10.22 -12.05
C ILE G 226 21.14 9.98 -10.67
N GLY G 227 20.29 9.95 -9.65
CA GLY G 227 20.72 9.71 -8.28
C GLY G 227 20.51 8.26 -7.87
N GLY G 228 20.97 7.93 -6.66
CA GLY G 228 20.81 6.59 -6.11
C GLY G 228 21.41 5.50 -6.97
N VAL G 229 22.67 5.69 -7.35
CA VAL G 229 23.35 4.82 -8.31
C VAL G 229 23.75 3.48 -7.67
N LYS G 230 24.19 3.53 -6.42
CA LYS G 230 24.57 2.33 -5.68
C LYS G 230 23.37 1.41 -5.51
N GLU G 231 22.28 1.96 -4.98
CA GLU G 231 21.09 1.16 -4.63
C GLU G 231 20.33 0.66 -5.87
N LYS G 232 20.47 1.35 -7.00
CA LYS G 232 19.92 0.90 -8.27
C LYS G 232 20.66 -0.31 -8.81
N LEU G 233 22.00 -0.25 -8.79
CA LEU G 233 22.84 -1.31 -9.34
C LEU G 233 22.90 -2.57 -8.47
N LEU G 234 22.72 -2.40 -7.15
CA LEU G 234 22.52 -3.57 -6.28
C LEU G 234 21.21 -4.27 -6.62
N ALA G 235 20.18 -3.49 -6.92
CA ALA G 235 18.87 -4.05 -7.31
C ALA G 235 18.96 -4.83 -8.62
N ALA G 236 19.74 -4.32 -9.58
CA ALA G 236 19.96 -5.01 -10.84
C ALA G 236 20.76 -6.30 -10.64
N HIS G 237 21.81 -6.20 -9.82
CA HIS G 237 22.67 -7.34 -9.51
C HIS G 237 21.93 -8.49 -8.83
N GLN G 238 21.09 -8.14 -7.84
CA GLN G 238 20.33 -9.14 -7.09
C GLN G 238 19.27 -9.86 -7.93
N ALA G 239 18.74 -9.17 -8.94
CA ALA G 239 17.74 -9.76 -9.84
C ALA G 239 18.35 -10.73 -10.86
N GLY G 240 19.67 -10.70 -11.01
CA GLY G 240 20.38 -11.58 -11.94
C GLY G 240 20.72 -10.91 -13.27
N ILE G 241 20.88 -9.59 -13.24
CA ILE G 241 21.28 -8.81 -14.42
C ILE G 241 22.74 -8.39 -14.22
N HIS G 242 23.54 -8.52 -15.26
CA HIS G 242 24.97 -8.20 -15.17
C HIS G 242 25.48 -7.35 -16.35
N LYS G 243 24.57 -6.58 -16.94
CA LYS G 243 24.90 -5.60 -17.97
C LYS G 243 24.12 -4.33 -17.71
N ILE G 244 24.82 -3.20 -17.65
CA ILE G 244 24.21 -1.93 -17.27
C ILE G 244 24.49 -0.85 -18.32
N VAL G 245 23.47 -0.08 -18.65
CA VAL G 245 23.64 1.19 -19.36
C VAL G 245 23.48 2.29 -18.32
N LEU G 246 24.38 3.26 -18.35
CA LEU G 246 24.47 4.28 -17.31
C LEU G 246 24.87 5.62 -17.93
N PRO G 247 24.35 6.74 -17.37
CA PRO G 247 24.77 8.03 -17.91
C PRO G 247 26.25 8.30 -17.70
N LYS G 248 26.91 8.86 -18.70
CA LYS G 248 28.35 9.19 -18.63
C LYS G 248 28.69 10.04 -17.41
N ASP G 249 27.79 10.96 -17.04
CA ASP G 249 28.03 11.87 -15.91
C ASP G 249 27.92 11.20 -14.54
N ASN G 250 27.45 9.95 -14.50
CA ASN G 250 27.41 9.16 -13.26
C ASN G 250 28.63 8.23 -13.09
N GLU G 251 29.69 8.46 -13.87
CA GLU G 251 30.89 7.62 -13.81
C GLU G 251 31.60 7.76 -12.46
N ALA G 252 31.56 8.96 -11.88
CA ALA G 252 32.18 9.23 -10.58
C ALA G 252 31.48 8.49 -9.44
N GLN G 253 30.16 8.30 -9.58
CA GLN G 253 29.36 7.59 -8.58
C GLN G 253 29.75 6.11 -8.44
N LEU G 254 30.35 5.53 -9.48
CA LEU G 254 30.72 4.11 -9.50
C LEU G 254 31.72 3.71 -8.41
N GLU G 255 32.53 4.66 -7.93
CA GLU G 255 33.49 4.38 -6.86
C GLU G 255 32.84 4.03 -5.52
N GLU G 256 31.54 4.32 -5.38
CA GLU G 256 30.77 3.96 -4.18
C GLU G 256 30.34 2.48 -4.14
N LEU G 257 30.47 1.78 -5.27
CA LEU G 257 29.98 0.41 -5.38
C LEU G 257 30.88 -0.55 -4.58
N PRO G 258 30.28 -1.57 -3.92
CA PRO G 258 31.12 -2.69 -3.49
C PRO G 258 31.79 -3.36 -4.69
N LYS G 259 32.99 -3.88 -4.48
CA LYS G 259 33.86 -4.28 -5.58
C LYS G 259 33.41 -5.58 -6.22
N GLU G 260 32.90 -6.51 -5.40
CA GLU G 260 32.23 -7.72 -5.88
C GLU G 260 31.23 -7.44 -6.99
N VAL G 261 30.46 -6.36 -6.80
CA VAL G 261 29.40 -5.99 -7.74
C VAL G 261 30.00 -5.28 -8.96
N LEU G 262 30.94 -4.38 -8.72
CA LEU G 262 31.59 -3.61 -9.81
C LEU G 262 32.23 -4.47 -10.90
N GLU G 263 33.06 -5.44 -10.49
CA GLU G 263 33.74 -6.31 -11.45
C GLU G 263 32.74 -7.29 -12.07
N GLY G 264 31.73 -7.66 -11.30
CA GLY G 264 30.66 -8.54 -11.78
C GLY G 264 29.74 -7.91 -12.81
N LEU G 265 29.60 -6.58 -12.78
CA LEU G 265 28.75 -5.86 -13.73
C LEU G 265 29.54 -5.37 -14.94
N GLU G 266 28.84 -5.25 -16.07
CA GLU G 266 29.42 -4.83 -17.34
C GLU G 266 28.73 -3.55 -17.80
N ILE G 267 29.38 -2.41 -17.52
CA ILE G 267 28.73 -1.11 -17.57
C ILE G 267 29.08 -0.33 -18.85
N LYS G 268 28.07 -0.05 -19.68
CA LYS G 268 28.22 0.80 -20.86
C LYS G 268 27.77 2.22 -20.55
N LEU G 269 28.72 3.15 -20.49
CA LEU G 269 28.41 4.56 -20.26
C LEU G 269 27.88 5.20 -21.55
N VAL G 270 26.91 6.10 -21.41
CA VAL G 270 26.27 6.73 -22.57
C VAL G 270 26.01 8.22 -22.35
N GLU G 271 26.23 9.00 -23.41
CA GLU G 271 25.93 10.43 -23.43
C GLU G 271 24.66 10.76 -24.21
N ASP G 272 24.21 9.83 -25.06
CA ASP G 272 23.06 10.06 -25.94
C ASP G 272 22.18 8.82 -26.01
N VAL G 273 20.87 9.05 -26.23
CA VAL G 273 19.89 7.96 -26.34
C VAL G 273 20.05 7.18 -27.67
N GLY G 274 20.74 7.76 -28.65
CA GLY G 274 21.09 7.06 -29.88
C GLY G 274 22.09 5.94 -29.68
N GLU G 275 23.05 6.16 -28.78
CA GLU G 275 24.00 5.12 -28.38
C GLU G 275 23.25 3.96 -27.71
N VAL G 276 22.22 4.32 -26.94
CA VAL G 276 21.43 3.34 -26.19
C VAL G 276 20.64 2.43 -27.12
N LEU G 277 19.98 3.02 -28.12
CA LEU G 277 19.14 2.26 -29.05
C LEU G 277 19.97 1.28 -29.89
N GLU G 278 21.16 1.69 -30.32
CA GLU G 278 22.02 0.82 -31.12
C GLU G 278 22.59 -0.35 -30.31
N TYR G 279 22.78 -0.14 -29.00
CA TYR G 279 23.27 -1.18 -28.10
C TYR G 279 22.17 -2.13 -27.66
N LEU G 280 20.95 -1.61 -27.49
CA LEU G 280 19.82 -2.42 -27.02
C LEU G 280 19.07 -3.11 -28.15
N LEU G 281 18.71 -2.37 -29.18
CA LEU G 281 17.90 -2.90 -30.27
C LEU G 281 18.71 -3.81 -31.18
N LEU G 282 18.17 -4.99 -31.46
CA LEU G 282 18.73 -5.88 -32.48
C LEU G 282 18.49 -5.25 -33.85
N PRO G 283 19.38 -5.53 -34.82
CA PRO G 283 19.36 -4.80 -36.09
C PRO G 283 18.18 -5.13 -37.00
N GLU G 284 17.80 -6.41 -37.08
CA GLU G 284 16.78 -6.88 -37.99
C GLU G 284 15.42 -6.87 -37.29
N PRO G 285 14.36 -6.35 -37.96
CA PRO G 285 13.03 -6.40 -37.35
C PRO G 285 12.49 -7.82 -37.27
N THR G 286 11.76 -8.13 -36.21
CA THR G 286 11.28 -9.50 -35.96
C THR G 286 9.77 -9.70 -36.14
N MET G 287 9.02 -8.61 -36.34
CA MET G 287 7.58 -8.67 -36.60
C MET G 287 7.19 -7.68 -37.70
N PRO G 288 6.01 -7.88 -38.34
CA PRO G 288 5.57 -6.97 -39.41
C PRO G 288 5.33 -5.53 -38.94
N PRO G 289 5.50 -4.54 -39.84
CA PRO G 289 5.21 -3.13 -39.56
C PRO G 289 3.79 -2.83 -39.07
N VAL G 290 3.58 -1.60 -38.61
CA VAL G 290 2.26 -1.12 -38.18
C VAL G 290 1.88 0.14 -38.95
N GLY H 3 -43.19 -22.79 -33.41
CA GLY H 3 -41.98 -23.67 -33.32
C GLY H 3 -42.33 -25.14 -33.19
N TYR H 4 -41.42 -26.01 -33.61
CA TYR H 4 -41.62 -27.46 -33.56
C TYR H 4 -41.54 -28.00 -32.14
N THR H 5 -42.12 -29.18 -31.94
CA THR H 5 -41.98 -29.93 -30.69
C THR H 5 -40.71 -30.79 -30.77
N ASN H 6 -40.13 -31.10 -29.60
CA ASN H 6 -38.94 -31.95 -29.54
C ASN H 6 -39.16 -33.32 -30.19
N MET H 7 -40.35 -33.88 -29.99
CA MET H 7 -40.74 -35.15 -30.63
C MET H 7 -40.74 -35.03 -32.15
N GLU H 8 -41.22 -33.90 -32.67
CA GLU H 8 -41.19 -33.62 -34.10
C GLU H 8 -39.75 -33.45 -34.58
N LYS H 9 -38.97 -32.67 -33.85
CA LYS H 9 -37.59 -32.37 -34.22
C LYS H 9 -36.69 -33.61 -34.21
N GLN H 10 -37.01 -34.57 -33.34
CA GLN H 10 -36.31 -35.86 -33.31
C GLN H 10 -36.60 -36.69 -34.55
N ALA H 11 -37.86 -36.70 -34.99
CA ALA H 11 -38.27 -37.45 -36.17
C ALA H 11 -37.69 -36.85 -37.45
N ILE H 12 -37.66 -35.52 -37.53
CA ILE H 12 -37.04 -34.82 -38.65
C ILE H 12 -35.55 -35.14 -38.70
N ALA H 13 -34.90 -35.08 -37.54
CA ALA H 13 -33.48 -35.42 -37.42
C ALA H 13 -33.21 -36.84 -37.93
N ARG H 14 -34.04 -37.78 -37.51
CA ARG H 14 -33.88 -39.20 -37.87
C ARG H 14 -34.11 -39.45 -39.36
N GLN H 15 -35.25 -39.00 -39.87
CA GLN H 15 -35.68 -39.30 -41.23
C GLN H 15 -34.86 -38.61 -42.32
N TYR H 16 -34.55 -37.33 -42.11
CA TYR H 16 -34.06 -36.47 -43.19
C TYR H 16 -32.71 -35.81 -42.92
N LEU H 17 -32.63 -35.00 -41.86
CA LEU H 17 -31.45 -34.17 -41.60
C LEU H 17 -30.18 -34.99 -41.40
N TRP H 18 -30.20 -35.89 -40.43
CA TRP H 18 -29.04 -36.75 -40.15
C TRP H 18 -28.59 -37.55 -41.38
N PRO H 19 -29.48 -38.40 -41.96
CA PRO H 19 -29.06 -39.19 -43.12
C PRO H 19 -28.49 -38.35 -44.26
N LYS H 20 -29.16 -37.25 -44.59
CA LYS H 20 -28.66 -36.28 -45.56
C LYS H 20 -27.25 -35.82 -45.19
N GLN H 21 -27.11 -35.30 -43.96
CA GLN H 21 -25.83 -34.77 -43.48
C GLN H 21 -24.72 -35.83 -43.42
N VAL H 22 -25.10 -37.09 -43.21
CA VAL H 22 -24.12 -38.18 -43.19
C VAL H 22 -23.60 -38.46 -44.59
N ARG H 23 -24.50 -38.68 -45.54
CA ARG H 23 -24.12 -38.98 -46.92
C ARG H 23 -23.44 -37.81 -47.61
N GLU H 24 -23.74 -36.59 -47.17
CA GLU H 24 -23.12 -35.37 -47.70
C GLU H 24 -21.67 -35.23 -47.21
N SER H 25 -21.41 -35.68 -45.99
CA SER H 25 -20.05 -35.70 -45.43
C SER H 25 -19.20 -36.82 -46.01
N GLY H 26 -19.85 -37.87 -46.51
CA GLY H 26 -19.17 -39.04 -47.09
C GLY H 26 -18.95 -40.13 -46.07
N MET H 27 -19.94 -40.33 -45.19
CA MET H 27 -19.85 -41.31 -44.11
C MET H 27 -21.10 -42.19 -44.00
N GLU H 28 -21.82 -42.34 -45.11
CA GLU H 28 -23.07 -43.10 -45.11
C GLU H 28 -22.82 -44.57 -44.78
N GLY H 29 -23.37 -45.02 -43.65
CA GLY H 29 -23.27 -46.41 -43.23
C GLY H 29 -22.06 -46.74 -42.37
N ARG H 30 -21.32 -45.71 -41.96
CA ARG H 30 -20.15 -45.89 -41.09
C ARG H 30 -20.37 -45.33 -39.68
N ILE H 31 -21.55 -44.73 -39.46
CA ILE H 31 -21.76 -43.89 -38.29
C ILE H 31 -23.26 -43.68 -38.07
N GLU H 32 -23.69 -43.78 -36.81
CA GLU H 32 -25.07 -43.53 -36.44
C GLU H 32 -25.17 -42.74 -35.14
N VAL H 33 -26.35 -42.18 -34.92
CA VAL H 33 -26.65 -41.46 -33.67
C VAL H 33 -27.93 -42.02 -33.06
N THR H 34 -27.98 -42.02 -31.73
CA THR H 34 -29.13 -42.58 -31.02
C THR H 34 -30.20 -41.50 -30.86
N ASP H 35 -31.37 -41.91 -30.40
CA ASP H 35 -32.46 -40.97 -30.09
C ASP H 35 -32.06 -39.99 -28.98
N ALA H 36 -31.33 -40.51 -27.99
CA ALA H 36 -30.85 -39.71 -26.86
C ALA H 36 -29.85 -38.65 -27.32
N ALA H 37 -28.91 -39.05 -28.17
CA ALA H 37 -27.91 -38.14 -28.72
C ALA H 37 -28.54 -36.99 -29.48
N ILE H 38 -29.54 -37.30 -30.30
CA ILE H 38 -30.27 -36.29 -31.06
C ILE H 38 -30.97 -35.30 -30.13
N LEU H 39 -31.58 -35.81 -29.06
CA LEU H 39 -32.27 -34.93 -28.11
C LEU H 39 -31.30 -34.06 -27.31
N ARG H 40 -30.08 -34.56 -27.09
CA ARG H 40 -29.04 -33.74 -26.45
C ARG H 40 -28.60 -32.63 -27.39
N VAL H 41 -28.38 -32.95 -28.66
CA VAL H 41 -28.05 -31.96 -29.69
C VAL H 41 -29.12 -30.86 -29.75
N ILE H 42 -30.37 -31.24 -29.56
CA ILE H 42 -31.49 -30.28 -29.56
C ILE H 42 -31.49 -29.40 -28.31
N SER H 43 -31.52 -30.03 -27.14
CA SER H 43 -31.66 -29.29 -25.87
C SER H 43 -30.38 -28.59 -25.41
N GLU H 44 -29.22 -29.10 -25.80
CA GLU H 44 -27.94 -28.57 -25.31
C GLU H 44 -27.13 -27.76 -26.35
N TYR H 45 -27.36 -27.98 -27.64
CA TYR H 45 -26.58 -27.31 -28.69
C TYR H 45 -27.41 -26.44 -29.65
N THR H 46 -28.71 -26.31 -29.39
CA THR H 46 -29.57 -25.41 -30.18
C THR H 46 -30.58 -24.69 -29.30
N ARG H 47 -30.94 -23.47 -29.71
CA ARG H 47 -31.93 -22.66 -29.02
C ARG H 47 -32.76 -21.94 -30.10
N GLU H 48 -33.62 -22.70 -30.77
CA GLU H 48 -34.37 -22.20 -31.93
C GLU H 48 -35.76 -22.82 -32.03
N ALA H 49 -36.65 -22.11 -32.72
CA ALA H 49 -37.98 -22.60 -33.06
C ALA H 49 -37.89 -23.53 -34.26
N GLY H 50 -37.07 -23.15 -35.25
CA GLY H 50 -36.84 -23.95 -36.45
C GLY H 50 -35.83 -25.07 -36.23
N VAL H 51 -35.20 -25.53 -37.32
CA VAL H 51 -34.22 -26.63 -37.25
C VAL H 51 -32.99 -26.41 -38.14
N ARG H 52 -32.66 -25.15 -38.43
CA ARG H 52 -31.50 -24.85 -39.28
C ARG H 52 -30.21 -25.19 -38.54
N GLY H 53 -30.16 -24.77 -37.27
CA GLY H 53 -29.03 -25.07 -36.39
C GLY H 53 -28.87 -26.54 -36.04
N LEU H 54 -29.99 -27.25 -35.89
CA LEU H 54 -29.95 -28.70 -35.68
C LEU H 54 -29.27 -29.37 -36.86
N GLU H 55 -29.70 -29.01 -38.07
CA GLU H 55 -29.05 -29.46 -39.31
C GLU H 55 -27.58 -29.08 -39.31
N ARG H 56 -27.30 -27.83 -38.94
CA ARG H 56 -25.93 -27.31 -38.85
C ARG H 56 -25.07 -28.15 -37.91
N GLU H 57 -25.61 -28.44 -36.72
CA GLU H 57 -24.91 -29.19 -35.69
C GLU H 57 -24.72 -30.66 -36.06
N LEU H 58 -25.74 -31.26 -36.69
CA LEU H 58 -25.65 -32.64 -37.16
C LEU H 58 -24.55 -32.81 -38.22
N GLY H 59 -24.38 -31.79 -39.06
CA GLY H 59 -23.31 -31.77 -40.05
C GLY H 59 -21.92 -31.74 -39.42
N LYS H 60 -21.78 -31.00 -38.32
CA LYS H 60 -20.54 -30.96 -37.55
C LYS H 60 -20.16 -32.34 -37.03
N ILE H 61 -21.15 -33.09 -36.53
CA ILE H 61 -20.94 -34.46 -36.06
C ILE H 61 -20.37 -35.31 -37.20
N ALA H 62 -20.99 -35.19 -38.37
CA ALA H 62 -20.63 -35.97 -39.56
C ALA H 62 -19.22 -35.66 -40.05
N ARG H 63 -18.86 -34.37 -40.06
CA ARG H 63 -17.50 -33.95 -40.42
C ARG H 63 -16.49 -34.38 -39.35
N LYS H 64 -16.90 -34.34 -38.09
CA LYS H 64 -16.04 -34.78 -36.98
C LYS H 64 -15.81 -36.29 -37.09
N GLY H 65 -16.85 -37.03 -37.46
CA GLY H 65 -16.73 -38.47 -37.73
C GLY H 65 -15.76 -38.78 -38.85
N ALA H 66 -15.75 -37.94 -39.87
CA ALA H 66 -14.81 -38.06 -40.99
C ALA H 66 -13.36 -37.79 -40.56
N LYS H 67 -13.19 -36.93 -39.56
CA LYS H 67 -11.87 -36.69 -38.97
C LYS H 67 -11.36 -37.92 -38.22
N PHE H 68 -12.25 -38.59 -37.48
CA PHE H 68 -11.92 -39.85 -36.81
C PHE H 68 -11.61 -40.95 -37.82
N TRP H 69 -12.33 -40.97 -38.94
CA TRP H 69 -12.08 -41.92 -40.02
C TRP H 69 -10.67 -41.78 -40.59
N LEU H 70 -10.18 -40.55 -40.66
CA LEU H 70 -8.82 -40.27 -41.11
C LEU H 70 -7.78 -40.76 -40.10
N GLU H 71 -8.05 -40.55 -38.81
CA GLU H 71 -7.17 -41.03 -37.74
C GLU H 71 -6.99 -42.54 -37.85
N GLY H 72 -8.11 -43.25 -37.92
CA GLY H 72 -8.11 -44.70 -38.08
C GLY H 72 -9.47 -45.19 -38.55
N ALA H 73 -9.48 -45.96 -39.64
CA ALA H 73 -10.72 -46.48 -40.21
C ALA H 73 -11.21 -47.70 -39.44
N TRP H 74 -12.51 -47.95 -39.53
CA TRP H 74 -13.14 -49.11 -38.87
C TRP H 74 -14.14 -49.78 -39.79
N GLU H 75 -14.42 -51.05 -39.50
CA GLU H 75 -15.55 -51.75 -40.10
C GLU H 75 -16.74 -51.64 -39.14
N GLY H 76 -17.94 -51.80 -39.68
CA GLY H 76 -19.16 -51.78 -38.86
C GLY H 76 -19.72 -50.38 -38.69
N LEU H 77 -20.42 -50.17 -37.58
CA LEU H 77 -21.17 -48.93 -37.34
C LEU H 77 -20.87 -48.35 -35.96
N ARG H 78 -20.13 -47.23 -35.95
CA ARG H 78 -19.91 -46.47 -34.72
C ARG H 78 -21.22 -45.76 -34.34
N THR H 79 -21.62 -45.89 -33.08
CA THR H 79 -22.89 -45.34 -32.61
C THR H 79 -22.64 -44.27 -31.56
N ILE H 80 -23.04 -43.04 -31.86
CA ILE H 80 -22.83 -41.90 -30.99
C ILE H 80 -24.04 -41.69 -30.09
N ASP H 81 -23.86 -41.96 -28.80
CA ASP H 81 -24.91 -41.76 -27.80
C ASP H 81 -24.73 -40.40 -27.13
N ALA H 82 -25.72 -39.98 -26.34
CA ALA H 82 -25.71 -38.67 -25.68
C ALA H 82 -24.42 -38.39 -24.91
N SER H 83 -23.86 -39.41 -24.27
CA SER H 83 -22.58 -39.29 -23.57
C SER H 83 -21.43 -38.91 -24.49
N ASP H 84 -21.42 -39.47 -25.70
CA ASP H 84 -20.36 -39.23 -26.68
C ASP H 84 -20.47 -37.90 -27.43
N ILE H 85 -21.63 -37.26 -27.40
CA ILE H 85 -21.90 -36.05 -28.20
C ILE H 85 -20.83 -34.95 -28.06
N PRO H 86 -20.46 -34.58 -26.81
CA PRO H 86 -19.46 -33.52 -26.63
C PRO H 86 -18.06 -33.77 -27.22
N THR H 87 -17.74 -35.00 -27.58
CA THR H 87 -16.50 -35.28 -28.32
C THR H 87 -16.62 -34.78 -29.76
N TYR H 88 -17.84 -34.81 -30.29
CA TYR H 88 -18.13 -34.39 -31.65
C TYR H 88 -18.49 -32.91 -31.76
N LEU H 89 -19.16 -32.37 -30.74
CA LEU H 89 -19.60 -30.97 -30.76
C LEU H 89 -19.00 -30.09 -29.65
N GLY H 90 -18.04 -30.61 -28.89
CA GLY H 90 -17.38 -29.84 -27.84
C GLY H 90 -18.27 -29.58 -26.63
N ILE H 91 -17.98 -28.49 -25.93
CA ILE H 91 -18.72 -28.13 -24.71
C ILE H 91 -20.16 -27.75 -25.07
N PRO H 92 -21.14 -28.19 -24.26
CA PRO H 92 -22.54 -27.79 -24.48
C PRO H 92 -22.76 -26.29 -24.52
N ARG H 93 -23.51 -25.86 -25.53
CA ARG H 93 -23.77 -24.45 -25.79
C ARG H 93 -24.84 -23.92 -24.84
N TYR H 94 -25.83 -24.76 -24.55
CA TYR H 94 -26.97 -24.38 -23.73
C TYR H 94 -27.22 -25.38 -22.60
N ARG H 95 -27.80 -24.88 -21.51
CA ARG H 95 -28.24 -25.70 -20.38
C ARG H 95 -29.58 -25.15 -19.90
N PRO H 96 -30.70 -25.68 -20.44
CA PRO H 96 -32.01 -25.17 -20.01
C PRO H 96 -32.25 -25.36 -18.52
N ASP H 97 -31.86 -26.53 -18.00
CA ASP H 97 -31.91 -26.83 -16.57
C ASP H 97 -31.14 -25.80 -15.72
N LYS H 98 -29.82 -25.76 -15.87
CA LYS H 98 -28.98 -24.82 -15.11
C LYS H 98 -28.44 -23.74 -16.06
N ALA H 99 -29.31 -22.81 -16.42
CA ALA H 99 -29.00 -21.74 -17.37
C ALA H 99 -28.07 -20.67 -16.81
N GLU H 100 -28.06 -20.54 -15.48
CA GLU H 100 -27.23 -19.56 -14.78
CA GLU H 100 -27.23 -19.54 -14.81
C GLU H 100 -25.72 -19.79 -14.99
N THR H 101 -25.33 -21.04 -15.29
CA THR H 101 -23.92 -21.39 -15.45
C THR H 101 -23.50 -21.75 -16.89
N GLU H 102 -24.40 -21.59 -17.86
CA GLU H 102 -24.11 -21.95 -19.25
C GLU H 102 -23.17 -20.93 -19.90
N PRO H 103 -22.52 -21.32 -21.03
CA PRO H 103 -21.67 -20.36 -21.75
C PRO H 103 -22.45 -19.16 -22.28
N GLN H 104 -21.87 -17.98 -22.18
CA GLN H 104 -22.52 -16.75 -22.64
C GLN H 104 -21.52 -15.80 -23.30
N VAL H 105 -22.03 -14.93 -24.16
CA VAL H 105 -21.21 -13.97 -24.90
C VAL H 105 -20.97 -12.71 -24.06
N GLY H 106 -19.70 -12.30 -23.99
CA GLY H 106 -19.33 -11.05 -23.35
C GLY H 106 -19.32 -11.08 -21.84
N THR H 107 -19.25 -12.27 -21.25
CA THR H 107 -19.23 -12.42 -19.79
C THR H 107 -18.18 -13.44 -19.36
N ALA H 108 -17.75 -13.33 -18.10
CA ALA H 108 -16.69 -14.19 -17.57
C ALA H 108 -16.71 -14.17 -16.04
N GLN H 109 -16.61 -15.35 -15.43
CA GLN H 109 -16.64 -15.47 -13.98
C GLN H 109 -15.29 -15.14 -13.36
N GLY H 110 -15.24 -14.02 -12.64
CA GLY H 110 -14.06 -13.63 -11.87
C GLY H 110 -14.17 -14.11 -10.44
N LEU H 111 -13.07 -13.99 -9.71
CA LEU H 111 -13.04 -14.31 -8.28
C LEU H 111 -12.42 -13.16 -7.52
N ALA H 112 -13.05 -12.79 -6.41
CA ALA H 112 -12.68 -11.59 -5.67
C ALA H 112 -12.51 -11.90 -4.20
N TRP H 113 -11.58 -11.18 -3.57
CA TRP H 113 -11.35 -11.27 -2.14
C TRP H 113 -11.83 -9.98 -1.51
N THR H 114 -12.59 -10.10 -0.42
CA THR H 114 -12.97 -8.94 0.40
C THR H 114 -13.21 -9.46 1.81
N PRO H 115 -12.82 -8.70 2.85
CA PRO H 115 -13.22 -9.14 4.18
C PRO H 115 -14.42 -8.32 4.63
N VAL H 116 -15.60 -8.91 4.91
CA VAL H 116 -15.89 -10.36 5.13
C VAL H 116 -15.02 -11.48 4.48
N GLY H 117 -15.38 -11.92 3.28
CA GLY H 117 -14.76 -13.07 2.64
C GLY H 117 -14.91 -12.97 1.13
N GLY H 118 -14.30 -13.93 0.43
CA GLY H 118 -14.32 -13.93 -1.02
C GLY H 118 -15.71 -13.93 -1.62
N THR H 119 -15.81 -13.40 -2.84
CA THR H 119 -17.08 -13.31 -3.56
C THR H 119 -16.84 -13.52 -5.06
N LEU H 120 -17.89 -13.93 -5.75
CA LEU H 120 -17.87 -14.08 -7.21
C LEU H 120 -17.96 -12.72 -7.88
N LEU H 121 -17.14 -12.50 -8.90
CA LEU H 121 -17.26 -11.34 -9.78
C LEU H 121 -17.76 -11.80 -11.14
N THR H 122 -18.60 -10.98 -11.76
CA THR H 122 -19.03 -11.22 -13.13
C THR H 122 -18.70 -9.99 -13.97
N ILE H 123 -17.76 -10.15 -14.89
CA ILE H 123 -17.42 -9.07 -15.83
C ILE H 123 -18.41 -9.15 -16.98
N GLU H 124 -18.96 -7.99 -17.37
CA GLU H 124 -19.86 -7.90 -18.50
C GLU H 124 -19.28 -6.94 -19.53
N VAL H 125 -19.20 -7.39 -20.78
CA VAL H 125 -18.70 -6.57 -21.87
C VAL H 125 -19.70 -6.58 -23.03
N ALA H 126 -20.13 -5.38 -23.43
CA ALA H 126 -20.94 -5.20 -24.62
C ALA H 126 -20.07 -4.53 -25.68
N ALA H 127 -20.13 -5.05 -26.90
CA ALA H 127 -19.40 -4.49 -28.03
C ALA H 127 -20.39 -4.03 -29.09
N VAL H 128 -20.65 -2.73 -29.14
CA VAL H 128 -21.68 -2.16 -30.02
C VAL H 128 -21.05 -1.24 -31.07
N PRO H 129 -21.79 -0.96 -32.17
CA PRO H 129 -21.34 0.00 -33.18
C PRO H 129 -21.02 1.38 -32.58
N GLY H 130 -19.79 1.85 -32.81
CA GLY H 130 -19.35 3.13 -32.28
C GLY H 130 -18.10 3.67 -32.98
N SER H 131 -17.26 4.38 -32.24
CA SER H 131 -16.08 5.04 -32.81
C SER H 131 -14.77 4.79 -32.02
N GLY H 132 -14.76 3.75 -31.20
CA GLY H 132 -13.55 3.39 -30.44
C GLY H 132 -13.51 3.91 -29.01
N LYS H 133 -14.69 4.10 -28.41
CA LYS H 133 -14.78 4.59 -27.04
C LYS H 133 -14.80 3.43 -26.07
N LEU H 134 -14.30 3.67 -24.86
CA LEU H 134 -14.30 2.66 -23.80
C LEU H 134 -15.06 3.19 -22.59
N SER H 135 -15.97 2.37 -22.05
CA SER H 135 -16.73 2.72 -20.85
C SER H 135 -16.46 1.68 -19.76
N LEU H 136 -16.09 2.17 -18.58
CA LEU H 136 -15.74 1.30 -17.45
C LEU H 136 -16.62 1.66 -16.26
N THR H 137 -17.65 0.85 -16.03
CA THR H 137 -18.66 1.13 -15.01
C THR H 137 -18.77 0.01 -13.98
N GLY H 138 -19.55 0.26 -12.93
CA GLY H 138 -19.63 -0.64 -11.79
C GLY H 138 -18.69 -0.25 -10.67
N GLN H 139 -18.43 1.06 -10.56
CA GLN H 139 -17.60 1.63 -9.48
C GLN H 139 -16.22 0.99 -9.37
N LEU H 140 -15.45 1.13 -10.45
CA LEU H 140 -14.11 0.54 -10.51
C LEU H 140 -13.05 1.55 -10.10
N GLY H 141 -12.05 1.08 -9.37
CA GLY H 141 -10.89 1.89 -9.03
C GLY H 141 -9.95 2.02 -10.21
N GLU H 142 -8.94 2.88 -10.07
CA GLU H 142 -8.03 3.21 -11.17
C GLU H 142 -7.21 2.00 -11.65
N VAL H 143 -6.85 1.12 -10.72
CA VAL H 143 -6.05 -0.07 -11.05
C VAL H 143 -6.86 -1.11 -11.81
N MET H 144 -8.13 -1.27 -11.45
CA MET H 144 -9.01 -2.23 -12.14
C MET H 144 -9.36 -1.74 -13.55
N LYS H 145 -9.51 -0.43 -13.70
CA LYS H 145 -9.69 0.19 -15.01
C LYS H 145 -8.47 -0.03 -15.89
N GLU H 146 -7.29 0.14 -15.31
CA GLU H 146 -6.02 -0.10 -16.02
C GLU H 146 -5.85 -1.59 -16.38
N SER H 147 -6.38 -2.47 -15.54
CA SER H 147 -6.41 -3.91 -15.82
C SER H 147 -7.16 -4.19 -17.12
N ALA H 148 -8.26 -3.48 -17.32
CA ALA H 148 -9.07 -3.60 -18.54
C ALA H 148 -8.34 -3.05 -19.76
N GLN H 149 -7.74 -1.87 -19.61
CA GLN H 149 -7.03 -1.20 -20.71
C GLN H 149 -5.85 -2.04 -21.21
N ALA H 150 -5.16 -2.71 -20.28
CA ALA H 150 -4.08 -3.63 -20.64
C ALA H 150 -4.62 -4.83 -21.40
N ALA H 151 -5.73 -5.39 -20.91
CA ALA H 151 -6.40 -6.50 -21.58
C ALA H 151 -6.85 -6.13 -22.98
N LEU H 152 -7.44 -4.95 -23.13
CA LEU H 152 -7.95 -4.48 -24.42
C LEU H 152 -6.85 -4.33 -25.45
N THR H 153 -5.80 -3.59 -25.10
CA THR H 153 -4.70 -3.30 -26.05
C THR H 153 -3.85 -4.52 -26.39
N TYR H 154 -3.91 -5.56 -25.55
CA TYR H 154 -3.34 -6.86 -25.93
C TYR H 154 -4.17 -7.47 -27.06
N LEU H 155 -5.50 -7.41 -26.93
CA LEU H 155 -6.40 -7.94 -27.95
C LEU H 155 -6.37 -7.12 -29.24
N ARG H 156 -6.10 -5.82 -29.13
CA ARG H 156 -5.89 -4.96 -30.30
C ARG H 156 -4.63 -5.38 -31.07
N ALA H 157 -3.61 -5.80 -30.32
CA ALA H 157 -2.33 -6.23 -30.89
C ALA H 157 -2.33 -7.68 -31.40
N HIS H 158 -3.41 -8.43 -31.10
CA HIS H 158 -3.52 -9.84 -31.48
C HIS H 158 -4.88 -10.12 -32.14
N THR H 159 -5.28 -9.26 -33.07
CA THR H 159 -6.59 -9.38 -33.74
C THR H 159 -6.73 -10.68 -34.53
N GLN H 160 -5.75 -10.96 -35.38
CA GLN H 160 -5.73 -12.20 -36.17
C GLN H 160 -5.67 -13.45 -35.31
N ASP H 161 -4.89 -13.39 -34.22
CA ASP H 161 -4.69 -14.54 -33.34
C ASP H 161 -5.99 -15.07 -32.72
N TYR H 162 -6.98 -14.19 -32.53
CA TYR H 162 -8.25 -14.59 -31.93
C TYR H 162 -9.47 -14.27 -32.80
N GLY H 163 -9.24 -14.04 -34.09
CA GLY H 163 -10.30 -13.79 -35.05
C GLY H 163 -11.19 -12.60 -34.70
N LEU H 164 -10.57 -11.53 -34.20
CA LEU H 164 -11.29 -10.30 -33.92
C LEU H 164 -11.26 -9.45 -35.20
N PRO H 165 -12.22 -8.52 -35.36
CA PRO H 165 -12.17 -7.65 -36.55
C PRO H 165 -10.83 -6.93 -36.69
N GLU H 166 -10.35 -6.79 -37.92
CA GLU H 166 -9.02 -6.20 -38.16
C GLU H 166 -8.97 -4.73 -37.73
N ASP H 167 -10.14 -4.08 -37.66
CA ASP H 167 -10.24 -2.72 -37.13
C ASP H 167 -11.54 -2.50 -36.34
N PHE H 168 -11.66 -3.20 -35.21
CA PHE H 168 -12.74 -2.91 -34.25
C PHE H 168 -12.41 -1.64 -33.46
N TYR H 169 -11.12 -1.33 -33.33
CA TYR H 169 -10.64 -0.19 -32.55
C TYR H 169 -11.29 1.16 -32.90
N ASN H 170 -11.69 1.34 -34.16
CA ASN H 170 -12.30 2.60 -34.61
C ASN H 170 -13.76 2.50 -35.07
N LYS H 171 -14.33 1.30 -35.03
CA LYS H 171 -15.72 1.08 -35.46
C LYS H 171 -16.59 0.43 -34.36
N VAL H 172 -16.06 0.32 -33.14
CA VAL H 172 -16.75 -0.33 -32.03
C VAL H 172 -16.56 0.44 -30.74
N ASP H 173 -17.65 0.65 -30.00
CA ASP H 173 -17.58 1.12 -28.62
C ASP H 173 -17.65 -0.08 -27.68
N LEU H 174 -16.86 -0.03 -26.61
CA LEU H 174 -16.82 -1.11 -25.62
C LEU H 174 -17.31 -0.60 -24.27
N HIS H 175 -18.17 -1.40 -23.63
CA HIS H 175 -18.65 -1.10 -22.29
C HIS H 175 -18.29 -2.27 -21.37
N VAL H 176 -17.32 -2.06 -20.50
CA VAL H 176 -17.00 -3.03 -19.45
C VAL H 176 -17.81 -2.64 -18.21
N HIS H 177 -18.57 -3.59 -17.68
CA HIS H 177 -19.41 -3.35 -16.51
C HIS H 177 -19.26 -4.51 -15.53
N VAL H 178 -19.11 -4.18 -14.26
CA VAL H 178 -18.97 -5.17 -13.21
C VAL H 178 -20.02 -4.91 -12.12
N PRO H 179 -21.12 -5.68 -12.13
CA PRO H 179 -22.12 -5.57 -11.06
C PRO H 179 -21.65 -6.20 -9.75
N ASP H 180 -22.28 -5.88 -8.61
CA ASP H 180 -23.39 -4.91 -8.55
C ASP H 180 -22.86 -3.48 -8.51
N GLY H 181 -23.61 -2.57 -9.15
CA GLY H 181 -23.17 -1.19 -9.37
C GLY H 181 -22.95 -0.33 -8.14
N ALA H 182 -23.57 -0.70 -7.02
CA ALA H 182 -23.44 0.06 -5.77
C ALA H 182 -22.13 -0.24 -5.03
N THR H 183 -21.54 -1.41 -5.28
CA THR H 183 -20.34 -1.85 -4.55
C THR H 183 -19.06 -1.40 -5.26
N PRO H 184 -18.19 -0.65 -4.54
CA PRO H 184 -16.87 -0.33 -5.10
C PRO H 184 -15.96 -1.54 -5.22
N LYS H 185 -15.14 -1.57 -6.28
CA LYS H 185 -14.18 -2.66 -6.49
C LYS H 185 -12.86 -2.09 -7.00
N ASP H 186 -11.77 -2.82 -6.76
CA ASP H 186 -10.45 -2.43 -7.25
C ASP H 186 -9.48 -3.62 -7.23
N GLY H 187 -8.43 -3.51 -8.03
CA GLY H 187 -7.35 -4.50 -8.06
C GLY H 187 -7.07 -5.03 -9.45
N PRO H 188 -5.87 -5.61 -9.66
CA PRO H 188 -5.51 -6.19 -10.95
C PRO H 188 -5.81 -7.69 -11.06
N SER H 189 -6.58 -8.23 -10.12
CA SER H 189 -6.85 -9.67 -10.06
C SER H 189 -7.73 -10.20 -11.20
N ALA H 190 -8.46 -9.30 -11.86
CA ALA H 190 -9.38 -9.68 -12.94
C ALA H 190 -8.86 -9.28 -14.32
N GLY H 191 -7.56 -9.37 -14.52
CA GLY H 191 -6.94 -9.03 -15.80
C GLY H 191 -7.26 -10.05 -16.88
N ILE H 192 -7.05 -11.33 -16.55
CA ILE H 192 -7.38 -12.42 -17.47
C ILE H 192 -8.89 -12.62 -17.58
N THR H 193 -9.61 -12.29 -16.50
CA THR H 193 -11.06 -12.38 -16.45
C THR H 193 -11.71 -11.45 -17.47
N MET H 194 -11.00 -10.39 -17.82
CA MET H 194 -11.53 -9.34 -18.67
C MET H 194 -11.13 -9.52 -20.13
N ALA H 195 -9.88 -9.89 -20.37
CA ALA H 195 -9.46 -10.31 -21.69
C ALA H 195 -10.45 -11.33 -22.24
N THR H 196 -11.00 -12.14 -21.33
CA THR H 196 -11.94 -13.18 -21.69
C THR H 196 -13.34 -12.65 -21.97
N ALA H 197 -13.78 -11.68 -21.16
CA ALA H 197 -15.05 -11.01 -21.39
C ALA H 197 -14.97 -10.13 -22.65
N ILE H 198 -13.81 -9.53 -22.87
CA ILE H 198 -13.62 -8.61 -23.99
C ILE H 198 -13.49 -9.40 -25.29
N ALA H 199 -12.64 -10.42 -25.28
CA ALA H 199 -12.43 -11.28 -26.44
C ALA H 199 -13.73 -11.97 -26.84
N SER H 200 -14.50 -12.41 -25.84
CA SER H 200 -15.80 -13.04 -26.07
C SER H 200 -16.78 -12.10 -26.78
N ALA H 201 -16.83 -10.85 -26.34
CA ALA H 201 -17.75 -9.86 -26.91
C ALA H 201 -17.39 -9.46 -28.34
N LEU H 202 -16.10 -9.17 -28.57
CA LEU H 202 -15.61 -8.77 -29.89
C LEU H 202 -15.72 -9.91 -30.92
N SER H 203 -15.34 -11.12 -30.51
CA SER H 203 -15.35 -12.28 -31.41
C SER H 203 -16.74 -12.90 -31.60
N ARG H 204 -17.69 -12.53 -30.74
CA ARG H 204 -19.05 -13.11 -30.73
C ARG H 204 -19.05 -14.57 -30.28
N ARG H 205 -17.91 -15.06 -29.77
CA ARG H 205 -17.79 -16.42 -29.27
C ARG H 205 -18.13 -16.42 -27.80
N PRO H 206 -19.02 -17.32 -27.36
CA PRO H 206 -19.41 -17.34 -25.95
C PRO H 206 -18.32 -17.92 -25.05
N ALA H 207 -18.12 -17.29 -23.89
CA ALA H 207 -17.16 -17.78 -22.89
C ALA H 207 -17.88 -18.63 -21.86
N ARG H 208 -17.21 -19.68 -21.39
CA ARG H 208 -17.77 -20.59 -20.40
C ARG H 208 -17.95 -19.91 -19.05
N MET H 209 -19.10 -20.13 -18.42
CA MET H 209 -19.40 -19.57 -17.09
C MET H 209 -19.33 -20.61 -15.98
N ASP H 210 -18.93 -21.85 -16.32
CA ASP H 210 -18.71 -22.89 -15.33
C ASP H 210 -17.23 -22.98 -14.92
N ILE H 211 -16.41 -22.08 -15.46
CA ILE H 211 -15.03 -21.89 -15.03
C ILE H 211 -14.90 -20.50 -14.42
N ALA H 212 -14.28 -20.43 -13.25
CA ALA H 212 -13.98 -19.16 -12.60
C ALA H 212 -12.48 -18.91 -12.63
N MET H 213 -12.08 -17.65 -12.80
CA MET H 213 -10.66 -17.34 -12.97
C MET H 213 -10.22 -16.12 -12.18
N THR H 214 -8.93 -16.12 -11.80
CA THR H 214 -8.26 -14.97 -11.25
C THR H 214 -6.84 -14.93 -11.85
N GLY H 215 -6.32 -13.73 -12.04
CA GLY H 215 -4.98 -13.56 -12.62
C GLY H 215 -4.74 -12.18 -13.17
N GLU H 216 -3.57 -11.62 -12.86
CA GLU H 216 -3.18 -10.31 -13.36
C GLU H 216 -2.55 -10.46 -14.74
N VAL H 217 -3.02 -9.66 -15.69
CA VAL H 217 -2.52 -9.73 -17.07
C VAL H 217 -1.48 -8.63 -17.31
N SER H 218 -0.40 -8.99 -18.00
CA SER H 218 0.58 -8.01 -18.46
C SER H 218 0.21 -7.55 -19.86
N LEU H 219 0.86 -6.49 -20.33
CA LEU H 219 0.54 -5.92 -21.64
C LEU H 219 0.88 -6.87 -22.81
N ARG H 220 1.87 -7.73 -22.63
CA ARG H 220 2.24 -8.71 -23.67
C ARG H 220 1.70 -10.12 -23.38
N GLY H 221 0.63 -10.19 -22.58
CA GLY H 221 -0.12 -11.45 -22.40
C GLY H 221 0.25 -12.31 -21.22
N LYS H 222 1.29 -11.94 -20.46
CA LYS H 222 1.76 -12.77 -19.34
C LYS H 222 0.75 -12.75 -18.19
N VAL H 223 0.34 -13.94 -17.75
CA VAL H 223 -0.48 -14.07 -16.54
C VAL H 223 0.46 -14.00 -15.34
N MET H 224 0.06 -13.23 -14.34
CA MET H 224 0.93 -12.90 -13.21
C MET H 224 0.25 -13.24 -11.89
N PRO H 225 1.03 -13.46 -10.82
CA PRO H 225 0.47 -13.89 -9.54
C PRO H 225 -0.51 -12.90 -8.91
N ILE H 226 -1.37 -13.43 -8.05
CA ILE H 226 -2.38 -12.66 -7.33
C ILE H 226 -2.40 -13.07 -5.86
N GLY H 227 -2.98 -12.22 -5.02
CA GLY H 227 -3.13 -12.51 -3.60
C GLY H 227 -4.54 -13.00 -3.30
N GLY H 228 -4.72 -13.55 -2.10
CA GLY H 228 -6.04 -14.01 -1.66
C GLY H 228 -6.49 -15.26 -2.39
N VAL H 229 -5.60 -16.24 -2.51
CA VAL H 229 -5.89 -17.47 -3.23
C VAL H 229 -6.87 -18.34 -2.43
N LYS H 230 -6.71 -18.33 -1.11
CA LYS H 230 -7.55 -19.11 -0.20
C LYS H 230 -9.02 -18.71 -0.32
N GLU H 231 -9.29 -17.43 -0.10
CA GLU H 231 -10.66 -16.92 0.00
C GLU H 231 -11.38 -16.95 -1.34
N LYS H 232 -10.65 -16.69 -2.43
CA LYS H 232 -11.22 -16.71 -3.78
C LYS H 232 -11.68 -18.11 -4.20
N LEU H 233 -10.94 -19.14 -3.77
CA LEU H 233 -11.33 -20.53 -4.02
C LEU H 233 -12.47 -20.99 -3.10
N LEU H 234 -12.52 -20.45 -1.89
CA LEU H 234 -13.63 -20.70 -0.97
C LEU H 234 -14.93 -20.11 -1.53
N ALA H 235 -14.82 -18.94 -2.16
CA ALA H 235 -15.97 -18.31 -2.83
C ALA H 235 -16.46 -19.12 -4.02
N ALA H 236 -15.53 -19.78 -4.72
CA ALA H 236 -15.87 -20.66 -5.84
C ALA H 236 -16.65 -21.88 -5.37
N HIS H 237 -16.31 -22.39 -4.18
CA HIS H 237 -17.05 -23.49 -3.56
C HIS H 237 -18.49 -23.09 -3.23
N GLN H 238 -18.65 -21.92 -2.64
CA GLN H 238 -19.97 -21.36 -2.30
C GLN H 238 -20.92 -21.33 -3.51
N ALA H 239 -20.38 -20.99 -4.68
CA ALA H 239 -21.19 -20.84 -5.90
C ALA H 239 -21.30 -22.11 -6.74
N GLY H 240 -20.64 -23.19 -6.33
CA GLY H 240 -20.71 -24.47 -7.04
C GLY H 240 -19.87 -24.54 -8.30
N ILE H 241 -18.83 -23.71 -8.38
CA ILE H 241 -17.90 -23.73 -9.51
C ILE H 241 -16.73 -24.64 -9.12
N HIS H 242 -16.48 -25.67 -9.93
CA HIS H 242 -15.42 -26.65 -9.64
C HIS H 242 -14.25 -26.62 -10.62
N LYS H 243 -14.27 -25.72 -11.60
CA LYS H 243 -13.17 -25.54 -12.54
C LYS H 243 -12.59 -24.14 -12.37
N ILE H 244 -11.26 -24.06 -12.23
CA ILE H 244 -10.62 -22.79 -11.90
C ILE H 244 -9.33 -22.54 -12.71
N VAL H 245 -9.20 -21.32 -13.21
CA VAL H 245 -7.96 -20.85 -13.83
C VAL H 245 -7.21 -20.00 -12.81
N LEU H 246 -5.89 -20.11 -12.82
CA LEU H 246 -5.05 -19.53 -11.78
C LEU H 246 -3.64 -19.29 -12.34
N PRO H 247 -2.95 -18.24 -11.88
CA PRO H 247 -1.59 -18.02 -12.40
C PRO H 247 -0.63 -19.15 -12.03
N LYS H 248 0.34 -19.39 -12.91
CA LYS H 248 1.34 -20.45 -12.73
C LYS H 248 2.15 -20.27 -11.44
N ASP H 249 2.47 -19.02 -11.11
CA ASP H 249 3.32 -18.72 -9.96
C ASP H 249 2.58 -18.80 -8.61
N ASN H 250 1.25 -18.86 -8.65
CA ASN H 250 0.44 -19.12 -7.46
C ASN H 250 0.36 -20.62 -7.09
N GLU H 251 1.08 -21.46 -7.83
CA GLU H 251 1.11 -22.90 -7.56
C GLU H 251 1.44 -23.24 -6.11
N ALA H 252 2.46 -22.58 -5.56
CA ALA H 252 2.92 -22.82 -4.19
C ALA H 252 1.91 -22.36 -3.12
N GLN H 253 1.04 -21.42 -3.47
CA GLN H 253 -0.03 -20.99 -2.56
C GLN H 253 -1.08 -22.09 -2.34
N LEU H 254 -1.17 -23.04 -3.28
CA LEU H 254 -2.06 -24.20 -3.13
C LEU H 254 -1.49 -25.28 -2.20
N GLU H 255 -0.17 -25.24 -1.96
CA GLU H 255 0.46 -26.15 -0.99
C GLU H 255 0.12 -25.76 0.45
N GLU H 256 0.01 -24.45 0.71
CA GLU H 256 -0.43 -23.94 2.02
C GLU H 256 -1.95 -23.76 2.02
N LEU H 257 -2.66 -24.84 1.67
CA LEU H 257 -4.10 -24.80 1.44
C LEU H 257 -4.65 -26.14 1.93
N PRO H 258 -5.63 -26.11 2.86
CA PRO H 258 -6.19 -27.37 3.36
C PRO H 258 -6.65 -28.30 2.24
N LYS H 259 -6.17 -29.54 2.25
CA LYS H 259 -6.42 -30.52 1.18
C LYS H 259 -7.91 -30.82 0.96
N GLU H 260 -8.74 -30.53 1.96
CA GLU H 260 -10.20 -30.64 1.82
C GLU H 260 -10.76 -29.69 0.77
N VAL H 261 -10.22 -28.47 0.71
CA VAL H 261 -10.69 -27.43 -0.22
C VAL H 261 -10.47 -27.83 -1.68
N LEU H 262 -9.26 -28.28 -1.99
CA LEU H 262 -8.86 -28.57 -3.37
C LEU H 262 -9.50 -29.85 -3.91
N GLU H 263 -9.91 -30.73 -2.99
CA GLU H 263 -10.51 -32.02 -3.36
C GLU H 263 -11.60 -31.86 -4.44
N GLY H 264 -12.50 -30.92 -4.22
CA GLY H 264 -13.59 -30.65 -5.16
C GLY H 264 -13.17 -29.99 -6.47
N LEU H 265 -12.11 -29.17 -6.41
CA LEU H 265 -11.74 -28.31 -7.53
C LEU H 265 -10.78 -28.94 -8.55
N GLU H 266 -10.97 -28.54 -9.81
CA GLU H 266 -9.99 -28.74 -10.87
C GLU H 266 -9.33 -27.39 -11.12
N ILE H 267 -8.00 -27.38 -11.20
CA ILE H 267 -7.24 -26.14 -11.35
C ILE H 267 -6.30 -26.18 -12.54
N LYS H 268 -6.53 -25.29 -13.51
CA LYS H 268 -5.63 -25.12 -14.64
C LYS H 268 -4.67 -23.96 -14.37
N LEU H 269 -3.38 -24.27 -14.34
CA LEU H 269 -2.35 -23.24 -14.15
C LEU H 269 -1.92 -22.71 -15.51
N VAL H 270 -1.94 -21.38 -15.66
CA VAL H 270 -1.64 -20.74 -16.95
C VAL H 270 -0.46 -19.76 -16.84
N GLU H 271 0.19 -19.52 -17.98
CA GLU H 271 1.33 -18.61 -18.06
C GLU H 271 1.03 -17.38 -18.92
N ASP H 272 0.45 -17.62 -20.10
CA ASP H 272 0.01 -16.52 -20.97
C ASP H 272 -1.51 -16.54 -21.15
N VAL H 273 -2.07 -15.40 -21.54
CA VAL H 273 -3.52 -15.22 -21.65
C VAL H 273 -4.11 -15.99 -22.85
N GLY H 274 -3.25 -16.46 -23.76
CA GLY H 274 -3.68 -17.34 -24.84
C GLY H 274 -4.16 -18.69 -24.37
N GLU H 275 -3.54 -19.21 -23.29
CA GLU H 275 -3.98 -20.44 -22.65
C GLU H 275 -5.39 -20.29 -22.03
N VAL H 276 -5.67 -19.08 -21.54
CA VAL H 276 -6.97 -18.77 -20.94
C VAL H 276 -8.06 -18.77 -22.01
N LEU H 277 -7.85 -17.99 -23.06
CA LEU H 277 -8.87 -17.81 -24.11
C LEU H 277 -9.17 -19.08 -24.90
N GLU H 278 -8.19 -19.95 -25.05
CA GLU H 278 -8.38 -21.23 -25.74
C GLU H 278 -9.24 -22.19 -24.91
N TYR H 279 -9.03 -22.17 -23.61
CA TYR H 279 -9.72 -23.04 -22.66
C TYR H 279 -11.13 -22.55 -22.32
N LEU H 280 -11.39 -21.27 -22.55
CA LEU H 280 -12.66 -20.63 -22.16
C LEU H 280 -13.62 -20.44 -23.32
N LEU H 281 -13.14 -19.85 -24.41
CA LEU H 281 -14.00 -19.50 -25.55
C LEU H 281 -14.33 -20.72 -26.39
N LEU H 282 -15.62 -20.88 -26.70
CA LEU H 282 -16.07 -21.94 -27.60
C LEU H 282 -15.63 -21.57 -29.03
N PRO H 283 -15.15 -22.55 -29.82
CA PRO H 283 -14.47 -22.25 -31.08
C PRO H 283 -15.24 -21.34 -32.05
N GLU H 284 -16.47 -21.73 -32.39
CA GLU H 284 -17.25 -21.03 -33.43
C GLU H 284 -18.22 -20.03 -32.79
N PRO H 285 -18.35 -18.82 -33.38
CA PRO H 285 -19.24 -17.79 -32.82
C PRO H 285 -20.72 -18.10 -33.03
N THR H 286 -21.56 -17.43 -32.24
CA THR H 286 -23.01 -17.63 -32.27
C THR H 286 -23.76 -16.40 -32.80
N MET H 287 -23.38 -15.22 -32.31
CA MET H 287 -23.97 -13.96 -32.77
C MET H 287 -23.24 -13.39 -33.99
N PRO H 288 -23.94 -12.56 -34.81
CA PRO H 288 -23.29 -11.91 -35.94
C PRO H 288 -22.54 -10.64 -35.53
N PRO H 289 -21.51 -10.23 -36.30
CA PRO H 289 -20.67 -9.09 -35.91
C PRO H 289 -21.43 -7.78 -35.76
N GLY I 3 -62.32 23.77 -35.55
CA GLY I 3 -62.27 22.34 -35.17
C GLY I 3 -63.63 21.77 -34.84
N TYR I 4 -63.83 20.49 -35.15
CA TYR I 4 -65.12 19.84 -34.96
C TYR I 4 -65.43 19.58 -33.49
N THR I 5 -66.71 19.41 -33.18
CA THR I 5 -67.14 18.97 -31.85
C THR I 5 -67.09 17.43 -31.85
N ASN I 6 -67.39 16.83 -30.70
CA ASN I 6 -67.38 15.37 -30.58
C ASN I 6 -68.61 14.73 -31.21
N MET I 7 -69.77 15.37 -31.08
CA MET I 7 -71.00 14.94 -31.77
C MET I 7 -70.79 14.94 -33.29
N GLU I 8 -70.10 15.97 -33.79
CA GLU I 8 -69.74 16.02 -35.21
C GLU I 8 -68.79 14.88 -35.56
N LYS I 9 -67.69 14.78 -34.82
CA LYS I 9 -66.75 13.66 -34.98
C LYS I 9 -67.43 12.30 -34.91
N GLN I 10 -68.47 12.18 -34.07
CA GLN I 10 -69.29 10.98 -34.00
C GLN I 10 -70.09 10.78 -35.30
N ALA I 11 -70.71 11.86 -35.77
CA ALA I 11 -71.50 11.82 -37.01
C ALA I 11 -70.64 11.50 -38.23
N ILE I 12 -69.47 12.14 -38.32
CA ILE I 12 -68.50 11.85 -39.39
C ILE I 12 -68.13 10.37 -39.38
N ALA I 13 -67.78 9.86 -38.20
CA ALA I 13 -67.38 8.45 -38.05
C ALA I 13 -68.49 7.49 -38.45
N ARG I 14 -69.73 7.84 -38.13
CA ARG I 14 -70.88 6.97 -38.36
C ARG I 14 -71.18 6.71 -39.85
N GLN I 15 -71.24 7.78 -40.65
CA GLN I 15 -71.70 7.68 -42.04
C GLN I 15 -70.59 7.86 -43.09
N TYR I 16 -69.34 8.02 -42.67
CA TYR I 16 -68.23 8.13 -43.62
C TYR I 16 -67.02 7.25 -43.26
N LEU I 17 -66.38 7.51 -42.12
CA LEU I 17 -65.12 6.84 -41.79
C LEU I 17 -65.27 5.35 -41.51
N TRP I 18 -66.19 5.00 -40.62
CA TRP I 18 -66.39 3.59 -40.27
C TRP I 18 -66.74 2.77 -41.51
N PRO I 19 -67.87 3.08 -42.19
CA PRO I 19 -68.20 2.31 -43.40
C PRO I 19 -67.03 2.17 -44.38
N LYS I 20 -66.30 3.26 -44.59
CA LYS I 20 -65.13 3.27 -45.48
C LYS I 20 -64.04 2.33 -45.00
N GLN I 21 -63.68 2.44 -43.72
CA GLN I 21 -62.62 1.62 -43.14
C GLN I 21 -63.04 0.16 -42.92
N VAL I 22 -64.34 -0.12 -42.93
CA VAL I 22 -64.83 -1.51 -42.94
C VAL I 22 -64.72 -2.07 -44.35
N ARG I 23 -65.09 -1.25 -45.35
CA ARG I 23 -65.01 -1.65 -46.76
C ARG I 23 -63.60 -2.10 -47.17
N GLU I 24 -62.62 -1.27 -46.84
CA GLU I 24 -61.22 -1.55 -47.20
C GLU I 24 -60.66 -2.79 -46.48
N SER I 25 -61.13 -3.02 -45.26
CA SER I 25 -60.75 -4.21 -44.49
C SER I 25 -61.40 -5.49 -45.03
N GLY I 26 -62.53 -5.33 -45.74
CA GLY I 26 -63.24 -6.46 -46.33
C GLY I 26 -64.07 -7.21 -45.30
N MET I 27 -64.80 -6.45 -44.49
CA MET I 27 -65.62 -7.00 -43.40
C MET I 27 -66.99 -6.33 -43.29
N GLU I 28 -67.49 -5.78 -44.40
CA GLU I 28 -68.74 -5.01 -44.38
C GLU I 28 -69.94 -5.93 -44.19
N GLY I 29 -70.84 -5.53 -43.28
CA GLY I 29 -72.04 -6.31 -42.96
C GLY I 29 -71.84 -7.32 -41.84
N ARG I 30 -70.59 -7.51 -41.41
CA ARG I 30 -70.24 -8.49 -40.38
C ARG I 30 -69.94 -7.85 -39.03
N ILE I 31 -69.54 -6.58 -39.04
CA ILE I 31 -69.15 -5.88 -37.81
C ILE I 31 -69.73 -4.46 -37.78
N GLU I 32 -69.97 -3.97 -36.56
CA GLU I 32 -70.46 -2.62 -36.35
C GLU I 32 -70.06 -2.13 -34.97
N VAL I 33 -69.89 -0.81 -34.85
CA VAL I 33 -69.46 -0.18 -33.59
C VAL I 33 -70.58 0.70 -33.06
N THR I 34 -70.82 0.63 -31.75
CA THR I 34 -71.92 1.38 -31.14
C THR I 34 -71.58 2.86 -31.06
N ASP I 35 -72.60 3.70 -30.86
CA ASP I 35 -72.43 5.14 -30.82
C ASP I 35 -71.51 5.58 -29.66
N ALA I 36 -71.60 4.86 -28.54
CA ALA I 36 -70.73 5.10 -27.39
C ALA I 36 -69.30 4.61 -27.64
N ALA I 37 -69.17 3.48 -28.34
CA ALA I 37 -67.85 2.91 -28.66
C ALA I 37 -66.99 3.86 -29.48
N ILE I 38 -67.61 4.56 -30.44
CA ILE I 38 -66.91 5.55 -31.25
C ILE I 38 -66.41 6.72 -30.39
N LEU I 39 -67.21 7.12 -29.40
CA LEU I 39 -66.82 8.17 -28.46
C LEU I 39 -65.53 7.78 -27.73
N ARG I 40 -65.44 6.52 -27.30
CA ARG I 40 -64.26 6.04 -26.57
C ARG I 40 -62.99 6.15 -27.42
N VAL I 41 -63.11 5.91 -28.73
CA VAL I 41 -61.96 6.03 -29.64
C VAL I 41 -61.54 7.51 -29.76
N ILE I 42 -62.52 8.39 -29.86
CA ILE I 42 -62.27 9.83 -29.95
C ILE I 42 -61.63 10.36 -28.66
N SER I 43 -62.20 10.00 -27.52
CA SER I 43 -61.75 10.51 -26.23
C SER I 43 -60.45 9.85 -25.74
N GLU I 44 -60.23 8.58 -26.08
CA GLU I 44 -59.10 7.82 -25.53
C GLU I 44 -58.04 7.35 -26.54
N TYR I 45 -58.23 7.60 -27.83
CA TYR I 45 -57.26 7.16 -28.84
C TYR I 45 -56.86 8.20 -29.90
N THR I 46 -57.29 9.46 -29.73
CA THR I 46 -56.92 10.54 -30.65
C THR I 46 -56.81 11.89 -29.95
N ARG I 47 -55.70 12.61 -30.20
CA ARG I 47 -55.60 14.03 -29.89
C ARG I 47 -55.40 14.80 -31.19
N GLU I 48 -56.42 15.56 -31.59
CA GLU I 48 -56.42 16.20 -32.91
C GLU I 48 -57.56 17.19 -33.07
N ALA I 49 -57.33 18.24 -33.85
CA ALA I 49 -58.39 19.12 -34.32
C ALA I 49 -59.14 18.41 -35.45
N GLY I 50 -58.40 17.69 -36.29
CA GLY I 50 -58.99 16.95 -37.41
C GLY I 50 -59.51 15.58 -37.03
N VAL I 51 -59.64 14.71 -38.02
CA VAL I 51 -60.11 13.33 -37.83
C VAL I 51 -59.23 12.34 -38.59
N ARG I 52 -57.93 12.63 -38.64
CA ARG I 52 -56.98 11.82 -39.40
C ARG I 52 -56.61 10.58 -38.58
N GLY I 53 -56.40 10.79 -37.28
CA GLY I 53 -56.15 9.69 -36.34
C GLY I 53 -57.39 8.84 -36.09
N LEU I 54 -58.55 9.48 -36.02
CA LEU I 54 -59.82 8.77 -35.87
C LEU I 54 -60.05 7.76 -37.00
N GLU I 55 -59.73 8.18 -38.23
CA GLU I 55 -59.81 7.32 -39.40
C GLU I 55 -58.83 6.15 -39.31
N ARG I 56 -57.62 6.42 -38.80
CA ARG I 56 -56.61 5.38 -38.56
C ARG I 56 -57.10 4.32 -37.56
N GLU I 57 -57.51 4.79 -36.38
CA GLU I 57 -57.90 3.89 -35.28
C GLU I 57 -59.02 2.95 -35.66
N LEU I 58 -60.04 3.47 -36.36
CA LEU I 58 -61.14 2.67 -36.85
C LEU I 58 -60.67 1.61 -37.85
N GLY I 59 -59.58 1.92 -38.56
CA GLY I 59 -58.90 0.96 -39.41
C GLY I 59 -58.36 -0.24 -38.65
N LYS I 60 -57.72 0.01 -37.50
CA LYS I 60 -57.22 -1.07 -36.65
C LYS I 60 -58.36 -1.92 -36.08
N ILE I 61 -59.44 -1.26 -35.67
CA ILE I 61 -60.64 -1.97 -35.19
C ILE I 61 -61.13 -2.95 -36.24
N ALA I 62 -61.25 -2.47 -37.47
CA ALA I 62 -61.75 -3.27 -38.59
C ALA I 62 -60.80 -4.41 -38.96
N ARG I 63 -59.53 -4.08 -39.15
CA ARG I 63 -58.52 -5.07 -39.55
C ARG I 63 -58.22 -6.10 -38.46
N LYS I 64 -58.37 -5.71 -37.19
CA LYS I 64 -58.33 -6.68 -36.09
C LYS I 64 -59.56 -7.59 -36.18
N GLY I 65 -60.70 -7.01 -36.55
CA GLY I 65 -61.90 -7.78 -36.84
C GLY I 65 -61.68 -8.90 -37.84
N ALA I 66 -60.92 -8.61 -38.90
CA ALA I 66 -60.52 -9.62 -39.87
C ALA I 66 -59.65 -10.71 -39.23
N LYS I 67 -58.83 -10.30 -38.26
CA LYS I 67 -58.01 -11.24 -37.49
C LYS I 67 -58.89 -12.16 -36.64
N PHE I 68 -59.92 -11.58 -36.02
CA PHE I 68 -60.89 -12.37 -35.25
C PHE I 68 -61.81 -13.19 -36.14
N TRP I 69 -62.12 -12.67 -37.33
CA TRP I 69 -62.86 -13.42 -38.34
C TRP I 69 -62.05 -14.64 -38.81
N LEU I 70 -60.74 -14.43 -38.95
CA LEU I 70 -59.82 -15.51 -39.31
C LEU I 70 -59.70 -16.54 -38.18
N GLU I 71 -59.69 -16.07 -36.93
CA GLU I 71 -59.66 -16.97 -35.78
C GLU I 71 -60.95 -17.77 -35.66
N GLY I 72 -62.08 -17.08 -35.80
CA GLY I 72 -63.39 -17.73 -35.75
C GLY I 72 -64.44 -16.94 -36.51
N ALA I 73 -64.90 -17.51 -37.63
CA ALA I 73 -65.97 -16.90 -38.43
C ALA I 73 -67.30 -17.01 -37.71
N TRP I 74 -68.24 -16.14 -38.06
CA TRP I 74 -69.54 -16.10 -37.40
C TRP I 74 -70.68 -15.81 -38.36
N GLU I 75 -71.90 -16.12 -37.91
CA GLU I 75 -73.11 -15.79 -38.64
C GLU I 75 -73.62 -14.43 -38.13
N GLY I 76 -74.18 -13.63 -39.04
CA GLY I 76 -74.81 -12.37 -38.67
C GLY I 76 -73.86 -11.19 -38.56
N LEU I 77 -74.02 -10.42 -37.48
CA LEU I 77 -73.36 -9.12 -37.33
C LEU I 77 -72.92 -8.90 -35.88
N ARG I 78 -71.62 -9.05 -35.64
CA ARG I 78 -71.05 -8.90 -34.29
C ARG I 78 -71.02 -7.45 -33.85
N THR I 79 -71.58 -7.19 -32.65
CA THR I 79 -71.59 -5.84 -32.08
C THR I 79 -70.31 -5.60 -31.29
N ILE I 80 -69.66 -4.47 -31.56
CA ILE I 80 -68.47 -4.04 -30.82
C ILE I 80 -68.86 -2.80 -30.01
N ASP I 81 -68.62 -2.84 -28.71
CA ASP I 81 -69.11 -1.80 -27.79
C ASP I 81 -67.97 -1.10 -27.04
N ALA I 82 -68.34 -0.09 -26.25
CA ALA I 82 -67.39 0.69 -25.46
C ALA I 82 -66.48 -0.16 -24.58
N SER I 83 -67.07 -1.10 -23.86
CA SER I 83 -66.34 -1.94 -22.89
C SER I 83 -65.22 -2.78 -23.51
N ASP I 84 -65.38 -3.17 -24.77
CA ASP I 84 -64.42 -4.08 -25.42
C ASP I 84 -63.72 -3.47 -26.64
N ILE I 85 -63.53 -2.15 -26.65
CA ILE I 85 -62.68 -1.50 -27.65
C ILE I 85 -61.21 -1.92 -27.49
N PRO I 86 -60.69 -1.95 -26.25
CA PRO I 86 -59.29 -2.31 -26.00
C PRO I 86 -58.79 -3.65 -26.56
N THR I 87 -59.70 -4.58 -26.83
CA THR I 87 -59.33 -5.84 -27.48
C THR I 87 -58.87 -5.60 -28.93
N TYR I 88 -59.37 -4.53 -29.53
CA TYR I 88 -59.04 -4.16 -30.90
C TYR I 88 -57.90 -3.13 -31.01
N LEU I 89 -57.84 -2.19 -30.06
CA LEU I 89 -56.86 -1.10 -30.10
C LEU I 89 -55.78 -1.19 -29.02
N GLY I 90 -55.83 -2.23 -28.18
CA GLY I 90 -54.88 -2.37 -27.08
C GLY I 90 -55.19 -1.43 -25.94
N ILE I 91 -54.15 -0.98 -25.25
CA ILE I 91 -54.31 -0.12 -24.06
C ILE I 91 -54.73 1.30 -24.45
N PRO I 92 -55.72 1.87 -23.73
CA PRO I 92 -56.10 3.28 -23.91
C PRO I 92 -54.91 4.22 -23.83
N ARG I 93 -54.82 5.14 -24.79
CA ARG I 93 -53.64 5.99 -24.96
C ARG I 93 -53.80 7.37 -24.33
N TYR I 94 -55.03 7.84 -24.16
CA TYR I 94 -55.30 9.16 -23.57
C TYR I 94 -56.45 9.11 -22.56
N ARG I 95 -56.24 9.71 -21.40
CA ARG I 95 -57.31 9.98 -20.44
C ARG I 95 -57.46 11.50 -20.33
N PRO I 96 -58.54 12.06 -20.89
CA PRO I 96 -58.70 13.52 -20.85
C PRO I 96 -59.03 14.06 -19.46
N ASP I 97 -60.01 13.45 -18.79
CA ASP I 97 -60.45 13.84 -17.45
C ASP I 97 -59.30 14.05 -16.45
N LYS I 98 -58.39 13.07 -16.40
CA LYS I 98 -57.25 13.10 -15.48
C LYS I 98 -56.02 12.59 -16.22
N ALA I 99 -55.18 13.53 -16.66
CA ALA I 99 -54.09 13.22 -17.59
C ALA I 99 -52.93 12.46 -16.96
N GLU I 100 -52.44 12.96 -15.83
CA GLU I 100 -51.27 12.35 -15.17
C GLU I 100 -51.55 10.91 -14.73
N THR I 101 -51.16 9.98 -15.59
CA THR I 101 -51.42 8.53 -15.47
C THR I 101 -51.51 7.92 -16.88
N GLU I 102 -51.95 8.72 -17.84
CA GLU I 102 -51.99 8.31 -19.24
C GLU I 102 -50.56 8.06 -19.76
N PRO I 103 -50.39 7.12 -20.70
CA PRO I 103 -49.07 6.84 -21.25
C PRO I 103 -48.33 8.08 -21.77
N GLN I 104 -47.01 8.06 -21.64
CA GLN I 104 -46.16 9.18 -22.00
C GLN I 104 -44.92 8.67 -22.74
N VAL I 105 -44.52 9.37 -23.79
CA VAL I 105 -43.30 9.05 -24.50
C VAL I 105 -42.09 9.51 -23.68
N GLY I 106 -41.11 8.62 -23.54
CA GLY I 106 -39.84 8.96 -22.93
C GLY I 106 -39.85 9.10 -21.42
N THR I 107 -40.81 8.48 -20.73
CA THR I 107 -40.85 8.51 -19.26
C THR I 107 -41.24 7.18 -18.67
N ALA I 108 -41.03 7.04 -17.36
CA ALA I 108 -41.37 5.82 -16.63
C ALA I 108 -41.39 6.09 -15.12
N GLN I 109 -42.12 5.25 -14.39
CA GLN I 109 -42.27 5.41 -12.94
C GLN I 109 -41.29 4.52 -12.18
N GLY I 110 -40.29 5.14 -11.56
CA GLY I 110 -39.37 4.45 -10.68
C GLY I 110 -39.82 4.54 -9.23
N LEU I 111 -39.25 3.68 -8.39
CA LEU I 111 -39.50 3.71 -6.96
C LEU I 111 -38.18 3.94 -6.24
N ALA I 112 -38.21 4.78 -5.21
CA ALA I 112 -37.00 5.10 -4.44
C ALA I 112 -37.26 5.07 -2.94
N TRP I 113 -36.17 4.97 -2.18
CA TRP I 113 -36.20 5.00 -0.73
C TRP I 113 -35.46 6.22 -0.23
N THR I 114 -36.11 7.00 0.64
CA THR I 114 -35.44 8.02 1.43
C THR I 114 -35.52 7.58 2.90
N PRO I 115 -34.73 8.19 3.79
CA PRO I 115 -34.77 7.77 5.20
C PRO I 115 -36.16 7.90 5.84
N VAL I 116 -36.87 8.99 5.53
CA VAL I 116 -38.22 9.22 6.07
C VAL I 116 -39.28 8.28 5.47
N GLY I 117 -38.98 7.68 4.32
CA GLY I 117 -39.88 6.70 3.70
C GLY I 117 -39.68 6.63 2.20
N GLY I 118 -40.55 5.89 1.53
CA GLY I 118 -40.49 5.75 0.07
C GLY I 118 -41.23 6.87 -0.65
N THR I 119 -40.83 7.12 -1.89
CA THR I 119 -41.48 8.10 -2.77
C THR I 119 -41.39 7.63 -4.22
N LEU I 120 -42.23 8.19 -5.08
CA LEU I 120 -42.16 7.92 -6.52
C LEU I 120 -41.03 8.70 -7.19
N LEU I 121 -40.28 8.01 -8.05
CA LEU I 121 -39.31 8.63 -8.94
C LEU I 121 -39.85 8.62 -10.35
N THR I 122 -39.86 9.79 -10.99
CA THR I 122 -40.24 9.91 -12.39
C THR I 122 -38.98 10.09 -13.23
N ILE I 123 -38.55 9.05 -13.93
CA ILE I 123 -37.48 9.17 -14.91
C ILE I 123 -38.12 9.72 -16.18
N GLU I 124 -37.55 10.79 -16.72
CA GLU I 124 -38.01 11.33 -17.99
C GLU I 124 -36.84 11.58 -18.93
N VAL I 125 -37.01 11.14 -20.17
CA VAL I 125 -35.94 11.10 -21.16
C VAL I 125 -36.42 11.71 -22.47
N ALA I 126 -35.60 12.61 -23.03
CA ALA I 126 -35.86 13.21 -24.33
C ALA I 126 -34.81 12.76 -25.33
N ALA I 127 -35.27 12.32 -26.50
CA ALA I 127 -34.39 11.99 -27.62
C ALA I 127 -34.54 13.07 -28.68
N VAL I 128 -33.42 13.69 -29.05
CA VAL I 128 -33.42 14.81 -30.01
C VAL I 128 -32.32 14.62 -31.06
N PRO I 129 -32.42 15.34 -32.19
CA PRO I 129 -31.35 15.32 -33.18
C PRO I 129 -30.01 15.70 -32.56
N GLY I 130 -28.97 14.91 -32.84
CA GLY I 130 -27.67 15.13 -32.21
C GLY I 130 -26.52 14.31 -32.77
N SER I 131 -25.44 14.26 -32.01
CA SER I 131 -24.18 13.64 -32.43
C SER I 131 -23.82 12.37 -31.65
N GLY I 132 -24.69 11.95 -30.72
CA GLY I 132 -24.43 10.80 -29.86
C GLY I 132 -24.07 11.13 -28.43
N LYS I 133 -24.31 12.37 -28.01
CA LYS I 133 -24.00 12.83 -26.66
C LYS I 133 -25.09 12.43 -25.67
N LEU I 134 -24.67 12.15 -24.43
CA LEU I 134 -25.58 11.77 -23.35
C LEU I 134 -25.51 12.77 -22.21
N SER I 135 -26.68 13.24 -21.76
CA SER I 135 -26.77 14.15 -20.62
C SER I 135 -27.51 13.48 -19.48
N LEU I 136 -26.99 13.62 -18.26
CA LEU I 136 -27.59 13.04 -17.06
C LEU I 136 -27.75 14.10 -15.98
N THR I 137 -28.99 14.51 -15.75
CA THR I 137 -29.29 15.66 -14.88
C THR I 137 -30.31 15.31 -13.79
N GLY I 138 -30.52 16.24 -12.87
CA GLY I 138 -31.38 16.04 -11.70
C GLY I 138 -30.58 15.67 -10.46
N GLN I 139 -29.32 16.12 -10.40
CA GLN I 139 -28.43 15.89 -9.27
C GLN I 139 -28.25 14.40 -8.97
N LEU I 140 -27.97 13.63 -10.01
CA LEU I 140 -27.78 12.19 -9.90
C LEU I 140 -26.37 11.86 -9.42
N GLY I 141 -26.26 10.82 -8.60
CA GLY I 141 -24.96 10.31 -8.17
C GLY I 141 -24.35 9.42 -9.25
N GLU I 142 -23.11 8.98 -9.02
CA GLU I 142 -22.36 8.23 -10.03
C GLU I 142 -22.92 6.82 -10.27
N VAL I 143 -23.27 6.12 -9.19
CA VAL I 143 -23.85 4.77 -9.31
C VAL I 143 -25.12 4.79 -10.15
N MET I 144 -25.92 5.84 -9.99
CA MET I 144 -27.15 6.02 -10.77
C MET I 144 -26.85 6.39 -12.23
N LYS I 145 -25.88 7.28 -12.42
CA LYS I 145 -25.44 7.65 -13.77
C LYS I 145 -24.92 6.44 -14.56
N GLU I 146 -24.20 5.56 -13.87
CA GLU I 146 -23.69 4.32 -14.47
C GLU I 146 -24.81 3.32 -14.77
N SER I 147 -25.87 3.37 -13.98
CA SER I 147 -27.07 2.58 -14.23
C SER I 147 -27.69 2.98 -15.57
N ALA I 148 -27.77 4.29 -15.82
CA ALA I 148 -28.28 4.82 -17.08
C ALA I 148 -27.42 4.38 -18.26
N GLN I 149 -26.11 4.42 -18.08
CA GLN I 149 -25.16 4.02 -19.12
C GLN I 149 -25.29 2.53 -19.45
N ALA I 150 -25.45 1.71 -18.42
CA ALA I 150 -25.68 0.27 -18.60
C ALA I 150 -26.98 0.03 -19.38
N ALA I 151 -28.01 0.80 -19.03
CA ALA I 151 -29.31 0.71 -19.70
C ALA I 151 -29.24 1.15 -21.18
N LEU I 152 -28.50 2.22 -21.44
CA LEU I 152 -28.34 2.74 -22.80
C LEU I 152 -27.55 1.75 -23.68
N THR I 153 -26.43 1.26 -23.13
CA THR I 153 -25.59 0.29 -23.82
C THR I 153 -26.38 -0.97 -24.20
N TYR I 154 -27.26 -1.42 -23.32
CA TYR I 154 -28.10 -2.58 -23.59
C TYR I 154 -28.97 -2.36 -24.82
N LEU I 155 -29.63 -1.21 -24.87
CA LEU I 155 -30.49 -0.86 -26.00
C LEU I 155 -29.68 -0.73 -27.30
N ARG I 156 -28.49 -0.16 -27.20
CA ARG I 156 -27.57 -0.07 -28.34
C ARG I 156 -27.22 -1.45 -28.90
N ALA I 157 -27.12 -2.44 -28.02
CA ALA I 157 -26.83 -3.81 -28.41
C ALA I 157 -28.07 -4.58 -28.92
N HIS I 158 -29.24 -3.96 -28.84
CA HIS I 158 -30.50 -4.59 -29.26
C HIS I 158 -31.38 -3.61 -30.03
N THR I 159 -30.84 -3.05 -31.11
CA THR I 159 -31.60 -2.12 -31.97
C THR I 159 -32.81 -2.80 -32.62
N GLN I 160 -32.62 -4.01 -33.11
CA GLN I 160 -33.67 -4.75 -33.83
C GLN I 160 -34.75 -5.32 -32.93
N ASP I 161 -34.36 -5.85 -31.77
CA ASP I 161 -35.31 -6.51 -30.85
C ASP I 161 -36.47 -5.60 -30.43
N TYR I 162 -36.19 -4.31 -30.27
CA TYR I 162 -37.20 -3.35 -29.79
C TYR I 162 -37.56 -2.27 -30.81
N GLY I 163 -37.20 -2.50 -32.07
CA GLY I 163 -37.54 -1.59 -33.17
C GLY I 163 -37.00 -0.19 -32.99
N LEU I 164 -35.70 -0.10 -32.71
CA LEU I 164 -35.02 1.19 -32.56
C LEU I 164 -34.26 1.51 -33.85
N PRO I 165 -33.97 2.80 -34.11
CA PRO I 165 -33.20 3.14 -35.31
C PRO I 165 -31.78 2.58 -35.22
N GLU I 166 -31.32 1.96 -36.30
CA GLU I 166 -29.98 1.36 -36.36
C GLU I 166 -28.86 2.32 -35.97
N ASP I 167 -29.00 3.58 -36.38
CA ASP I 167 -27.91 4.56 -36.28
C ASP I 167 -28.16 5.68 -35.25
N PHE I 168 -28.85 5.36 -34.14
CA PHE I 168 -29.11 6.38 -33.11
C PHE I 168 -27.87 6.70 -32.27
N TYR I 169 -26.86 5.83 -32.32
CA TYR I 169 -25.64 6.01 -31.54
C TYR I 169 -24.84 7.28 -31.89
N ASN I 170 -25.02 7.81 -33.10
CA ASN I 170 -24.42 9.10 -33.47
C ASN I 170 -25.29 10.02 -34.35
N LYS I 171 -26.60 9.79 -34.36
CA LYS I 171 -27.55 10.72 -34.98
C LYS I 171 -28.58 11.25 -33.98
N VAL I 172 -28.44 10.88 -32.71
CA VAL I 172 -29.37 11.27 -31.66
C VAL I 172 -28.61 11.71 -30.41
N ASP I 173 -29.10 12.76 -29.76
CA ASP I 173 -28.65 13.13 -28.43
C ASP I 173 -29.72 12.75 -27.41
N LEU I 174 -29.30 12.12 -26.32
CA LEU I 174 -30.21 11.72 -25.25
C LEU I 174 -29.98 12.57 -24.01
N HIS I 175 -31.07 12.82 -23.28
CA HIS I 175 -31.02 13.56 -22.02
C HIS I 175 -31.91 12.86 -21.00
N VAL I 176 -31.28 12.29 -19.98
CA VAL I 176 -32.01 11.67 -18.86
C VAL I 176 -32.08 12.67 -17.71
N HIS I 177 -33.28 12.85 -17.17
CA HIS I 177 -33.52 13.84 -16.10
C HIS I 177 -34.50 13.29 -15.07
N VAL I 178 -34.17 13.48 -13.80
CA VAL I 178 -35.00 13.00 -12.69
C VAL I 178 -35.30 14.17 -11.76
N PRO I 179 -36.55 14.67 -11.77
CA PRO I 179 -36.93 15.74 -10.84
C PRO I 179 -37.32 15.21 -9.45
N ASP I 180 -37.43 16.09 -8.45
CA ASP I 180 -37.13 17.52 -8.57
C ASP I 180 -35.62 17.78 -8.52
N GLY I 181 -35.19 18.82 -9.22
CA GLY I 181 -33.77 19.11 -9.43
C GLY I 181 -32.93 19.34 -8.18
N ALA I 182 -33.52 19.99 -7.18
CA ALA I 182 -32.83 20.29 -5.93
C ALA I 182 -32.39 19.03 -5.19
N THR I 183 -33.27 18.03 -5.14
CA THR I 183 -33.03 16.80 -4.39
C THR I 183 -31.95 15.93 -5.04
N PRO I 184 -30.84 15.65 -4.30
CA PRO I 184 -29.88 14.67 -4.81
C PRO I 184 -30.39 13.23 -4.78
N LYS I 185 -30.00 12.44 -5.77
CA LYS I 185 -30.45 11.06 -5.93
C LYS I 185 -29.26 10.16 -6.28
N ASP I 186 -29.30 8.92 -5.83
CA ASP I 186 -28.28 7.93 -6.17
C ASP I 186 -28.81 6.51 -5.91
N GLY I 187 -28.25 5.54 -6.63
CA GLY I 187 -28.61 4.14 -6.44
C GLY I 187 -28.70 3.37 -7.76
N PRO I 188 -28.55 2.04 -7.70
CA PRO I 188 -28.64 1.19 -8.87
C PRO I 188 -30.07 0.78 -9.23
N SER I 189 -31.03 1.11 -8.37
CA SER I 189 -32.37 0.52 -8.41
C SER I 189 -33.30 1.02 -9.53
N ALA I 190 -32.89 2.07 -10.25
CA ALA I 190 -33.71 2.61 -11.35
C ALA I 190 -33.33 2.04 -12.72
N GLY I 191 -32.42 1.06 -12.73
CA GLY I 191 -31.88 0.51 -13.98
C GLY I 191 -32.90 0.29 -15.09
N ILE I 192 -34.03 -0.30 -14.74
CA ILE I 192 -35.05 -0.66 -15.74
C ILE I 192 -36.00 0.48 -16.01
N THR I 193 -36.24 1.31 -14.99
CA THR I 193 -36.97 2.55 -15.16
C THR I 193 -36.27 3.42 -16.19
N MET I 194 -34.94 3.30 -16.25
CA MET I 194 -34.13 4.03 -17.22
C MET I 194 -34.31 3.44 -18.60
N ALA I 195 -34.06 2.12 -18.69
CA ALA I 195 -34.21 1.39 -19.94
C ALA I 195 -35.57 1.68 -20.57
N THR I 196 -36.59 1.73 -19.73
CA THR I 196 -37.96 1.90 -20.19
C THR I 196 -38.23 3.32 -20.68
N ALA I 197 -37.73 4.29 -19.92
CA ALA I 197 -37.85 5.69 -20.31
C ALA I 197 -37.10 5.98 -21.61
N ILE I 198 -35.92 5.37 -21.78
CA ILE I 198 -35.10 5.61 -22.96
C ILE I 198 -35.66 4.90 -24.19
N ALA I 199 -35.88 3.58 -24.06
CA ALA I 199 -36.45 2.78 -25.15
C ALA I 199 -37.76 3.38 -25.67
N SER I 200 -38.53 3.96 -24.76
CA SER I 200 -39.76 4.67 -25.12
C SER I 200 -39.47 5.95 -25.91
N ALA I 201 -38.42 6.67 -25.51
CA ALA I 201 -38.01 7.90 -26.19
C ALA I 201 -37.45 7.64 -27.60
N LEU I 202 -36.60 6.64 -27.72
CA LEU I 202 -35.98 6.28 -29.00
C LEU I 202 -36.99 5.71 -30.00
N SER I 203 -37.92 4.89 -29.52
CA SER I 203 -38.91 4.24 -30.37
C SER I 203 -40.15 5.09 -30.61
N ARG I 204 -40.37 6.07 -29.73
CA ARG I 204 -41.58 6.92 -29.75
C ARG I 204 -42.85 6.13 -29.47
N ARG I 205 -42.68 5.00 -28.78
CA ARG I 205 -43.79 4.19 -28.28
C ARG I 205 -43.95 4.54 -26.81
N PRO I 206 -45.15 5.05 -26.42
CA PRO I 206 -45.26 5.54 -25.04
C PRO I 206 -45.22 4.42 -24.00
N ALA I 207 -44.58 4.71 -22.86
CA ALA I 207 -44.52 3.78 -21.75
C ALA I 207 -45.65 4.07 -20.79
N ARG I 208 -46.21 3.01 -20.20
CA ARG I 208 -47.34 3.13 -19.29
C ARG I 208 -46.92 3.75 -17.95
N MET I 209 -47.73 4.68 -17.46
CA MET I 209 -47.46 5.37 -16.19
C MET I 209 -48.38 4.89 -15.06
N ASP I 210 -49.18 3.85 -15.33
CA ASP I 210 -49.99 3.20 -14.30
C ASP I 210 -49.24 1.99 -13.72
N ILE I 211 -47.97 1.83 -14.12
CA ILE I 211 -47.11 0.76 -13.61
C ILE I 211 -45.85 1.41 -13.02
N ALA I 212 -45.49 0.96 -11.82
CA ALA I 212 -44.25 1.40 -11.18
C ALA I 212 -43.27 0.23 -11.16
N MET I 213 -41.97 0.54 -11.07
CA MET I 213 -40.94 -0.49 -11.11
C MET I 213 -39.68 -0.10 -10.35
N THR I 214 -38.89 -1.12 -10.07
CA THR I 214 -37.57 -0.96 -9.46
C THR I 214 -36.77 -2.22 -9.76
N GLY I 215 -35.47 -2.06 -10.00
CA GLY I 215 -34.62 -3.20 -10.31
C GLY I 215 -33.30 -2.78 -10.95
N GLU I 216 -32.20 -3.28 -10.40
CA GLU I 216 -30.88 -3.01 -10.95
C GLU I 216 -30.73 -3.77 -12.27
N VAL I 217 -30.18 -3.09 -13.27
CA VAL I 217 -30.05 -3.67 -14.60
C VAL I 217 -28.61 -4.10 -14.87
N SER I 218 -28.47 -5.14 -15.69
CA SER I 218 -27.17 -5.65 -16.12
C SER I 218 -26.97 -5.36 -17.60
N LEU I 219 -25.75 -5.59 -18.08
CA LEU I 219 -25.38 -5.29 -19.46
C LEU I 219 -25.95 -6.34 -20.45
N ARG I 220 -26.14 -7.58 -19.99
CA ARG I 220 -26.82 -8.60 -20.79
C ARG I 220 -28.33 -8.40 -20.78
N GLY I 221 -28.82 -7.62 -19.82
CA GLY I 221 -30.24 -7.34 -19.67
C GLY I 221 -30.93 -8.24 -18.66
N LYS I 222 -30.19 -8.73 -17.67
CA LYS I 222 -30.76 -9.54 -16.62
C LYS I 222 -31.09 -8.66 -15.41
N VAL I 223 -32.34 -8.73 -14.96
CA VAL I 223 -32.82 -7.87 -13.88
C VAL I 223 -32.34 -8.45 -12.56
N MET I 224 -31.74 -7.61 -11.73
CA MET I 224 -31.07 -8.05 -10.51
C MET I 224 -31.78 -7.54 -9.26
N PRO I 225 -31.51 -8.14 -8.10
CA PRO I 225 -32.15 -7.73 -6.85
C PRO I 225 -31.95 -6.27 -6.44
N ILE I 226 -32.89 -5.75 -5.67
CA ILE I 226 -32.80 -4.44 -5.02
C ILE I 226 -33.30 -4.52 -3.58
N GLY I 227 -32.89 -3.55 -2.77
CA GLY I 227 -33.34 -3.46 -1.39
C GLY I 227 -34.55 -2.57 -1.21
N GLY I 228 -34.98 -2.39 0.03
CA GLY I 228 -36.08 -1.47 0.37
C GLY I 228 -37.39 -1.78 -0.32
N VAL I 229 -37.74 -3.07 -0.40
CA VAL I 229 -38.96 -3.49 -1.08
C VAL I 229 -40.21 -3.09 -0.30
N LYS I 230 -40.12 -3.12 1.03
CA LYS I 230 -41.20 -2.63 1.89
C LYS I 230 -41.53 -1.18 1.58
N GLU I 231 -40.52 -0.34 1.72
CA GLU I 231 -40.69 1.11 1.70
C GLU I 231 -41.09 1.62 0.32
N LYS I 232 -40.55 0.98 -0.72
CA LYS I 232 -40.91 1.30 -2.11
C LYS I 232 -42.39 1.02 -2.39
N LEU I 233 -42.79 -0.24 -2.24
CA LEU I 233 -44.15 -0.67 -2.59
C LEU I 233 -45.25 0.05 -1.80
N LEU I 234 -44.93 0.47 -0.58
CA LEU I 234 -45.84 1.32 0.20
C LEU I 234 -46.07 2.66 -0.50
N ALA I 235 -44.98 3.29 -0.96
CA ALA I 235 -45.05 4.57 -1.65
C ALA I 235 -45.88 4.51 -2.93
N ALA I 236 -45.81 3.38 -3.63
CA ALA I 236 -46.63 3.15 -4.83
C ALA I 236 -48.10 3.04 -4.44
N HIS I 237 -48.39 2.16 -3.49
CA HIS I 237 -49.74 1.96 -2.98
C HIS I 237 -50.32 3.27 -2.42
N GLN I 238 -49.48 4.00 -1.69
CA GLN I 238 -49.81 5.32 -1.16
C GLN I 238 -50.17 6.30 -2.29
N ALA I 239 -49.28 6.41 -3.28
CA ALA I 239 -49.47 7.33 -4.40
C ALA I 239 -50.51 6.84 -5.42
N GLY I 240 -50.98 5.61 -5.26
CA GLY I 240 -52.14 5.11 -6.00
C GLY I 240 -51.85 4.15 -7.15
N ILE I 241 -50.61 3.65 -7.22
CA ILE I 241 -50.22 2.71 -8.27
C ILE I 241 -50.46 1.29 -7.76
N HIS I 242 -51.26 0.51 -8.51
CA HIS I 242 -51.60 -0.86 -8.13
C HIS I 242 -50.95 -1.92 -9.01
N LYS I 243 -50.12 -1.51 -9.97
CA LYS I 243 -49.30 -2.44 -10.75
C LYS I 243 -47.83 -2.25 -10.40
N ILE I 244 -47.11 -3.36 -10.26
CA ILE I 244 -45.70 -3.34 -9.87
C ILE I 244 -44.89 -4.32 -10.73
N VAL I 245 -43.76 -3.86 -11.24
CA VAL I 245 -42.76 -4.74 -11.83
C VAL I 245 -41.59 -4.83 -10.85
N LEU I 246 -41.17 -6.05 -10.54
CA LEU I 246 -40.20 -6.31 -9.49
C LEU I 246 -39.29 -7.47 -9.89
N PRO I 247 -37.99 -7.42 -9.49
CA PRO I 247 -37.10 -8.53 -9.82
C PRO I 247 -37.56 -9.86 -9.23
N LYS I 248 -37.45 -10.92 -10.04
CA LYS I 248 -37.87 -12.28 -9.65
C LYS I 248 -37.23 -12.76 -8.34
N ASP I 249 -35.97 -12.37 -8.11
CA ASP I 249 -35.24 -12.79 -6.91
C ASP I 249 -35.77 -12.16 -5.62
N ASN I 250 -36.47 -11.03 -5.73
CA ASN I 250 -37.09 -10.39 -4.57
C ASN I 250 -38.51 -10.89 -4.27
N GLU I 251 -38.85 -12.07 -4.77
CA GLU I 251 -40.09 -12.74 -4.42
C GLU I 251 -40.16 -13.03 -2.92
N ALA I 252 -39.01 -13.27 -2.29
CA ALA I 252 -38.91 -13.53 -0.85
C ALA I 252 -39.16 -12.29 0.02
N GLN I 253 -38.97 -11.10 -0.55
CA GLN I 253 -39.26 -9.85 0.17
C GLN I 253 -40.76 -9.59 0.31
N LEU I 254 -41.58 -10.36 -0.43
CA LEU I 254 -43.05 -10.22 -0.38
C LEU I 254 -43.70 -10.92 0.82
N GLU I 255 -42.93 -11.68 1.59
CA GLU I 255 -43.45 -12.31 2.81
C GLU I 255 -43.61 -11.28 3.93
N GLU I 256 -42.87 -10.19 3.84
CA GLU I 256 -42.60 -9.31 4.98
C GLU I 256 -43.32 -7.96 4.87
N LEU I 257 -44.57 -7.98 4.46
CA LEU I 257 -45.40 -6.76 4.42
C LEU I 257 -46.86 -7.14 4.64
N PRO I 258 -47.71 -6.17 5.04
CA PRO I 258 -49.12 -6.48 5.27
C PRO I 258 -49.78 -7.20 4.08
N LYS I 259 -50.60 -8.19 4.39
CA LYS I 259 -51.38 -8.90 3.37
C LYS I 259 -52.47 -7.98 2.81
N GLU I 260 -52.77 -6.90 3.54
CA GLU I 260 -53.58 -5.79 3.04
C GLU I 260 -53.03 -5.24 1.74
N VAL I 261 -51.77 -4.84 1.78
CA VAL I 261 -51.11 -4.16 0.66
C VAL I 261 -50.74 -5.17 -0.44
N LEU I 262 -50.33 -6.37 -0.06
CA LEU I 262 -49.92 -7.40 -1.02
C LEU I 262 -51.08 -7.73 -1.99
N GLU I 263 -52.27 -7.90 -1.45
CA GLU I 263 -53.47 -8.16 -2.28
C GLU I 263 -53.90 -6.94 -3.10
N GLY I 264 -53.61 -5.74 -2.59
CA GLY I 264 -53.88 -4.50 -3.31
C GLY I 264 -52.80 -4.11 -4.30
N LEU I 265 -52.13 -5.09 -4.89
CA LEU I 265 -51.07 -4.87 -5.87
C LEU I 265 -50.98 -6.06 -6.81
N GLU I 266 -50.90 -5.79 -8.13
CA GLU I 266 -50.58 -6.83 -9.10
C GLU I 266 -49.07 -6.78 -9.32
N ILE I 267 -48.39 -7.88 -9.05
CA ILE I 267 -46.93 -7.89 -9.08
C ILE I 267 -46.36 -8.77 -10.19
N LYS I 268 -45.81 -8.12 -11.22
CA LYS I 268 -45.12 -8.80 -12.31
C LYS I 268 -43.67 -9.06 -11.88
N LEU I 269 -43.32 -10.33 -11.67
CA LEU I 269 -41.95 -10.70 -11.34
C LEU I 269 -41.15 -10.97 -12.61
N VAL I 270 -40.02 -10.28 -12.75
CA VAL I 270 -39.27 -10.25 -14.01
C VAL I 270 -37.82 -10.70 -13.84
N GLU I 271 -37.30 -11.37 -14.88
CA GLU I 271 -35.90 -11.80 -14.95
C GLU I 271 -35.11 -11.04 -16.02
N ASP I 272 -35.73 -10.82 -17.18
CA ASP I 272 -35.12 -10.08 -18.29
C ASP I 272 -35.77 -8.70 -18.40
N VAL I 273 -35.07 -7.74 -19.04
CA VAL I 273 -35.65 -6.40 -19.25
C VAL I 273 -36.63 -6.44 -20.44
N GLY I 274 -36.47 -7.44 -21.31
CA GLY I 274 -37.42 -7.68 -22.40
C GLY I 274 -38.83 -7.93 -21.91
N GLU I 275 -38.93 -8.63 -20.77
CA GLU I 275 -40.21 -8.85 -20.10
C GLU I 275 -40.83 -7.54 -19.61
N VAL I 276 -39.96 -6.60 -19.21
CA VAL I 276 -40.38 -5.27 -18.75
C VAL I 276 -40.88 -4.42 -19.91
N LEU I 277 -40.04 -4.28 -20.95
CA LEU I 277 -40.34 -3.41 -22.08
C LEU I 277 -41.61 -3.83 -22.83
N GLU I 278 -41.81 -5.13 -23.00
CA GLU I 278 -43.02 -5.66 -23.62
C GLU I 278 -44.26 -5.30 -22.80
N TYR I 279 -44.13 -5.46 -21.48
CA TYR I 279 -45.22 -5.17 -20.54
C TYR I 279 -45.51 -3.67 -20.42
N LEU I 280 -44.47 -2.85 -20.49
CA LEU I 280 -44.61 -1.40 -20.27
C LEU I 280 -44.94 -0.60 -21.53
N LEU I 281 -44.17 -0.82 -22.59
CA LEU I 281 -44.34 -0.03 -23.81
C LEU I 281 -45.55 -0.47 -24.61
N LEU I 282 -46.26 0.49 -25.19
CA LEU I 282 -47.36 0.20 -26.10
C LEU I 282 -46.80 -0.23 -27.46
N PRO I 283 -47.58 -0.98 -28.25
CA PRO I 283 -47.04 -1.56 -29.48
C PRO I 283 -46.79 -0.54 -30.61
N GLU I 284 -47.77 0.34 -30.86
CA GLU I 284 -47.70 1.26 -31.99
C GLU I 284 -47.13 2.63 -31.59
N PRO I 285 -46.18 3.17 -32.39
CA PRO I 285 -45.65 4.52 -32.15
C PRO I 285 -46.68 5.63 -32.33
N THR I 286 -46.50 6.72 -31.59
CA THR I 286 -47.37 7.90 -31.68
C THR I 286 -46.75 9.02 -32.50
N MET I 287 -45.44 9.26 -32.30
CA MET I 287 -44.72 10.36 -32.94
C MET I 287 -43.78 9.86 -34.06
N PRO I 288 -43.33 10.76 -34.96
CA PRO I 288 -42.34 10.39 -35.96
C PRO I 288 -40.91 10.47 -35.42
N PRO I 289 -40.00 9.59 -35.88
CA PRO I 289 -38.63 9.47 -35.37
C PRO I 289 -37.97 10.81 -35.02
N GLY J 3 -30.96 59.54 -41.24
CA GLY J 3 -32.28 58.96 -40.84
C GLY J 3 -33.36 60.02 -40.71
N TYR J 4 -34.58 59.66 -41.08
CA TYR J 4 -35.72 60.58 -40.99
C TYR J 4 -36.03 60.93 -39.54
N THR J 5 -36.45 62.18 -39.31
CA THR J 5 -36.95 62.59 -37.99
C THR J 5 -38.32 61.94 -37.72
N ASN J 6 -38.96 62.30 -36.62
CA ASN J 6 -40.17 61.60 -36.16
C ASN J 6 -41.47 62.19 -36.72
N MET J 7 -41.47 63.49 -37.04
CA MET J 7 -42.69 64.15 -37.54
C MET J 7 -42.97 63.84 -39.01
N GLU J 8 -41.94 63.85 -39.86
CA GLU J 8 -42.16 63.60 -41.29
C GLU J 8 -42.29 62.12 -41.65
N LYS J 9 -42.05 61.23 -40.69
CA LYS J 9 -42.46 59.83 -40.81
C LYS J 9 -43.98 59.75 -40.75
N GLN J 10 -44.57 60.55 -39.87
CA GLN J 10 -46.02 60.69 -39.77
C GLN J 10 -46.60 61.35 -41.02
N ALA J 11 -45.86 62.31 -41.58
CA ALA J 11 -46.27 63.00 -42.80
C ALA J 11 -46.22 62.10 -44.03
N ILE J 12 -45.16 61.32 -44.16
CA ILE J 12 -44.99 60.41 -45.31
C ILE J 12 -45.98 59.24 -45.27
N ALA J 13 -46.55 58.98 -44.08
CA ALA J 13 -47.63 58.01 -43.92
C ALA J 13 -48.96 58.56 -44.43
N ARG J 14 -49.32 59.75 -43.96
CA ARG J 14 -50.50 60.47 -44.44
C ARG J 14 -50.53 60.55 -45.96
N GLN J 15 -49.43 61.06 -46.51
CA GLN J 15 -49.30 61.29 -47.95
C GLN J 15 -49.35 60.01 -48.78
N TYR J 16 -48.41 59.10 -48.51
CA TYR J 16 -48.13 57.98 -49.42
C TYR J 16 -48.51 56.60 -48.88
N LEU J 17 -48.02 56.25 -47.68
CA LEU J 17 -48.12 54.88 -47.18
C LEU J 17 -49.55 54.43 -46.87
N TRP J 18 -50.20 55.14 -45.95
CA TRP J 18 -51.54 54.76 -45.48
C TRP J 18 -52.59 54.70 -46.60
N PRO J 19 -52.62 55.70 -47.50
CA PRO J 19 -53.56 55.59 -48.63
C PRO J 19 -53.24 54.45 -49.59
N LYS J 20 -51.96 54.16 -49.80
CA LYS J 20 -51.51 53.03 -50.61
C LYS J 20 -52.05 51.72 -50.04
N GLN J 21 -51.83 51.51 -48.75
CA GLN J 21 -52.18 50.26 -48.07
C GLN J 21 -53.69 50.10 -47.83
N VAL J 22 -54.40 51.23 -47.67
CA VAL J 22 -55.85 51.19 -47.48
C VAL J 22 -56.56 50.85 -48.81
N ARG J 23 -55.95 51.22 -49.93
CA ARG J 23 -56.47 50.89 -51.26
C ARG J 23 -56.29 49.41 -51.60
N GLU J 24 -55.15 48.84 -51.21
CA GLU J 24 -54.87 47.42 -51.44
C GLU J 24 -55.78 46.49 -50.64
N SER J 25 -56.19 46.93 -49.46
CA SER J 25 -57.13 46.18 -48.62
C SER J 25 -58.59 46.44 -49.00
N GLY J 26 -58.82 47.48 -49.81
CA GLY J 26 -60.16 47.81 -50.32
C GLY J 26 -61.00 48.54 -49.29
N MET J 27 -60.46 49.62 -48.73
CA MET J 27 -61.08 50.33 -47.61
C MET J 27 -60.92 51.85 -47.68
N GLU J 28 -61.05 52.44 -48.89
CA GLU J 28 -60.93 53.90 -49.05
C GLU J 28 -62.19 54.58 -48.54
N GLY J 29 -62.05 55.43 -47.52
CA GLY J 29 -63.19 56.11 -46.90
C GLY J 29 -63.96 55.23 -45.92
N ARG J 30 -63.65 53.93 -45.90
CA ARG J 30 -64.24 53.00 -44.97
C ARG J 30 -63.60 53.17 -43.59
N ILE J 31 -62.27 53.25 -43.57
CA ILE J 31 -61.51 53.54 -42.36
C ILE J 31 -60.47 54.65 -42.55
N GLU J 32 -60.15 55.32 -41.45
CA GLU J 32 -59.08 56.31 -41.40
C GLU J 32 -58.42 56.22 -40.03
N VAL J 33 -57.13 56.54 -39.96
CA VAL J 33 -56.40 56.56 -38.69
C VAL J 33 -56.25 57.99 -38.21
N THR J 34 -56.19 58.20 -36.90
CA THR J 34 -55.92 59.53 -36.35
C THR J 34 -54.43 59.81 -36.49
N ASP J 35 -54.03 61.07 -36.35
CA ASP J 35 -52.61 61.43 -36.37
C ASP J 35 -51.90 60.87 -35.14
N ALA J 36 -52.56 60.93 -33.99
CA ALA J 36 -52.02 60.34 -32.76
C ALA J 36 -51.92 58.82 -32.87
N ALA J 37 -52.84 58.21 -33.61
CA ALA J 37 -52.81 56.78 -33.88
C ALA J 37 -51.59 56.39 -34.72
N ILE J 38 -51.28 57.20 -35.73
CA ILE J 38 -50.09 56.97 -36.55
C ILE J 38 -48.81 57.08 -35.71
N LEU J 39 -48.74 58.11 -34.86
CA LEU J 39 -47.56 58.34 -34.03
C LEU J 39 -47.24 57.16 -33.10
N ARG J 40 -48.29 56.50 -32.59
CA ARG J 40 -48.11 55.34 -31.72
C ARG J 40 -47.52 54.14 -32.48
N VAL J 41 -47.79 54.07 -33.79
CA VAL J 41 -47.25 53.00 -34.64
C VAL J 41 -45.73 53.15 -34.86
N ILE J 42 -45.26 54.38 -35.03
CA ILE J 42 -43.81 54.62 -35.19
C ILE J 42 -43.09 54.28 -33.89
N SER J 43 -43.61 54.78 -32.77
CA SER J 43 -42.93 54.68 -31.48
C SER J 43 -42.99 53.27 -30.90
N GLU J 44 -44.21 52.77 -30.68
CA GLU J 44 -44.40 51.49 -29.99
C GLU J 44 -44.38 50.26 -30.91
N TYR J 45 -44.32 50.47 -32.22
CA TYR J 45 -44.37 49.35 -33.17
C TYR J 45 -43.31 49.33 -34.28
N THR J 46 -42.31 50.21 -34.22
CA THR J 46 -41.20 50.17 -35.19
C THR J 46 -39.86 50.59 -34.57
N ARG J 47 -38.78 50.03 -35.12
CA ARG J 47 -37.42 50.42 -34.79
C ARG J 47 -36.59 50.44 -36.08
N GLU J 48 -36.66 51.58 -36.77
CA GLU J 48 -36.05 51.70 -38.09
C GLU J 48 -35.61 53.14 -38.38
N ALA J 49 -34.59 53.27 -39.23
CA ALA J 49 -34.17 54.56 -39.75
C ALA J 49 -35.18 55.03 -40.80
N GLY J 50 -35.67 54.10 -41.59
CA GLY J 50 -36.63 54.38 -42.65
C GLY J 50 -38.08 54.12 -42.26
N VAL J 51 -38.87 53.62 -43.22
CA VAL J 51 -40.33 53.51 -43.07
C VAL J 51 -40.95 52.21 -43.61
N ARG J 52 -40.17 51.15 -43.76
CA ARG J 52 -40.69 49.88 -44.30
C ARG J 52 -41.54 49.13 -43.28
N GLY J 53 -41.03 49.05 -42.05
CA GLY J 53 -41.79 48.49 -40.94
C GLY J 53 -43.08 49.25 -40.67
N LEU J 54 -43.06 50.56 -40.93
CA LEU J 54 -44.25 51.40 -40.82
C LEU J 54 -45.31 50.98 -41.84
N GLU J 55 -44.90 50.86 -43.10
CA GLU J 55 -45.81 50.45 -44.19
C GLU J 55 -46.38 49.06 -43.96
N ARG J 56 -45.56 48.15 -43.41
CA ARG J 56 -46.02 46.82 -43.04
C ARG J 56 -47.07 46.93 -41.93
N GLU J 57 -46.72 47.68 -40.88
CA GLU J 57 -47.63 47.94 -39.76
C GLU J 57 -48.97 48.54 -40.20
N LEU J 58 -48.92 49.49 -41.13
CA LEU J 58 -50.13 50.13 -41.66
C LEU J 58 -50.97 49.14 -42.47
N GLY J 59 -50.31 48.19 -43.13
CA GLY J 59 -50.99 47.12 -43.86
C GLY J 59 -51.73 46.16 -42.95
N LYS J 60 -51.15 45.87 -41.79
CA LYS J 60 -51.76 45.00 -40.79
C LYS J 60 -53.02 45.63 -40.19
N ILE J 61 -53.02 46.95 -40.04
CA ILE J 61 -54.21 47.68 -39.58
C ILE J 61 -55.30 47.61 -40.64
N ALA J 62 -54.91 47.89 -41.90
CA ALA J 62 -55.85 47.96 -43.02
C ALA J 62 -56.52 46.62 -43.33
N ARG J 63 -55.73 45.54 -43.30
CA ARG J 63 -56.26 44.19 -43.53
C ARG J 63 -57.14 43.72 -42.37
N LYS J 64 -56.71 44.01 -41.14
CA LYS J 64 -57.50 43.75 -39.94
C LYS J 64 -58.81 44.55 -39.98
N GLY J 65 -58.73 45.77 -40.49
CA GLY J 65 -59.91 46.62 -40.68
C GLY J 65 -60.90 46.06 -41.68
N ALA J 66 -60.38 45.44 -42.74
CA ALA J 66 -61.21 44.71 -43.70
C ALA J 66 -61.86 43.50 -43.02
N LYS J 67 -61.08 42.82 -42.17
CA LYS J 67 -61.60 41.67 -41.43
C LYS J 67 -62.71 42.07 -40.46
N PHE J 68 -62.62 43.27 -39.91
CA PHE J 68 -63.71 43.84 -39.10
C PHE J 68 -64.90 44.22 -39.97
N TRP J 69 -64.62 44.80 -41.15
CA TRP J 69 -65.66 45.10 -42.14
C TRP J 69 -66.38 43.82 -42.61
N LEU J 70 -65.65 42.70 -42.68
CA LEU J 70 -66.24 41.41 -43.03
C LEU J 70 -67.16 40.90 -41.92
N GLU J 71 -66.58 40.67 -40.74
CA GLU J 71 -67.34 40.16 -39.60
C GLU J 71 -68.19 41.27 -38.99
N GLY J 72 -69.28 41.61 -39.68
CA GLY J 72 -70.13 42.73 -39.32
C GLY J 72 -69.74 44.00 -40.06
N ALA J 73 -70.71 44.69 -40.64
CA ALA J 73 -70.46 45.89 -41.44
C ALA J 73 -71.01 47.13 -40.75
N TRP J 74 -70.20 48.18 -40.70
CA TRP J 74 -70.62 49.47 -40.12
C TRP J 74 -71.07 50.43 -41.21
N GLU J 75 -71.79 51.47 -40.81
CA GLU J 75 -72.34 52.45 -41.74
C GLU J 75 -71.49 53.72 -41.71
N GLY J 76 -71.18 54.26 -42.89
CA GLY J 76 -70.34 55.46 -43.00
C GLY J 76 -68.88 55.13 -42.78
N LEU J 77 -68.13 56.11 -42.25
CA LEU J 77 -66.70 55.96 -42.00
C LEU J 77 -66.42 55.57 -40.55
N ARG J 78 -65.33 54.82 -40.36
CA ARG J 78 -64.80 54.50 -39.04
C ARG J 78 -63.44 55.17 -38.87
N THR J 79 -63.09 55.51 -37.63
CA THR J 79 -61.80 56.14 -37.33
C THR J 79 -61.01 55.31 -36.33
N ILE J 80 -59.74 55.03 -36.66
CA ILE J 80 -58.87 54.24 -35.80
C ILE J 80 -58.15 55.17 -34.83
N ASP J 81 -58.63 55.22 -33.60
CA ASP J 81 -58.03 56.05 -32.55
C ASP J 81 -56.70 55.48 -32.07
N ALA J 82 -55.90 56.33 -31.43
CA ALA J 82 -54.62 55.93 -30.85
C ALA J 82 -54.82 54.91 -29.73
N SER J 83 -55.95 55.01 -29.03
CA SER J 83 -56.31 54.08 -27.97
C SER J 83 -56.57 52.65 -28.47
N ASP J 84 -57.09 52.52 -29.69
CA ASP J 84 -57.44 51.20 -30.25
C ASP J 84 -56.32 50.51 -31.03
N ILE J 85 -55.17 51.17 -31.20
CA ILE J 85 -54.05 50.61 -31.97
C ILE J 85 -53.66 49.18 -31.54
N PRO J 86 -53.66 48.90 -30.21
CA PRO J 86 -53.40 47.52 -29.78
C PRO J 86 -54.43 46.48 -30.23
N THR J 87 -55.67 46.88 -30.44
CA THR J 87 -56.70 45.99 -30.96
C THR J 87 -56.37 45.49 -32.36
N TYR J 88 -55.69 46.33 -33.14
CA TYR J 88 -55.33 46.02 -34.52
C TYR J 88 -53.94 45.38 -34.66
N LEU J 89 -52.97 45.87 -33.90
CA LEU J 89 -51.59 45.38 -33.98
C LEU J 89 -51.14 44.55 -32.77
N GLY J 90 -52.07 44.22 -31.87
CA GLY J 90 -51.76 43.40 -30.71
C GLY J 90 -51.00 44.15 -29.62
N ILE J 91 -50.05 43.47 -29.00
CA ILE J 91 -49.27 44.04 -27.89
C ILE J 91 -48.21 45.00 -28.44
N PRO J 92 -47.98 46.14 -27.75
CA PRO J 92 -46.91 47.06 -28.16
C PRO J 92 -45.53 46.39 -28.16
N ARG J 93 -44.79 46.57 -29.24
CA ARG J 93 -43.52 45.86 -29.44
C ARG J 93 -42.33 46.60 -28.81
N TYR J 94 -42.42 47.92 -28.73
CA TYR J 94 -41.41 48.74 -28.06
C TYR J 94 -42.06 49.78 -27.17
N ARG J 95 -41.28 50.35 -26.26
CA ARG J 95 -41.74 51.45 -25.40
C ARG J 95 -40.58 52.41 -25.14
N PRO J 96 -40.26 53.29 -26.10
CA PRO J 96 -39.24 54.33 -25.90
C PRO J 96 -39.42 55.17 -24.63
N ASP J 97 -40.66 55.38 -24.19
CA ASP J 97 -40.93 56.08 -22.92
C ASP J 97 -40.56 55.23 -21.71
N LYS J 98 -40.85 53.92 -21.79
CA LYS J 98 -40.63 52.99 -20.68
C LYS J 98 -39.69 51.87 -21.15
N ALA J 99 -38.51 52.27 -21.61
CA ALA J 99 -37.56 51.38 -22.30
C ALA J 99 -37.08 50.21 -21.45
N GLU J 100 -36.90 50.43 -20.16
CA GLU J 100 -36.43 49.39 -19.24
C GLU J 100 -37.32 48.13 -19.19
N THR J 101 -38.63 48.30 -19.37
CA THR J 101 -39.57 47.18 -19.27
C THR J 101 -40.15 46.69 -20.60
N GLU J 102 -39.72 47.27 -21.72
CA GLU J 102 -40.22 46.85 -23.04
C GLU J 102 -39.74 45.44 -23.36
N PRO J 103 -40.43 44.75 -24.30
CA PRO J 103 -39.98 43.40 -24.66
C PRO J 103 -38.67 43.38 -25.45
N GLN J 104 -37.77 42.47 -25.09
CA GLN J 104 -36.50 42.32 -25.79
C GLN J 104 -36.26 40.87 -26.18
N VAL J 105 -35.39 40.67 -27.17
CA VAL J 105 -35.07 39.32 -27.66
C VAL J 105 -34.01 38.69 -26.75
N GLY J 106 -34.29 37.48 -26.28
CA GLY J 106 -33.34 36.72 -25.49
C GLY J 106 -33.14 37.22 -24.07
N THR J 107 -34.20 37.73 -23.46
CA THR J 107 -34.17 38.13 -22.05
C THR J 107 -35.51 37.85 -21.38
N ALA J 108 -35.46 37.34 -20.16
CA ALA J 108 -36.67 37.06 -19.37
C ALA J 108 -36.50 37.51 -17.93
N GLN J 109 -37.54 38.08 -17.36
CA GLN J 109 -37.54 38.53 -15.97
C GLN J 109 -37.87 37.38 -15.03
N GLY J 110 -36.91 37.01 -14.19
CA GLY J 110 -37.10 36.00 -13.15
C GLY J 110 -37.20 36.64 -11.77
N LEU J 111 -37.29 35.78 -10.76
CA LEU J 111 -37.34 36.22 -9.36
C LEU J 111 -36.53 35.28 -8.48
N ALA J 112 -35.82 35.85 -7.50
CA ALA J 112 -34.98 35.06 -6.58
C ALA J 112 -35.22 35.45 -5.13
N TRP J 113 -34.82 34.56 -4.22
CA TRP J 113 -34.99 34.75 -2.78
C TRP J 113 -33.70 34.39 -2.05
N THR J 114 -32.96 35.42 -1.65
CA THR J 114 -31.81 35.26 -0.76
C THR J 114 -32.30 35.32 0.68
N PRO J 115 -31.47 34.87 1.64
CA PRO J 115 -31.90 34.93 3.05
C PRO J 115 -32.05 36.34 3.63
N VAL J 116 -31.48 37.34 2.95
CA VAL J 116 -31.61 38.75 3.37
C VAL J 116 -32.87 39.45 2.82
N GLY J 117 -33.57 38.79 1.89
CA GLY J 117 -34.79 39.37 1.29
C GLY J 117 -35.13 38.76 -0.06
N GLY J 118 -35.59 39.60 -0.99
CA GLY J 118 -35.95 39.16 -2.33
C GLY J 118 -35.30 40.04 -3.39
N THR J 119 -35.16 39.50 -4.60
CA THR J 119 -34.48 40.20 -5.70
C THR J 119 -35.05 39.79 -7.07
N LEU J 120 -34.61 40.53 -8.10
CA LEU J 120 -35.04 40.28 -9.47
C LEU J 120 -33.89 39.65 -10.25
N LEU J 121 -34.05 38.39 -10.65
CA LEU J 121 -33.11 37.77 -11.58
C LEU J 121 -33.50 38.10 -13.01
N THR J 122 -32.55 38.68 -13.75
CA THR J 122 -32.70 38.81 -15.19
C THR J 122 -31.86 37.72 -15.84
N ILE J 123 -32.48 36.95 -16.73
CA ILE J 123 -31.74 36.01 -17.56
C ILE J 123 -31.49 36.68 -18.90
N GLU J 124 -30.29 36.51 -19.42
CA GLU J 124 -29.95 36.99 -20.76
C GLU J 124 -29.42 35.81 -21.56
N VAL J 125 -29.85 35.70 -22.82
CA VAL J 125 -29.43 34.60 -23.67
C VAL J 125 -29.10 35.12 -25.07
N ALA J 126 -27.94 34.71 -25.58
CA ALA J 126 -27.52 35.05 -26.93
C ALA J 126 -27.53 33.80 -27.79
N ALA J 127 -27.99 33.94 -29.03
CA ALA J 127 -27.92 32.88 -30.02
C ALA J 127 -27.08 33.38 -31.19
N VAL J 128 -25.87 32.84 -31.33
CA VAL J 128 -24.93 33.28 -32.35
C VAL J 128 -24.45 32.09 -33.19
N PRO J 129 -23.92 32.35 -34.40
CA PRO J 129 -23.42 31.26 -35.25
C PRO J 129 -22.39 30.37 -34.56
N GLY J 130 -22.57 29.05 -34.66
CA GLY J 130 -21.68 28.11 -33.98
C GLY J 130 -21.96 26.65 -34.28
N SER J 131 -21.72 25.79 -33.29
CA SER J 131 -21.75 24.33 -33.47
C SER J 131 -22.45 23.57 -32.34
N GLY J 132 -23.35 24.23 -31.60
CA GLY J 132 -24.10 23.59 -30.53
C GLY J 132 -23.48 23.69 -29.14
N LYS J 133 -22.54 24.63 -28.97
CA LYS J 133 -21.88 24.82 -27.69
C LYS J 133 -22.76 25.64 -26.77
N LEU J 134 -22.89 25.20 -25.52
CA LEU J 134 -23.67 25.92 -24.52
C LEU J 134 -22.76 26.55 -23.46
N SER J 135 -22.81 27.87 -23.37
CA SER J 135 -22.09 28.61 -22.34
C SER J 135 -23.05 29.02 -21.22
N LEU J 136 -22.74 28.61 -19.99
CA LEU J 136 -23.56 28.94 -18.83
C LEU J 136 -22.74 29.73 -17.83
N THR J 137 -22.85 31.06 -17.89
CA THR J 137 -22.11 31.96 -17.01
C THR J 137 -23.03 32.69 -16.04
N GLY J 138 -22.44 33.48 -15.15
CA GLY J 138 -23.17 34.19 -14.10
C GLY J 138 -23.05 33.52 -12.74
N GLN J 139 -21.95 32.81 -12.50
CA GLN J 139 -21.70 32.12 -11.23
C GLN J 139 -22.87 31.23 -10.81
N LEU J 140 -23.31 30.40 -11.75
CA LEU J 140 -24.46 29.53 -11.53
C LEU J 140 -24.00 28.23 -10.89
N GLY J 141 -24.76 27.75 -9.92
CA GLY J 141 -24.49 26.46 -9.29
C GLY J 141 -24.90 25.32 -10.19
N GLU J 142 -24.62 24.09 -9.77
CA GLU J 142 -24.85 22.91 -10.62
C GLU J 142 -26.34 22.68 -10.91
N VAL J 143 -27.19 22.82 -9.88
CA VAL J 143 -28.63 22.61 -10.03
C VAL J 143 -29.22 23.64 -11.01
N MET J 144 -28.81 24.89 -10.87
CA MET J 144 -29.28 25.96 -11.76
C MET J 144 -28.79 25.76 -13.19
N LYS J 145 -27.57 25.25 -13.34
CA LYS J 145 -27.02 24.91 -14.65
C LYS J 145 -27.80 23.76 -15.30
N GLU J 146 -28.13 22.75 -14.50
CA GLU J 146 -28.87 21.58 -14.98
C GLU J 146 -30.29 21.93 -15.48
N SER J 147 -30.92 22.93 -14.87
CA SER J 147 -32.25 23.38 -15.28
C SER J 147 -32.23 24.09 -16.64
N ALA J 148 -31.15 24.85 -16.90
CA ALA J 148 -30.95 25.50 -18.20
C ALA J 148 -30.85 24.49 -19.33
N GLN J 149 -30.21 23.35 -19.04
CA GLN J 149 -30.07 22.27 -20.01
C GLN J 149 -31.41 21.57 -20.27
N ALA J 150 -32.21 21.39 -19.22
CA ALA J 150 -33.54 20.81 -19.34
C ALA J 150 -34.44 21.66 -20.22
N ALA J 151 -34.36 22.97 -20.07
CA ALA J 151 -35.13 23.91 -20.89
C ALA J 151 -34.69 23.85 -22.34
N LEU J 152 -33.38 23.82 -22.57
CA LEU J 152 -32.83 23.75 -23.93
C LEU J 152 -33.24 22.45 -24.61
N THR J 153 -33.03 21.32 -23.93
CA THR J 153 -33.44 20.01 -24.42
C THR J 153 -34.93 19.96 -24.76
N TYR J 154 -35.75 20.59 -23.93
CA TYR J 154 -37.19 20.67 -24.19
C TYR J 154 -37.48 21.41 -25.50
N LEU J 155 -36.86 22.57 -25.66
CA LEU J 155 -37.03 23.38 -26.88
C LEU J 155 -36.47 22.67 -28.11
N ARG J 156 -35.39 21.90 -27.93
CA ARG J 156 -34.83 21.09 -29.01
C ARG J 156 -35.81 20.04 -29.50
N ALA J 157 -36.63 19.51 -28.59
CA ALA J 157 -37.67 18.53 -28.92
C ALA J 157 -38.94 19.15 -29.52
N HIS J 158 -39.08 20.47 -29.44
CA HIS J 158 -40.28 21.16 -29.93
C HIS J 158 -39.93 22.34 -30.85
N THR J 159 -39.09 22.08 -31.85
CA THR J 159 -38.69 23.12 -32.82
C THR J 159 -39.86 23.63 -33.66
N GLN J 160 -40.75 22.71 -34.04
CA GLN J 160 -41.94 23.06 -34.83
C GLN J 160 -42.91 23.97 -34.06
N ASP J 161 -43.17 23.60 -32.80
CA ASP J 161 -44.18 24.28 -31.98
C ASP J 161 -43.93 25.77 -31.82
N TYR J 162 -42.68 26.13 -31.51
CA TYR J 162 -42.33 27.51 -31.17
C TYR J 162 -41.63 28.27 -32.31
N GLY J 163 -41.52 27.63 -33.47
CA GLY J 163 -40.94 28.27 -34.65
C GLY J 163 -39.45 28.50 -34.53
N LEU J 164 -38.75 27.51 -33.99
CA LEU J 164 -37.29 27.56 -33.86
C LEU J 164 -36.72 26.88 -35.10
N PRO J 165 -35.47 27.25 -35.48
CA PRO J 165 -34.88 26.56 -36.63
C PRO J 165 -34.75 25.06 -36.38
N GLU J 166 -34.98 24.26 -37.41
CA GLU J 166 -35.02 22.80 -37.26
C GLU J 166 -33.63 22.20 -37.05
N ASP J 167 -32.58 22.94 -37.43
CA ASP J 167 -31.20 22.48 -37.25
C ASP J 167 -30.36 23.43 -36.38
N PHE J 168 -31.00 24.16 -35.47
CA PHE J 168 -30.28 25.11 -34.60
C PHE J 168 -29.32 24.39 -33.65
N TYR J 169 -29.64 23.14 -33.31
CA TYR J 169 -28.84 22.34 -32.37
C TYR J 169 -27.34 22.23 -32.70
N ASN J 170 -26.99 22.24 -33.99
CA ASN J 170 -25.58 22.17 -34.40
C ASN J 170 -25.11 23.31 -35.31
N LYS J 171 -25.95 24.33 -35.49
CA LYS J 171 -25.59 25.53 -36.26
C LYS J 171 -25.55 26.80 -35.39
N VAL J 172 -25.77 26.65 -34.07
CA VAL J 172 -25.87 27.79 -33.17
C VAL J 172 -25.18 27.50 -31.83
N ASP J 173 -24.41 28.47 -31.35
CA ASP J 173 -23.89 28.46 -29.98
C ASP J 173 -24.78 29.33 -29.11
N LEU J 174 -25.16 28.81 -27.94
CA LEU J 174 -25.96 29.56 -26.98
C LEU J 174 -25.12 29.97 -25.78
N HIS J 175 -25.36 31.18 -25.27
CA HIS J 175 -24.73 31.66 -24.06
C HIS J 175 -25.79 32.21 -23.12
N VAL J 176 -26.03 31.50 -22.02
CA VAL J 176 -26.96 31.95 -20.98
C VAL J 176 -26.16 32.65 -19.89
N HIS J 177 -26.48 33.92 -19.65
CA HIS J 177 -25.78 34.73 -18.66
C HIS J 177 -26.76 35.40 -17.70
N VAL J 178 -26.53 35.20 -16.40
CA VAL J 178 -27.40 35.72 -15.36
C VAL J 178 -26.63 36.73 -14.51
N PRO J 179 -26.71 38.03 -14.85
CA PRO J 179 -26.00 39.05 -14.08
C PRO J 179 -26.63 39.31 -12.70
N ASP J 180 -25.90 39.97 -11.78
CA ASP J 180 -24.52 40.42 -12.00
C ASP J 180 -23.51 39.30 -11.77
N GLY J 181 -22.33 39.45 -12.37
CA GLY J 181 -21.33 38.38 -12.45
C GLY J 181 -20.71 37.92 -11.14
N ALA J 182 -20.63 38.82 -10.16
CA ALA J 182 -20.01 38.51 -8.87
C ALA J 182 -20.86 37.57 -8.02
N THR J 183 -22.16 37.86 -7.95
CA THR J 183 -23.10 37.14 -7.07
C THR J 183 -23.30 35.67 -7.49
N PRO J 184 -23.07 34.72 -6.55
CA PRO J 184 -23.42 33.31 -6.80
C PRO J 184 -24.92 33.06 -6.86
N LYS J 185 -25.31 32.10 -7.70
CA LYS J 185 -26.72 31.74 -7.88
C LYS J 185 -26.85 30.22 -8.00
N ASP J 186 -27.93 29.67 -7.46
CA ASP J 186 -28.19 28.23 -7.55
C ASP J 186 -29.67 27.93 -7.31
N GLY J 187 -30.10 26.73 -7.66
CA GLY J 187 -31.48 26.28 -7.44
C GLY J 187 -32.25 26.16 -8.75
N PRO J 188 -33.40 25.47 -8.73
CA PRO J 188 -34.13 25.14 -9.93
C PRO J 188 -35.26 26.11 -10.29
N SER J 189 -35.42 27.17 -9.50
CA SER J 189 -36.59 28.04 -9.59
C SER J 189 -36.66 28.93 -10.83
N ALA J 190 -35.59 28.99 -11.61
CA ALA J 190 -35.57 29.80 -12.84
C ALA J 190 -35.78 28.97 -14.12
N GLY J 191 -36.29 27.74 -13.98
CA GLY J 191 -36.47 26.84 -15.11
C GLY J 191 -37.29 27.43 -16.26
N ILE J 192 -38.51 27.85 -15.95
CA ILE J 192 -39.38 28.49 -16.94
C ILE J 192 -38.83 29.83 -17.40
N THR J 193 -38.07 30.49 -16.53
CA THR J 193 -37.50 31.80 -16.82
C THR J 193 -36.50 31.74 -17.97
N MET J 194 -35.74 30.65 -18.03
CA MET J 194 -34.73 30.49 -19.08
C MET J 194 -35.32 29.82 -20.31
N ALA J 195 -36.33 28.98 -20.10
CA ALA J 195 -37.09 28.42 -21.21
C ALA J 195 -37.60 29.58 -22.06
N THR J 196 -38.07 30.63 -21.39
CA THR J 196 -38.57 31.82 -22.06
C THR J 196 -37.45 32.60 -22.73
N ALA J 197 -36.38 32.84 -21.98
CA ALA J 197 -35.22 33.59 -22.50
C ALA J 197 -34.56 32.90 -23.69
N ILE J 198 -34.40 31.58 -23.62
CA ILE J 198 -33.74 30.81 -24.68
C ILE J 198 -34.58 30.79 -25.96
N ALA J 199 -35.84 30.35 -25.84
CA ALA J 199 -36.75 30.27 -26.98
C ALA J 199 -36.86 31.61 -27.71
N SER J 200 -36.95 32.70 -26.93
CA SER J 200 -36.94 34.05 -27.46
C SER J 200 -35.70 34.33 -28.31
N ALA J 201 -34.54 33.98 -27.77
CA ALA J 201 -33.25 34.19 -28.44
C ALA J 201 -33.13 33.41 -29.75
N LEU J 202 -33.61 32.17 -29.74
CA LEU J 202 -33.57 31.30 -30.93
C LEU J 202 -34.54 31.77 -32.02
N SER J 203 -35.78 32.03 -31.63
CA SER J 203 -36.85 32.38 -32.57
C SER J 203 -36.88 33.85 -32.98
N ARG J 204 -36.11 34.68 -32.29
CA ARG J 204 -36.05 36.13 -32.52
C ARG J 204 -37.34 36.85 -32.11
N ARG J 205 -38.20 36.15 -31.36
CA ARG J 205 -39.45 36.71 -30.85
C ARG J 205 -39.14 37.37 -29.49
N PRO J 206 -39.42 38.67 -29.35
CA PRO J 206 -39.16 39.32 -28.05
C PRO J 206 -40.02 38.80 -26.91
N ALA J 207 -39.41 38.64 -25.74
CA ALA J 207 -40.12 38.27 -24.51
C ALA J 207 -40.43 39.53 -23.72
N ARG J 208 -41.64 39.59 -23.17
CA ARG J 208 -42.09 40.76 -22.43
C ARG J 208 -41.41 40.83 -21.06
N MET J 209 -40.85 41.99 -20.73
CA MET J 209 -40.15 42.19 -19.47
C MET J 209 -41.02 42.84 -18.39
N ASP J 210 -42.25 43.21 -18.76
CA ASP J 210 -43.23 43.68 -17.77
C ASP J 210 -43.85 42.53 -16.97
N ILE J 211 -43.55 41.29 -17.37
CA ILE J 211 -43.92 40.10 -16.60
C ILE J 211 -42.68 39.50 -15.94
N ALA J 212 -42.80 39.23 -14.64
CA ALA J 212 -41.77 38.48 -13.90
C ALA J 212 -42.31 37.09 -13.60
N MET J 213 -41.40 36.12 -13.46
CA MET J 213 -41.81 34.73 -13.28
C MET J 213 -40.84 33.93 -12.42
N THR J 214 -41.25 32.71 -12.09
CA THR J 214 -40.42 31.75 -11.37
C THR J 214 -41.12 30.38 -11.42
N GLY J 215 -40.34 29.33 -11.64
CA GLY J 215 -40.91 27.98 -11.71
C GLY J 215 -39.94 26.95 -12.22
N GLU J 216 -39.95 25.78 -11.57
CA GLU J 216 -39.09 24.66 -11.96
C GLU J 216 -39.66 23.95 -13.18
N VAL J 217 -38.86 23.85 -14.24
CA VAL J 217 -39.28 23.24 -15.49
C VAL J 217 -38.77 21.81 -15.58
N SER J 218 -39.57 20.95 -16.22
CA SER J 218 -39.22 19.55 -16.46
C SER J 218 -38.82 19.34 -17.92
N LEU J 219 -38.34 18.15 -18.23
CA LEU J 219 -37.93 17.79 -19.58
C LEU J 219 -39.14 17.62 -20.51
N ARG J 220 -40.26 17.17 -19.95
CA ARG J 220 -41.54 17.11 -20.67
C ARG J 220 -42.10 18.49 -20.96
N GLY J 221 -41.91 19.41 -20.01
CA GLY J 221 -42.51 20.74 -20.06
C GLY J 221 -43.39 21.05 -18.86
N LYS J 222 -43.46 20.13 -17.90
CA LYS J 222 -44.25 20.33 -16.68
C LYS J 222 -43.63 21.43 -15.82
N VAL J 223 -44.46 22.39 -15.41
CA VAL J 223 -44.03 23.41 -14.46
C VAL J 223 -44.30 22.89 -13.06
N MET J 224 -43.32 23.05 -12.18
CA MET J 224 -43.32 22.41 -10.86
C MET J 224 -43.21 23.44 -9.73
N PRO J 225 -43.69 23.08 -8.53
CA PRO J 225 -43.74 24.05 -7.43
C PRO J 225 -42.37 24.46 -6.91
N ILE J 226 -42.29 25.69 -6.39
CA ILE J 226 -41.04 26.26 -5.87
C ILE J 226 -41.27 26.95 -4.53
N GLY J 227 -40.17 27.19 -3.81
CA GLY J 227 -40.22 27.80 -2.49
C GLY J 227 -39.94 29.29 -2.50
N GLY J 228 -39.84 29.88 -1.31
CA GLY J 228 -39.56 31.30 -1.15
C GLY J 228 -40.60 32.21 -1.80
N VAL J 229 -41.83 31.72 -1.90
CA VAL J 229 -42.88 32.36 -2.69
C VAL J 229 -43.14 33.79 -2.20
N LYS J 230 -43.34 33.92 -0.90
CA LYS J 230 -43.65 35.22 -0.28
C LYS J 230 -42.66 36.31 -0.72
N GLU J 231 -41.38 36.10 -0.41
CA GLU J 231 -40.35 37.13 -0.64
C GLU J 231 -40.08 37.44 -2.12
N LYS J 232 -40.46 36.53 -3.02
CA LYS J 232 -40.31 36.77 -4.47
C LYS J 232 -41.26 37.85 -4.95
N LEU J 233 -42.51 37.79 -4.49
CA LEU J 233 -43.55 38.72 -4.92
C LEU J 233 -43.40 40.10 -4.26
N LEU J 234 -42.88 40.13 -3.02
CA LEU J 234 -42.55 41.40 -2.37
C LEU J 234 -41.50 42.16 -3.17
N ALA J 235 -40.48 41.44 -3.63
CA ALA J 235 -39.42 42.01 -4.47
C ALA J 235 -39.98 42.46 -5.83
N ALA J 236 -40.90 41.67 -6.38
CA ALA J 236 -41.59 42.02 -7.62
C ALA J 236 -42.46 43.27 -7.46
N HIS J 237 -43.07 43.41 -6.28
CA HIS J 237 -43.87 44.59 -5.97
C HIS J 237 -43.01 45.81 -5.73
N GLN J 238 -41.94 45.65 -4.94
CA GLN J 238 -40.96 46.71 -4.70
C GLN J 238 -40.26 47.14 -6.00
N ALA J 239 -40.18 46.23 -6.96
CA ALA J 239 -39.62 46.53 -8.28
C ALA J 239 -40.55 47.33 -9.17
N GLY J 240 -41.85 47.08 -9.04
CA GLY J 240 -42.86 47.69 -9.90
C GLY J 240 -43.31 46.77 -11.03
N ILE J 241 -43.31 45.47 -10.77
CA ILE J 241 -43.78 44.47 -11.73
C ILE J 241 -45.12 43.95 -11.23
N HIS J 242 -46.19 44.25 -11.97
CA HIS J 242 -47.56 43.87 -11.57
C HIS J 242 -48.14 42.75 -12.44
N LYS J 243 -47.26 41.91 -12.99
CA LYS J 243 -47.67 40.75 -13.80
C LYS J 243 -46.81 39.56 -13.38
N ILE J 244 -47.44 38.50 -12.90
CA ILE J 244 -46.72 37.36 -12.30
C ILE J 244 -47.13 36.03 -12.92
N VAL J 245 -46.15 35.24 -13.35
CA VAL J 245 -46.38 33.85 -13.74
C VAL J 245 -45.89 32.95 -12.61
N LEU J 246 -46.68 31.94 -12.26
CA LEU J 246 -46.42 31.11 -11.08
C LEU J 246 -46.94 29.69 -11.32
N PRO J 247 -46.32 28.67 -10.66
CA PRO J 247 -46.85 27.32 -10.81
C PRO J 247 -48.26 27.13 -10.24
N LYS J 248 -49.01 26.20 -10.84
CA LYS J 248 -50.36 25.86 -10.38
C LYS J 248 -50.39 25.41 -8.93
N ASP J 249 -49.39 24.62 -8.53
CA ASP J 249 -49.31 24.09 -7.17
C ASP J 249 -48.95 25.13 -6.11
N ASN J 250 -48.46 26.30 -6.53
CA ASN J 250 -48.03 27.34 -5.60
C ASN J 250 -49.14 28.29 -5.10
N GLU J 251 -50.39 28.07 -5.52
CA GLU J 251 -51.50 28.92 -5.06
C GLU J 251 -51.91 28.66 -3.61
N ALA J 252 -51.40 27.58 -3.01
CA ALA J 252 -51.57 27.34 -1.57
C ALA J 252 -50.74 28.32 -0.75
N GLN J 253 -49.63 28.78 -1.33
CA GLN J 253 -48.74 29.75 -0.68
C GLN J 253 -49.17 31.20 -0.94
N LEU J 254 -50.18 31.39 -1.79
CA LEU J 254 -50.73 32.72 -2.08
C LEU J 254 -51.53 33.32 -0.92
N GLU J 255 -51.65 32.60 0.20
CA GLU J 255 -52.38 33.08 1.36
C GLU J 255 -51.49 33.83 2.35
N GLU J 256 -50.23 33.40 2.46
CA GLU J 256 -49.31 33.91 3.50
C GLU J 256 -48.60 35.24 3.16
N LEU J 257 -49.34 36.18 2.58
CA LEU J 257 -48.79 37.51 2.25
C LEU J 257 -49.88 38.59 2.30
N PRO J 258 -49.46 39.87 2.46
CA PRO J 258 -50.42 40.99 2.59
C PRO J 258 -51.44 41.09 1.46
N LYS J 259 -52.66 41.49 1.81
CA LYS J 259 -53.75 41.61 0.85
C LYS J 259 -53.62 42.86 -0.02
N GLU J 260 -53.22 43.97 0.60
CA GLU J 260 -52.98 45.22 -0.11
C GLU J 260 -52.05 45.00 -1.30
N VAL J 261 -50.99 44.24 -1.06
CA VAL J 261 -49.94 43.99 -2.05
C VAL J 261 -50.40 43.01 -3.14
N LEU J 262 -50.99 41.89 -2.70
CA LEU J 262 -51.45 40.83 -3.61
C LEU J 262 -52.42 41.34 -4.67
N GLU J 263 -53.33 42.24 -4.26
CA GLU J 263 -54.38 42.74 -5.15
C GLU J 263 -53.83 43.61 -6.30
N GLY J 264 -52.62 44.14 -6.13
CA GLY J 264 -51.97 44.97 -7.14
C GLY J 264 -51.34 44.21 -8.31
N LEU J 265 -51.19 42.89 -8.18
CA LEU J 265 -50.53 42.08 -9.22
C LEU J 265 -51.47 41.03 -9.82
N GLU J 266 -51.54 41.01 -11.16
CA GLU J 266 -52.28 39.98 -11.88
C GLU J 266 -51.39 38.74 -11.98
N ILE J 267 -51.89 37.60 -11.50
CA ILE J 267 -51.07 36.40 -11.36
C ILE J 267 -51.63 35.22 -12.16
N LYS J 268 -50.94 34.87 -13.25
CA LYS J 268 -51.33 33.75 -14.09
C LYS J 268 -50.71 32.44 -13.59
N LEU J 269 -51.55 31.55 -13.07
CA LEU J 269 -51.10 30.22 -12.65
C LEU J 269 -50.93 29.31 -13.86
N VAL J 270 -49.86 28.54 -13.89
CA VAL J 270 -49.55 27.66 -15.01
C VAL J 270 -48.97 26.33 -14.54
N GLU J 271 -49.18 25.27 -15.34
CA GLU J 271 -48.59 23.96 -15.08
C GLU J 271 -47.99 23.33 -16.35
N ASP J 272 -47.71 24.17 -17.34
CA ASP J 272 -47.14 23.72 -18.62
C ASP J 272 -46.36 24.88 -19.22
N VAL J 273 -45.10 24.63 -19.54
CA VAL J 273 -44.22 25.68 -20.09
C VAL J 273 -44.73 26.24 -21.42
N GLY J 274 -45.53 25.45 -22.15
CA GLY J 274 -46.21 25.93 -23.36
C GLY J 274 -47.11 27.12 -23.11
N GLU J 275 -47.77 27.15 -21.95
CA GLU J 275 -48.60 28.29 -21.54
C GLU J 275 -47.75 29.55 -21.30
N VAL J 276 -46.59 29.34 -20.67
CA VAL J 276 -45.70 30.45 -20.32
C VAL J 276 -45.20 31.15 -21.58
N LEU J 277 -44.79 30.37 -22.58
CA LEU J 277 -44.24 30.92 -23.82
C LEU J 277 -45.30 31.60 -24.68
N GLU J 278 -46.55 31.15 -24.60
CA GLU J 278 -47.65 31.76 -25.33
C GLU J 278 -47.99 33.14 -24.73
N TYR J 279 -47.97 33.21 -23.40
CA TYR J 279 -48.25 34.44 -22.66
C TYR J 279 -47.09 35.45 -22.76
N LEU J 280 -45.85 34.97 -22.67
CA LEU J 280 -44.68 35.85 -22.67
C LEU J 280 -44.25 36.32 -24.06
N LEU J 281 -44.16 35.40 -25.01
CA LEU J 281 -43.55 35.69 -26.32
C LEU J 281 -44.50 36.38 -27.30
N LEU J 282 -44.02 37.45 -27.92
CA LEU J 282 -44.76 38.15 -28.96
C LEU J 282 -44.75 37.34 -30.26
N PRO J 283 -45.88 37.32 -30.99
CA PRO J 283 -46.01 36.58 -32.26
C PRO J 283 -44.86 36.74 -33.27
N GLU J 284 -44.71 37.92 -33.87
CA GLU J 284 -43.75 38.10 -34.97
C GLU J 284 -42.33 38.46 -34.50
N PRO J 285 -41.31 37.93 -35.20
CA PRO J 285 -39.91 38.17 -34.84
C PRO J 285 -39.42 39.54 -35.30
N THR J 286 -38.60 40.18 -34.45
CA THR J 286 -38.17 41.56 -34.69
C THR J 286 -36.75 41.69 -35.26
N MET J 287 -36.00 40.58 -35.27
CA MET J 287 -34.65 40.57 -35.83
C MET J 287 -34.50 39.47 -36.88
N PRO J 288 -33.49 39.59 -37.77
CA PRO J 288 -33.21 38.49 -38.70
C PRO J 288 -32.88 37.18 -37.99
N PRO J 289 -33.23 36.03 -38.61
CA PRO J 289 -32.85 34.72 -38.09
C PRO J 289 -31.36 34.59 -37.79
N VAL J 290 -31.01 33.59 -36.97
CA VAL J 290 -29.63 33.43 -36.49
C VAL J 290 -28.69 33.14 -37.65
N VAL J 291 -29.15 32.30 -38.58
CA VAL J 291 -28.42 32.06 -39.83
C VAL J 291 -28.48 33.29 -40.74
N GLY K 3 16.75 52.93 -44.32
CA GLY K 3 15.64 53.85 -43.93
C GLY K 3 16.08 55.29 -43.81
N TYR K 4 15.23 56.21 -44.23
CA TYR K 4 15.56 57.63 -44.23
C TYR K 4 15.50 58.22 -42.83
N THR K 5 16.48 59.04 -42.48
CA THR K 5 16.42 59.86 -41.28
C THR K 5 15.47 61.04 -41.51
N ASN K 6 15.14 61.75 -40.43
CA ASN K 6 13.99 62.66 -40.43
C ASN K 6 14.21 64.02 -41.13
N MET K 7 15.43 64.31 -41.57
CA MET K 7 15.69 65.53 -42.36
C MET K 7 15.46 65.30 -43.85
N GLU K 8 15.88 64.15 -44.37
CA GLU K 8 15.56 63.78 -45.76
C GLU K 8 14.05 63.60 -45.86
N LYS K 9 13.50 62.78 -44.97
CA LYS K 9 12.06 62.55 -44.86
C LYS K 9 11.24 63.84 -45.02
N GLN K 10 11.67 64.88 -44.34
CA GLN K 10 11.00 66.19 -44.36
C GLN K 10 11.13 66.87 -45.73
N ALA K 11 12.29 66.70 -46.36
CA ALA K 11 12.59 67.31 -47.65
C ALA K 11 11.77 66.72 -48.81
N ILE K 12 11.63 65.40 -48.84
CA ILE K 12 10.88 64.74 -49.94
C ILE K 12 9.40 65.11 -49.85
N ALA K 13 8.93 65.37 -48.62
CA ALA K 13 7.56 65.82 -48.40
C ALA K 13 7.30 67.15 -49.09
N ARG K 14 8.16 68.13 -48.82
CA ARG K 14 8.02 69.47 -49.40
C ARG K 14 8.30 69.48 -50.89
N GLN K 15 9.39 68.82 -51.30
CA GLN K 15 9.80 68.77 -52.70
C GLN K 15 8.80 68.02 -53.59
N TYR K 16 8.32 66.88 -53.11
CA TYR K 16 7.59 65.94 -53.97
C TYR K 16 6.20 65.56 -53.47
N LEU K 17 6.09 65.03 -52.26
CA LEU K 17 4.85 64.37 -51.80
C LEU K 17 3.69 65.34 -51.53
N TRP K 18 3.93 66.36 -50.71
CA TRP K 18 2.89 67.33 -50.35
C TRP K 18 2.32 68.10 -51.54
N PRO K 19 3.18 68.64 -52.43
CA PRO K 19 2.65 69.30 -53.63
C PRO K 19 1.93 68.32 -54.57
N LYS K 20 2.49 67.14 -54.76
CA LYS K 20 1.87 66.07 -55.57
C LYS K 20 0.51 65.64 -55.03
N GLN K 21 0.33 65.70 -53.71
CA GLN K 21 -0.92 65.31 -53.07
C GLN K 21 -2.01 66.38 -53.20
N VAL K 22 -1.67 67.63 -52.89
CA VAL K 22 -2.64 68.74 -53.02
C VAL K 22 -2.95 69.09 -54.49
N ARG K 23 -2.16 68.54 -55.42
CA ARG K 23 -2.48 68.58 -56.85
C ARG K 23 -3.67 67.69 -57.16
N GLU K 24 -3.57 66.42 -56.79
CA GLU K 24 -4.61 65.41 -57.08
C GLU K 24 -5.93 65.80 -56.45
N SER K 25 -5.96 65.94 -55.13
CA SER K 25 -7.10 66.51 -54.44
C SER K 25 -7.05 68.02 -54.63
N GLY K 26 -7.70 68.49 -55.69
CA GLY K 26 -7.65 69.89 -56.11
C GLY K 26 -7.78 70.90 -54.99
N MET K 27 -6.66 71.17 -54.33
CA MET K 27 -6.61 72.08 -53.18
C MET K 27 -5.22 72.69 -53.03
N GLU K 28 -4.69 73.25 -54.12
CA GLU K 28 -3.36 73.84 -54.13
C GLU K 28 -3.39 75.36 -54.05
N GLY K 29 -2.48 75.93 -53.27
CA GLY K 29 -2.45 77.37 -53.02
C GLY K 29 -3.44 77.82 -51.97
N ARG K 30 -4.43 76.97 -51.69
CA ARG K 30 -5.49 77.27 -50.74
C ARG K 30 -5.05 76.89 -49.32
N ILE K 31 -4.34 75.77 -49.19
CA ILE K 31 -3.76 75.35 -47.91
C ILE K 31 -2.26 75.08 -48.00
N GLU K 32 -1.59 75.17 -46.85
CA GLU K 32 -0.17 74.82 -46.71
C GLU K 32 0.07 74.23 -45.33
N VAL K 33 1.21 73.56 -45.16
CA VAL K 33 1.60 72.97 -43.88
C VAL K 33 2.95 73.51 -43.44
N THR K 34 3.07 73.80 -42.14
CA THR K 34 4.33 74.29 -41.58
C THR K 34 5.33 73.14 -41.54
N ASP K 35 6.62 73.48 -41.56
CA ASP K 35 7.68 72.45 -41.46
C ASP K 35 7.60 71.68 -40.13
N ALA K 36 7.07 72.32 -39.09
CA ALA K 36 6.82 71.65 -37.81
C ALA K 36 5.72 70.60 -37.93
N ALA K 37 4.70 70.89 -38.74
CA ALA K 37 3.58 69.97 -38.95
C ALA K 37 3.99 68.70 -39.68
N ILE K 38 4.82 68.83 -40.70
CA ILE K 38 5.36 67.67 -41.41
C ILE K 38 6.14 66.76 -40.45
N LEU K 39 6.86 67.38 -39.50
CA LEU K 39 7.63 66.63 -38.51
C LEU K 39 6.74 65.96 -37.47
N ARG K 40 5.59 66.55 -37.15
CA ARG K 40 4.60 65.90 -36.29
C ARG K 40 3.87 64.79 -37.04
N VAL K 41 3.62 64.98 -38.34
CA VAL K 41 3.04 63.93 -39.18
C VAL K 41 3.99 62.73 -39.31
N ILE K 42 5.27 63.02 -39.47
CA ILE K 42 6.29 61.97 -39.62
C ILE K 42 6.45 61.18 -38.32
N SER K 43 6.33 61.88 -37.18
CA SER K 43 6.64 61.31 -35.88
C SER K 43 5.44 60.63 -35.22
N GLU K 44 4.24 61.19 -35.40
CA GLU K 44 3.04 60.73 -34.67
C GLU K 44 1.99 59.99 -35.51
N TYR K 45 2.18 59.89 -36.82
CA TYR K 45 1.19 59.25 -37.69
C TYR K 45 1.73 58.23 -38.69
N THR K 46 3.02 57.89 -38.61
CA THR K 46 3.64 56.94 -39.55
C THR K 46 4.67 56.05 -38.86
N ARG K 47 4.69 54.78 -39.26
CA ARG K 47 5.73 53.84 -38.84
C ARG K 47 6.29 53.13 -40.06
N GLU K 48 7.52 53.51 -40.46
CA GLU K 48 8.10 53.01 -41.70
C GLU K 48 9.58 53.38 -41.82
N ALA K 49 10.27 52.66 -42.70
CA ALA K 49 11.60 53.05 -43.16
C ALA K 49 11.47 53.87 -44.44
N GLY K 50 10.49 53.52 -45.27
CA GLY K 50 10.19 54.26 -46.51
C GLY K 50 9.42 55.55 -46.24
N VAL K 51 8.60 55.95 -47.21
CA VAL K 51 7.87 57.22 -47.13
C VAL K 51 6.40 57.16 -47.60
N ARG K 52 5.87 55.98 -47.87
CA ARG K 52 4.52 55.86 -48.43
C ARG K 52 3.46 56.04 -47.36
N GLY K 53 3.80 55.69 -46.11
CA GLY K 53 2.99 56.06 -44.96
C GLY K 53 2.90 57.56 -44.77
N LEU K 54 4.00 58.27 -45.07
CA LEU K 54 4.02 59.72 -45.05
C LEU K 54 3.16 60.32 -46.17
N GLU K 55 3.25 59.74 -47.36
CA GLU K 55 2.41 60.16 -48.49
C GLU K 55 0.94 59.84 -48.24
N ARG K 56 0.68 58.69 -47.61
CA ARG K 56 -0.68 58.30 -47.21
C ARG K 56 -1.39 59.39 -46.42
N GLU K 57 -0.77 59.82 -45.33
CA GLU K 57 -1.39 60.74 -44.37
C GLU K 57 -1.55 62.16 -44.91
N LEU K 58 -0.59 62.63 -45.69
CA LEU K 58 -0.67 63.95 -46.31
C LEU K 58 -1.87 64.05 -47.26
N GLY K 59 -2.26 62.92 -47.85
CA GLY K 59 -3.47 62.85 -48.66
C GLY K 59 -4.73 63.10 -47.85
N LYS K 60 -4.80 62.48 -46.67
CA LYS K 60 -5.91 62.70 -45.74
C LYS K 60 -5.99 64.15 -45.28
N ILE K 61 -4.84 64.79 -45.09
CA ILE K 61 -4.80 66.22 -44.74
C ILE K 61 -5.37 67.07 -45.88
N ALA K 62 -4.96 66.75 -47.11
CA ALA K 62 -5.40 67.48 -48.29
C ALA K 62 -6.88 67.29 -48.58
N ARG K 63 -7.36 66.06 -48.42
CA ARG K 63 -8.78 65.75 -48.62
C ARG K 63 -9.66 66.31 -47.49
N LYS K 64 -9.17 66.21 -46.27
CA LYS K 64 -9.84 66.82 -45.11
C LYS K 64 -9.85 68.34 -45.23
N GLY K 65 -8.79 68.89 -45.80
CA GLY K 65 -8.70 70.32 -46.08
C GLY K 65 -9.83 70.77 -47.00
N ALA K 66 -10.11 69.99 -48.04
CA ALA K 66 -11.21 70.26 -48.97
C ALA K 66 -12.57 70.32 -48.27
N LYS K 67 -12.74 69.47 -47.25
CA LYS K 67 -13.99 69.40 -46.49
C LYS K 67 -14.22 70.61 -45.58
N PHE K 68 -13.19 71.43 -45.37
CA PHE K 68 -13.32 72.66 -44.55
C PHE K 68 -13.64 73.91 -45.37
N TRP K 69 -13.28 73.93 -46.66
CA TRP K 69 -13.60 75.06 -47.53
C TRP K 69 -15.10 75.13 -47.76
N LEU K 70 -15.73 73.99 -48.04
CA LEU K 70 -17.19 74.00 -48.18
C LEU K 70 -17.94 74.11 -46.87
N GLU K 71 -17.33 73.60 -45.80
CA GLU K 71 -17.88 73.81 -44.46
C GLU K 71 -18.11 75.32 -44.21
N GLY K 72 -17.25 76.17 -44.75
CA GLY K 72 -17.48 77.62 -44.72
C GLY K 72 -16.40 78.50 -45.31
N ALA K 73 -16.69 79.81 -45.38
CA ALA K 73 -15.94 80.75 -46.21
C ALA K 73 -14.72 81.44 -45.56
N TRP K 74 -13.51 80.94 -45.83
CA TRP K 74 -12.25 81.61 -45.48
C TRP K 74 -11.55 82.22 -46.71
N GLU K 75 -10.77 83.28 -46.48
CA GLU K 75 -10.02 83.98 -47.53
C GLU K 75 -8.52 83.97 -47.23
N GLY K 76 -7.70 84.01 -48.28
CA GLY K 76 -6.24 83.95 -48.14
C GLY K 76 -5.77 82.52 -48.34
N LEU K 77 -4.82 82.08 -47.51
CA LEU K 77 -4.45 80.67 -47.45
C LEU K 77 -4.35 80.20 -46.00
N ARG K 78 -4.94 79.04 -45.72
CA ARG K 78 -4.92 78.46 -44.37
C ARG K 78 -3.64 77.65 -44.19
N THR K 79 -2.94 77.91 -43.08
CA THR K 79 -1.68 77.24 -42.78
C THR K 79 -1.88 76.23 -41.64
N ILE K 80 -1.79 74.95 -41.96
CA ILE K 80 -1.90 73.89 -40.95
C ILE K 80 -0.61 73.84 -40.14
N ASP K 81 -0.66 74.45 -38.95
CA ASP K 81 0.45 74.41 -38.01
C ASP K 81 0.49 73.04 -37.34
N ALA K 82 1.65 72.68 -36.76
CA ALA K 82 1.80 71.42 -36.03
C ALA K 82 0.73 71.24 -34.95
N SER K 83 0.33 72.35 -34.33
CA SER K 83 -0.74 72.36 -33.34
C SER K 83 -2.09 71.86 -33.90
N ASP K 84 -2.34 72.18 -35.17
CA ASP K 84 -3.62 71.88 -35.82
C ASP K 84 -3.80 70.41 -36.25
N ILE K 85 -2.68 69.71 -36.44
CA ILE K 85 -2.67 68.37 -37.06
C ILE K 85 -3.76 67.39 -36.56
N PRO K 86 -3.96 67.26 -35.23
CA PRO K 86 -5.04 66.41 -34.72
C PRO K 86 -6.42 66.65 -35.36
N THR K 87 -6.71 67.88 -35.74
CA THR K 87 -7.98 68.23 -36.38
C THR K 87 -8.13 67.63 -37.79
N TYR K 88 -7.00 67.47 -38.48
CA TYR K 88 -7.01 67.03 -39.89
C TYR K 88 -6.86 65.51 -40.05
N LEU K 89 -6.17 64.86 -39.11
CA LEU K 89 -5.94 63.41 -39.16
C LEU K 89 -6.62 62.61 -38.04
N GLY K 90 -7.18 63.30 -37.05
CA GLY K 90 -7.76 62.63 -35.89
C GLY K 90 -6.73 62.46 -34.79
N ILE K 91 -6.91 61.42 -33.98
CA ILE K 91 -6.07 61.20 -32.80
C ILE K 91 -4.68 60.70 -33.25
N PRO K 92 -3.61 61.14 -32.56
CA PRO K 92 -2.26 60.64 -32.89
C PRO K 92 -2.17 59.12 -32.88
N ARG K 93 -1.73 58.56 -34.00
CA ARG K 93 -1.65 57.11 -34.18
C ARG K 93 -0.40 56.52 -33.51
N TYR K 94 0.63 57.35 -33.33
CA TYR K 94 1.87 56.93 -32.65
C TYR K 94 2.37 58.05 -31.74
N ARG K 95 3.23 57.67 -30.78
CA ARG K 95 3.89 58.63 -29.88
C ARG K 95 5.23 58.08 -29.38
N PRO K 96 6.32 58.33 -30.14
CA PRO K 96 7.67 58.00 -29.70
C PRO K 96 8.08 58.63 -28.37
N ASP K 97 7.64 59.88 -28.13
CA ASP K 97 7.97 60.60 -26.90
C ASP K 97 7.49 59.88 -25.64
N LYS K 98 6.28 59.32 -25.70
CA LYS K 98 5.67 58.64 -24.56
C LYS K 98 4.90 57.43 -25.08
N ALA K 99 5.61 56.32 -25.28
CA ALA K 99 5.10 55.17 -26.04
C ALA K 99 4.15 54.24 -25.27
N GLU K 100 4.15 54.31 -23.94
CA GLU K 100 3.27 53.44 -23.15
C GLU K 100 1.79 53.82 -23.28
N THR K 101 1.52 55.11 -23.54
CA THR K 101 0.15 55.61 -23.65
C THR K 101 -0.36 55.72 -25.10
N GLU K 102 0.46 55.31 -26.07
CA GLU K 102 0.07 55.37 -27.48
C GLU K 102 -0.99 54.30 -27.79
N PRO K 103 -1.77 54.47 -28.87
CA PRO K 103 -2.82 53.50 -29.16
C PRO K 103 -2.25 52.18 -29.68
N GLN K 104 -2.86 51.07 -29.29
CA GLN K 104 -2.35 49.74 -29.62
C GLN K 104 -3.47 48.76 -29.99
N VAL K 105 -3.19 47.91 -30.97
CA VAL K 105 -4.13 46.89 -31.42
C VAL K 105 -4.19 45.76 -30.40
N GLY K 106 -5.39 45.49 -29.90
CA GLY K 106 -5.64 44.34 -29.04
C GLY K 106 -5.32 44.56 -27.57
N THR K 107 -5.29 45.81 -27.14
CA THR K 107 -5.03 46.15 -25.73
C THR K 107 -5.94 47.28 -25.27
N ALA K 108 -6.21 47.32 -23.97
CA ALA K 108 -7.06 48.35 -23.39
C ALA K 108 -6.71 48.61 -21.93
N GLN K 109 -7.01 49.81 -21.46
CA GLN K 109 -6.64 50.24 -20.12
C GLN K 109 -7.76 50.03 -19.10
N GLY K 110 -7.58 49.05 -18.23
CA GLY K 110 -8.53 48.75 -17.16
C GLY K 110 -8.09 49.35 -15.84
N LEU K 111 -8.99 49.29 -14.86
CA LEU K 111 -8.71 49.76 -13.50
C LEU K 111 -9.22 48.75 -12.48
N ALA K 112 -8.40 48.42 -11.49
CA ALA K 112 -8.76 47.43 -10.48
C ALA K 112 -8.49 47.91 -9.05
N TRP K 113 -9.46 47.64 -8.17
CA TRP K 113 -9.35 47.91 -6.75
C TRP K 113 -8.50 46.83 -6.09
N THR K 114 -7.69 47.22 -5.10
CA THR K 114 -6.92 46.26 -4.29
C THR K 114 -7.00 46.65 -2.81
N PRO K 115 -6.86 45.66 -1.91
CA PRO K 115 -6.83 45.97 -0.47
C PRO K 115 -5.72 46.95 -0.03
N VAL K 116 -4.63 47.04 -0.79
CA VAL K 116 -3.53 47.96 -0.47
C VAL K 116 -3.46 49.12 -1.47
N GLY K 117 -4.63 49.59 -1.92
CA GLY K 117 -4.71 50.77 -2.78
C GLY K 117 -5.56 50.57 -4.03
N GLY K 118 -5.03 50.99 -5.17
CA GLY K 118 -5.70 50.84 -6.47
C GLY K 118 -4.68 50.63 -7.56
N THR K 119 -5.01 49.79 -8.55
CA THR K 119 -4.06 49.42 -9.60
C THR K 119 -4.60 49.71 -11.00
N LEU K 120 -3.66 50.02 -11.89
CA LEU K 120 -3.92 50.16 -13.32
C LEU K 120 -3.69 48.79 -13.97
N LEU K 121 -4.75 48.15 -14.44
CA LEU K 121 -4.64 46.90 -15.20
C LEU K 121 -4.51 47.20 -16.70
N THR K 122 -3.81 46.32 -17.40
CA THR K 122 -3.75 46.32 -18.85
C THR K 122 -4.15 44.94 -19.35
N ILE K 123 -5.14 44.90 -20.25
CA ILE K 123 -5.62 43.65 -20.82
C ILE K 123 -5.11 43.53 -22.25
N GLU K 124 -4.51 42.38 -22.55
CA GLU K 124 -3.99 42.08 -23.88
C GLU K 124 -4.84 40.99 -24.53
N VAL K 125 -5.07 41.13 -25.84
CA VAL K 125 -5.83 40.14 -26.60
C VAL K 125 -5.16 39.92 -27.95
N ALA K 126 -4.94 38.65 -28.29
CA ALA K 126 -4.34 38.26 -29.56
C ALA K 126 -5.32 37.45 -30.39
N ALA K 127 -5.67 37.94 -31.56
CA ALA K 127 -6.51 37.22 -32.51
C ALA K 127 -5.62 36.59 -33.57
N VAL K 128 -5.59 35.26 -33.59
CA VAL K 128 -4.70 34.51 -34.50
C VAL K 128 -5.47 33.47 -35.30
N PRO K 129 -4.90 32.98 -36.42
CA PRO K 129 -5.56 31.93 -37.18
C PRO K 129 -5.77 30.65 -36.37
N GLY K 130 -7.01 30.15 -36.36
CA GLY K 130 -7.34 28.95 -35.59
C GLY K 130 -8.73 28.39 -35.86
N SER K 131 -9.27 27.66 -34.88
CA SER K 131 -10.52 26.92 -35.05
C SER K 131 -11.65 27.37 -34.12
N GLY K 132 -11.53 28.57 -33.55
CA GLY K 132 -12.57 29.11 -32.65
C GLY K 132 -12.32 28.83 -31.18
N LYS K 133 -11.06 28.74 -30.78
CA LYS K 133 -10.69 28.44 -29.40
C LYS K 133 -10.46 29.72 -28.60
N LEU K 134 -10.61 29.62 -27.29
CA LEU K 134 -10.41 30.75 -26.38
C LEU K 134 -9.50 30.37 -25.22
N SER K 135 -8.47 31.19 -24.99
CA SER K 135 -7.58 31.00 -23.86
C SER K 135 -7.59 32.26 -23.00
N LEU K 136 -7.74 32.07 -21.69
CA LEU K 136 -7.83 33.18 -20.74
C LEU K 136 -6.78 33.00 -19.65
N THR K 137 -5.65 33.71 -19.78
CA THR K 137 -4.50 33.52 -18.91
C THR K 137 -4.15 34.76 -18.08
N GLY K 138 -3.18 34.60 -17.17
CA GLY K 138 -2.78 35.65 -16.24
C GLY K 138 -3.32 35.43 -14.83
N GLN K 139 -3.44 34.15 -14.45
CA GLN K 139 -4.07 33.75 -13.18
C GLN K 139 -5.35 34.53 -12.91
N LEU K 140 -6.39 34.20 -13.65
CA LEU K 140 -7.68 34.88 -13.57
C LEU K 140 -8.69 34.04 -12.80
N GLY K 141 -9.47 34.70 -11.95
CA GLY K 141 -10.57 34.06 -11.24
C GLY K 141 -11.72 33.76 -12.18
N GLU K 142 -12.59 32.86 -11.77
CA GLU K 142 -13.67 32.36 -12.64
C GLU K 142 -14.69 33.44 -13.04
N VAL K 143 -14.92 34.41 -12.16
CA VAL K 143 -15.83 35.53 -12.44
C VAL K 143 -15.27 36.42 -13.56
N MET K 144 -13.95 36.63 -13.53
CA MET K 144 -13.29 37.49 -14.52
C MET K 144 -13.21 36.82 -15.89
N LYS K 145 -13.04 35.50 -15.90
CA LYS K 145 -13.08 34.73 -17.15
C LYS K 145 -14.45 34.81 -17.79
N GLU K 146 -15.50 34.72 -16.96
CA GLU K 146 -16.88 34.78 -17.43
C GLU K 146 -17.25 36.11 -18.09
N SER K 147 -16.61 37.20 -17.65
CA SER K 147 -16.85 38.52 -18.25
C SER K 147 -16.26 38.62 -19.66
N ALA K 148 -15.09 38.01 -19.87
CA ALA K 148 -14.47 37.94 -21.20
C ALA K 148 -15.36 37.22 -22.18
N GLN K 149 -16.00 36.15 -21.72
CA GLN K 149 -16.90 35.35 -22.54
C GLN K 149 -18.15 36.14 -22.92
N ALA K 150 -18.70 36.86 -21.95
CA ALA K 150 -19.84 37.75 -22.20
C ALA K 150 -19.46 38.87 -23.17
N ALA K 151 -18.26 39.40 -23.00
CA ALA K 151 -17.70 40.40 -23.90
C ALA K 151 -17.54 39.84 -25.31
N LEU K 152 -17.01 38.62 -25.40
CA LEU K 152 -16.82 37.95 -26.69
C LEU K 152 -18.14 37.56 -27.35
N THR K 153 -19.08 37.06 -26.55
CA THR K 153 -20.39 36.65 -27.05
C THR K 153 -21.16 37.83 -27.65
N TYR K 154 -21.20 38.93 -26.91
CA TYR K 154 -21.83 40.17 -27.40
C TYR K 154 -21.26 40.55 -28.78
N LEU K 155 -19.94 40.48 -28.92
CA LEU K 155 -19.27 40.85 -30.18
C LEU K 155 -19.59 39.88 -31.32
N ARG K 156 -19.77 38.60 -31.00
CA ARG K 156 -20.22 37.61 -31.99
C ARG K 156 -21.65 37.88 -32.47
N ALA K 157 -22.47 38.42 -31.59
CA ALA K 157 -23.86 38.77 -31.91
C ALA K 157 -23.99 40.08 -32.69
N HIS K 158 -22.91 40.87 -32.74
CA HIS K 158 -22.89 42.14 -33.44
C HIS K 158 -21.65 42.25 -34.32
N THR K 159 -21.44 41.26 -35.18
CA THR K 159 -20.27 41.22 -36.06
C THR K 159 -20.25 42.38 -37.05
N GLN K 160 -21.37 42.56 -37.75
CA GLN K 160 -21.48 43.60 -38.78
C GLN K 160 -21.57 45.03 -38.23
N ASP K 161 -22.00 45.18 -36.98
CA ASP K 161 -22.09 46.50 -36.35
C ASP K 161 -20.73 47.18 -36.19
N TYR K 162 -19.70 46.39 -35.89
CA TYR K 162 -18.37 46.92 -35.58
C TYR K 162 -17.31 46.54 -36.63
N GLY K 163 -17.76 46.12 -37.81
CA GLY K 163 -16.86 45.77 -38.91
C GLY K 163 -15.94 44.60 -38.58
N LEU K 164 -16.46 43.66 -37.80
CA LEU K 164 -15.71 42.47 -37.41
C LEU K 164 -15.91 41.40 -38.48
N PRO K 165 -14.92 40.48 -38.63
CA PRO K 165 -15.11 39.42 -39.61
C PRO K 165 -16.42 38.67 -39.41
N GLU K 166 -17.07 38.31 -40.52
CA GLU K 166 -18.34 37.58 -40.48
C GLU K 166 -18.18 36.18 -39.89
N ASP K 167 -16.94 35.66 -39.88
CA ASP K 167 -16.68 34.25 -39.64
C ASP K 167 -15.61 33.94 -38.59
N PHE K 168 -15.27 34.90 -37.73
CA PHE K 168 -14.19 34.69 -36.76
C PHE K 168 -14.53 33.62 -35.72
N TYR K 169 -15.82 33.35 -35.50
CA TYR K 169 -16.26 32.36 -34.52
C TYR K 169 -15.62 30.97 -34.70
N ASN K 170 -15.32 30.59 -35.95
CA ASN K 170 -14.70 29.28 -36.23
C ASN K 170 -13.41 29.32 -37.07
N LYS K 171 -12.90 30.51 -37.36
CA LYS K 171 -11.66 30.65 -38.16
C LYS K 171 -10.62 31.53 -37.46
N VAL K 172 -10.75 31.67 -36.15
CA VAL K 172 -9.84 32.49 -35.34
C VAL K 172 -9.66 31.85 -33.97
N ASP K 173 -8.45 31.98 -33.41
CA ASP K 173 -8.19 31.62 -32.01
C ASP K 173 -7.93 32.89 -31.22
N LEU K 174 -8.55 33.01 -30.06
CA LEU K 174 -8.42 34.19 -29.21
C LEU K 174 -7.66 33.87 -27.93
N HIS K 175 -6.84 34.81 -27.49
CA HIS K 175 -6.10 34.70 -26.24
C HIS K 175 -6.21 36.00 -25.46
N VAL K 176 -6.93 35.96 -24.35
CA VAL K 176 -7.00 37.09 -23.42
C VAL K 176 -5.94 36.90 -22.34
N HIS K 177 -4.94 37.77 -22.34
CA HIS K 177 -3.91 37.75 -21.29
C HIS K 177 -3.97 39.03 -20.47
N VAL K 178 -3.87 38.88 -19.15
CA VAL K 178 -3.92 40.01 -18.23
C VAL K 178 -2.65 39.98 -17.37
N PRO K 179 -1.57 40.63 -17.85
CA PRO K 179 -0.34 40.69 -17.06
C PRO K 179 -0.49 41.56 -15.81
N ASP K 180 0.39 41.40 -14.81
CA ASP K 180 1.51 40.44 -14.84
C ASP K 180 1.06 39.06 -14.37
N GLY K 181 1.64 38.02 -14.96
CA GLY K 181 1.20 36.63 -14.77
C GLY K 181 1.17 36.08 -13.37
N ALA K 182 2.04 36.56 -12.49
CA ALA K 182 2.15 36.04 -11.12
C ALA K 182 0.99 36.43 -10.20
N THR K 183 0.34 37.57 -10.50
CA THR K 183 -0.69 38.13 -9.63
C THR K 183 -2.09 37.55 -9.93
N PRO K 184 -2.79 37.05 -8.89
CA PRO K 184 -4.21 36.70 -9.04
C PRO K 184 -5.12 37.90 -9.31
N LYS K 185 -6.15 37.68 -10.11
CA LYS K 185 -7.06 38.75 -10.53
C LYS K 185 -8.48 38.19 -10.61
N ASP K 186 -9.47 39.01 -10.25
CA ASP K 186 -10.87 38.58 -10.26
C ASP K 186 -11.84 39.77 -10.29
N GLY K 187 -13.08 39.49 -10.67
CA GLY K 187 -14.16 40.49 -10.65
C GLY K 187 -14.72 40.81 -12.02
N PRO K 188 -15.95 41.37 -12.07
CA PRO K 188 -16.63 41.69 -13.33
C PRO K 188 -16.32 43.07 -13.91
N SER K 189 -15.58 43.89 -13.18
CA SER K 189 -15.37 45.30 -13.55
C SER K 189 -14.58 45.52 -14.85
N ALA K 190 -13.82 44.50 -15.28
CA ALA K 190 -13.01 44.60 -16.49
C ALA K 190 -13.78 44.31 -17.78
N GLY K 191 -15.00 43.77 -17.66
CA GLY K 191 -15.82 43.42 -18.82
C GLY K 191 -15.88 44.48 -19.91
N ILE K 192 -15.99 45.74 -19.50
CA ILE K 192 -15.95 46.87 -20.42
C ILE K 192 -14.64 46.89 -21.19
N THR K 193 -13.55 46.64 -20.48
CA THR K 193 -12.20 46.73 -21.04
C THR K 193 -11.84 45.55 -21.93
N MET K 194 -12.43 44.38 -21.68
CA MET K 194 -12.16 43.20 -22.49
C MET K 194 -12.73 43.43 -23.87
N ALA K 195 -14.06 43.55 -23.92
CA ALA K 195 -14.80 43.83 -25.15
C ALA K 195 -14.07 44.85 -26.03
N THR K 196 -13.38 45.79 -25.39
CA THR K 196 -12.65 46.84 -26.08
C THR K 196 -11.36 46.30 -26.69
N ALA K 197 -10.65 45.47 -25.94
CA ALA K 197 -9.45 44.80 -26.43
C ALA K 197 -9.79 43.74 -27.47
N ILE K 198 -10.86 42.98 -27.23
CA ILE K 198 -11.26 41.91 -28.14
C ILE K 198 -11.75 42.47 -29.48
N ALA K 199 -12.49 43.59 -29.43
CA ALA K 199 -12.92 44.28 -30.63
C ALA K 199 -11.71 44.87 -31.37
N SER K 200 -10.80 45.47 -30.62
CA SER K 200 -9.55 45.99 -31.16
C SER K 200 -8.72 44.91 -31.84
N ALA K 201 -8.69 43.71 -31.25
CA ALA K 201 -7.94 42.58 -31.79
C ALA K 201 -8.57 42.04 -33.07
N LEU K 202 -9.89 41.84 -33.04
CA LEU K 202 -10.62 41.27 -34.18
C LEU K 202 -10.74 42.24 -35.36
N SER K 203 -10.96 43.51 -35.08
CA SER K 203 -11.17 44.53 -36.13
C SER K 203 -9.88 45.13 -36.68
N ARG K 204 -8.75 44.84 -36.04
CA ARG K 204 -7.43 45.39 -36.41
C ARG K 204 -7.31 46.90 -36.14
N ARG K 205 -8.22 47.45 -35.34
CA ARG K 205 -8.25 48.88 -35.05
C ARG K 205 -7.61 49.16 -33.69
N PRO K 206 -6.59 50.04 -33.64
CA PRO K 206 -5.95 50.36 -32.36
C PRO K 206 -6.89 51.00 -31.34
N ALA K 207 -6.85 50.49 -30.11
CA ALA K 207 -7.65 51.06 -29.01
C ALA K 207 -6.79 52.07 -28.24
N ARG K 208 -7.40 53.20 -27.90
CA ARG K 208 -6.68 54.27 -27.20
C ARG K 208 -6.27 53.85 -25.80
N MET K 209 -5.01 54.13 -25.44
CA MET K 209 -4.44 53.76 -24.15
C MET K 209 -4.26 54.95 -23.22
N ASP K 210 -4.67 56.14 -23.67
CA ASP K 210 -4.71 57.33 -22.82
C ASP K 210 -6.07 57.47 -22.11
N ILE K 211 -6.95 56.49 -22.32
CA ILE K 211 -8.24 56.43 -21.65
C ILE K 211 -8.34 55.15 -20.82
N ALA K 212 -8.48 55.30 -19.50
CA ALA K 212 -8.72 54.17 -18.62
C ALA K 212 -10.21 53.96 -18.49
N MET K 213 -10.62 52.78 -18.00
CA MET K 213 -12.04 52.45 -17.90
C MET K 213 -12.33 51.31 -16.94
N THR K 214 -13.58 51.25 -16.49
CA THR K 214 -14.07 50.17 -15.65
C THR K 214 -15.58 50.03 -15.85
N GLY K 215 -16.06 48.80 -15.98
CA GLY K 215 -17.48 48.56 -16.16
C GLY K 215 -17.84 47.10 -16.34
N GLU K 216 -18.88 46.65 -15.64
CA GLU K 216 -19.42 45.32 -15.82
C GLU K 216 -20.27 45.30 -17.08
N VAL K 217 -20.10 44.26 -17.89
CA VAL K 217 -20.81 44.16 -19.17
C VAL K 217 -21.91 43.10 -19.10
N SER K 218 -23.07 43.44 -19.63
CA SER K 218 -24.17 42.48 -19.78
C SER K 218 -24.04 41.83 -21.15
N LEU K 219 -24.71 40.70 -21.34
CA LEU K 219 -24.62 39.95 -22.59
C LEU K 219 -25.19 40.72 -23.79
N ARG K 220 -26.13 41.64 -23.52
CA ARG K 220 -26.71 42.51 -24.56
C ARG K 220 -26.10 43.91 -24.57
N GLY K 221 -24.90 44.05 -24.01
CA GLY K 221 -24.11 45.28 -24.14
C GLY K 221 -24.38 46.40 -23.14
N LYS K 222 -25.19 46.13 -22.12
CA LYS K 222 -25.49 47.15 -21.11
C LYS K 222 -24.39 47.25 -20.06
N VAL K 223 -23.80 48.44 -19.94
CA VAL K 223 -22.74 48.70 -18.98
C VAL K 223 -23.35 48.92 -17.60
N MET K 224 -22.94 48.09 -16.65
CA MET K 224 -23.54 48.07 -15.32
C MET K 224 -22.60 48.67 -14.27
N PRO K 225 -23.14 49.05 -13.10
CA PRO K 225 -22.29 49.67 -12.08
C PRO K 225 -21.24 48.74 -11.47
N ILE K 226 -20.21 49.34 -10.88
CA ILE K 226 -19.11 48.63 -10.24
C ILE K 226 -18.70 49.31 -8.94
N GLY K 227 -17.97 48.59 -8.10
CA GLY K 227 -17.51 49.11 -6.81
C GLY K 227 -16.08 49.62 -6.85
N GLY K 228 -15.64 50.21 -5.74
CA GLY K 228 -14.27 50.69 -5.59
C GLY K 228 -13.94 51.85 -6.51
N VAL K 229 -14.85 52.81 -6.62
CA VAL K 229 -14.73 53.89 -7.59
C VAL K 229 -13.67 54.92 -7.18
N LYS K 230 -13.54 55.21 -5.88
CA LYS K 230 -12.53 56.16 -5.41
C LYS K 230 -11.14 55.69 -5.79
N GLU K 231 -10.84 54.44 -5.43
CA GLU K 231 -9.51 53.88 -5.53
C GLU K 231 -9.08 53.64 -6.98
N LYS K 232 -10.04 53.39 -7.86
CA LYS K 232 -9.77 53.17 -9.27
C LYS K 232 -9.34 54.46 -9.98
N LEU K 233 -10.11 55.53 -9.80
CA LEU K 233 -9.80 56.82 -10.43
C LEU K 233 -8.62 57.55 -9.77
N LEU K 234 -8.34 57.22 -8.51
CA LEU K 234 -7.10 57.67 -7.86
C LEU K 234 -5.89 57.05 -8.57
N ALA K 235 -5.91 55.73 -8.71
CA ALA K 235 -4.82 55.01 -9.38
C ALA K 235 -4.66 55.42 -10.85
N ALA K 236 -5.77 55.77 -11.49
CA ALA K 236 -5.74 56.27 -12.87
C ALA K 236 -5.11 57.65 -12.93
N HIS K 237 -5.49 58.51 -11.99
CA HIS K 237 -4.91 59.86 -11.86
C HIS K 237 -3.41 59.80 -11.59
N GLN K 238 -3.00 58.83 -10.77
CA GLN K 238 -1.60 58.67 -10.39
C GLN K 238 -0.71 58.12 -11.51
N ALA K 239 -1.30 57.37 -12.44
CA ALA K 239 -0.56 56.82 -13.58
C ALA K 239 -0.45 57.80 -14.76
N GLY K 240 -1.04 58.98 -14.62
CA GLY K 240 -0.99 60.01 -15.66
C GLY K 240 -2.15 59.93 -16.65
N ILE K 241 -3.13 59.09 -16.34
CA ILE K 241 -4.33 58.96 -17.18
C ILE K 241 -5.36 59.99 -16.72
N HIS K 242 -5.76 60.88 -17.63
CA HIS K 242 -6.71 61.95 -17.30
C HIS K 242 -7.98 61.93 -18.18
N LYS K 243 -8.27 60.78 -18.78
CA LYS K 243 -9.52 60.56 -19.50
C LYS K 243 -10.10 59.21 -19.04
N ILE K 244 -11.35 59.24 -18.57
CA ILE K 244 -11.97 58.05 -17.95
C ILE K 244 -13.31 57.73 -18.59
N VAL K 245 -13.62 56.43 -18.68
CA VAL K 245 -14.96 55.95 -19.02
C VAL K 245 -15.53 55.25 -17.79
N LEU K 246 -16.82 55.45 -17.52
CA LEU K 246 -17.45 54.95 -16.31
C LEU K 246 -18.93 54.67 -16.57
N PRO K 247 -19.57 53.78 -15.78
CA PRO K 247 -21.00 53.59 -15.95
C PRO K 247 -21.82 54.82 -15.56
N LYS K 248 -22.96 55.00 -16.22
CA LYS K 248 -23.87 56.12 -15.93
C LYS K 248 -24.38 56.04 -14.49
N ASP K 249 -24.62 54.82 -14.01
CA ASP K 249 -25.11 54.60 -12.64
C ASP K 249 -24.03 54.77 -11.56
N ASN K 250 -22.77 54.92 -11.97
CA ASN K 250 -21.68 55.22 -11.02
C ASN K 250 -21.38 56.72 -10.87
N GLU K 251 -22.25 57.58 -11.40
CA GLU K 251 -22.09 59.03 -11.25
C GLU K 251 -22.21 59.46 -9.78
N ALA K 252 -23.02 58.74 -9.02
CA ALA K 252 -23.21 59.00 -7.58
C ALA K 252 -21.90 58.90 -6.78
N GLN K 253 -20.97 58.07 -7.23
CA GLN K 253 -19.71 57.83 -6.51
C GLN K 253 -18.67 58.91 -6.76
N LEU K 254 -18.89 59.75 -7.77
CA LEU K 254 -17.98 60.86 -8.08
C LEU K 254 -17.97 61.94 -6.99
N GLU K 255 -19.01 61.96 -6.15
CA GLU K 255 -19.06 62.88 -5.01
C GLU K 255 -18.05 62.48 -3.92
N GLU K 256 -17.75 61.19 -3.83
CA GLU K 256 -16.78 60.68 -2.85
C GLU K 256 -15.35 61.14 -3.11
N LEU K 257 -15.04 61.45 -4.36
CA LEU K 257 -13.74 62.04 -4.74
C LEU K 257 -13.57 63.43 -4.13
N PRO K 258 -12.31 63.83 -3.87
CA PRO K 258 -12.08 65.23 -3.53
C PRO K 258 -12.23 66.10 -4.78
N LYS K 259 -12.73 67.32 -4.62
CA LYS K 259 -13.01 68.21 -5.75
C LYS K 259 -11.78 68.46 -6.62
N GLU K 260 -10.59 68.40 -6.03
CA GLU K 260 -9.33 68.54 -6.77
C GLU K 260 -9.15 67.44 -7.81
N VAL K 261 -9.36 66.19 -7.41
CA VAL K 261 -9.06 65.03 -8.26
C VAL K 261 -10.00 64.97 -9.47
N LEU K 262 -11.29 65.27 -9.23
CA LEU K 262 -12.30 65.23 -10.28
C LEU K 262 -12.05 66.28 -11.37
N GLU K 263 -11.55 67.45 -10.97
CA GLU K 263 -11.25 68.54 -11.91
C GLU K 263 -10.30 68.11 -13.03
N GLY K 264 -9.32 67.28 -12.69
CA GLY K 264 -8.31 66.84 -13.64
C GLY K 264 -8.77 65.85 -14.70
N LEU K 265 -9.89 65.17 -14.43
CA LEU K 265 -10.35 64.06 -15.28
C LEU K 265 -11.45 64.47 -16.26
N GLU K 266 -11.34 63.99 -17.50
CA GLU K 266 -12.43 64.02 -18.46
C GLU K 266 -13.19 62.70 -18.34
N ILE K 267 -14.48 62.77 -18.03
CA ILE K 267 -15.28 61.56 -17.79
C ILE K 267 -16.44 61.43 -18.78
N LYS K 268 -16.51 60.26 -19.43
CA LYS K 268 -17.67 59.88 -20.22
C LYS K 268 -18.47 58.83 -19.47
N LEU K 269 -19.67 59.19 -19.02
CA LEU K 269 -20.57 58.24 -18.38
C LEU K 269 -21.35 57.49 -19.45
N VAL K 270 -21.35 56.16 -19.38
CA VAL K 270 -21.90 55.33 -20.46
C VAL K 270 -22.93 54.31 -19.99
N GLU K 271 -23.79 53.91 -20.93
CA GLU K 271 -24.83 52.91 -20.71
C GLU K 271 -24.65 51.70 -21.62
N ASP K 272 -24.49 51.94 -22.92
CA ASP K 272 -24.25 50.88 -23.90
C ASP K 272 -22.75 50.73 -24.18
N VAL K 273 -22.33 49.50 -24.43
CA VAL K 273 -20.91 49.20 -24.72
C VAL K 273 -20.47 49.77 -26.08
N GLY K 274 -21.41 49.88 -27.01
CA GLY K 274 -21.15 50.53 -28.30
C GLY K 274 -20.71 51.99 -28.20
N GLU K 275 -21.12 52.66 -27.13
CA GLU K 275 -20.67 54.02 -26.84
C GLU K 275 -19.17 54.04 -26.51
N VAL K 276 -18.70 52.97 -25.89
CA VAL K 276 -17.31 52.86 -25.45
C VAL K 276 -16.39 52.52 -26.62
N LEU K 277 -16.79 51.53 -27.43
CA LEU K 277 -15.98 51.14 -28.59
C LEU K 277 -15.78 52.28 -29.58
N GLU K 278 -16.80 53.11 -29.76
CA GLU K 278 -16.72 54.24 -30.69
C GLU K 278 -15.80 55.35 -30.15
N TYR K 279 -15.70 55.46 -28.82
CA TYR K 279 -14.81 56.41 -28.17
C TYR K 279 -13.36 55.91 -28.17
N LEU K 280 -13.18 54.61 -27.92
CA LEU K 280 -11.84 54.02 -27.79
C LEU K 280 -11.19 53.71 -29.14
N LEU K 281 -11.88 52.93 -29.97
CA LEU K 281 -11.29 52.42 -31.21
C LEU K 281 -11.15 53.49 -32.29
N LEU K 282 -9.92 53.64 -32.79
CA LEU K 282 -9.65 54.51 -33.93
C LEU K 282 -10.40 54.00 -35.17
N PRO K 283 -10.73 54.91 -36.10
CA PRO K 283 -11.65 54.55 -37.20
C PRO K 283 -11.08 53.56 -38.20
N GLU K 284 -9.79 53.71 -38.55
CA GLU K 284 -9.18 52.87 -39.58
C GLU K 284 -8.21 51.84 -38.98
N PRO K 285 -8.21 50.61 -39.53
CA PRO K 285 -7.27 49.59 -39.10
C PRO K 285 -5.86 49.80 -39.68
N THR K 286 -4.85 49.58 -38.85
CA THR K 286 -3.46 49.71 -39.27
C THR K 286 -3.00 48.48 -40.05
N MET K 287 -3.32 47.30 -39.50
CA MET K 287 -2.82 46.03 -40.03
C MET K 287 -3.87 45.36 -40.92
N PRO K 288 -3.43 44.40 -41.76
CA PRO K 288 -4.38 43.57 -42.52
C PRO K 288 -5.26 42.69 -41.62
N PRO K 289 -6.38 42.17 -42.15
CA PRO K 289 -7.19 41.21 -41.39
C PRO K 289 -6.39 39.96 -40.98
N VAL K 290 -6.94 39.18 -40.06
CA VAL K 290 -6.20 38.08 -39.42
C VAL K 290 -5.60 37.13 -40.47
N GLY L 3 34.94 9.52 -42.74
CA GLY L 3 35.25 10.76 -43.50
C GLY L 3 36.74 11.03 -43.61
N TYR L 4 37.10 12.30 -43.73
CA TYR L 4 38.51 12.71 -43.71
C TYR L 4 38.98 12.96 -42.29
N THR L 5 40.30 12.93 -42.11
CA THR L 5 40.92 13.38 -40.86
C THR L 5 41.05 14.90 -40.94
N ASN L 6 41.18 15.55 -39.79
CA ASN L 6 41.35 17.01 -39.75
C ASN L 6 42.66 17.43 -40.41
N MET L 7 43.69 16.60 -40.26
CA MET L 7 44.94 16.76 -40.99
C MET L 7 44.69 16.80 -42.49
N GLU L 8 43.96 15.80 -42.99
CA GLU L 8 43.61 15.71 -44.41
C GLU L 8 42.88 16.95 -44.88
N LYS L 9 41.83 17.33 -44.16
CA LYS L 9 41.04 18.53 -44.50
C LYS L 9 41.87 19.80 -44.60
N GLN L 10 42.79 19.99 -43.66
CA GLN L 10 43.67 21.16 -43.65
C GLN L 10 44.48 21.28 -44.93
N ALA L 11 44.99 20.14 -45.40
CA ALA L 11 45.76 20.09 -46.64
C ALA L 11 44.88 20.48 -47.84
N ILE L 12 43.63 20.03 -47.85
CA ILE L 12 42.72 20.31 -48.97
C ILE L 12 42.36 21.80 -49.02
N ALA L 13 42.24 22.42 -47.84
CA ALA L 13 41.95 23.85 -47.75
C ALA L 13 43.11 24.68 -48.30
N ARG L 14 44.31 24.41 -47.80
CA ARG L 14 45.51 25.16 -48.21
C ARG L 14 45.92 24.88 -49.67
N GLN L 15 45.54 23.71 -50.18
CA GLN L 15 45.96 23.27 -51.52
C GLN L 15 44.99 23.74 -52.61
N TYR L 16 43.70 23.45 -52.43
CA TYR L 16 42.68 23.76 -53.45
C TYR L 16 41.59 24.73 -52.98
N LEU L 17 40.97 24.43 -51.84
CA LEU L 17 39.73 25.12 -51.44
C LEU L 17 39.93 26.61 -51.17
N TRP L 18 40.94 26.96 -50.38
CA TRP L 18 41.18 28.38 -50.07
C TRP L 18 41.61 29.18 -51.30
N PRO L 19 42.67 28.74 -52.03
CA PRO L 19 43.10 29.48 -53.23
C PRO L 19 42.01 29.67 -54.29
N LYS L 20 41.30 28.60 -54.60
CA LYS L 20 40.18 28.64 -55.55
C LYS L 20 39.12 29.62 -55.08
N GLN L 21 38.69 29.47 -53.83
CA GLN L 21 37.58 30.23 -53.27
C GLN L 21 37.90 31.72 -53.07
N VAL L 22 39.11 32.14 -53.42
CA VAL L 22 39.42 33.55 -53.61
C VAL L 22 39.16 33.88 -55.08
N ARG L 23 37.88 33.88 -55.47
CA ARG L 23 37.46 34.20 -56.83
C ARG L 23 36.22 35.09 -56.82
N GLU L 32 44.38 36.27 -47.36
CA GLU L 32 45.17 35.08 -47.10
C GLU L 32 45.08 34.68 -45.63
N VAL L 33 44.98 33.39 -45.35
CA VAL L 33 44.75 32.88 -43.98
C VAL L 33 45.84 31.90 -43.54
N THR L 34 45.87 31.59 -42.25
CA THR L 34 46.92 30.75 -41.66
C THR L 34 46.46 29.35 -41.28
N ASP L 35 47.43 28.46 -41.06
CA ASP L 35 47.18 27.05 -40.74
C ASP L 35 46.16 26.80 -39.63
N ALA L 36 46.41 27.38 -38.46
CA ALA L 36 45.59 27.14 -37.27
C ALA L 36 44.20 27.77 -37.37
N ALA L 37 44.05 28.77 -38.25
CA ALA L 37 42.75 29.38 -38.51
C ALA L 37 41.84 28.41 -39.27
N ILE L 38 42.40 27.77 -40.29
CA ILE L 38 41.69 26.73 -41.06
C ILE L 38 41.17 25.63 -40.14
N LEU L 39 42.00 25.21 -39.20
CA LEU L 39 41.62 24.15 -38.25
C LEU L 39 40.42 24.55 -37.39
N ARG L 40 40.34 25.82 -37.01
CA ARG L 40 39.20 26.33 -36.26
C ARG L 40 37.93 26.37 -37.11
N VAL L 41 38.08 26.75 -38.38
CA VAL L 41 36.95 26.77 -39.33
C VAL L 41 36.36 25.37 -39.50
N ILE L 42 37.21 24.35 -39.43
CA ILE L 42 36.76 22.96 -39.47
C ILE L 42 36.05 22.60 -38.17
N SER L 43 36.76 22.79 -37.05
CA SER L 43 36.29 22.36 -35.74
C SER L 43 35.04 23.10 -35.26
N GLU L 44 34.97 24.40 -35.54
CA GLU L 44 33.91 25.25 -34.97
C GLU L 44 32.85 25.73 -35.97
N TYR L 45 33.07 25.54 -37.27
CA TYR L 45 32.13 26.05 -38.29
C TYR L 45 31.69 25.02 -39.34
N THR L 46 32.02 23.74 -39.13
CA THR L 46 31.55 22.66 -40.00
C THR L 46 31.31 21.38 -39.20
N ARG L 47 30.10 20.82 -39.31
CA ARG L 47 29.80 19.49 -38.78
C ARG L 47 29.55 18.56 -39.96
N GLU L 48 30.60 17.88 -40.41
CA GLU L 48 30.54 17.09 -41.64
C GLU L 48 31.68 16.08 -41.74
N ALA L 49 31.58 15.21 -42.75
CA ALA L 49 32.66 14.30 -43.14
C ALA L 49 33.41 14.83 -44.37
N GLY L 50 32.68 15.49 -45.27
CA GLY L 50 33.26 16.06 -46.51
C GLY L 50 33.85 17.44 -46.31
N VAL L 51 33.94 18.20 -47.40
CA VAL L 51 34.54 19.54 -47.37
C VAL L 51 33.78 20.61 -48.19
N ARG L 52 32.51 20.35 -48.51
CA ARG L 52 31.69 21.34 -49.22
C ARG L 52 31.37 22.50 -48.29
N GLY L 53 31.01 22.16 -47.05
CA GLY L 53 30.73 23.14 -46.02
C GLY L 53 31.97 23.92 -45.62
N LEU L 54 33.12 23.25 -45.63
CA LEU L 54 34.41 23.93 -45.40
C LEU L 54 34.66 24.94 -46.51
N GLU L 55 34.43 24.52 -47.76
CA GLU L 55 34.56 25.42 -48.91
C GLU L 55 33.56 26.57 -48.85
N ARG L 56 32.36 26.28 -48.37
CA ARG L 56 31.33 27.29 -48.13
C ARG L 56 31.82 28.33 -47.13
N GLU L 57 32.35 27.86 -46.01
CA GLU L 57 32.86 28.74 -44.95
C GLU L 57 34.06 29.57 -45.43
N LEU L 58 35.01 28.92 -46.11
CA LEU L 58 36.15 29.63 -46.69
C LEU L 58 35.72 30.68 -47.71
N GLY L 59 34.60 30.41 -48.39
CA GLY L 59 33.98 31.38 -49.28
C GLY L 59 33.46 32.61 -48.54
N LYS L 60 32.83 32.37 -47.39
CA LYS L 60 32.30 33.46 -46.58
C LYS L 60 33.39 34.34 -45.98
N ILE L 61 34.57 33.77 -45.73
CA ILE L 61 35.74 34.55 -45.30
C ILE L 61 36.24 35.42 -46.44
N ALA L 62 36.43 34.80 -47.61
CA ALA L 62 36.92 35.49 -48.80
C ALA L 62 36.00 36.63 -49.23
N ARG L 63 34.69 36.39 -49.19
CA ARG L 63 33.71 37.41 -49.57
C ARG L 63 33.50 38.48 -48.50
N LYS L 64 33.62 38.10 -47.23
CA LYS L 64 33.64 39.08 -46.13
C LYS L 64 34.94 39.88 -46.17
N GLY L 65 36.06 39.18 -46.42
CA GLY L 65 37.36 39.84 -46.59
C GLY L 65 37.43 40.77 -47.79
N ALA L 66 36.51 40.60 -48.74
CA ALA L 66 36.38 41.49 -49.89
C ALA L 66 35.64 42.79 -49.58
N LYS L 67 35.03 42.90 -48.40
CA LYS L 67 34.24 44.09 -48.02
C LYS L 67 35.09 45.18 -47.36
N PHE L 68 36.27 45.46 -47.92
CA PHE L 68 37.16 46.49 -47.39
C PHE L 68 37.85 47.25 -48.51
N TRP L 74 38.02 44.91 -50.86
CA TRP L 74 39.08 43.92 -50.68
C TRP L 74 40.37 44.61 -50.22
N GLU L 75 40.90 45.49 -51.07
CA GLU L 75 42.12 46.26 -50.79
C GLU L 75 43.43 45.44 -50.89
N GLY L 76 43.38 44.16 -50.53
CA GLY L 76 44.56 43.31 -50.52
C GLY L 76 44.32 42.00 -49.80
N LEU L 77 45.38 41.23 -49.59
CA LEU L 77 45.26 39.84 -49.10
C LEU L 77 45.37 39.70 -47.56
N ARG L 78 46.18 40.54 -46.93
CA ARG L 78 46.21 40.70 -45.44
C ARG L 78 46.92 39.58 -44.65
N THR L 79 46.15 38.65 -44.06
CA THR L 79 46.63 37.62 -43.09
C THR L 79 45.64 37.49 -41.94
N ILE L 80 44.86 36.40 -41.95
CA ILE L 80 43.87 36.10 -40.90
C ILE L 80 44.38 34.99 -39.97
N ASP L 81 44.14 35.14 -38.67
CA ASP L 81 44.54 34.14 -37.67
C ASP L 81 43.31 33.55 -36.98
N ALA L 82 43.50 32.41 -36.32
CA ALA L 82 42.45 31.73 -35.54
C ALA L 82 41.60 32.69 -34.70
N SER L 83 42.24 33.62 -34.00
CA SER L 83 41.55 34.57 -33.13
C SER L 83 40.68 35.58 -33.90
N ASP L 84 40.97 35.76 -35.19
CA ASP L 84 40.23 36.68 -36.04
C ASP L 84 38.99 36.05 -36.70
N ILE L 85 38.84 34.73 -36.62
CA ILE L 85 37.81 34.01 -37.38
C ILE L 85 36.38 34.49 -37.12
N PRO L 86 36.00 34.75 -35.84
CA PRO L 86 34.68 35.32 -35.58
C PRO L 86 34.43 36.70 -36.21
N THR L 87 35.49 37.44 -36.53
CA THR L 87 35.37 38.70 -37.26
C THR L 87 34.78 38.48 -38.67
N TYR L 88 35.05 37.31 -39.24
CA TYR L 88 34.60 36.98 -40.59
C TYR L 88 33.40 36.03 -40.63
N LEU L 89 33.50 34.91 -39.91
CA LEU L 89 32.47 33.87 -39.94
C LEU L 89 31.44 34.00 -38.80
N GLY L 90 31.53 35.07 -38.01
CA GLY L 90 30.56 35.33 -36.96
C GLY L 90 30.73 34.40 -35.77
N ILE L 91 29.66 34.28 -34.98
CA ILE L 91 29.68 33.46 -33.77
C ILE L 91 29.94 31.98 -34.09
N PRO L 92 30.88 31.35 -33.35
CA PRO L 92 31.17 29.93 -33.52
C PRO L 92 29.92 29.04 -33.48
N ARG L 93 29.73 28.26 -34.55
CA ARG L 93 28.54 27.43 -34.71
C ARG L 93 28.62 26.11 -33.94
N TYR L 94 29.84 25.63 -33.73
CA TYR L 94 30.07 24.40 -32.95
C TYR L 94 31.25 24.60 -32.00
N ARG L 95 31.33 23.72 -30.99
CA ARG L 95 32.44 23.71 -30.04
C ARG L 95 32.63 22.32 -29.44
N PRO L 96 33.50 21.49 -30.04
CA PRO L 96 33.85 20.16 -29.52
C PRO L 96 34.26 20.14 -28.04
N ASP L 97 35.13 21.06 -27.65
CA ASP L 97 35.63 21.14 -26.28
C ASP L 97 34.55 21.55 -25.26
N LYS L 98 33.62 22.39 -25.69
CA LYS L 98 32.59 22.94 -24.81
C LYS L 98 31.23 22.91 -25.52
N ALA L 99 30.79 21.70 -25.85
CA ALA L 99 29.55 21.46 -26.61
C ALA L 99 28.30 21.90 -25.84
N GLU L 100 28.39 21.89 -24.52
CA GLU L 100 27.33 22.39 -23.64
C GLU L 100 26.89 23.83 -23.95
N THR L 101 27.83 24.66 -24.40
CA THR L 101 27.57 26.08 -24.64
C THR L 101 27.55 26.48 -26.13
N GLU L 102 27.36 25.50 -27.01
CA GLU L 102 27.21 25.79 -28.44
C GLU L 102 25.73 26.03 -28.76
N PRO L 103 25.45 26.68 -29.91
CA PRO L 103 24.05 26.90 -30.30
C PRO L 103 23.33 25.60 -30.67
N GLN L 104 22.06 25.51 -30.30
CA GLN L 104 21.25 24.31 -30.55
C GLN L 104 19.83 24.71 -30.92
N VAL L 105 19.19 23.92 -31.79
CA VAL L 105 17.80 24.14 -32.17
C VAL L 105 16.88 23.75 -31.02
N GLY L 106 15.99 24.65 -30.64
CA GLY L 106 14.95 24.37 -29.66
C GLY L 106 15.33 24.56 -28.20
N THR L 107 16.59 24.92 -27.92
CA THR L 107 17.03 25.15 -26.54
C THR L 107 17.22 26.63 -26.27
N ALA L 108 17.31 26.98 -24.98
CA ALA L 108 17.50 28.37 -24.56
C ALA L 108 17.90 28.43 -23.09
N GLN L 109 18.83 29.31 -22.77
CA GLN L 109 19.36 29.43 -21.40
C GLN L 109 18.55 30.38 -20.53
N GLY L 110 17.89 29.83 -19.53
CA GLY L 110 17.14 30.61 -18.54
C GLY L 110 17.88 30.76 -17.23
N LEU L 111 17.30 31.54 -16.32
CA LEU L 111 17.86 31.77 -14.99
C LEU L 111 16.72 31.69 -13.96
N ALA L 112 17.00 31.13 -12.79
CA ALA L 112 15.97 30.91 -11.78
C ALA L 112 16.43 31.12 -10.33
N TRP L 113 15.44 31.24 -9.45
CA TRP L 113 15.65 31.44 -8.02
C TRP L 113 15.23 30.18 -7.25
N THR L 114 16.02 29.81 -6.25
CA THR L 114 15.59 28.83 -5.25
C THR L 114 15.52 29.52 -3.89
N PRO L 115 14.83 28.91 -2.91
CA PRO L 115 14.83 29.48 -1.55
C PRO L 115 16.23 29.62 -0.97
N VAL L 116 17.15 28.75 -1.39
CA VAL L 116 18.55 28.82 -0.97
C VAL L 116 19.48 28.83 -2.19
N GLY L 117 19.58 30.01 -2.82
CA GLY L 117 20.48 30.23 -3.95
C GLY L 117 19.77 30.55 -5.25
N GLY L 118 20.52 30.49 -6.35
CA GLY L 118 19.96 30.66 -7.69
C GLY L 118 20.55 29.63 -8.63
N THR L 119 19.73 29.13 -9.55
CA THR L 119 20.13 28.03 -10.43
C THR L 119 19.98 28.37 -11.90
N LEU L 120 20.75 27.68 -12.74
CA LEU L 120 20.63 27.78 -14.19
C LEU L 120 19.49 26.88 -14.68
N LEU L 121 18.78 27.33 -15.71
CA LEU L 121 17.68 26.56 -16.31
C LEU L 121 17.86 26.46 -17.82
N THR L 122 17.74 25.24 -18.35
CA THR L 122 17.70 25.03 -19.79
C THR L 122 16.28 24.70 -20.22
N ILE L 123 15.64 25.64 -20.93
CA ILE L 123 14.36 25.37 -21.57
C ILE L 123 14.68 24.66 -22.89
N GLU L 124 14.02 23.55 -23.15
CA GLU L 124 14.17 22.85 -24.43
C GLU L 124 12.82 22.54 -25.05
N VAL L 125 12.77 22.64 -26.38
CA VAL L 125 11.52 22.54 -27.12
C VAL L 125 11.72 21.69 -28.38
N ALA L 126 10.79 20.77 -28.61
CA ALA L 126 10.75 19.99 -29.85
C ALA L 126 9.53 20.42 -30.65
N ALA L 127 9.68 20.45 -31.98
CA ALA L 127 8.58 20.73 -32.89
C ALA L 127 8.48 19.58 -33.89
N VAL L 128 7.36 18.86 -33.84
CA VAL L 128 7.18 17.65 -34.63
C VAL L 128 5.86 17.71 -35.41
N PRO L 129 5.77 16.97 -36.53
CA PRO L 129 4.52 16.94 -37.30
C PRO L 129 3.33 16.52 -36.43
N GLY L 130 2.26 17.30 -36.48
CA GLY L 130 1.10 17.07 -35.60
C GLY L 130 -0.15 17.85 -35.97
N SER L 131 -1.03 18.01 -34.99
CA SER L 131 -2.36 18.60 -35.19
C SER L 131 -2.63 19.81 -34.30
N GLY L 132 -1.57 20.53 -33.92
CA GLY L 132 -1.71 21.76 -33.13
C GLY L 132 -1.86 21.55 -31.63
N LYS L 133 -1.26 20.48 -31.12
CA LYS L 133 -1.33 20.16 -29.69
C LYS L 133 -0.07 20.65 -28.98
N LEU L 134 -0.22 20.99 -27.70
CA LEU L 134 0.89 21.53 -26.90
C LEU L 134 1.07 20.74 -25.61
N SER L 135 2.23 20.09 -25.48
CA SER L 135 2.62 19.42 -24.24
C SER L 135 3.55 20.34 -23.45
N LEU L 136 3.45 20.27 -22.13
CA LEU L 136 4.24 21.12 -21.23
C LEU L 136 4.69 20.31 -20.02
N THR L 137 5.95 19.88 -20.02
CA THR L 137 6.47 18.96 -19.03
C THR L 137 7.67 19.53 -18.26
N GLY L 138 8.12 18.80 -17.24
CA GLY L 138 9.15 19.26 -16.32
C GLY L 138 8.59 19.76 -15.01
N GLN L 139 7.41 19.27 -14.64
CA GLN L 139 6.70 19.67 -13.41
C GLN L 139 6.57 21.20 -13.32
N LEU L 140 5.93 21.77 -14.34
CA LEU L 140 5.74 23.22 -14.43
C LEU L 140 4.46 23.62 -13.69
N GLY L 141 4.48 24.81 -13.10
CA GLY L 141 3.30 25.35 -12.43
C GLY L 141 2.38 26.07 -13.40
N GLU L 142 1.19 26.43 -12.93
CA GLU L 142 0.18 27.09 -13.76
C GLU L 142 0.67 28.39 -14.39
N VAL L 143 1.46 29.17 -13.64
CA VAL L 143 1.94 30.47 -14.11
C VAL L 143 3.00 30.31 -15.21
N MET L 144 3.91 29.36 -15.03
CA MET L 144 4.95 29.09 -16.01
C MET L 144 4.35 28.52 -17.30
N LYS L 145 3.37 27.64 -17.15
CA LYS L 145 2.62 27.12 -18.30
C LYS L 145 1.93 28.24 -19.08
N GLU L 146 1.30 29.16 -18.35
CA GLU L 146 0.59 30.29 -18.98
C GLU L 146 1.55 31.25 -19.71
N SER L 147 2.78 31.38 -19.21
CA SER L 147 3.80 32.19 -19.88
C SER L 147 4.23 31.53 -21.21
N ALA L 148 4.26 30.20 -21.22
CA ALA L 148 4.55 29.43 -22.43
C ALA L 148 3.46 29.63 -23.49
N GLN L 149 2.21 29.64 -23.04
CA GLN L 149 1.07 29.88 -23.93
C GLN L 149 1.11 31.29 -24.50
N ALA L 150 1.49 32.25 -23.65
CA ALA L 150 1.64 33.64 -24.06
C ALA L 150 2.76 33.80 -25.10
N ALA L 151 3.85 33.06 -24.89
CA ALA L 151 4.98 33.07 -25.82
C ALA L 151 4.60 32.51 -27.18
N LEU L 152 3.92 31.35 -27.17
CA LEU L 152 3.47 30.71 -28.40
C LEU L 152 2.49 31.59 -29.18
N THR L 153 1.52 32.17 -28.46
CA THR L 153 0.54 33.08 -29.07
C THR L 153 1.20 34.26 -29.78
N TYR L 154 2.26 34.80 -29.18
CA TYR L 154 3.02 35.87 -29.81
C TYR L 154 3.61 35.41 -31.14
N LEU L 155 4.26 34.25 -31.11
CA LEU L 155 4.90 33.68 -32.30
C LEU L 155 3.89 33.31 -33.37
N ARG L 156 2.70 32.88 -32.95
CA ARG L 156 1.61 32.59 -33.88
C ARG L 156 1.15 33.84 -34.64
N ALA L 157 1.19 34.99 -33.97
CA ALA L 157 0.79 36.27 -34.56
C ALA L 157 1.91 37.00 -35.31
N HIS L 158 3.11 36.42 -35.33
CA HIS L 158 4.27 37.04 -35.98
C HIS L 158 5.07 36.02 -36.79
N THR L 159 4.37 35.19 -37.55
CA THR L 159 5.00 34.15 -38.36
C THR L 159 5.90 34.72 -39.46
N GLN L 160 5.42 35.77 -40.13
CA GLN L 160 6.16 36.41 -41.22
C GLN L 160 7.46 37.05 -40.73
N ASP L 161 7.41 37.66 -39.55
CA ASP L 161 8.53 38.46 -39.03
C ASP L 161 9.73 37.61 -38.60
N TYR L 162 9.50 36.34 -38.27
CA TYR L 162 10.58 35.41 -37.91
C TYR L 162 10.67 34.21 -38.86
N GLY L 163 9.93 34.26 -39.97
CA GLY L 163 10.01 33.24 -41.00
C GLY L 163 9.55 31.85 -40.58
N LEU L 164 8.40 31.79 -39.91
CA LEU L 164 7.81 30.52 -39.47
C LEU L 164 6.76 30.09 -40.49
N PRO L 165 6.42 28.79 -40.52
CA PRO L 165 5.37 28.36 -41.44
C PRO L 165 4.02 28.97 -41.05
N GLU L 166 3.38 29.65 -42.01
CA GLU L 166 2.11 30.33 -41.77
C GLU L 166 1.00 29.41 -41.22
N ASP L 167 1.13 28.10 -41.46
CA ASP L 167 0.12 27.13 -41.04
C ASP L 167 0.57 26.17 -39.93
N PHE L 168 1.60 26.54 -39.16
CA PHE L 168 2.13 25.63 -38.14
C PHE L 168 1.12 25.36 -37.01
N TYR L 169 0.23 26.31 -36.75
CA TYR L 169 -0.80 26.19 -35.71
C TYR L 169 -1.65 24.91 -35.81
N ASN L 170 -1.89 24.41 -37.03
CA ASN L 170 -2.68 23.19 -37.23
C ASN L 170 -1.93 22.02 -37.89
N LYS L 171 -0.67 22.21 -38.23
CA LYS L 171 0.15 21.17 -38.88
C LYS L 171 1.38 20.75 -38.07
N VAL L 172 1.49 21.22 -36.83
CA VAL L 172 2.65 20.94 -35.97
C VAL L 172 2.23 20.75 -34.52
N ASP L 173 2.85 19.77 -33.85
CA ASP L 173 2.70 19.59 -32.41
C ASP L 173 3.94 20.13 -31.70
N LEU L 174 3.72 20.82 -30.58
CA LEU L 174 4.80 21.42 -29.79
C LEU L 174 4.95 20.72 -28.45
N HIS L 175 6.17 20.73 -27.92
CA HIS L 175 6.47 20.16 -26.61
C HIS L 175 7.57 20.96 -25.93
N VAL L 176 7.19 21.74 -24.91
CA VAL L 176 8.16 22.43 -24.06
C VAL L 176 8.50 21.53 -22.87
N HIS L 177 9.78 21.22 -22.71
CA HIS L 177 10.25 20.43 -21.58
C HIS L 177 11.34 21.20 -20.85
N VAL L 178 11.32 21.12 -19.52
CA VAL L 178 12.25 21.85 -18.67
C VAL L 178 12.88 20.90 -17.65
N PRO L 179 14.09 20.39 -17.95
CA PRO L 179 14.77 19.53 -16.99
C PRO L 179 15.34 20.31 -15.80
N ASP L 180 15.67 19.63 -14.69
CA ASP L 180 15.47 18.19 -14.54
C ASP L 180 14.00 17.86 -14.20
N GLY L 181 13.59 16.65 -14.54
CA GLY L 181 12.18 16.27 -14.57
C GLY L 181 11.41 16.27 -13.25
N ALA L 182 12.11 16.02 -12.15
CA ALA L 182 11.44 15.82 -10.85
C ALA L 182 11.26 17.11 -10.02
N THR L 183 12.12 18.11 -10.24
CA THR L 183 12.05 19.35 -9.47
C THR L 183 10.89 20.24 -9.94
N PRO L 184 10.00 20.65 -9.01
CA PRO L 184 8.96 21.60 -9.37
C PRO L 184 9.50 22.97 -9.79
N LYS L 185 8.86 23.56 -10.80
CA LYS L 185 9.22 24.88 -11.30
C LYS L 185 7.96 25.71 -11.49
N ASP L 186 8.05 27.01 -11.22
CA ASP L 186 6.94 27.93 -11.49
C ASP L 186 7.42 29.37 -11.50
N GLY L 187 6.78 30.19 -12.32
CA GLY L 187 7.12 31.61 -12.42
C GLY L 187 7.01 32.16 -13.83
N PRO L 188 6.77 33.48 -13.95
CA PRO L 188 6.66 34.14 -15.25
C PRO L 188 8.01 34.46 -15.89
N SER L 189 9.08 34.41 -15.11
CA SER L 189 10.39 34.94 -15.53
C SER L 189 11.11 34.17 -16.64
N ALA L 190 10.56 33.04 -17.06
CA ALA L 190 11.14 32.28 -18.17
C ALA L 190 10.48 32.58 -19.52
N GLY L 191 9.58 33.57 -19.55
CA GLY L 191 8.76 33.86 -20.73
C GLY L 191 9.52 34.02 -22.04
N ILE L 192 10.54 34.88 -22.02
CA ILE L 192 11.37 35.13 -23.22
C ILE L 192 12.28 33.94 -23.54
N THR L 193 12.66 33.21 -22.49
CA THR L 193 13.46 32.00 -22.64
C THR L 193 12.74 30.97 -23.51
N MET L 194 11.42 30.91 -23.36
CA MET L 194 10.61 29.95 -24.08
C MET L 194 10.32 30.43 -25.48
N ALA L 195 10.09 31.74 -25.62
CA ALA L 195 9.83 32.32 -26.93
C ALA L 195 11.00 32.05 -27.86
N THR L 196 12.21 32.10 -27.30
CA THR L 196 13.41 31.81 -28.04
C THR L 196 13.44 30.33 -28.44
N ALA L 197 13.31 29.45 -27.45
CA ALA L 197 13.31 28.01 -27.68
C ALA L 197 12.21 27.57 -28.64
N ILE L 198 11.02 28.16 -28.49
CA ILE L 198 9.87 27.82 -29.32
C ILE L 198 10.05 28.36 -30.74
N ALA L 199 10.55 29.58 -30.86
CA ALA L 199 10.87 30.16 -32.16
C ALA L 199 11.98 29.35 -32.83
N SER L 200 13.06 29.12 -32.07
CA SER L 200 14.19 28.33 -32.54
C SER L 200 13.79 26.97 -33.11
N ALA L 201 12.90 26.27 -32.41
CA ALA L 201 12.42 24.96 -32.82
C ALA L 201 11.57 25.05 -34.09
N LEU L 202 10.63 25.98 -34.11
CA LEU L 202 9.74 26.21 -35.25
C LEU L 202 10.51 26.77 -36.45
N SER L 203 11.36 27.77 -36.20
CA SER L 203 12.12 28.46 -37.24
C SER L 203 13.29 27.62 -37.78
N ARG L 204 13.72 26.64 -36.98
CA ARG L 204 14.81 25.72 -37.36
C ARG L 204 16.19 26.39 -37.27
N ARG L 205 16.25 27.57 -36.65
CA ARG L 205 17.48 28.35 -36.55
C ARG L 205 18.04 28.23 -35.14
N PRO L 206 19.28 27.69 -35.00
CA PRO L 206 19.89 27.47 -33.68
C PRO L 206 19.92 28.69 -32.77
N ALA L 207 19.53 28.49 -31.51
CA ALA L 207 19.59 29.54 -30.49
C ALA L 207 20.85 29.37 -29.67
N ARG L 208 21.49 30.50 -29.33
CA ARG L 208 22.77 30.50 -28.63
C ARG L 208 22.63 30.12 -27.16
N MET L 209 23.59 29.35 -26.66
CA MET L 209 23.61 28.91 -25.26
C MET L 209 24.74 29.57 -24.47
N ASP L 210 25.37 30.60 -25.05
CA ASP L 210 26.33 31.43 -24.33
C ASP L 210 25.67 32.71 -23.78
N ILE L 211 24.34 32.77 -23.91
CA ILE L 211 23.56 33.92 -23.44
C ILE L 211 22.43 33.42 -22.53
N ALA L 212 22.49 33.78 -21.26
CA ALA L 212 21.42 33.49 -20.32
C ALA L 212 20.40 34.63 -20.35
N MET L 213 19.15 34.32 -20.07
CA MET L 213 18.10 35.34 -20.08
C MET L 213 17.00 35.09 -19.05
N THR L 214 16.42 36.18 -18.58
CA THR L 214 15.27 36.15 -17.68
C THR L 214 14.39 37.35 -17.96
N GLY L 215 13.08 37.15 -17.88
CA GLY L 215 12.12 38.22 -18.15
C GLY L 215 10.76 37.68 -18.52
N GLU L 216 9.72 38.29 -17.96
CA GLU L 216 8.35 37.93 -18.30
C GLU L 216 8.02 38.47 -19.69
N VAL L 217 7.22 37.71 -20.43
CA VAL L 217 6.76 38.14 -21.75
C VAL L 217 5.27 38.45 -21.70
N SER L 218 4.89 39.57 -22.31
CA SER L 218 3.49 39.93 -22.44
C SER L 218 2.98 39.41 -23.79
N LEU L 219 1.67 39.25 -23.91
CA LEU L 219 1.05 38.74 -25.13
C LEU L 219 1.36 39.63 -26.33
N ARG L 220 1.34 40.94 -26.10
CA ARG L 220 1.71 41.95 -27.09
C ARG L 220 3.17 41.81 -27.54
N GLY L 221 4.01 41.29 -26.64
CA GLY L 221 5.43 41.04 -26.93
C GLY L 221 6.38 41.98 -26.21
N LYS L 222 5.89 42.62 -25.15
CA LYS L 222 6.70 43.53 -24.33
C LYS L 222 7.37 42.74 -23.22
N VAL L 223 8.67 42.93 -23.04
CA VAL L 223 9.44 42.25 -22.00
C VAL L 223 9.30 43.04 -20.71
N MET L 224 8.79 42.39 -19.66
CA MET L 224 8.40 43.07 -18.42
C MET L 224 9.30 42.68 -17.25
N PRO L 225 9.33 43.50 -16.18
CA PRO L 225 10.14 43.28 -14.99
C PRO L 225 10.06 41.88 -14.36
N ILE L 226 11.12 41.50 -13.64
CA ILE L 226 11.17 40.25 -12.89
C ILE L 226 11.89 40.46 -11.55
N GLY L 227 11.74 39.49 -10.65
CA GLY L 227 12.42 39.51 -9.36
C GLY L 227 13.65 38.64 -9.37
N GLY L 228 14.32 38.56 -8.22
CA GLY L 228 15.53 37.75 -8.05
C GLY L 228 16.64 38.11 -9.03
N VAL L 229 16.83 39.41 -9.26
CA VAL L 229 17.77 39.90 -10.27
C VAL L 229 19.20 39.68 -9.81
N LYS L 230 19.45 40.04 -8.55
CA LYS L 230 20.73 39.78 -7.89
C LYS L 230 21.11 38.30 -7.96
N GLU L 231 20.22 37.45 -7.45
CA GLU L 231 20.50 36.02 -7.29
C GLU L 231 20.71 35.30 -8.62
N LYS L 232 19.92 35.69 -9.62
CA LYS L 232 20.01 35.10 -10.96
C LYS L 232 21.33 35.43 -11.66
N LEU L 233 21.74 36.70 -11.58
CA LEU L 233 22.98 37.16 -12.22
C LEU L 233 24.23 36.60 -11.53
N LEU L 234 24.14 36.29 -10.25
CA LEU L 234 25.22 35.59 -9.54
C LEU L 234 25.35 34.14 -10.03
N ALA L 235 24.21 33.50 -10.27
CA ALA L 235 24.19 32.12 -10.76
C ALA L 235 24.80 32.00 -12.15
N ALA L 236 24.47 32.94 -13.03
CA ALA L 236 25.06 33.02 -14.36
C ALA L 236 26.58 33.20 -14.30
N HIS L 237 27.04 33.96 -13.31
CA HIS L 237 28.46 34.24 -13.13
C HIS L 237 29.24 33.01 -12.69
N GLN L 238 28.70 32.31 -11.69
CA GLN L 238 29.31 31.08 -11.17
C GLN L 238 29.31 29.95 -12.21
N ALA L 239 28.33 29.97 -13.11
CA ALA L 239 28.27 29.01 -14.21
C ALA L 239 29.32 29.27 -15.27
N GLY L 240 29.63 30.55 -15.50
CA GLY L 240 30.57 30.97 -16.54
C GLY L 240 29.93 31.75 -17.68
N ILE L 241 28.61 31.91 -17.61
CA ILE L 241 27.87 32.68 -18.62
C ILE L 241 28.11 34.17 -18.37
N HIS L 242 28.61 34.88 -19.39
CA HIS L 242 28.93 36.29 -19.25
C HIS L 242 27.96 37.22 -20.00
N LYS L 243 27.24 36.70 -21.00
CA LYS L 243 26.26 37.49 -21.74
C LYS L 243 24.86 37.28 -21.16
N ILE L 244 24.19 38.38 -20.84
CA ILE L 244 22.90 38.35 -20.14
C ILE L 244 21.86 39.21 -20.87
N VAL L 245 20.64 38.68 -21.01
CA VAL L 245 19.50 39.48 -21.45
C VAL L 245 18.62 39.76 -20.24
N LEU L 246 18.08 40.97 -20.18
CA LEU L 246 17.33 41.45 -19.03
C LEU L 246 16.37 42.55 -19.49
N PRO L 247 15.16 42.61 -18.91
CA PRO L 247 14.27 43.71 -19.31
C PRO L 247 14.81 45.07 -18.88
N LYS L 248 14.49 46.10 -19.68
CA LYS L 248 14.92 47.47 -19.42
C LYS L 248 14.51 47.95 -18.03
N ASP L 249 13.24 47.77 -17.71
CA ASP L 249 12.67 48.25 -16.45
C ASP L 249 13.39 47.70 -15.21
N ASN L 250 14.03 46.54 -15.33
CA ASN L 250 14.85 45.96 -14.25
C ASN L 250 16.20 46.63 -14.03
N GLU L 251 16.66 47.46 -14.98
CA GLU L 251 17.95 48.15 -14.87
C GLU L 251 18.24 48.70 -13.47
N ALA L 252 17.21 49.24 -12.83
CA ALA L 252 17.32 49.79 -11.47
C ALA L 252 17.86 48.78 -10.44
N GLN L 253 17.50 47.50 -10.61
CA GLN L 253 17.92 46.43 -9.69
C GLN L 253 19.41 46.03 -9.81
N LEU L 254 20.07 46.43 -10.89
CA LEU L 254 21.49 46.09 -11.11
C LEU L 254 22.44 46.61 -10.03
N GLU L 255 22.02 47.63 -9.28
CA GLU L 255 22.87 48.26 -8.27
C GLU L 255 23.08 47.43 -6.99
N GLU L 256 22.26 46.39 -6.79
CA GLU L 256 22.46 45.46 -5.67
C GLU L 256 23.69 44.56 -5.85
N LEU L 257 24.22 44.52 -7.06
CA LEU L 257 25.34 43.66 -7.41
C LEU L 257 26.64 44.35 -7.02
N PRO L 258 27.76 43.59 -6.96
CA PRO L 258 29.00 44.21 -6.48
C PRO L 258 29.81 44.97 -7.54
N LYS L 259 29.17 45.36 -8.65
CA LYS L 259 29.80 46.17 -9.70
C LYS L 259 30.99 45.50 -10.41
N GLU L 260 31.93 44.93 -9.68
CA GLU L 260 33.01 44.15 -10.28
C GLU L 260 32.47 42.87 -10.93
N VAL L 261 31.38 42.32 -10.38
CA VAL L 261 30.65 41.23 -11.03
C VAL L 261 29.93 41.74 -12.28
N LEU L 262 29.35 42.94 -12.18
CA LEU L 262 28.77 43.62 -13.36
C LEU L 262 29.79 43.82 -14.47
N GLU L 263 31.03 44.08 -14.09
CA GLU L 263 32.12 44.24 -15.05
C GLU L 263 32.25 42.98 -15.93
N GLY L 264 32.16 41.82 -15.30
CA GLY L 264 32.24 40.54 -16.02
C GLY L 264 30.90 40.04 -16.54
N LEU L 265 30.10 40.94 -17.11
CA LEU L 265 28.79 40.59 -17.67
C LEU L 265 28.39 41.53 -18.82
N GLU L 266 28.33 41.00 -20.03
CA GLU L 266 27.76 41.73 -21.18
C GLU L 266 26.24 41.73 -21.09
N ILE L 267 25.68 42.73 -20.43
CA ILE L 267 24.23 42.84 -20.25
C ILE L 267 23.58 43.52 -21.46
N LYS L 268 22.44 42.97 -21.91
CA LYS L 268 21.61 43.61 -22.93
C LYS L 268 20.22 43.87 -22.36
N LEU L 269 19.88 45.15 -22.22
CA LEU L 269 18.57 45.56 -21.73
C LEU L 269 17.59 45.58 -22.90
N VAL L 270 16.40 45.01 -22.71
CA VAL L 270 15.44 44.82 -23.79
C VAL L 270 14.03 45.31 -23.46
N GLU L 271 13.34 45.83 -24.48
CA GLU L 271 11.96 46.28 -24.35
C GLU L 271 11.01 45.29 -25.01
N ASP L 272 11.23 45.02 -26.30
CA ASP L 272 10.41 44.08 -27.06
C ASP L 272 11.10 42.72 -27.19
N VAL L 273 10.32 41.66 -27.36
CA VAL L 273 10.85 40.30 -27.48
C VAL L 273 11.53 40.07 -28.83
N GLY L 274 11.17 40.87 -29.83
CA GLY L 274 11.84 40.84 -31.14
C GLY L 274 13.33 41.13 -31.07
N GLU L 275 13.73 41.92 -30.09
CA GLU L 275 15.14 42.20 -29.83
C GLU L 275 15.85 40.97 -29.29
N VAL L 276 15.17 40.26 -28.39
CA VAL L 276 15.69 39.03 -27.78
C VAL L 276 15.90 37.95 -28.85
N LEU L 277 14.94 37.82 -29.76
CA LEU L 277 15.02 36.83 -30.85
C LEU L 277 16.10 37.19 -31.88
N GLU L 278 16.20 38.49 -32.20
CA GLU L 278 17.23 38.98 -33.11
C GLU L 278 18.63 38.69 -32.57
N TYR L 279 18.78 38.81 -31.25
CA TYR L 279 20.08 38.64 -30.59
C TYR L 279 20.44 37.17 -30.34
N LEU L 280 19.44 36.33 -30.09
CA LEU L 280 19.68 34.92 -29.73
C LEU L 280 19.83 33.98 -30.93
N LEU L 281 18.88 34.04 -31.86
CA LEU L 281 18.82 33.07 -32.96
C LEU L 281 19.86 33.37 -34.04
N LEU L 282 20.59 32.33 -34.45
CA LEU L 282 21.49 32.43 -35.60
C LEU L 282 20.67 32.64 -36.88
N PRO L 283 21.27 33.25 -37.91
CA PRO L 283 20.46 33.74 -39.04
C PRO L 283 19.94 32.66 -40.00
N GLU L 284 20.68 31.55 -40.13
CA GLU L 284 20.37 30.53 -41.14
C GLU L 284 19.96 29.21 -40.46
N PRO L 285 18.92 28.54 -40.99
CA PRO L 285 18.49 27.26 -40.41
C PRO L 285 19.45 26.10 -40.74
N THR L 286 19.81 25.33 -39.71
CA THR L 286 20.74 24.20 -39.86
C THR L 286 20.03 22.84 -39.94
N MET L 287 18.72 22.85 -40.10
CA MET L 287 17.93 21.63 -40.22
C MET L 287 16.77 21.84 -41.21
N PRO L 288 16.36 20.77 -41.93
CA PRO L 288 15.23 20.88 -42.86
C PRO L 288 13.90 21.18 -42.17
N PRO L 289 12.96 21.88 -42.87
CA PRO L 289 11.62 22.22 -42.35
C PRO L 289 10.86 21.07 -41.69
N VAL L 290 9.82 21.43 -40.93
CA VAL L 290 9.14 20.47 -40.04
C VAL L 290 8.26 19.48 -40.80
N VAL L 291 7.46 19.97 -41.75
CA VAL L 291 6.47 19.14 -42.44
C VAL L 291 6.85 19.00 -43.91
#